data_7M4Q
#
_entry.id   7M4Q
#
_cell.length_a   1.00
_cell.length_b   1.00
_cell.length_c   1.00
_cell.angle_alpha   90.00
_cell.angle_beta   90.00
_cell.angle_gamma   90.00
#
_symmetry.space_group_name_H-M   'P 1'
#
loop_
_entity.id
_entity.type
_entity.pdbx_description
1 polymer 'Efflux pump membrane transporter'
2 non-polymer 1,2-Distearoyl-sn-glycerophosphoethanolamine
#
_entity_poly.entity_id   1
_entity_poly.type   'polypeptide(L)'
_entity_poly.pdbx_seq_one_letter_code
;MAQFFIHRPIFAWVIALVIMLAGILTLTKMPIAQYPTIAPPTVTIAATYPGASAETVENTVTQIIEQQMNGLDGLRYISS
NSAGNGQASIQLNFEQGVDPDIAQVQVQNKLQSATALLPEDVQRQGVTVTKSGASFLQVIAFYSPDNNLSDSDIKDYVNS
SIKEPLSRVAGVGEVQVFGGSYAMRIWLDPAKLTSYQLTPSDIATALQAQNSQVAVGQLGGAPAVQGQVLNATVNAQSLL
QTPEQFKNIFLKNTASGAEVRLKDVARVELGSDNYQFDSKFNGKPAAGLAIKIATGANALDTAEAVEQRLSELRKNYPTG
LADKLAYDTTPFIRLSIESVVHTLIEAVILVFIVMFLFLQNWRATIIPTLAVPVVVLGTFAVINIFGFSINTLTMFAMVL
AIGLLVDDAIVVVENVERVMSEDHTDPVTATSRSMQQISGALVGITSVLTAVFVPMAFFGGTTGVIYRQFSITLVTAMVL
SLIVALTFTPALCATILKQHDPNKEPSNNIFARFFRSFNNGFDRMSHSYQNGVSRMLKGKIFSGVLYAVVVALLVFLFQK
LPSSFLPEEDQGVVMTLVQLPPNATLDRTGKVIDTMTNFFMNEKDTVESIFTVSGFSFTGVGQNAGIGFVKLKDWSKRTT
PETQIGSLIQRGMALNMIIKDASYVMPLQLPAMPELGVTAGFNLQLKDSSGQGHEKLIAARNTILGLASQDKRLVGVRPN
GQEDTPQYQINVDQAQAGAMGVSIAEINNTMRIAWGGSYINDFVDRGRVKKVYVQGDAGSRMMPEDLNKWYVRNNKGEMV
PFSAFATGEWTYGSPRLERYNGVSSVNIQGTPAPGVSSGDAMKAMEEIIGKLPSMGLQGFDYEWTGLSLEERESGAQAPF
LYALSLLIVFLCLAALYESWSIPFSVLLVVPLGVIGAIVLTYLGMIIKGDPNLSNNIYFQVAIIAVIGLSAKNAILIVEF
AKELQEKGEDLLDATLHAAKMRLRPIIMTTLAFGFGVLPLALSTGAGAGSQHSVGFGVLGGVLSATFLGIFFIPVFYVWI
RSIFKYKPKTINTQEHKS
;
_entity_poly.pdbx_strand_id   A,B,C
#
# COMPACT_ATOMS: atom_id res chain seq x y z
N MET A 1 32.78 -22.83 17.55
CA MET A 1 33.81 -23.91 17.60
C MET A 1 33.33 -25.06 18.47
N ALA A 2 33.68 -26.28 18.07
CA ALA A 2 33.19 -27.47 18.77
C ALA A 2 33.69 -27.49 20.20
N GLN A 3 34.91 -27.02 20.43
CA GLN A 3 35.48 -27.08 21.77
C GLN A 3 34.68 -26.25 22.76
N PHE A 4 34.19 -25.09 22.33
CA PHE A 4 33.44 -24.23 23.24
C PHE A 4 32.25 -24.97 23.84
N PHE A 5 31.47 -25.63 23.00
CA PHE A 5 30.27 -26.29 23.46
C PHE A 5 30.53 -27.68 24.02
N ILE A 6 31.67 -28.29 23.68
CA ILE A 6 32.05 -29.55 24.32
C ILE A 6 32.15 -29.36 25.83
N HIS A 7 32.65 -28.20 26.27
CA HIS A 7 32.80 -27.93 27.69
C HIS A 7 31.57 -27.29 28.31
N ARG A 8 30.61 -26.82 27.52
CA ARG A 8 29.46 -26.08 28.02
C ARG A 8 28.19 -26.74 27.51
N PRO A 9 27.95 -27.99 27.93
CA PRO A 9 26.78 -28.71 27.42
C PRO A 9 25.46 -28.04 27.74
N ILE A 10 25.35 -27.41 28.91
CA ILE A 10 24.10 -26.74 29.24
C ILE A 10 23.86 -25.58 28.29
N PHE A 11 24.92 -24.88 27.90
CA PHE A 11 24.76 -23.78 26.96
C PHE A 11 24.24 -24.28 25.61
N ALA A 12 24.79 -25.38 25.12
CA ALA A 12 24.35 -25.93 23.83
C ALA A 12 22.92 -26.44 23.91
N TRP A 13 22.58 -27.11 25.01
CA TRP A 13 21.21 -27.50 25.23
C TRP A 13 20.27 -26.30 25.19
N VAL A 14 20.65 -25.22 25.87
CA VAL A 14 19.78 -24.04 25.92
C VAL A 14 19.57 -23.47 24.53
N ILE A 15 20.63 -23.43 23.72
CA ILE A 15 20.48 -22.92 22.36
C ILE A 15 19.53 -23.80 21.55
N ALA A 16 19.69 -25.13 21.65
CA ALA A 16 18.80 -26.04 20.95
C ALA A 16 17.35 -25.83 21.38
N LEU A 17 17.14 -25.67 22.68
CA LEU A 17 15.78 -25.48 23.21
C LEU A 17 15.17 -24.20 22.68
N VAL A 18 15.94 -23.12 22.65
CA VAL A 18 15.40 -21.86 22.18
C VAL A 18 15.01 -21.97 20.72
N ILE A 19 15.84 -22.63 19.92
CA ILE A 19 15.49 -22.82 18.52
C ILE A 19 14.18 -23.57 18.40
N MET A 20 14.05 -24.66 19.15
CA MET A 20 12.84 -25.48 19.04
C MET A 20 11.61 -24.70 19.50
N LEU A 21 11.74 -23.93 20.57
CA LEU A 21 10.61 -23.14 21.05
C LEU A 21 10.20 -22.11 20.01
N ALA A 22 11.17 -21.43 19.39
CA ALA A 22 10.84 -20.48 18.34
C ALA A 22 10.11 -21.16 17.20
N GLY A 23 10.56 -22.34 16.80
CA GLY A 23 9.89 -23.04 15.72
C GLY A 23 8.48 -23.47 16.07
N ILE A 24 8.29 -23.98 17.28
CA ILE A 24 6.95 -24.36 17.72
C ILE A 24 6.03 -23.15 17.72
N LEU A 25 6.53 -22.02 18.22
CA LEU A 25 5.73 -20.81 18.22
C LEU A 25 5.38 -20.39 16.79
N THR A 26 6.35 -20.47 15.89
CA THR A 26 6.10 -20.10 14.51
C THR A 26 5.02 -20.96 13.88
N LEU A 27 5.09 -22.28 14.13
CA LEU A 27 4.14 -23.20 13.49
C LEU A 27 2.71 -22.90 13.88
N THR A 28 2.49 -22.34 15.05
CA THR A 28 1.14 -22.01 15.51
C THR A 28 0.57 -20.79 14.83
N LYS A 29 1.30 -20.14 13.92
CA LYS A 29 0.80 -18.94 13.26
C LYS A 29 1.05 -18.91 11.76
N MET A 30 1.63 -19.94 11.17
CA MET A 30 1.91 -19.93 9.75
C MET A 30 0.64 -20.15 8.93
N PRO A 31 0.54 -19.51 7.76
CA PRO A 31 -0.55 -19.84 6.83
C PRO A 31 -0.31 -21.18 6.17
N ILE A 32 -1.41 -21.88 5.88
CA ILE A 32 -1.37 -23.17 5.24
C ILE A 32 -2.14 -23.10 3.94
N ALA A 33 -1.47 -23.44 2.84
CA ALA A 33 -2.06 -23.47 1.51
C ALA A 33 -1.58 -24.73 0.80
N GLN A 34 -2.22 -25.05 -0.32
CA GLN A 34 -1.73 -26.19 -1.09
C GLN A 34 -0.46 -25.85 -1.86
N TYR A 35 -0.37 -24.63 -2.37
CA TYR A 35 0.74 -24.24 -3.21
C TYR A 35 1.34 -22.93 -2.75
N PRO A 36 2.64 -22.73 -2.95
CA PRO A 36 3.26 -21.47 -2.56
C PRO A 36 2.76 -20.28 -3.34
N THR A 37 2.30 -20.49 -4.56
CA THR A 37 1.89 -19.39 -5.41
C THR A 37 0.66 -18.70 -4.85
N ILE A 38 0.61 -17.38 -5.05
CA ILE A 38 -0.53 -16.57 -4.67
C ILE A 38 -1.13 -15.98 -5.94
N ALA A 39 -2.43 -16.17 -6.13
CA ALA A 39 -3.07 -15.78 -7.38
C ALA A 39 -2.99 -14.28 -7.57
N PRO A 40 -2.88 -13.81 -8.81
CA PRO A 40 -2.84 -12.38 -9.06
C PRO A 40 -4.22 -11.77 -8.92
N PRO A 41 -4.31 -10.46 -8.73
CA PRO A 41 -5.61 -9.85 -8.43
C PRO A 41 -6.61 -9.98 -9.58
N THR A 42 -7.88 -10.00 -9.21
CA THR A 42 -9.01 -9.92 -10.14
C THR A 42 -10.03 -8.94 -9.57
N VAL A 43 -10.58 -8.08 -10.43
CA VAL A 43 -11.63 -7.14 -10.06
C VAL A 43 -12.81 -7.38 -10.98
N THR A 44 -14.00 -7.50 -10.40
CA THR A 44 -15.21 -7.81 -11.16
C THR A 44 -16.23 -6.69 -10.99
N ILE A 45 -16.86 -6.30 -12.09
CA ILE A 45 -17.87 -5.25 -12.12
C ILE A 45 -19.20 -5.88 -12.52
N ALA A 46 -20.26 -5.60 -11.76
CA ALA A 46 -21.56 -6.21 -11.97
C ALA A 46 -22.63 -5.13 -12.07
N ALA A 47 -23.40 -5.17 -13.15
CA ALA A 47 -24.53 -4.26 -13.31
C ALA A 47 -25.71 -5.04 -13.88
N THR A 48 -26.91 -4.65 -13.47
CA THR A 48 -28.13 -5.31 -13.93
C THR A 48 -29.06 -4.28 -14.55
N TYR A 49 -29.55 -4.58 -15.74
CA TYR A 49 -30.58 -3.83 -16.44
C TYR A 49 -31.80 -4.73 -16.52
N PRO A 50 -32.65 -4.74 -15.49
CA PRO A 50 -33.77 -5.68 -15.49
C PRO A 50 -34.70 -5.47 -16.67
N GLY A 51 -35.12 -6.58 -17.28
CA GLY A 51 -36.00 -6.57 -18.43
C GLY A 51 -35.33 -6.64 -19.78
N ALA A 52 -34.00 -6.52 -19.84
CA ALA A 52 -33.31 -6.24 -21.08
C ALA A 52 -32.75 -7.51 -21.73
N SER A 53 -32.46 -7.40 -23.01
CA SER A 53 -31.85 -8.46 -23.81
C SER A 53 -30.34 -8.26 -23.86
N ALA A 54 -29.63 -9.32 -24.25
CA ALA A 54 -28.18 -9.28 -24.23
C ALA A 54 -27.65 -8.16 -25.12
N GLU A 55 -28.30 -7.92 -26.25
CA GLU A 55 -27.87 -6.87 -27.17
C GLU A 55 -27.96 -5.50 -26.52
N THR A 56 -29.11 -5.18 -25.93
CA THR A 56 -29.27 -3.89 -25.27
C THR A 56 -28.33 -3.77 -24.08
N VAL A 57 -28.12 -4.86 -23.34
CA VAL A 57 -27.17 -4.82 -22.24
C VAL A 57 -25.79 -4.44 -22.76
N GLU A 58 -25.32 -5.10 -23.82
CA GLU A 58 -24.02 -4.76 -24.37
C GLU A 58 -23.98 -3.28 -24.73
N ASN A 59 -24.94 -2.84 -25.53
CA ASN A 59 -24.92 -1.49 -26.09
C ASN A 59 -25.01 -0.42 -25.03
N THR A 60 -25.81 -0.63 -24.00
CA THR A 60 -26.09 0.42 -23.04
C THR A 60 -25.24 0.35 -21.78
N VAL A 61 -24.57 -0.77 -21.50
CA VAL A 61 -23.81 -0.91 -20.27
C VAL A 61 -22.39 -1.36 -20.57
N THR A 62 -22.23 -2.45 -21.30
CA THR A 62 -20.95 -3.16 -21.27
C THR A 62 -19.86 -2.36 -21.98
N GLN A 63 -20.15 -1.86 -23.17
CA GLN A 63 -19.17 -1.06 -23.89
C GLN A 63 -18.97 0.30 -23.23
N ILE A 64 -20.03 0.86 -22.64
CA ILE A 64 -19.88 2.12 -21.92
C ILE A 64 -18.89 1.99 -20.79
N ILE A 65 -18.94 0.87 -20.05
CA ILE A 65 -18.04 0.70 -18.92
C ILE A 65 -16.66 0.22 -19.38
N GLU A 66 -16.60 -0.53 -20.49
CA GLU A 66 -15.33 -0.98 -21.03
C GLU A 66 -14.53 0.14 -21.65
N GLN A 67 -15.20 1.19 -22.13
CA GLN A 67 -14.48 2.30 -22.75
C GLN A 67 -13.76 3.16 -21.74
N GLN A 68 -14.00 2.97 -20.45
CA GLN A 68 -13.30 3.70 -19.41
C GLN A 68 -12.17 2.91 -18.78
N MET A 69 -11.99 1.64 -19.13
CA MET A 69 -11.16 0.74 -18.37
C MET A 69 -9.73 0.67 -18.90
N ASN A 70 -9.21 1.77 -19.43
CA ASN A 70 -7.80 1.88 -19.77
C ASN A 70 -7.05 2.65 -18.69
N GLY A 71 -5.72 2.58 -18.75
CA GLY A 71 -4.88 3.32 -17.84
C GLY A 71 -4.66 2.65 -16.51
N LEU A 72 -5.21 1.47 -16.30
CA LEU A 72 -5.00 0.71 -15.09
C LEU A 72 -3.62 0.05 -15.11
N ASP A 73 -2.99 -0.01 -13.93
CA ASP A 73 -1.60 -0.41 -13.83
C ASP A 73 -1.50 -1.91 -13.63
N GLY A 74 -0.71 -2.57 -14.48
CA GLY A 74 -0.53 -3.99 -14.35
C GLY A 74 -1.64 -4.83 -14.89
N LEU A 75 -2.47 -4.29 -15.78
CA LEU A 75 -3.59 -5.04 -16.33
C LEU A 75 -3.12 -6.03 -17.39
N ARG A 76 -3.69 -7.24 -17.35
CA ARG A 76 -3.39 -8.27 -18.33
C ARG A 76 -4.45 -8.39 -19.42
N TYR A 77 -5.71 -8.58 -19.04
CA TYR A 77 -6.77 -8.72 -20.02
C TYR A 77 -8.11 -8.48 -19.36
N ILE A 78 -9.14 -8.37 -20.18
CA ILE A 78 -10.50 -8.12 -19.73
C ILE A 78 -11.43 -9.11 -20.41
N SER A 79 -12.34 -9.70 -19.64
CA SER A 79 -13.41 -10.54 -20.14
C SER A 79 -14.75 -9.95 -19.72
N SER A 80 -15.69 -9.92 -20.66
CA SER A 80 -17.02 -9.39 -20.41
C SER A 80 -18.06 -10.34 -20.97
N ASN A 81 -19.26 -10.33 -20.37
CA ASN A 81 -20.40 -10.98 -20.99
C ASN A 81 -21.66 -10.20 -20.65
N SER A 82 -22.61 -10.21 -21.60
CA SER A 82 -23.88 -9.51 -21.49
C SER A 82 -24.99 -10.54 -21.67
N ALA A 83 -25.81 -10.71 -20.65
CA ALA A 83 -26.76 -11.81 -20.58
C ALA A 83 -28.18 -11.36 -20.93
N GLY A 84 -29.00 -12.35 -21.27
CA GLY A 84 -30.42 -12.13 -21.52
C GLY A 84 -31.26 -11.90 -20.29
N ASN A 85 -30.71 -12.11 -19.10
CA ASN A 85 -31.38 -11.72 -17.87
C ASN A 85 -31.06 -10.28 -17.48
N GLY A 86 -30.34 -9.55 -18.32
CA GLY A 86 -30.03 -8.16 -18.08
C GLY A 86 -28.72 -7.91 -17.38
N GLN A 87 -27.98 -8.94 -17.02
CA GLN A 87 -26.81 -8.78 -16.18
C GLN A 87 -25.56 -8.58 -17.03
N ALA A 88 -24.69 -7.68 -16.57
CA ALA A 88 -23.42 -7.38 -17.20
C ALA A 88 -22.29 -7.76 -16.28
N SER A 89 -21.29 -8.46 -16.81
CA SER A 89 -20.09 -8.82 -16.07
C SER A 89 -18.87 -8.27 -16.77
N ILE A 90 -17.94 -7.75 -15.99
CA ILE A 90 -16.64 -7.31 -16.49
C ILE A 90 -15.60 -7.77 -15.48
N GLN A 91 -14.68 -8.62 -15.92
CA GLN A 91 -13.65 -9.18 -15.06
C GLN A 91 -12.29 -8.67 -15.53
N LEU A 92 -11.61 -7.93 -14.67
CA LEU A 92 -10.30 -7.36 -14.96
C LEU A 92 -9.23 -8.19 -14.26
N ASN A 93 -8.25 -8.63 -15.03
CA ASN A 93 -7.18 -9.49 -14.55
C ASN A 93 -5.86 -8.73 -14.54
N PHE A 94 -5.17 -8.77 -13.41
CA PHE A 94 -3.95 -7.99 -13.23
C PHE A 94 -2.75 -8.91 -13.14
N GLU A 95 -1.57 -8.30 -13.27
CA GLU A 95 -0.34 -9.05 -13.26
C GLU A 95 0.01 -9.52 -11.84
N GLN A 96 0.93 -10.46 -11.77
CA GLN A 96 1.39 -10.94 -10.49
C GLN A 96 2.16 -9.85 -9.76
N GLY A 97 1.90 -9.69 -8.47
CA GLY A 97 2.54 -8.69 -7.66
C GLY A 97 1.79 -7.38 -7.55
N VAL A 98 0.69 -7.21 -8.28
CA VAL A 98 -0.12 -6.01 -8.15
C VAL A 98 -0.92 -6.08 -6.85
N ASP A 99 -1.24 -4.90 -6.33
CA ASP A 99 -1.97 -4.79 -5.06
C ASP A 99 -3.47 -4.89 -5.30
N PRO A 100 -4.16 -5.87 -4.72
CA PRO A 100 -5.61 -5.94 -4.93
C PRO A 100 -6.34 -4.67 -4.52
N ASP A 101 -5.93 -4.07 -3.41
CA ASP A 101 -6.63 -2.89 -2.93
C ASP A 101 -6.49 -1.73 -3.90
N ILE A 102 -5.27 -1.44 -4.34
CA ILE A 102 -5.03 -0.33 -5.24
C ILE A 102 -5.71 -0.59 -6.59
N ALA A 103 -5.73 -1.84 -7.02
CA ALA A 103 -6.38 -2.15 -8.30
C ALA A 103 -7.88 -1.90 -8.23
N GLN A 104 -8.51 -2.28 -7.10
CA GLN A 104 -9.92 -1.95 -6.92
C GLN A 104 -10.13 -0.44 -6.86
N VAL A 105 -9.25 0.27 -6.14
CA VAL A 105 -9.35 1.73 -6.08
C VAL A 105 -9.34 2.33 -7.47
N GLN A 106 -8.40 1.88 -8.31
CA GLN A 106 -8.23 2.47 -9.63
C GLN A 106 -9.40 2.12 -10.55
N VAL A 107 -9.85 0.87 -10.53
CA VAL A 107 -11.00 0.49 -11.33
C VAL A 107 -12.21 1.33 -10.94
N GLN A 108 -12.40 1.55 -9.64
CA GLN A 108 -13.55 2.31 -9.18
C GLN A 108 -13.47 3.78 -9.60
N ASN A 109 -12.27 4.36 -9.51
CA ASN A 109 -12.10 5.74 -9.94
C ASN A 109 -12.45 5.91 -11.42
N LYS A 110 -11.99 4.98 -12.26
CA LYS A 110 -12.29 5.11 -13.68
C LYS A 110 -13.72 4.70 -14.00
N LEU A 111 -14.35 3.91 -13.14
CA LEU A 111 -15.76 3.58 -13.32
C LEU A 111 -16.65 4.77 -12.99
N GLN A 112 -16.21 5.65 -12.11
CA GLN A 112 -17.07 6.73 -11.64
C GLN A 112 -17.71 7.49 -12.79
N SER A 113 -16.95 7.83 -13.81
CA SER A 113 -17.49 8.69 -14.87
C SER A 113 -18.59 8.01 -15.66
N ALA A 114 -18.43 6.74 -16.00
CA ALA A 114 -19.40 6.06 -16.85
C ALA A 114 -20.72 5.80 -16.13
N THR A 115 -20.68 5.60 -14.82
CA THR A 115 -21.91 5.32 -14.10
C THR A 115 -22.91 6.46 -14.24
N ALA A 116 -22.44 7.66 -14.54
CA ALA A 116 -23.34 8.76 -14.84
C ALA A 116 -24.13 8.53 -16.12
N LEU A 117 -23.58 7.73 -17.03
CA LEU A 117 -24.10 7.62 -18.38
C LEU A 117 -24.97 6.41 -18.61
N LEU A 118 -25.04 5.50 -17.64
CA LEU A 118 -25.85 4.32 -17.82
C LEU A 118 -27.33 4.69 -17.73
N PRO A 119 -28.21 3.83 -18.23
CA PRO A 119 -29.65 4.06 -18.05
C PRO A 119 -30.00 4.15 -16.58
N GLU A 120 -31.17 4.76 -16.30
CA GLU A 120 -31.55 5.07 -14.93
C GLU A 120 -31.87 3.82 -14.11
N ASP A 121 -32.49 2.81 -14.72
CA ASP A 121 -32.81 1.59 -14.00
C ASP A 121 -31.55 0.81 -13.63
N VAL A 122 -30.56 0.82 -14.53
CA VAL A 122 -29.27 0.23 -14.21
C VAL A 122 -28.68 0.91 -12.98
N GLN A 123 -28.77 2.24 -12.93
CA GLN A 123 -28.28 2.98 -11.78
C GLN A 123 -29.04 2.62 -10.52
N ARG A 124 -30.37 2.47 -10.62
CA ARG A 124 -31.14 2.13 -9.43
C ARG A 124 -30.77 0.77 -8.89
N GLN A 125 -30.32 -0.14 -9.75
CA GLN A 125 -29.87 -1.42 -9.23
C GLN A 125 -28.55 -1.32 -8.49
N GLY A 126 -27.69 -0.36 -8.83
CA GLY A 126 -26.39 -0.26 -8.21
C GLY A 126 -25.31 -1.04 -8.93
N VAL A 127 -24.18 -0.41 -9.18
CA VAL A 127 -23.06 -1.03 -9.88
C VAL A 127 -22.01 -1.42 -8.84
N THR A 128 -21.75 -2.70 -8.71
CA THR A 128 -20.89 -3.23 -7.66
C THR A 128 -19.53 -3.62 -8.22
N VAL A 129 -18.50 -3.46 -7.40
CA VAL A 129 -17.14 -3.82 -7.75
C VAL A 129 -16.57 -4.64 -6.60
N THR A 130 -16.18 -5.87 -6.89
CA THR A 130 -15.66 -6.81 -5.89
C THR A 130 -14.28 -7.27 -6.29
N LYS A 131 -13.59 -7.86 -5.33
CA LYS A 131 -12.26 -8.43 -5.53
C LYS A 131 -12.29 -9.93 -5.76
N SER A 132 -13.42 -10.48 -6.20
CA SER A 132 -13.58 -11.90 -6.40
C SER A 132 -13.43 -12.26 -7.87
N GLY A 133 -13.51 -13.55 -8.16
CA GLY A 133 -13.45 -14.07 -9.51
C GLY A 133 -14.70 -14.85 -9.85
N ALA A 134 -14.57 -15.86 -10.71
CA ALA A 134 -15.75 -16.58 -11.18
C ALA A 134 -16.12 -17.77 -10.28
N SER A 135 -15.15 -18.54 -9.82
CA SER A 135 -15.42 -19.81 -9.18
C SER A 135 -15.80 -19.64 -7.71
N PHE A 136 -16.47 -20.67 -7.17
CA PHE A 136 -16.93 -20.69 -5.79
C PHE A 136 -15.92 -21.38 -4.89
N LEU A 137 -15.96 -20.99 -3.62
CA LEU A 137 -15.18 -21.64 -2.57
C LEU A 137 -16.00 -22.59 -1.73
N GLN A 138 -17.28 -22.27 -1.50
CA GLN A 138 -18.21 -23.10 -0.78
C GLN A 138 -19.61 -22.82 -1.29
N VAL A 139 -20.49 -23.82 -1.14
CA VAL A 139 -21.93 -23.64 -1.28
C VAL A 139 -22.59 -24.21 -0.04
N ILE A 140 -23.42 -23.40 0.61
CA ILE A 140 -24.13 -23.80 1.82
C ILE A 140 -25.59 -24.06 1.47
N ALA A 141 -26.16 -25.09 2.08
CA ALA A 141 -27.56 -25.41 1.88
C ALA A 141 -28.34 -25.13 3.17
N PHE A 142 -29.44 -24.43 3.03
CA PHE A 142 -30.39 -24.21 4.11
C PHE A 142 -31.69 -24.91 3.76
N TYR A 143 -32.20 -25.72 4.68
CA TYR A 143 -33.36 -26.55 4.39
C TYR A 143 -34.13 -26.81 5.67
N SER A 144 -35.24 -27.52 5.54
CA SER A 144 -36.05 -27.94 6.69
C SER A 144 -36.04 -29.45 6.78
N PRO A 145 -35.30 -30.05 7.70
CA PRO A 145 -35.28 -31.52 7.77
C PRO A 145 -36.64 -32.14 8.06
N ASP A 146 -37.46 -31.48 8.86
CA ASP A 146 -38.77 -31.99 9.24
C ASP A 146 -39.92 -31.28 8.53
N ASN A 147 -39.64 -30.49 7.51
CA ASN A 147 -40.63 -29.85 6.65
C ASN A 147 -41.47 -28.80 7.37
N ASN A 148 -41.18 -28.53 8.64
CA ASN A 148 -42.04 -27.65 9.42
C ASN A 148 -41.86 -26.18 9.02
N LEU A 149 -40.72 -25.82 8.45
CA LEU A 149 -40.49 -24.46 8.00
C LEU A 149 -40.71 -24.36 6.49
N SER A 150 -41.37 -23.29 6.07
CA SER A 150 -41.76 -23.14 4.67
C SER A 150 -40.56 -22.77 3.80
N ASP A 151 -40.65 -23.16 2.53
CA ASP A 151 -39.56 -22.89 1.59
C ASP A 151 -39.32 -21.40 1.42
N SER A 152 -40.38 -20.66 1.14
CA SER A 152 -40.25 -19.22 0.95
C SER A 152 -39.78 -18.55 2.23
N ASP A 153 -40.23 -19.06 3.37
CA ASP A 153 -39.75 -18.56 4.64
C ASP A 153 -38.24 -18.75 4.78
N ILE A 154 -37.73 -19.91 4.36
CA ILE A 154 -36.31 -20.18 4.44
C ILE A 154 -35.54 -19.25 3.53
N LYS A 155 -36.00 -19.08 2.29
CA LYS A 155 -35.29 -18.22 1.35
C LYS A 155 -35.24 -16.79 1.86
N ASP A 156 -36.37 -16.29 2.36
CA ASP A 156 -36.39 -14.93 2.89
C ASP A 156 -35.52 -14.82 4.14
N TYR A 157 -35.57 -15.81 5.02
CA TYR A 157 -34.74 -15.72 6.22
C TYR A 157 -33.28 -15.63 5.84
N VAL A 158 -32.84 -16.46 4.89
CA VAL A 158 -31.43 -16.43 4.50
C VAL A 158 -31.08 -15.06 3.94
N ASN A 159 -31.85 -14.52 3.03
CA ASN A 159 -31.49 -13.21 2.50
C ASN A 159 -31.55 -12.11 3.53
N SER A 160 -32.47 -12.16 4.45
CA SER A 160 -32.61 -11.07 5.40
C SER A 160 -31.65 -11.16 6.57
N SER A 161 -31.20 -12.36 6.95
CA SER A 161 -30.42 -12.53 8.16
C SER A 161 -29.02 -13.06 7.97
N ILE A 162 -28.78 -14.00 7.07
CA ILE A 162 -27.49 -14.61 6.89
C ILE A 162 -26.55 -13.95 5.88
N LYS A 163 -27.08 -13.49 4.77
CA LYS A 163 -26.28 -12.96 3.70
C LYS A 163 -25.42 -11.72 3.97
N GLU A 164 -25.97 -10.64 4.52
CA GLU A 164 -25.18 -9.46 4.86
C GLU A 164 -24.07 -9.73 5.86
N PRO A 165 -24.34 -10.39 7.00
CA PRO A 165 -23.21 -10.65 7.89
C PRO A 165 -22.18 -11.67 7.42
N LEU A 166 -22.54 -12.64 6.58
CA LEU A 166 -21.59 -13.58 6.02
C LEU A 166 -20.65 -12.89 5.04
N SER A 167 -21.12 -11.84 4.40
CA SER A 167 -20.33 -11.09 3.43
C SER A 167 -19.46 -10.05 4.08
N ARG A 168 -19.58 -9.92 5.38
CA ARG A 168 -18.69 -9.06 6.14
C ARG A 168 -17.64 -9.86 6.89
N VAL A 169 -17.57 -11.14 6.62
CA VAL A 169 -16.57 -12.02 7.18
C VAL A 169 -15.25 -11.79 6.46
N ALA A 170 -14.13 -11.85 7.17
CA ALA A 170 -12.83 -11.63 6.56
C ALA A 170 -12.45 -12.63 5.45
N GLY A 171 -12.11 -12.14 4.28
CA GLY A 171 -11.69 -12.99 3.21
C GLY A 171 -12.76 -13.23 2.16
N VAL A 172 -14.01 -12.91 2.44
CA VAL A 172 -15.09 -13.13 1.50
C VAL A 172 -15.04 -12.04 0.43
N GLY A 173 -15.04 -12.45 -0.83
CA GLY A 173 -15.08 -11.51 -1.93
C GLY A 173 -16.49 -11.12 -2.33
N GLU A 174 -17.36 -12.12 -2.45
CA GLU A 174 -18.69 -11.92 -2.99
C GLU A 174 -19.58 -13.07 -2.53
N VAL A 175 -20.85 -12.78 -2.30
CA VAL A 175 -21.84 -13.77 -1.90
C VAL A 175 -22.93 -13.81 -2.95
N GLN A 176 -23.27 -15.00 -3.44
CA GLN A 176 -24.39 -15.18 -4.34
C GLN A 176 -25.43 -16.07 -3.69
N VAL A 177 -26.68 -15.63 -3.76
CA VAL A 177 -27.81 -16.34 -3.16
C VAL A 177 -28.61 -17.03 -4.25
N PHE A 178 -29.04 -18.25 -3.97
CA PHE A 178 -30.00 -18.97 -4.79
C PHE A 178 -31.29 -19.10 -3.98
N GLY A 179 -32.33 -18.45 -4.44
CA GLY A 179 -33.51 -18.19 -3.65
C GLY A 179 -33.69 -16.70 -3.44
N GLY A 180 -34.93 -16.28 -3.30
CA GLY A 180 -35.26 -14.88 -3.33
C GLY A 180 -35.93 -14.43 -2.05
N SER A 181 -35.76 -13.14 -1.76
CA SER A 181 -36.37 -12.53 -0.59
C SER A 181 -37.81 -12.13 -0.87
N TYR A 182 -38.59 -11.99 0.19
CA TYR A 182 -39.98 -11.59 0.07
C TYR A 182 -40.08 -10.22 -0.58
N ALA A 183 -41.03 -10.08 -1.49
CA ALA A 183 -41.29 -8.82 -2.17
C ALA A 183 -42.79 -8.62 -2.32
N MET A 184 -43.20 -7.36 -2.43
CA MET A 184 -44.58 -7.01 -2.72
C MET A 184 -44.78 -7.04 -4.23
N ARG A 185 -45.80 -7.76 -4.69
CA ARG A 185 -45.93 -8.11 -6.09
C ARG A 185 -47.32 -7.76 -6.60
N ILE A 186 -47.39 -6.84 -7.55
CA ILE A 186 -48.64 -6.37 -8.14
C ILE A 186 -48.70 -6.92 -9.54
N TRP A 187 -49.74 -7.71 -9.83
CA TRP A 187 -49.89 -8.40 -11.11
C TRP A 187 -51.09 -7.80 -11.83
N LEU A 188 -50.83 -7.00 -12.87
CA LEU A 188 -51.90 -6.31 -13.55
C LEU A 188 -52.73 -7.27 -14.40
N ASP A 189 -53.99 -6.92 -14.58
CA ASP A 189 -54.92 -7.64 -15.45
C ASP A 189 -55.36 -6.72 -16.56
N PRO A 190 -54.95 -6.94 -17.82
CA PRO A 190 -55.23 -5.93 -18.85
C PRO A 190 -56.71 -5.60 -19.03
N ALA A 191 -57.59 -6.60 -18.96
CA ALA A 191 -59.00 -6.36 -19.21
C ALA A 191 -59.57 -5.38 -18.21
N LYS A 192 -59.26 -5.57 -16.93
CA LYS A 192 -59.73 -4.65 -15.92
C LYS A 192 -59.07 -3.29 -16.03
N LEU A 193 -57.81 -3.24 -16.46
CA LEU A 193 -57.14 -1.95 -16.67
C LEU A 193 -57.90 -1.14 -17.72
N THR A 194 -58.15 -1.74 -18.89
CA THR A 194 -58.85 -1.03 -19.96
C THR A 194 -60.31 -0.79 -19.61
N SER A 195 -60.85 -1.58 -18.68
CA SER A 195 -62.23 -1.41 -18.25
C SER A 195 -62.46 -0.02 -17.65
N TYR A 196 -61.51 0.46 -16.85
CA TYR A 196 -61.58 1.78 -16.26
C TYR A 196 -60.72 2.80 -17.00
N GLN A 197 -60.26 2.47 -18.22
CA GLN A 197 -59.35 3.30 -19.00
C GLN A 197 -58.18 3.80 -18.15
N LEU A 198 -57.47 2.85 -17.54
CA LEU A 198 -56.24 3.10 -16.81
C LEU A 198 -55.07 2.45 -17.55
N THR A 199 -53.87 2.82 -17.14
CA THR A 199 -52.63 2.37 -17.73
C THR A 199 -51.68 1.91 -16.63
N PRO A 200 -50.67 1.11 -16.98
CA PRO A 200 -49.68 0.72 -15.95
C PRO A 200 -48.94 1.91 -15.35
N SER A 201 -48.76 2.97 -16.13
CA SER A 201 -48.14 4.18 -15.61
C SER A 201 -48.98 4.82 -14.52
N ASP A 202 -50.30 4.75 -14.64
CA ASP A 202 -51.17 5.26 -13.59
C ASP A 202 -50.94 4.51 -12.29
N ILE A 203 -50.79 3.19 -12.37
CA ILE A 203 -50.49 2.40 -11.18
C ILE A 203 -49.18 2.84 -10.58
N ALA A 204 -48.17 3.07 -11.42
CA ALA A 204 -46.88 3.51 -10.90
C ALA A 204 -47.02 4.85 -10.19
N THR A 205 -47.77 5.77 -10.77
CA THR A 205 -47.96 7.09 -10.15
C THR A 205 -48.62 6.95 -8.79
N ALA A 206 -49.67 6.11 -8.71
CA ALA A 206 -50.37 5.95 -7.46
C ALA A 206 -49.47 5.31 -6.40
N LEU A 207 -48.68 4.31 -6.79
CA LEU A 207 -47.78 3.68 -5.83
C LEU A 207 -46.74 4.67 -5.33
N GLN A 208 -46.25 5.52 -6.23
CA GLN A 208 -45.26 6.51 -5.80
C GLN A 208 -45.88 7.53 -4.87
N ALA A 209 -47.16 7.88 -5.08
CA ALA A 209 -47.83 8.80 -4.17
C ALA A 209 -48.10 8.16 -2.81
N GLN A 210 -48.88 7.10 -2.80
CA GLN A 210 -49.54 6.64 -1.58
C GLN A 210 -48.72 5.62 -0.79
N ASN A 211 -47.50 5.32 -1.21
CA ASN A 211 -46.58 4.49 -0.43
C ASN A 211 -45.25 5.24 -0.39
N SER A 212 -45.08 6.13 0.57
CA SER A 212 -43.87 6.94 0.67
C SER A 212 -43.74 7.52 2.04
N GLN A 213 -42.58 8.09 2.34
CA GLN A 213 -42.39 8.78 3.59
C GLN A 213 -42.34 10.27 3.20
N VAL A 214 -42.92 11.14 4.01
CA VAL A 214 -42.93 12.56 3.74
C VAL A 214 -42.28 13.28 4.91
N ALA A 215 -41.40 14.26 4.66
CA ALA A 215 -40.78 15.04 5.72
C ALA A 215 -41.74 16.19 6.04
N VAL A 216 -42.24 16.31 7.27
CA VAL A 216 -43.28 17.28 7.59
C VAL A 216 -42.95 18.06 8.86
N GLY A 217 -41.74 17.92 9.38
CA GLY A 217 -41.27 18.81 10.43
C GLY A 217 -41.92 18.61 11.79
N GLN A 218 -41.77 19.64 12.63
CA GLN A 218 -42.16 19.59 14.04
C GLN A 218 -43.08 20.75 14.38
N LEU A 219 -43.86 20.57 15.43
CA LEU A 219 -44.77 21.61 15.89
C LEU A 219 -44.02 22.76 16.56
N GLY A 220 -42.94 22.46 17.27
CA GLY A 220 -42.05 23.52 17.69
C GLY A 220 -40.84 23.60 16.78
N GLY A 221 -40.91 24.46 15.77
CA GLY A 221 -39.83 24.55 14.80
C GLY A 221 -38.63 25.32 15.34
N ALA A 222 -37.50 25.16 14.66
CA ALA A 222 -36.29 25.87 15.08
C ALA A 222 -36.50 27.38 15.07
N PRO A 223 -37.03 27.99 14.01
CA PRO A 223 -37.45 29.40 14.10
C PRO A 223 -38.86 29.47 14.66
N ALA A 224 -38.97 30.02 15.87
CA ALA A 224 -40.22 29.95 16.61
C ALA A 224 -40.46 31.26 17.35
N VAL A 225 -41.72 31.47 17.72
CA VAL A 225 -42.09 32.65 18.51
C VAL A 225 -41.48 32.56 19.89
N GLN A 226 -41.47 33.69 20.59
CA GLN A 226 -40.80 33.78 21.89
C GLN A 226 -41.44 32.84 22.90
N GLY A 227 -42.76 32.66 22.85
CA GLY A 227 -43.47 31.92 23.87
C GLY A 227 -43.88 30.51 23.47
N GLN A 228 -43.00 29.77 22.80
CA GLN A 228 -43.30 28.42 22.36
C GLN A 228 -42.86 27.42 23.43
N VAL A 229 -43.80 26.61 23.91
CA VAL A 229 -43.53 25.72 25.04
C VAL A 229 -43.12 24.33 24.58
N LEU A 230 -43.92 23.68 23.73
CA LEU A 230 -43.72 22.28 23.39
C LEU A 230 -43.39 22.12 21.91
N ASN A 231 -42.57 21.11 21.63
CA ASN A 231 -42.09 20.79 20.29
C ASN A 231 -42.24 19.29 20.07
N ALA A 232 -42.72 18.91 18.88
CA ALA A 232 -43.08 17.52 18.67
C ALA A 232 -42.89 17.15 17.21
N THR A 233 -42.54 15.90 16.98
CA THR A 233 -42.46 15.37 15.63
C THR A 233 -43.87 15.25 15.06
N VAL A 234 -44.02 15.59 13.79
CA VAL A 234 -45.27 15.46 13.07
C VAL A 234 -45.14 14.30 12.10
N ASN A 235 -46.10 13.39 12.13
CA ASN A 235 -46.10 12.20 11.29
C ASN A 235 -47.24 12.28 10.31
N ALA A 236 -46.94 12.10 9.02
CA ALA A 236 -47.93 12.24 7.96
C ALA A 236 -48.29 10.91 7.33
N GLN A 237 -47.32 10.21 6.83
CA GLN A 237 -47.57 8.98 6.14
C GLN A 237 -46.37 8.12 6.37
N SER A 238 -46.58 6.83 6.43
CA SER A 238 -45.48 5.90 6.58
C SER A 238 -45.68 4.85 5.53
N LEU A 239 -44.62 4.14 5.21
CA LEU A 239 -44.69 3.09 4.22
C LEU A 239 -45.70 1.99 4.58
N LEU A 240 -46.26 1.33 3.57
CA LEU A 240 -47.21 0.26 3.81
C LEU A 240 -46.46 -1.01 4.23
N GLN A 241 -47.20 -1.97 4.77
CA GLN A 241 -46.57 -3.20 5.25
C GLN A 241 -47.31 -4.46 4.85
N THR A 242 -48.61 -4.37 4.64
CA THR A 242 -49.43 -5.53 4.35
C THR A 242 -49.96 -5.46 2.93
N PRO A 243 -50.25 -6.60 2.30
CA PRO A 243 -50.92 -6.53 1.00
C PRO A 243 -52.26 -5.85 1.06
N GLU A 244 -52.98 -5.98 2.17
CA GLU A 244 -54.28 -5.33 2.27
C GLU A 244 -54.15 -3.81 2.22
N GLN A 245 -53.01 -3.27 2.66
CA GLN A 245 -52.77 -1.84 2.52
C GLN A 245 -52.60 -1.45 1.06
N PHE A 246 -51.84 -2.25 0.30
CA PHE A 246 -51.67 -1.96 -1.12
C PHE A 246 -52.97 -2.15 -1.89
N LYS A 247 -53.81 -3.10 -1.49
CA LYS A 247 -55.07 -3.34 -2.19
C LYS A 247 -56.01 -2.17 -2.11
N ASN A 248 -55.88 -1.35 -1.07
CA ASN A 248 -56.74 -0.20 -0.88
C ASN A 248 -56.16 1.08 -1.47
N ILE A 249 -55.04 1.00 -2.17
CA ILE A 249 -54.45 2.20 -2.71
C ILE A 249 -55.44 2.84 -3.67
N PHE A 250 -55.92 4.02 -3.30
CA PHE A 250 -56.99 4.66 -4.06
C PHE A 250 -56.49 5.08 -5.43
N LEU A 251 -57.29 4.81 -6.45
CA LEU A 251 -56.89 4.99 -7.83
C LEU A 251 -57.66 6.09 -8.54
N LYS A 252 -58.98 6.07 -8.46
CA LYS A 252 -59.81 6.77 -9.42
C LYS A 252 -61.25 6.73 -8.95
N ASN A 253 -62.08 7.58 -9.56
CA ASN A 253 -63.52 7.52 -9.37
C ASN A 253 -64.18 7.39 -10.73
N THR A 254 -65.19 6.53 -10.81
CA THR A 254 -65.90 6.30 -12.04
C THR A 254 -66.95 7.39 -12.26
N ALA A 255 -67.56 7.38 -13.45
CA ALA A 255 -68.52 8.41 -13.78
C ALA A 255 -69.63 8.49 -12.75
N SER A 256 -70.11 7.33 -12.28
CA SER A 256 -71.12 7.33 -11.23
C SER A 256 -70.57 7.94 -9.95
N GLY A 257 -69.27 7.81 -9.71
CA GLY A 257 -68.62 8.33 -8.53
C GLY A 257 -68.07 7.26 -7.60
N ALA A 258 -68.24 5.99 -7.94
CA ALA A 258 -67.75 4.91 -7.10
C ALA A 258 -66.23 4.84 -7.16
N GLU A 259 -65.63 4.40 -6.06
CA GLU A 259 -64.19 4.35 -5.95
C GLU A 259 -63.62 3.18 -6.74
N VAL A 260 -62.45 3.40 -7.34
CA VAL A 260 -61.62 2.35 -7.92
C VAL A 260 -60.36 2.26 -7.08
N ARG A 261 -60.00 1.04 -6.68
CA ARG A 261 -58.80 0.79 -5.90
C ARG A 261 -57.93 -0.24 -6.61
N LEU A 262 -56.70 -0.41 -6.13
CA LEU A 262 -55.79 -1.33 -6.79
C LEU A 262 -56.31 -2.75 -6.76
N LYS A 263 -57.02 -3.10 -5.70
CA LYS A 263 -57.74 -4.37 -5.58
C LYS A 263 -58.56 -4.71 -6.81
N ASP A 264 -58.92 -3.72 -7.62
CA ASP A 264 -59.87 -3.88 -8.69
C ASP A 264 -59.24 -4.02 -10.08
N VAL A 265 -57.91 -3.98 -10.19
CA VAL A 265 -57.25 -4.17 -11.47
C VAL A 265 -56.10 -5.15 -11.37
N ALA A 266 -55.86 -5.71 -10.19
CA ALA A 266 -54.61 -6.42 -9.99
C ALA A 266 -54.74 -7.44 -8.88
N ARG A 267 -53.77 -8.35 -8.86
CA ARG A 267 -53.63 -9.38 -7.85
C ARG A 267 -52.39 -9.04 -7.05
N VAL A 268 -52.56 -8.82 -5.76
CA VAL A 268 -51.50 -8.39 -4.84
C VAL A 268 -51.13 -9.57 -3.95
N GLU A 269 -49.82 -9.79 -3.78
CA GLU A 269 -49.35 -10.87 -2.93
C GLU A 269 -47.97 -10.51 -2.39
N LEU A 270 -47.56 -11.26 -1.37
CA LEU A 270 -46.17 -11.26 -0.92
C LEU A 270 -45.47 -12.33 -1.74
N GLY A 271 -44.81 -11.90 -2.81
CA GLY A 271 -44.12 -12.77 -3.73
C GLY A 271 -42.64 -12.87 -3.43
N SER A 272 -41.84 -12.88 -4.48
CA SER A 272 -40.40 -12.89 -4.35
C SER A 272 -39.80 -11.98 -5.41
N ASP A 273 -38.65 -11.40 -5.09
CA ASP A 273 -38.00 -10.49 -6.02
C ASP A 273 -37.18 -11.21 -7.09
N ASN A 274 -36.99 -12.50 -6.97
CA ASN A 274 -36.30 -13.31 -7.95
C ASN A 274 -37.15 -14.53 -8.26
N TYR A 275 -37.21 -14.89 -9.54
CA TYR A 275 -37.85 -16.11 -9.99
C TYR A 275 -36.95 -16.93 -10.92
N GLN A 276 -35.69 -16.55 -11.07
CA GLN A 276 -34.84 -17.16 -12.07
C GLN A 276 -34.33 -18.55 -11.68
N PHE A 277 -34.19 -18.81 -10.39
CA PHE A 277 -33.50 -19.99 -9.90
C PHE A 277 -34.45 -20.85 -9.10
N ASP A 278 -34.27 -22.16 -9.19
CA ASP A 278 -34.96 -23.12 -8.32
C ASP A 278 -33.95 -24.15 -7.84
N SER A 279 -33.55 -24.05 -6.58
CA SER A 279 -32.47 -24.86 -6.05
C SER A 279 -33.00 -25.93 -5.11
N LYS A 280 -32.20 -26.97 -4.92
CA LYS A 280 -32.60 -28.14 -4.16
C LYS A 280 -31.38 -28.80 -3.56
N PHE A 281 -31.58 -29.45 -2.42
CA PHE A 281 -30.53 -30.24 -1.78
C PHE A 281 -31.06 -31.63 -1.54
N ASN A 282 -30.42 -32.62 -2.16
CA ASN A 282 -30.83 -34.02 -2.05
C ASN A 282 -32.29 -34.19 -2.45
N GLY A 283 -32.68 -33.54 -3.54
CA GLY A 283 -33.99 -33.68 -4.12
C GLY A 283 -35.05 -32.78 -3.54
N LYS A 284 -34.75 -32.01 -2.50
CA LYS A 284 -35.76 -31.30 -1.75
C LYS A 284 -35.54 -29.80 -1.80
N PRO A 285 -36.61 -29.00 -1.78
CA PRO A 285 -36.45 -27.55 -1.91
C PRO A 285 -35.52 -26.99 -0.86
N ALA A 286 -34.66 -26.07 -1.27
CA ALA A 286 -33.63 -25.56 -0.39
C ALA A 286 -33.22 -24.18 -0.86
N ALA A 287 -32.61 -23.44 0.06
CA ALA A 287 -31.95 -22.20 -0.27
C ALA A 287 -30.45 -22.44 -0.33
N GLY A 288 -29.75 -21.57 -1.03
CA GLY A 288 -28.33 -21.76 -1.26
C GLY A 288 -27.56 -20.47 -1.10
N LEU A 289 -26.33 -20.61 -0.61
CA LEU A 289 -25.41 -19.49 -0.41
C LEU A 289 -24.04 -19.91 -0.94
N ALA A 290 -23.53 -19.18 -1.93
CA ALA A 290 -22.23 -19.44 -2.52
C ALA A 290 -21.22 -18.41 -2.01
N ILE A 291 -20.07 -18.90 -1.58
CA ILE A 291 -19.00 -18.05 -1.08
C ILE A 291 -17.94 -17.91 -2.17
N LYS A 292 -17.52 -16.68 -2.42
CA LYS A 292 -16.41 -16.41 -3.31
C LYS A 292 -15.30 -15.77 -2.50
N ILE A 293 -14.09 -16.26 -2.68
CA ILE A 293 -12.94 -15.84 -1.90
C ILE A 293 -12.35 -14.60 -2.57
N ALA A 294 -11.93 -13.65 -1.76
CA ALA A 294 -11.23 -12.51 -2.31
C ALA A 294 -9.86 -12.95 -2.79
N THR A 295 -9.42 -12.40 -3.90
CA THR A 295 -8.09 -12.71 -4.38
C THR A 295 -7.07 -12.35 -3.31
N GLY A 296 -6.16 -13.27 -3.05
CA GLY A 296 -5.10 -13.06 -2.08
C GLY A 296 -5.38 -13.57 -0.69
N ALA A 297 -6.60 -13.94 -0.37
CA ALA A 297 -6.90 -14.47 0.94
C ALA A 297 -6.48 -15.93 1.02
N ASN A 298 -6.35 -16.42 2.25
CA ASN A 298 -6.08 -17.82 2.49
C ASN A 298 -7.42 -18.56 2.58
N ALA A 299 -7.53 -19.66 1.83
CA ALA A 299 -8.79 -20.38 1.73
C ALA A 299 -9.20 -20.99 3.07
N LEU A 300 -8.25 -21.59 3.79
CA LEU A 300 -8.58 -22.24 5.05
C LEU A 300 -8.91 -21.23 6.14
N ASP A 301 -8.17 -20.12 6.18
CA ASP A 301 -8.53 -19.06 7.12
C ASP A 301 -9.94 -18.55 6.86
N THR A 302 -10.30 -18.37 5.59
CA THR A 302 -11.63 -17.89 5.25
C THR A 302 -12.69 -18.90 5.63
N ALA A 303 -12.46 -20.18 5.36
CA ALA A 303 -13.42 -21.20 5.76
C ALA A 303 -13.63 -21.21 7.27
N GLU A 304 -12.54 -21.11 8.04
CA GLU A 304 -12.68 -21.00 9.49
C GLU A 304 -13.51 -19.78 9.88
N ALA A 305 -13.24 -18.63 9.27
CA ALA A 305 -13.95 -17.42 9.64
C ALA A 305 -15.44 -17.55 9.36
N VAL A 306 -15.78 -18.11 8.19
CA VAL A 306 -17.17 -18.34 7.85
C VAL A 306 -17.82 -19.28 8.86
N GLU A 307 -17.11 -20.33 9.26
CA GLU A 307 -17.70 -21.28 10.20
C GLU A 307 -17.95 -20.64 11.56
N GLN A 308 -17.01 -19.82 12.05
CA GLN A 308 -17.24 -19.13 13.31
C GLN A 308 -18.46 -18.22 13.22
N ARG A 309 -18.57 -17.47 12.13
CA ARG A 309 -19.71 -16.57 11.99
C ARG A 309 -21.02 -17.36 11.93
N LEU A 310 -21.05 -18.47 11.19
CA LEU A 310 -22.25 -19.28 11.10
C LEU A 310 -22.61 -19.89 12.45
N SER A 311 -21.62 -20.30 13.22
CA SER A 311 -21.89 -20.85 14.54
C SER A 311 -22.53 -19.80 15.42
N GLU A 312 -22.05 -18.56 15.35
CA GLU A 312 -22.67 -17.49 16.10
C GLU A 312 -24.10 -17.23 15.62
N LEU A 313 -24.35 -17.35 14.32
CA LEU A 313 -25.69 -17.06 13.79
C LEU A 313 -26.69 -18.16 14.12
N ARG A 314 -26.25 -19.42 14.16
CA ARG A 314 -27.20 -20.52 14.27
C ARG A 314 -28.08 -20.37 15.50
N LYS A 315 -27.61 -19.64 16.48
CA LYS A 315 -28.30 -19.50 17.75
C LYS A 315 -29.70 -18.90 17.59
N ASN A 316 -29.88 -18.03 16.61
CA ASN A 316 -31.15 -17.37 16.43
C ASN A 316 -31.93 -17.85 15.27
N TYR A 317 -31.70 -19.06 14.77
CA TYR A 317 -32.46 -19.57 13.65
C TYR A 317 -33.91 -19.77 14.04
N PRO A 318 -34.85 -19.66 13.10
CA PRO A 318 -36.20 -20.14 13.38
C PRO A 318 -36.20 -21.65 13.55
N THR A 319 -37.20 -22.16 14.25
CA THR A 319 -37.29 -23.59 14.46
C THR A 319 -37.55 -24.29 13.12
N GLY A 320 -36.86 -25.41 12.91
CA GLY A 320 -36.99 -26.14 11.67
C GLY A 320 -36.02 -25.75 10.58
N LEU A 321 -34.94 -25.05 10.90
CA LEU A 321 -33.96 -24.59 9.94
C LEU A 321 -32.64 -25.31 10.17
N ALA A 322 -32.15 -25.99 9.15
CA ALA A 322 -30.92 -26.76 9.23
C ALA A 322 -29.87 -26.18 8.29
N ASP A 323 -28.67 -26.69 8.42
CA ASP A 323 -27.49 -26.06 7.84
C ASP A 323 -26.48 -27.13 7.47
N LYS A 324 -26.02 -27.13 6.23
CA LYS A 324 -25.05 -28.12 5.77
C LYS A 324 -24.17 -27.51 4.69
N LEU A 325 -22.88 -27.83 4.74
CA LEU A 325 -21.99 -27.53 3.63
C LEU A 325 -22.20 -28.58 2.55
N ALA A 326 -22.59 -28.13 1.36
CA ALA A 326 -22.86 -29.01 0.24
C ALA A 326 -21.67 -29.16 -0.70
N TYR A 327 -20.91 -28.10 -0.87
CA TYR A 327 -19.75 -28.04 -1.74
C TYR A 327 -18.67 -27.30 -0.97
N ASP A 328 -17.46 -27.83 -0.97
CA ASP A 328 -16.37 -27.25 -0.19
C ASP A 328 -15.07 -27.84 -0.68
N THR A 329 -14.18 -27.00 -1.17
CA THR A 329 -12.90 -27.42 -1.69
C THR A 329 -11.77 -27.27 -0.68
N THR A 330 -12.07 -26.79 0.50
CA THR A 330 -11.04 -26.54 1.50
C THR A 330 -10.60 -27.80 2.23
N PRO A 331 -11.50 -28.72 2.59
CA PRO A 331 -11.07 -29.89 3.37
C PRO A 331 -10.01 -30.71 2.66
N PHE A 332 -9.97 -30.65 1.33
CA PHE A 332 -8.93 -31.35 0.59
C PHE A 332 -7.55 -30.83 0.97
N ILE A 333 -7.40 -29.51 1.03
CA ILE A 333 -6.13 -28.91 1.43
C ILE A 333 -5.73 -29.44 2.79
N ARG A 334 -6.66 -29.39 3.73
CA ARG A 334 -6.38 -29.85 5.08
C ARG A 334 -5.82 -31.26 5.06
N LEU A 335 -6.53 -32.17 4.41
CA LEU A 335 -6.18 -33.58 4.50
C LEU A 335 -4.87 -33.87 3.81
N SER A 336 -4.61 -33.26 2.64
CA SER A 336 -3.35 -33.53 1.96
C SER A 336 -2.16 -33.01 2.77
N ILE A 337 -2.27 -31.82 3.36
CA ILE A 337 -1.17 -31.35 4.21
C ILE A 337 -1.00 -32.28 5.42
N GLU A 338 -2.10 -32.71 6.02
CA GLU A 338 -2.02 -33.64 7.13
C GLU A 338 -1.27 -34.90 6.75
N SER A 339 -1.57 -35.46 5.58
CA SER A 339 -0.93 -36.70 5.17
C SER A 339 0.56 -36.51 4.97
N VAL A 340 0.98 -35.36 4.45
CA VAL A 340 2.42 -35.17 4.34
C VAL A 340 3.06 -35.12 5.72
N VAL A 341 2.42 -34.46 6.70
CA VAL A 341 3.05 -34.43 8.02
C VAL A 341 3.06 -35.82 8.64
N HIS A 342 2.05 -36.62 8.34
CA HIS A 342 2.06 -38.02 8.79
C HIS A 342 3.25 -38.77 8.19
N THR A 343 3.52 -38.59 6.90
CA THR A 343 4.66 -39.26 6.29
C THR A 343 5.95 -38.77 6.89
N LEU A 344 6.02 -37.50 7.25
CA LEU A 344 7.20 -36.95 7.92
C LEU A 344 7.44 -37.64 9.27
N ILE A 345 6.38 -37.81 10.06
CA ILE A 345 6.50 -38.51 11.34
C ILE A 345 6.99 -39.93 11.10
N GLU A 346 6.39 -40.62 10.14
CA GLU A 346 6.83 -41.99 9.83
C GLU A 346 8.29 -42.00 9.42
N ALA A 347 8.72 -41.05 8.59
CA ALA A 347 10.10 -41.03 8.14
C ALA A 347 11.06 -40.89 9.30
N VAL A 348 10.76 -40.01 10.25
CA VAL A 348 11.63 -39.89 11.42
C VAL A 348 11.71 -41.21 12.15
N ILE A 349 10.56 -41.86 12.37
CA ILE A 349 10.56 -43.14 13.06
C ILE A 349 11.45 -44.15 12.33
N LEU A 350 11.24 -44.29 11.02
CA LEU A 350 11.92 -45.32 10.25
C LEU A 350 13.42 -45.06 10.17
N VAL A 351 13.82 -43.79 10.06
CA VAL A 351 15.23 -43.46 10.06
C VAL A 351 15.87 -43.84 11.40
N PHE A 352 15.17 -43.58 12.50
CA PHE A 352 15.67 -44.03 13.79
C PHE A 352 15.87 -45.54 13.81
N ILE A 353 14.93 -46.29 13.25
CA ILE A 353 15.04 -47.75 13.30
C ILE A 353 16.28 -48.20 12.53
N VAL A 354 16.48 -47.64 11.34
CA VAL A 354 17.68 -47.96 10.57
C VAL A 354 18.93 -47.61 11.36
N MET A 355 18.96 -46.42 11.97
CA MET A 355 20.14 -46.00 12.70
C MET A 355 20.46 -46.99 13.80
N PHE A 356 19.47 -47.35 14.61
CA PHE A 356 19.77 -48.28 15.69
C PHE A 356 20.20 -49.64 15.15
N LEU A 357 19.70 -50.03 13.99
CA LEU A 357 20.23 -51.25 13.38
C LEU A 357 21.72 -51.12 13.14
N PHE A 358 22.15 -50.04 12.48
CA PHE A 358 23.57 -49.90 12.18
C PHE A 358 24.38 -49.49 13.42
N LEU A 359 23.92 -48.51 14.18
CA LEU A 359 24.56 -48.10 15.42
C LEU A 359 24.00 -48.96 16.55
N GLN A 360 24.85 -49.72 17.22
CA GLN A 360 24.34 -50.81 18.04
C GLN A 360 23.61 -50.30 19.28
N ASN A 361 24.19 -49.35 20.01
CA ASN A 361 23.72 -48.96 21.32
C ASN A 361 22.74 -47.79 21.27
N TRP A 362 22.05 -47.59 22.40
CA TRP A 362 20.95 -46.61 22.45
C TRP A 362 21.44 -45.18 22.52
N ARG A 363 22.59 -44.93 23.15
CA ARG A 363 23.08 -43.56 23.29
C ARG A 363 23.43 -42.96 21.93
N ALA A 364 24.26 -43.67 21.17
CA ALA A 364 24.66 -43.20 19.86
C ALA A 364 23.44 -42.92 19.00
N THR A 365 22.46 -43.80 19.09
CA THR A 365 21.26 -43.66 18.27
C THR A 365 20.44 -42.44 18.68
N ILE A 366 20.30 -42.20 19.99
CA ILE A 366 19.49 -41.08 20.40
C ILE A 366 20.12 -39.76 19.96
N ILE A 367 21.45 -39.68 19.89
CA ILE A 367 22.07 -38.39 19.57
C ILE A 367 21.53 -37.78 18.26
N PRO A 368 21.63 -38.42 17.10
CA PRO A 368 21.08 -37.80 15.87
C PRO A 368 19.57 -37.65 15.91
N THR A 369 18.88 -38.51 16.63
CA THR A 369 17.44 -38.33 16.82
C THR A 369 17.15 -36.99 17.45
N LEU A 370 17.95 -36.60 18.44
CA LEU A 370 17.82 -35.27 19.03
C LEU A 370 18.22 -34.20 18.05
N ALA A 371 19.20 -34.47 17.20
CA ALA A 371 19.58 -33.49 16.19
C ALA A 371 18.39 -33.14 15.28
N VAL A 372 17.49 -34.10 15.05
CA VAL A 372 16.42 -33.89 14.07
C VAL A 372 15.49 -32.74 14.41
N PRO A 373 14.79 -32.73 15.55
CA PRO A 373 13.76 -31.71 15.76
C PRO A 373 14.30 -30.30 15.75
N VAL A 374 15.54 -30.10 16.20
CA VAL A 374 16.13 -28.77 16.19
C VAL A 374 16.18 -28.24 14.77
N VAL A 375 16.67 -29.06 13.84
CA VAL A 375 16.75 -28.62 12.45
C VAL A 375 15.37 -28.39 11.86
N VAL A 376 14.42 -29.29 12.12
CA VAL A 376 13.10 -29.15 11.48
C VAL A 376 12.42 -27.86 11.97
N LEU A 377 12.33 -27.68 13.28
CA LEU A 377 11.65 -26.51 13.81
C LEU A 377 12.39 -25.22 13.45
N GLY A 378 13.71 -25.26 13.46
CA GLY A 378 14.46 -24.07 13.09
C GLY A 378 14.25 -23.68 11.66
N THR A 379 14.21 -24.67 10.77
CA THR A 379 13.92 -24.36 9.38
C THR A 379 12.56 -23.70 9.26
N PHE A 380 11.56 -24.22 9.96
CA PHE A 380 10.24 -23.61 9.89
C PHE A 380 10.30 -22.15 10.32
N ALA A 381 11.00 -21.86 11.41
CA ALA A 381 11.12 -20.47 11.86
C ALA A 381 11.78 -19.59 10.80
N VAL A 382 12.88 -20.05 10.21
CA VAL A 382 13.59 -19.21 9.25
C VAL A 382 12.75 -18.97 8.00
N ILE A 383 12.14 -20.02 7.46
CA ILE A 383 11.38 -19.85 6.23
C ILE A 383 10.16 -18.99 6.49
N ASN A 384 9.61 -19.03 7.71
CA ASN A 384 8.56 -18.09 8.06
C ASN A 384 9.05 -16.66 7.98
N ILE A 385 10.26 -16.41 8.49
CA ILE A 385 10.82 -15.07 8.37
C ILE A 385 10.94 -14.67 6.90
N PHE A 386 11.34 -15.61 6.04
CA PHE A 386 11.40 -15.28 4.61
C PHE A 386 10.03 -14.98 4.03
N GLY A 387 8.97 -15.48 4.63
CA GLY A 387 7.63 -15.27 4.12
C GLY A 387 6.98 -16.48 3.48
N PHE A 388 7.58 -17.66 3.58
CA PHE A 388 6.98 -18.86 3.03
C PHE A 388 5.85 -19.35 3.91
N SER A 389 4.92 -20.07 3.30
CA SER A 389 3.83 -20.72 4.02
C SER A 389 4.11 -22.22 4.15
N ILE A 390 3.28 -22.86 4.97
CA ILE A 390 3.27 -24.33 5.06
C ILE A 390 2.45 -24.86 3.89
N ASN A 391 3.10 -25.56 2.98
CA ASN A 391 2.44 -26.04 1.77
C ASN A 391 3.13 -27.31 1.32
N THR A 392 2.62 -27.90 0.25
CA THR A 392 3.07 -29.23 -0.15
C THR A 392 4.55 -29.23 -0.48
N LEU A 393 5.07 -28.13 -1.01
CA LEU A 393 6.48 -28.12 -1.42
C LEU A 393 7.42 -27.94 -0.24
N THR A 394 7.08 -27.06 0.70
CA THR A 394 7.88 -26.94 1.91
C THR A 394 7.88 -28.26 2.68
N MET A 395 6.74 -28.93 2.72
CA MET A 395 6.65 -30.19 3.47
C MET A 395 7.41 -31.30 2.76
N PHE A 396 7.34 -31.35 1.43
CA PHE A 396 8.16 -32.30 0.69
C PHE A 396 9.63 -32.05 0.93
N ALA A 397 10.04 -30.78 0.93
CA ALA A 397 11.43 -30.47 1.21
C ALA A 397 11.82 -30.95 2.59
N MET A 398 10.93 -30.78 3.56
CA MET A 398 11.22 -31.24 4.92
C MET A 398 11.38 -32.76 4.96
N VAL A 399 10.49 -33.48 4.28
CA VAL A 399 10.57 -34.93 4.27
C VAL A 399 11.89 -35.37 3.67
N LEU A 400 12.29 -34.75 2.56
CA LEU A 400 13.59 -35.09 1.98
C LEU A 400 14.74 -34.69 2.88
N ALA A 401 14.58 -33.59 3.62
CA ALA A 401 15.61 -33.15 4.54
C ALA A 401 15.83 -34.11 5.69
N ILE A 402 14.84 -34.91 6.03
CA ILE A 402 15.00 -35.78 7.18
C ILE A 402 16.18 -36.73 7.00
N GLY A 403 16.32 -37.33 5.83
CA GLY A 403 17.42 -38.23 5.61
C GLY A 403 18.75 -37.53 5.57
N LEU A 404 18.80 -36.40 4.88
CA LEU A 404 20.02 -35.63 4.72
C LEU A 404 20.59 -35.00 5.98
N LEU A 405 19.76 -34.45 6.85
CA LEU A 405 20.29 -33.81 8.05
C LEU A 405 20.92 -34.73 9.06
N VAL A 406 20.54 -35.99 9.05
CA VAL A 406 21.09 -36.96 9.98
C VAL A 406 22.56 -37.29 9.71
N ASP A 407 22.96 -37.18 8.47
CA ASP A 407 24.29 -37.59 8.05
C ASP A 407 25.44 -36.94 8.77
N ASP A 408 25.36 -35.64 8.99
CA ASP A 408 26.41 -34.95 9.68
C ASP A 408 26.50 -35.46 11.11
N ALA A 409 25.37 -35.66 11.75
CA ALA A 409 25.32 -36.19 13.10
C ALA A 409 25.89 -37.59 13.15
N ILE A 410 25.59 -38.40 12.15
CA ILE A 410 26.09 -39.75 12.09
C ILE A 410 27.59 -39.83 11.96
N VAL A 411 28.19 -38.96 11.18
CA VAL A 411 29.63 -39.01 11.05
C VAL A 411 30.32 -38.64 12.35
N VAL A 412 29.75 -37.68 13.08
CA VAL A 412 30.34 -37.27 14.35
C VAL A 412 30.26 -38.42 15.33
N VAL A 413 29.09 -39.04 15.39
CA VAL A 413 28.94 -40.12 16.35
C VAL A 413 29.89 -41.25 16.02
N GLU A 414 30.01 -41.59 14.73
CA GLU A 414 30.89 -42.66 14.34
C GLU A 414 32.34 -42.34 14.71
N ASN A 415 32.77 -41.14 14.44
CA ASN A 415 34.13 -40.79 14.74
C ASN A 415 34.37 -40.71 16.23
N VAL A 416 33.39 -40.25 17.00
CA VAL A 416 33.63 -40.22 18.42
C VAL A 416 33.77 -41.62 18.93
N GLU A 417 32.90 -42.51 18.51
CA GLU A 417 32.96 -43.88 18.94
C GLU A 417 34.23 -44.57 18.48
N ARG A 418 34.61 -44.33 17.23
CA ARG A 418 35.76 -45.00 16.67
C ARG A 418 37.01 -44.68 17.43
N VAL A 419 37.23 -43.41 17.73
CA VAL A 419 38.39 -43.03 18.49
C VAL A 419 38.31 -43.58 19.90
N MET A 420 37.09 -43.58 20.44
CA MET A 420 36.87 -44.05 21.79
C MET A 420 37.22 -45.52 21.98
N SER A 421 36.85 -46.36 21.03
CA SER A 421 37.16 -47.79 21.17
C SER A 421 38.64 -48.13 21.05
N GLU A 422 39.31 -47.57 20.05
CA GLU A 422 40.73 -47.86 19.83
C GLU A 422 41.69 -47.36 20.90
N ASP A 423 41.52 -46.12 21.34
CA ASP A 423 42.43 -45.53 22.33
C ASP A 423 41.97 -45.65 23.78
N HIS A 424 40.75 -46.12 24.00
CA HIS A 424 40.21 -46.27 25.36
C HIS A 424 40.34 -44.99 26.18
N THR A 425 39.98 -43.85 25.59
CA THR A 425 40.10 -42.58 26.27
C THR A 425 38.72 -42.03 26.64
N ASP A 426 38.62 -41.34 27.78
CA ASP A 426 37.36 -40.77 28.26
C ASP A 426 36.54 -40.03 27.20
N PRO A 427 35.20 -40.20 27.18
CA PRO A 427 34.35 -39.59 26.14
C PRO A 427 34.56 -38.14 25.76
N VAL A 428 34.98 -37.30 26.66
CA VAL A 428 35.18 -35.89 26.35
C VAL A 428 36.41 -35.70 25.46
N THR A 429 37.54 -36.27 25.86
CA THR A 429 38.76 -36.09 25.09
C THR A 429 38.65 -36.72 23.72
N ALA A 430 37.96 -37.84 23.65
CA ALA A 430 37.72 -38.52 22.41
C ALA A 430 37.02 -37.55 21.49
N THR A 431 35.93 -36.98 21.97
CA THR A 431 35.13 -36.04 21.20
C THR A 431 35.97 -34.85 20.76
N SER A 432 36.79 -34.32 21.67
CA SER A 432 37.59 -33.15 21.35
C SER A 432 38.54 -33.43 20.19
N ARG A 433 39.20 -34.58 20.23
CA ARG A 433 40.08 -34.94 19.12
C ARG A 433 39.29 -35.15 17.83
N SER A 434 38.16 -35.86 17.92
CA SER A 434 37.43 -36.26 16.74
C SER A 434 36.86 -35.06 15.99
N MET A 435 36.35 -34.08 16.72
CA MET A 435 35.84 -32.89 16.04
C MET A 435 36.96 -32.17 15.30
N GLN A 436 38.12 -32.01 15.96
CA GLN A 436 39.22 -31.35 15.31
C GLN A 436 39.60 -32.05 14.02
N GLN A 437 39.61 -33.38 14.02
CA GLN A 437 40.04 -34.07 12.81
C GLN A 437 38.95 -34.08 11.74
N ILE A 438 37.67 -34.02 12.11
CA ILE A 438 36.59 -34.24 11.16
C ILE A 438 35.86 -32.96 10.78
N SER A 439 36.28 -31.80 11.27
CA SER A 439 35.54 -30.58 10.96
C SER A 439 35.42 -30.35 9.45
N GLY A 440 36.50 -30.55 8.70
CA GLY A 440 36.52 -30.12 7.30
C GLY A 440 35.58 -30.91 6.41
N ALA A 441 35.52 -32.23 6.60
CA ALA A 441 34.68 -33.06 5.74
C ALA A 441 33.23 -32.61 5.81
N LEU A 442 32.78 -32.24 7.00
CA LEU A 442 31.40 -31.80 7.18
C LEU A 442 31.10 -30.61 6.28
N VAL A 443 31.93 -29.58 6.35
CA VAL A 443 31.65 -28.37 5.60
C VAL A 443 31.77 -28.62 4.12
N GLY A 444 32.72 -29.48 3.71
CA GLY A 444 32.84 -29.79 2.30
C GLY A 444 31.61 -30.50 1.77
N ILE A 445 31.14 -31.49 2.50
CA ILE A 445 29.94 -32.22 2.09
C ILE A 445 28.76 -31.26 2.02
N THR A 446 28.61 -30.42 3.04
CA THR A 446 27.47 -29.50 3.07
C THR A 446 27.55 -28.53 1.90
N SER A 447 28.76 -28.11 1.53
CA SER A 447 28.90 -27.20 0.41
C SER A 447 28.42 -27.86 -0.87
N VAL A 448 28.90 -29.08 -1.15
CA VAL A 448 28.48 -29.74 -2.38
C VAL A 448 26.98 -29.99 -2.34
N LEU A 449 26.46 -30.35 -1.17
CA LEU A 449 25.04 -30.65 -1.08
C LEU A 449 24.20 -29.41 -1.32
N THR A 450 24.68 -28.24 -0.90
CA THR A 450 23.92 -27.02 -1.14
C THR A 450 24.09 -26.51 -2.57
N ALA A 451 25.23 -26.79 -3.20
CA ALA A 451 25.50 -26.25 -4.52
C ALA A 451 24.48 -26.71 -5.54
N VAL A 452 23.94 -27.93 -5.37
CA VAL A 452 23.02 -28.47 -6.35
C VAL A 452 21.75 -27.65 -6.39
N PHE A 453 21.29 -27.18 -5.23
CA PHE A 453 20.02 -26.47 -5.12
C PHE A 453 20.15 -24.96 -5.22
N VAL A 454 21.32 -24.39 -4.93
CA VAL A 454 21.43 -22.92 -4.90
C VAL A 454 20.96 -22.30 -6.21
N PRO A 455 21.25 -22.85 -7.39
CA PRO A 455 20.73 -22.23 -8.63
C PRO A 455 19.21 -22.16 -8.69
N MET A 456 18.51 -23.15 -8.15
CA MET A 456 17.06 -23.29 -8.33
C MET A 456 16.28 -22.10 -7.80
N ALA A 457 16.87 -21.32 -6.91
CA ALA A 457 16.13 -20.23 -6.27
C ALA A 457 16.00 -19.01 -7.18
N PHE A 458 16.72 -18.98 -8.29
CA PHE A 458 16.88 -17.75 -9.06
C PHE A 458 16.00 -17.64 -10.30
N PHE A 459 15.17 -18.64 -10.61
CA PHE A 459 14.56 -18.66 -11.94
C PHE A 459 13.43 -17.66 -12.07
N GLY A 460 12.52 -17.62 -11.12
CA GLY A 460 11.45 -16.64 -11.17
C GLY A 460 10.33 -17.06 -12.11
N GLY A 461 9.29 -16.23 -12.11
CA GLY A 461 8.04 -16.60 -12.73
C GLY A 461 7.18 -17.40 -11.78
N THR A 462 6.07 -17.90 -12.32
CA THR A 462 5.16 -18.69 -11.50
C THR A 462 5.83 -19.95 -10.99
N THR A 463 6.61 -20.62 -11.84
CA THR A 463 7.37 -21.78 -11.41
C THR A 463 8.55 -21.37 -10.54
N GLY A 464 8.97 -20.12 -10.63
CA GLY A 464 10.05 -19.66 -9.80
C GLY A 464 9.71 -19.69 -8.33
N VAL A 465 8.49 -19.29 -7.97
CA VAL A 465 8.08 -19.35 -6.56
C VAL A 465 8.11 -20.79 -6.07
N ILE A 466 7.69 -21.74 -6.91
CA ILE A 466 7.70 -23.15 -6.54
C ILE A 466 9.13 -23.60 -6.25
N TYR A 467 9.98 -23.48 -7.27
CA TYR A 467 11.38 -23.85 -7.13
C TYR A 467 11.99 -23.18 -5.92
N ARG A 468 11.72 -21.90 -5.72
CA ARG A 468 12.37 -21.15 -4.65
C ARG A 468 11.97 -21.66 -3.29
N GLN A 469 10.67 -21.83 -3.05
CA GLN A 469 10.25 -22.24 -1.72
C GLN A 469 10.86 -23.60 -1.38
N PHE A 470 10.76 -24.56 -2.33
CA PHE A 470 11.35 -25.87 -2.09
C PHE A 470 12.85 -25.77 -1.84
N SER A 471 13.56 -25.08 -2.71
CA SER A 471 15.02 -25.03 -2.65
C SER A 471 15.51 -24.31 -1.42
N ILE A 472 14.89 -23.18 -1.08
CA ILE A 472 15.33 -22.40 0.06
C ILE A 472 15.06 -23.14 1.36
N THR A 473 13.92 -23.85 1.46
CA THR A 473 13.72 -24.63 2.67
C THR A 473 14.79 -25.70 2.80
N LEU A 474 15.13 -26.39 1.70
CA LEU A 474 16.13 -27.44 1.81
C LEU A 474 17.52 -26.87 2.13
N VAL A 475 17.88 -25.74 1.54
CA VAL A 475 19.16 -25.10 1.81
C VAL A 475 19.26 -24.67 3.26
N THR A 476 18.18 -24.09 3.79
CA THR A 476 18.13 -23.74 5.21
C THR A 476 18.33 -24.97 6.07
N ALA A 477 17.65 -26.07 5.76
CA ALA A 477 17.83 -27.29 6.53
C ALA A 477 19.28 -27.76 6.48
N MET A 478 19.91 -27.70 5.31
CA MET A 478 21.30 -28.13 5.18
C MET A 478 22.23 -27.32 6.08
N VAL A 479 22.08 -26.00 6.05
CA VAL A 479 22.97 -25.17 6.86
C VAL A 479 22.70 -25.37 8.35
N LEU A 480 21.42 -25.52 8.70
CA LEU A 480 21.10 -25.73 10.10
C LEU A 480 21.72 -27.00 10.60
N SER A 481 21.65 -28.07 9.81
CA SER A 481 22.23 -29.32 10.21
C SER A 481 23.73 -29.20 10.37
N LEU A 482 24.38 -28.42 9.49
CA LEU A 482 25.81 -28.17 9.66
C LEU A 482 26.09 -27.57 11.03
N ILE A 483 25.36 -26.51 11.37
CA ILE A 483 25.60 -25.83 12.65
C ILE A 483 25.33 -26.77 13.82
N VAL A 484 24.25 -27.54 13.73
CA VAL A 484 23.87 -28.45 14.79
C VAL A 484 24.95 -29.49 14.99
N ALA A 485 25.50 -30.02 13.90
CA ALA A 485 26.58 -30.99 14.01
C ALA A 485 27.81 -30.38 14.62
N LEU A 486 28.06 -29.09 14.37
CA LEU A 486 29.26 -28.47 14.90
C LEU A 486 29.15 -28.20 16.40
N THR A 487 27.96 -27.84 16.88
CA THR A 487 27.80 -27.44 18.28
C THR A 487 27.05 -28.47 19.13
N PHE A 488 25.82 -28.81 18.75
CA PHE A 488 24.95 -29.54 19.66
C PHE A 488 25.37 -31.01 19.76
N THR A 489 25.74 -31.65 18.65
CA THR A 489 26.02 -33.08 18.74
C THR A 489 27.35 -33.36 19.43
N PRO A 490 28.41 -32.57 19.24
CA PRO A 490 29.64 -32.85 19.99
C PRO A 490 29.45 -32.77 21.49
N ALA A 491 28.68 -31.78 21.97
CA ALA A 491 28.36 -31.72 23.39
C ALA A 491 27.54 -32.94 23.81
N LEU A 492 26.61 -33.36 22.97
CA LEU A 492 25.81 -34.55 23.28
C LEU A 492 26.68 -35.79 23.38
N CYS A 493 27.69 -35.91 22.51
CA CYS A 493 28.57 -37.07 22.58
C CYS A 493 29.45 -37.02 23.81
N ALA A 494 29.98 -35.83 24.12
CA ALA A 494 30.81 -35.70 25.31
C ALA A 494 30.04 -36.05 26.56
N THR A 495 28.77 -35.65 26.62
CA THR A 495 27.96 -35.87 27.80
C THR A 495 27.36 -37.27 27.85
N ILE A 496 26.91 -37.82 26.72
CA ILE A 496 26.04 -38.99 26.70
C ILE A 496 26.76 -40.27 26.27
N LEU A 497 27.98 -40.21 25.76
CA LEU A 497 28.61 -41.47 25.38
C LEU A 497 29.37 -42.03 26.56
N LYS A 498 29.43 -43.35 26.70
CA LYS A 498 30.10 -43.99 27.85
C LYS A 498 31.41 -44.64 27.47
N GLN A 499 32.41 -44.59 28.35
CA GLN A 499 33.74 -45.10 28.05
C GLN A 499 33.78 -46.60 27.70
N HIS A 500 34.60 -46.97 26.71
CA HIS A 500 34.70 -48.36 26.28
C HIS A 500 35.45 -49.17 27.35
N ASP A 501 35.14 -50.45 27.48
CA ASP A 501 35.77 -51.27 28.51
C ASP A 501 36.47 -52.46 27.85
N PRO A 502 37.79 -52.61 28.02
CA PRO A 502 38.47 -53.80 27.47
C PRO A 502 38.34 -55.00 28.39
N ASN A 503 37.14 -55.57 28.45
CA ASN A 503 36.86 -56.70 29.32
C ASN A 503 35.91 -57.66 28.61
N LYS A 504 35.89 -58.90 29.11
CA LYS A 504 35.06 -59.96 28.55
C LYS A 504 33.63 -59.76 29.07
N GLU A 505 32.93 -58.80 28.46
CA GLU A 505 31.55 -58.50 28.83
C GLU A 505 30.60 -58.61 27.62
N PRO A 506 30.78 -59.62 26.75
CA PRO A 506 29.70 -59.93 25.81
C PRO A 506 28.70 -60.89 26.41
N SER A 507 27.43 -60.50 26.46
CA SER A 507 26.37 -61.33 27.01
C SER A 507 25.55 -61.89 25.86
N ASN A 508 25.56 -63.21 25.70
CA ASN A 508 24.77 -63.83 24.64
C ASN A 508 23.30 -63.64 24.95
N ASN A 509 22.58 -63.01 24.04
CA ASN A 509 21.16 -62.74 24.23
C ASN A 509 20.54 -62.61 22.85
N ILE A 510 19.23 -62.88 22.79
CA ILE A 510 18.50 -62.75 21.53
C ILE A 510 18.64 -61.33 21.00
N PHE A 511 18.49 -60.34 21.89
CA PHE A 511 18.64 -58.95 21.46
C PHE A 511 20.08 -58.66 21.04
N ALA A 512 21.06 -59.33 21.65
CA ALA A 512 22.46 -59.00 21.42
C ALA A 512 23.05 -59.75 20.23
N ARG A 513 22.81 -61.06 20.14
CA ARG A 513 23.47 -61.88 19.12
C ARG A 513 23.07 -61.48 17.71
N PHE A 514 21.88 -60.90 17.54
CA PHE A 514 21.48 -60.39 16.25
C PHE A 514 22.56 -59.51 15.66
N PHE A 515 23.12 -58.63 16.49
CA PHE A 515 24.08 -57.65 16.01
C PHE A 515 25.39 -58.31 15.61
N ARG A 516 25.84 -59.30 16.38
CA ARG A 516 27.05 -60.02 16.02
C ARG A 516 26.89 -60.72 14.69
N SER A 517 25.77 -61.41 14.50
CA SER A 517 25.53 -62.10 13.23
C SER A 517 25.47 -61.11 12.08
N PHE A 518 24.78 -59.99 12.28
CA PHE A 518 24.69 -58.96 11.26
C PHE A 518 26.07 -58.43 10.89
N ASN A 519 26.90 -58.20 11.90
CA ASN A 519 28.25 -57.70 11.64
C ASN A 519 29.06 -58.70 10.81
N ASN A 520 29.01 -59.98 11.17
CA ASN A 520 29.75 -60.97 10.39
C ASN A 520 29.27 -60.99 8.94
N GLY A 521 27.95 -61.00 8.75
CA GLY A 521 27.41 -61.04 7.39
C GLY A 521 27.85 -59.84 6.58
N PHE A 522 27.73 -58.65 7.15
CA PHE A 522 28.14 -57.45 6.42
C PHE A 522 29.63 -57.45 6.16
N ASP A 523 30.42 -57.97 7.11
CA ASP A 523 31.86 -58.03 6.92
C ASP A 523 32.23 -58.86 5.70
N ARG A 524 31.58 -60.01 5.53
CA ARG A 524 31.91 -60.81 4.34
C ARG A 524 31.28 -60.23 3.07
N MET A 525 30.12 -59.58 3.20
CA MET A 525 29.52 -58.92 2.04
C MET A 525 30.45 -57.86 1.50
N SER A 526 31.18 -57.18 2.39
CA SER A 526 32.14 -56.18 1.94
C SER A 526 33.23 -56.82 1.08
N HIS A 527 33.71 -58.00 1.49
CA HIS A 527 34.69 -58.70 0.67
C HIS A 527 34.12 -59.04 -0.70
N SER A 528 32.87 -59.51 -0.73
CA SER A 528 32.26 -59.80 -2.03
C SER A 528 32.20 -58.56 -2.90
N TYR A 529 31.82 -57.42 -2.32
CA TYR A 529 31.79 -56.18 -3.08
C TYR A 529 33.16 -55.82 -3.62
N GLN A 530 34.20 -55.96 -2.79
CA GLN A 530 35.54 -55.63 -3.25
C GLN A 530 35.94 -56.52 -4.42
N ASN A 531 35.62 -57.81 -4.36
CA ASN A 531 35.94 -58.69 -5.47
C ASN A 531 35.23 -58.25 -6.74
N GLY A 532 33.94 -57.92 -6.63
CA GLY A 532 33.22 -57.42 -7.79
C GLY A 532 33.85 -56.16 -8.36
N VAL A 533 34.30 -55.26 -7.48
CA VAL A 533 34.94 -54.03 -7.95
C VAL A 533 36.21 -54.37 -8.71
N SER A 534 37.00 -55.32 -8.19
CA SER A 534 38.24 -55.67 -8.86
C SER A 534 37.96 -56.23 -10.25
N ARG A 535 36.98 -57.12 -10.36
CA ARG A 535 36.64 -57.67 -11.68
C ARG A 535 36.14 -56.57 -12.60
N MET A 536 35.40 -55.59 -12.07
CA MET A 536 34.99 -54.46 -12.88
C MET A 536 36.19 -53.68 -13.40
N LEU A 537 37.16 -53.41 -12.53
CA LEU A 537 38.31 -52.61 -12.94
C LEU A 537 39.11 -53.31 -14.02
N LYS A 538 39.33 -54.63 -13.87
CA LYS A 538 40.11 -55.34 -14.89
C LYS A 538 39.41 -55.31 -16.24
N GLY A 539 38.09 -55.44 -16.25
CA GLY A 539 37.32 -55.46 -17.49
C GLY A 539 36.97 -54.08 -18.02
N LYS A 540 37.94 -53.41 -18.62
CA LYS A 540 37.71 -52.04 -19.10
C LYS A 540 36.57 -52.00 -20.11
N ILE A 541 36.63 -52.86 -21.13
CA ILE A 541 35.65 -52.82 -22.22
C ILE A 541 34.25 -53.07 -21.67
N PHE A 542 34.11 -54.05 -20.78
CA PHE A 542 32.80 -54.40 -20.26
C PHE A 542 32.19 -53.24 -19.48
N SER A 543 32.98 -52.61 -18.62
CA SER A 543 32.47 -51.49 -17.85
C SER A 543 32.08 -50.34 -18.77
N GLY A 544 32.92 -50.05 -19.77
CA GLY A 544 32.59 -48.97 -20.69
C GLY A 544 31.28 -49.22 -21.41
N VAL A 545 31.11 -50.42 -21.94
CA VAL A 545 29.88 -50.72 -22.69
C VAL A 545 28.67 -50.69 -21.77
N LEU A 546 28.83 -51.19 -20.54
CA LEU A 546 27.70 -51.18 -19.61
C LEU A 546 27.25 -49.75 -19.33
N TYR A 547 28.21 -48.86 -19.04
CA TYR A 547 27.86 -47.46 -18.78
C TYR A 547 27.24 -46.80 -20.00
N ALA A 548 27.76 -47.11 -21.19
CA ALA A 548 27.18 -46.55 -22.41
C ALA A 548 25.74 -46.99 -22.59
N VAL A 549 25.47 -48.28 -22.36
CA VAL A 549 24.11 -48.77 -22.46
C VAL A 549 23.23 -48.11 -21.41
N VAL A 550 23.79 -47.84 -20.23
CA VAL A 550 23.00 -47.19 -19.18
C VAL A 550 22.55 -45.82 -19.62
N VAL A 551 23.48 -45.02 -20.15
CA VAL A 551 23.09 -43.69 -20.59
C VAL A 551 22.12 -43.77 -21.75
N ALA A 552 22.32 -44.73 -22.65
CA ALA A 552 21.41 -44.88 -23.78
C ALA A 552 20.00 -45.21 -23.32
N LEU A 553 19.87 -46.14 -22.37
CA LEU A 553 18.55 -46.50 -21.87
C LEU A 553 17.90 -45.31 -21.17
N LEU A 554 18.70 -44.54 -20.44
CA LEU A 554 18.18 -43.32 -19.83
C LEU A 554 17.57 -42.40 -20.88
N VAL A 555 18.33 -42.12 -21.94
CA VAL A 555 17.83 -41.16 -22.93
C VAL A 555 16.61 -41.72 -23.65
N PHE A 556 16.59 -43.04 -23.88
CA PHE A 556 15.42 -43.64 -24.52
C PHE A 556 14.18 -43.48 -23.67
N LEU A 557 14.29 -43.73 -22.36
CA LEU A 557 13.11 -43.65 -21.51
C LEU A 557 12.71 -42.22 -21.18
N PHE A 558 13.60 -41.25 -21.34
CA PHE A 558 13.21 -39.88 -21.03
C PHE A 558 12.08 -39.41 -21.95
N GLN A 559 12.12 -39.83 -23.22
CA GLN A 559 11.06 -39.45 -24.14
C GLN A 559 9.73 -40.10 -23.76
N LYS A 560 9.76 -41.31 -23.23
CA LYS A 560 8.52 -42.08 -23.09
C LYS A 560 7.57 -41.44 -22.08
N LEU A 561 8.10 -40.93 -20.97
CA LEU A 561 7.22 -40.26 -20.02
C LEU A 561 6.61 -39.03 -20.68
N PRO A 562 5.30 -38.84 -20.59
CA PRO A 562 4.72 -37.56 -21.00
C PRO A 562 5.04 -36.47 -19.99
N SER A 563 4.65 -35.24 -20.32
CA SER A 563 5.00 -34.08 -19.53
C SER A 563 3.77 -33.24 -19.25
N SER A 564 3.65 -32.76 -18.02
CA SER A 564 2.54 -31.93 -17.60
C SER A 564 3.04 -30.99 -16.51
N PHE A 565 2.27 -29.95 -16.25
CA PHE A 565 2.63 -29.04 -15.16
C PHE A 565 2.47 -29.72 -13.81
N LEU A 566 1.26 -30.19 -13.50
CA LEU A 566 0.92 -30.71 -12.20
C LEU A 566 0.04 -31.93 -12.36
N PRO A 567 0.05 -32.84 -11.39
CA PRO A 567 -0.84 -34.00 -11.46
C PRO A 567 -2.29 -33.65 -11.19
N GLU A 568 -3.17 -34.55 -11.62
CA GLU A 568 -4.58 -34.45 -11.33
C GLU A 568 -4.87 -35.18 -10.04
N GLU A 569 -5.44 -34.47 -9.07
CA GLU A 569 -5.78 -35.03 -7.78
C GLU A 569 -7.29 -35.06 -7.65
N ASP A 570 -7.83 -36.20 -7.25
CA ASP A 570 -9.20 -36.22 -6.80
C ASP A 570 -9.35 -35.25 -5.64
N GLN A 571 -10.32 -34.34 -5.75
CA GLN A 571 -10.57 -33.36 -4.71
C GLN A 571 -11.89 -33.60 -3.98
N GLY A 572 -12.56 -34.71 -4.24
CA GLY A 572 -13.75 -35.06 -3.48
C GLY A 572 -15.02 -34.35 -3.90
N VAL A 573 -14.98 -33.56 -4.96
CA VAL A 573 -16.17 -32.85 -5.44
C VAL A 573 -16.32 -33.09 -6.93
N VAL A 574 -17.54 -32.98 -7.40
CA VAL A 574 -17.87 -33.07 -8.81
C VAL A 574 -18.85 -31.94 -9.13
N MET A 575 -18.61 -31.24 -10.23
CA MET A 575 -19.58 -30.30 -10.79
C MET A 575 -20.16 -30.86 -12.07
N THR A 576 -21.46 -30.66 -12.26
CA THR A 576 -22.16 -31.16 -13.44
C THR A 576 -22.88 -30.00 -14.13
N LEU A 577 -22.73 -29.90 -15.44
CA LEU A 577 -23.38 -28.90 -16.26
C LEU A 577 -24.56 -29.53 -16.99
N VAL A 578 -25.65 -28.79 -17.08
CA VAL A 578 -26.86 -29.25 -17.76
C VAL A 578 -27.27 -28.20 -18.78
N GLN A 579 -27.48 -28.64 -20.01
CA GLN A 579 -27.94 -27.79 -21.10
C GLN A 579 -29.14 -28.44 -21.77
N LEU A 580 -30.07 -27.63 -22.20
CA LEU A 580 -31.27 -28.06 -22.91
C LEU A 580 -31.41 -27.25 -24.18
N PRO A 581 -32.18 -27.72 -25.14
CA PRO A 581 -32.23 -27.06 -26.45
C PRO A 581 -32.71 -25.63 -26.33
N PRO A 582 -32.45 -24.81 -27.35
CA PRO A 582 -32.85 -23.39 -27.28
C PRO A 582 -34.34 -23.20 -27.07
N ASN A 583 -34.67 -22.16 -26.30
CA ASN A 583 -36.04 -21.76 -25.96
C ASN A 583 -36.70 -22.69 -24.97
N ALA A 584 -35.93 -23.51 -24.28
CA ALA A 584 -36.49 -24.46 -23.34
C ALA A 584 -36.90 -23.77 -22.03
N THR A 585 -37.97 -24.27 -21.43
CA THR A 585 -38.57 -23.67 -20.25
C THR A 585 -37.90 -24.15 -18.97
N LEU A 586 -38.16 -23.44 -17.88
CA LEU A 586 -37.63 -23.82 -16.57
C LEU A 586 -38.15 -25.19 -16.13
N ASP A 587 -39.41 -25.50 -16.46
CA ASP A 587 -40.01 -26.77 -16.05
C ASP A 587 -39.28 -27.96 -16.67
N ARG A 588 -38.97 -27.88 -17.96
CA ARG A 588 -38.28 -28.99 -18.62
C ARG A 588 -36.89 -29.18 -18.05
N THR A 589 -36.18 -28.07 -17.85
CA THR A 589 -34.89 -28.10 -17.17
C THR A 589 -35.01 -28.77 -15.82
N GLY A 590 -36.05 -28.44 -15.06
CA GLY A 590 -36.21 -29.01 -13.73
C GLY A 590 -36.41 -30.51 -13.79
N LYS A 591 -37.16 -30.99 -14.77
CA LYS A 591 -37.37 -32.43 -14.89
C LYS A 591 -36.06 -33.15 -15.22
N VAL A 592 -35.28 -32.59 -16.15
CA VAL A 592 -33.96 -33.16 -16.43
C VAL A 592 -33.10 -33.16 -15.17
N ILE A 593 -33.19 -32.10 -14.37
CA ILE A 593 -32.42 -32.00 -13.13
C ILE A 593 -32.84 -33.11 -12.17
N ASP A 594 -34.13 -33.37 -12.07
CA ASP A 594 -34.61 -34.44 -11.19
C ASP A 594 -34.08 -35.79 -11.64
N THR A 595 -34.05 -36.02 -12.95
CA THR A 595 -33.50 -37.28 -13.45
C THR A 595 -32.04 -37.43 -13.05
N MET A 596 -31.24 -36.39 -13.29
CA MET A 596 -29.83 -36.41 -12.89
C MET A 596 -29.67 -36.61 -11.39
N THR A 597 -30.57 -36.00 -10.62
CA THR A 597 -30.48 -36.11 -9.17
C THR A 597 -30.76 -37.52 -8.69
N ASN A 598 -31.80 -38.16 -9.22
CA ASN A 598 -32.03 -39.55 -8.84
C ASN A 598 -30.81 -40.40 -9.22
N PHE A 599 -30.29 -40.20 -10.43
CA PHE A 599 -29.13 -40.97 -10.84
C PHE A 599 -28.01 -40.88 -9.82
N PHE A 600 -27.63 -39.65 -9.44
CA PHE A 600 -26.53 -39.50 -8.49
C PHE A 600 -26.89 -40.03 -7.12
N MET A 601 -28.11 -39.79 -6.66
CA MET A 601 -28.51 -40.24 -5.33
C MET A 601 -28.56 -41.75 -5.25
N ASN A 602 -28.51 -42.42 -6.39
CA ASN A 602 -28.43 -43.88 -6.39
C ASN A 602 -27.01 -44.42 -6.38
N GLU A 603 -25.99 -43.57 -6.45
CA GLU A 603 -24.59 -44.04 -6.44
C GLU A 603 -24.09 -44.07 -5.00
N LYS A 604 -24.65 -45.01 -4.23
CA LYS A 604 -24.54 -44.97 -2.78
C LYS A 604 -23.09 -45.04 -2.31
N ASP A 605 -22.29 -45.92 -2.88
CA ASP A 605 -20.93 -46.04 -2.42
C ASP A 605 -20.03 -44.86 -2.70
N THR A 606 -20.28 -44.11 -3.77
CA THR A 606 -19.39 -43.03 -4.07
C THR A 606 -19.82 -41.63 -3.72
N VAL A 607 -21.12 -41.40 -3.66
CA VAL A 607 -21.62 -40.03 -3.51
C VAL A 607 -22.29 -39.86 -2.15
N GLU A 608 -22.21 -38.64 -1.63
CA GLU A 608 -22.83 -38.26 -0.36
C GLU A 608 -24.08 -37.41 -0.56
N SER A 609 -24.03 -36.42 -1.44
CA SER A 609 -25.11 -35.45 -1.56
C SER A 609 -24.95 -34.69 -2.86
N ILE A 610 -26.03 -34.05 -3.29
CA ILE A 610 -26.05 -33.25 -4.50
C ILE A 610 -26.95 -32.04 -4.27
N PHE A 611 -26.46 -30.86 -4.64
CA PHE A 611 -27.21 -29.62 -4.59
C PHE A 611 -27.30 -29.06 -6.00
N THR A 612 -28.52 -28.81 -6.48
CA THR A 612 -28.75 -28.40 -7.85
C THR A 612 -29.46 -27.07 -7.90
N VAL A 613 -29.12 -26.27 -8.91
CA VAL A 613 -29.84 -25.06 -9.28
C VAL A 613 -30.23 -25.18 -10.75
N SER A 614 -31.52 -25.25 -11.02
CA SER A 614 -32.00 -25.19 -12.38
C SER A 614 -32.25 -23.72 -12.74
N GLY A 615 -31.57 -23.26 -13.78
CA GLY A 615 -31.57 -21.86 -14.14
C GLY A 615 -30.24 -21.16 -13.96
N PHE A 616 -29.26 -21.80 -13.32
CA PHE A 616 -27.93 -21.23 -13.16
C PHE A 616 -26.91 -22.19 -13.76
N SER A 617 -25.97 -21.63 -14.50
CA SER A 617 -24.78 -22.35 -14.93
C SER A 617 -23.65 -21.34 -15.09
N PHE A 618 -22.42 -21.84 -15.06
CA PHE A 618 -21.26 -20.99 -15.34
C PHE A 618 -21.15 -20.65 -16.81
N THR A 619 -21.96 -21.25 -17.67
CA THR A 619 -22.04 -20.89 -19.08
C THR A 619 -23.12 -19.87 -19.38
N GLY A 620 -23.79 -19.35 -18.36
CA GLY A 620 -24.83 -18.35 -18.55
C GLY A 620 -26.10 -18.66 -17.79
N VAL A 621 -26.75 -17.61 -17.31
CA VAL A 621 -28.03 -17.71 -16.63
C VAL A 621 -29.13 -17.70 -17.68
N GLY A 622 -29.91 -18.78 -17.73
CA GLY A 622 -31.07 -18.84 -18.59
C GLY A 622 -31.94 -19.98 -18.16
N GLN A 623 -33.20 -19.93 -18.60
CA GLN A 623 -34.16 -20.94 -18.15
C GLN A 623 -33.79 -22.34 -18.59
N ASN A 624 -32.87 -22.50 -19.54
CA ASN A 624 -32.55 -23.81 -20.08
C ASN A 624 -31.21 -24.35 -19.57
N ALA A 625 -30.67 -23.79 -18.50
CA ALA A 625 -29.38 -24.17 -17.96
C ALA A 625 -29.53 -24.58 -16.51
N GLY A 626 -28.72 -25.55 -16.10
CA GLY A 626 -28.71 -26.02 -14.72
C GLY A 626 -27.32 -26.52 -14.36
N ILE A 627 -27.09 -26.64 -13.07
CA ILE A 627 -25.81 -27.10 -12.53
C ILE A 627 -26.09 -28.07 -11.39
N GLY A 628 -25.11 -28.95 -11.13
CA GLY A 628 -25.14 -29.81 -9.98
C GLY A 628 -23.81 -29.86 -9.24
N PHE A 629 -23.83 -29.57 -7.94
CA PHE A 629 -22.67 -29.69 -7.08
C PHE A 629 -22.79 -31.01 -6.32
N VAL A 630 -21.87 -31.93 -6.58
CA VAL A 630 -21.99 -33.30 -6.09
C VAL A 630 -20.83 -33.59 -5.15
N LYS A 631 -21.14 -33.88 -3.90
CA LYS A 631 -20.13 -34.20 -2.89
C LYS A 631 -19.92 -35.70 -2.84
N LEU A 632 -18.66 -36.12 -2.86
CA LEU A 632 -18.32 -37.53 -2.76
C LEU A 632 -18.04 -37.91 -1.32
N LYS A 633 -18.27 -39.18 -1.01
CA LYS A 633 -17.90 -39.72 0.29
C LYS A 633 -16.40 -39.60 0.49
N ASP A 634 -15.98 -39.71 1.73
CA ASP A 634 -14.59 -39.44 2.07
C ASP A 634 -13.66 -40.44 1.38
N TRP A 635 -12.45 -39.96 1.08
CA TRP A 635 -11.47 -40.79 0.41
C TRP A 635 -11.29 -42.12 1.13
N SER A 636 -11.26 -42.07 2.46
CA SER A 636 -11.11 -43.30 3.23
C SER A 636 -12.16 -44.33 2.87
N LYS A 637 -13.40 -43.89 2.71
CA LYS A 637 -14.52 -44.78 2.47
C LYS A 637 -14.59 -45.25 1.02
N ARG A 638 -13.67 -44.81 0.15
CA ARG A 638 -13.68 -45.15 -1.27
C ARG A 638 -12.30 -45.68 -1.67
N THR A 639 -12.08 -46.99 -1.52
CA THR A 639 -10.80 -47.61 -1.91
C THR A 639 -10.89 -48.50 -3.14
N THR A 640 -12.04 -48.98 -3.56
CA THR A 640 -12.16 -49.85 -4.73
C THR A 640 -12.02 -49.04 -6.02
N PRO A 641 -11.64 -49.68 -7.15
CA PRO A 641 -11.55 -48.84 -8.35
C PRO A 641 -12.87 -48.24 -8.84
N GLU A 642 -13.96 -48.92 -8.60
CA GLU A 642 -15.23 -48.42 -9.02
C GLU A 642 -15.55 -47.11 -8.32
N THR A 643 -15.25 -46.97 -7.04
CA THR A 643 -15.54 -45.71 -6.37
C THR A 643 -14.41 -44.68 -6.39
N GLN A 644 -13.97 -44.31 -7.57
CA GLN A 644 -12.93 -43.31 -7.80
C GLN A 644 -13.60 -42.28 -8.67
N ILE A 645 -13.10 -41.05 -8.60
CA ILE A 645 -13.74 -39.93 -9.24
C ILE A 645 -13.84 -40.15 -10.75
N GLY A 646 -12.81 -40.74 -11.35
CA GLY A 646 -12.86 -40.99 -12.79
C GLY A 646 -13.92 -42.00 -13.17
N SER A 647 -14.04 -43.03 -12.38
CA SER A 647 -14.97 -44.08 -12.66
C SER A 647 -16.39 -43.55 -12.56
N LEU A 648 -16.63 -42.65 -11.61
CA LEU A 648 -17.92 -42.04 -11.46
C LEU A 648 -18.22 -41.10 -12.63
N ILE A 649 -17.25 -40.32 -13.06
CA ILE A 649 -17.49 -39.41 -14.17
C ILE A 649 -17.83 -40.20 -15.43
N GLN A 650 -17.10 -41.27 -15.70
CA GLN A 650 -17.41 -42.08 -16.87
C GLN A 650 -18.80 -42.67 -16.77
N ARG A 651 -19.12 -43.10 -15.57
CA ARG A 651 -20.41 -43.66 -15.33
C ARG A 651 -21.46 -42.64 -15.68
N GLY A 652 -21.36 -41.33 -15.25
CA GLY A 652 -22.30 -40.26 -15.49
C GLY A 652 -22.32 -39.75 -16.91
N MET A 653 -21.22 -39.90 -17.64
CA MET A 653 -21.22 -39.56 -19.05
C MET A 653 -22.14 -40.46 -19.85
N ALA A 654 -22.70 -41.49 -19.22
CA ALA A 654 -23.76 -42.26 -19.85
C ALA A 654 -25.06 -41.49 -19.91
N LEU A 655 -25.31 -40.63 -18.91
CA LEU A 655 -26.59 -39.95 -18.80
C LEU A 655 -27.02 -39.24 -20.09
N ASN A 656 -26.09 -38.99 -21.01
CA ASN A 656 -26.47 -38.26 -22.21
C ASN A 656 -27.42 -39.07 -23.07
N MET A 657 -27.20 -40.37 -23.19
CA MET A 657 -28.12 -41.22 -23.95
C MET A 657 -29.46 -41.35 -23.24
N ILE A 658 -29.46 -41.44 -21.92
CA ILE A 658 -30.70 -41.72 -21.19
C ILE A 658 -31.64 -40.53 -21.22
N ILE A 659 -31.11 -39.32 -21.03
CA ILE A 659 -31.92 -38.11 -20.97
C ILE A 659 -32.06 -37.58 -22.38
N LYS A 660 -33.23 -37.76 -22.98
CA LYS A 660 -33.42 -37.34 -24.36
C LYS A 660 -33.60 -35.83 -24.47
N ASP A 661 -34.16 -35.20 -23.44
CA ASP A 661 -34.47 -33.77 -23.55
C ASP A 661 -33.24 -32.90 -23.37
N ALA A 662 -32.18 -33.41 -22.76
CA ALA A 662 -30.98 -32.60 -22.57
C ALA A 662 -30.19 -32.51 -23.86
N SER A 663 -29.60 -31.35 -24.11
CA SER A 663 -28.61 -31.25 -25.18
C SER A 663 -27.29 -31.89 -24.76
N TYR A 664 -26.87 -31.69 -23.51
CA TYR A 664 -25.77 -32.45 -22.96
C TYR A 664 -25.83 -32.41 -21.45
N VAL A 665 -25.09 -33.33 -20.83
CA VAL A 665 -24.93 -33.40 -19.38
C VAL A 665 -23.51 -33.82 -19.08
N MET A 666 -22.65 -32.87 -18.70
CA MET A 666 -21.23 -33.14 -18.58
C MET A 666 -20.77 -33.10 -17.14
N PRO A 667 -20.49 -34.24 -16.52
CA PRO A 667 -19.71 -34.24 -15.27
C PRO A 667 -18.31 -33.73 -15.52
N LEU A 668 -17.77 -33.02 -14.53
CA LEU A 668 -16.45 -32.41 -14.66
C LEU A 668 -15.72 -32.41 -13.32
N GLN A 669 -14.42 -32.19 -13.38
CA GLN A 669 -13.56 -32.14 -12.20
C GLN A 669 -12.89 -30.78 -12.08
N LEU A 670 -12.66 -30.35 -10.85
CA LEU A 670 -12.09 -29.04 -10.61
C LEU A 670 -10.64 -28.99 -11.10
N PRO A 671 -10.16 -27.81 -11.48
CA PRO A 671 -8.80 -27.73 -12.00
C PRO A 671 -7.76 -27.95 -10.91
N ALA A 672 -6.48 -27.83 -11.27
CA ALA A 672 -5.44 -27.98 -10.26
C ALA A 672 -5.60 -26.94 -9.18
N MET A 673 -5.82 -25.69 -9.55
CA MET A 673 -5.92 -24.58 -8.61
C MET A 673 -7.26 -23.91 -8.80
N PRO A 674 -8.28 -24.31 -8.04
CA PRO A 674 -9.64 -23.83 -8.30
C PRO A 674 -9.81 -22.33 -8.23
N GLU A 675 -8.94 -21.60 -7.52
CA GLU A 675 -9.07 -20.15 -7.51
C GLU A 675 -8.96 -19.56 -8.91
N LEU A 676 -8.17 -20.19 -9.77
CA LEU A 676 -7.89 -19.59 -11.08
C LEU A 676 -8.99 -19.89 -12.09
N GLY A 677 -9.49 -21.12 -12.13
CA GLY A 677 -10.41 -21.53 -13.17
C GLY A 677 -11.51 -22.43 -12.65
N VAL A 678 -12.60 -22.49 -13.41
CA VAL A 678 -13.74 -23.31 -13.00
C VAL A 678 -13.46 -24.78 -13.24
N THR A 679 -12.92 -25.12 -14.41
CA THR A 679 -12.77 -26.51 -14.78
C THR A 679 -11.40 -26.72 -15.41
N ALA A 680 -10.95 -27.97 -15.37
CA ALA A 680 -9.69 -28.33 -15.97
C ALA A 680 -9.80 -28.34 -17.49
N GLY A 681 -8.61 -28.21 -18.08
CA GLY A 681 -8.45 -28.17 -19.49
C GLY A 681 -7.99 -26.87 -20.07
N PHE A 682 -7.64 -26.88 -21.34
CA PHE A 682 -7.18 -25.67 -22.01
C PHE A 682 -8.30 -24.66 -22.29
N ASN A 683 -7.94 -23.39 -22.30
CA ASN A 683 -8.88 -22.30 -22.48
C ASN A 683 -8.49 -21.36 -23.62
N LEU A 684 -9.28 -21.25 -24.67
CA LEU A 684 -8.92 -20.39 -25.78
C LEU A 684 -10.00 -19.38 -26.12
N GLN A 685 -9.60 -18.23 -26.63
CA GLN A 685 -10.53 -17.23 -26.99
C GLN A 685 -10.42 -16.94 -28.46
N LEU A 686 -11.50 -17.03 -29.21
CA LEU A 686 -11.39 -16.69 -30.61
C LEU A 686 -11.99 -15.29 -30.78
N LYS A 687 -11.17 -14.32 -31.15
CA LYS A 687 -11.61 -12.94 -31.26
C LYS A 687 -12.00 -12.57 -32.66
N ASP A 688 -12.70 -11.46 -32.80
CA ASP A 688 -13.23 -11.01 -34.05
C ASP A 688 -12.86 -9.58 -34.42
N SER A 689 -11.63 -9.37 -34.79
CA SER A 689 -11.20 -8.06 -35.20
C SER A 689 -11.65 -7.80 -36.63
N SER A 690 -11.78 -6.52 -36.99
CA SER A 690 -12.28 -6.02 -38.29
C SER A 690 -13.80 -6.17 -38.47
N GLY A 691 -14.52 -6.36 -37.37
CA GLY A 691 -15.97 -6.37 -37.37
C GLY A 691 -16.76 -7.24 -38.29
N GLN A 692 -16.40 -8.51 -38.42
CA GLN A 692 -17.13 -9.41 -39.26
C GLN A 692 -18.57 -9.61 -38.78
N GLY A 693 -18.83 -9.46 -37.50
CA GLY A 693 -20.17 -9.62 -36.99
C GLY A 693 -20.33 -10.89 -36.17
N HIS A 694 -21.48 -10.99 -35.51
CA HIS A 694 -21.73 -12.12 -34.64
C HIS A 694 -21.89 -13.40 -35.44
N GLU A 695 -22.60 -13.34 -36.56
CA GLU A 695 -22.87 -14.54 -37.34
C GLU A 695 -21.59 -15.11 -37.93
N LYS A 696 -20.73 -14.24 -38.45
CA LYS A 696 -19.45 -14.69 -39.00
C LYS A 696 -18.57 -15.28 -37.91
N LEU A 697 -18.65 -14.69 -36.73
CA LEU A 697 -17.88 -15.12 -35.60
C LEU A 697 -18.29 -16.49 -35.15
N ILE A 698 -19.59 -16.77 -35.21
CA ILE A 698 -20.12 -18.06 -34.82
C ILE A 698 -19.88 -19.09 -35.89
N ALA A 699 -19.95 -18.70 -37.16
CA ALA A 699 -19.61 -19.61 -38.24
C ALA A 699 -18.16 -20.06 -38.15
N ALA A 700 -17.24 -19.13 -37.87
CA ALA A 700 -15.86 -19.50 -37.67
C ALA A 700 -15.71 -20.45 -36.49
N ARG A 701 -16.42 -20.17 -35.40
CA ARG A 701 -16.39 -21.09 -34.28
C ARG A 701 -16.83 -22.48 -34.70
N ASN A 702 -17.89 -22.56 -35.50
CA ASN A 702 -18.40 -23.86 -35.91
C ASN A 702 -17.38 -24.62 -36.73
N THR A 703 -16.71 -23.93 -37.66
CA THR A 703 -15.69 -24.58 -38.45
C THR A 703 -14.55 -25.09 -37.57
N ILE A 704 -14.07 -24.26 -36.65
CA ILE A 704 -12.97 -24.69 -35.78
C ILE A 704 -13.40 -25.90 -34.97
N LEU A 705 -14.61 -25.85 -34.40
CA LEU A 705 -15.10 -26.96 -33.60
C LEU A 705 -15.16 -28.23 -34.42
N GLY A 706 -15.66 -28.14 -35.66
CA GLY A 706 -15.78 -29.32 -36.48
C GLY A 706 -14.43 -29.92 -36.79
N LEU A 707 -13.47 -29.09 -37.17
CA LEU A 707 -12.15 -29.61 -37.48
C LEU A 707 -11.51 -30.24 -36.26
N ALA A 708 -11.80 -29.70 -35.08
CA ALA A 708 -11.23 -30.26 -33.86
C ALA A 708 -11.75 -31.66 -33.59
N SER A 709 -13.06 -31.87 -33.74
CA SER A 709 -13.65 -33.14 -33.30
C SER A 709 -13.04 -34.32 -34.02
N GLN A 710 -12.88 -34.23 -35.34
CA GLN A 710 -12.30 -35.33 -36.09
C GLN A 710 -10.82 -35.48 -35.78
N ASP A 711 -10.13 -34.37 -35.54
CA ASP A 711 -8.70 -34.44 -35.29
C ASP A 711 -8.40 -35.18 -34.00
N LYS A 712 -7.29 -35.92 -34.00
CA LYS A 712 -6.90 -36.71 -32.84
C LYS A 712 -6.07 -35.89 -31.86
N ARG A 713 -5.81 -36.48 -30.69
CA ARG A 713 -5.08 -35.90 -29.58
C ARG A 713 -5.93 -34.94 -28.76
N LEU A 714 -7.17 -34.69 -29.16
CA LEU A 714 -8.04 -33.73 -28.48
C LEU A 714 -9.33 -34.44 -28.12
N VAL A 715 -9.71 -34.39 -26.85
CA VAL A 715 -10.92 -35.00 -26.36
C VAL A 715 -11.72 -33.94 -25.62
N GLY A 716 -12.98 -33.79 -25.97
CA GLY A 716 -13.86 -32.89 -25.25
C GLY A 716 -13.78 -31.44 -25.65
N VAL A 717 -13.30 -31.13 -26.85
CA VAL A 717 -13.28 -29.74 -27.29
C VAL A 717 -14.70 -29.28 -27.55
N ARG A 718 -15.10 -28.19 -26.90
CA ARG A 718 -16.48 -27.77 -26.84
C ARG A 718 -16.54 -26.25 -26.79
N PRO A 719 -17.64 -25.65 -27.21
CA PRO A 719 -17.85 -24.22 -26.95
C PRO A 719 -18.30 -23.98 -25.52
N ASN A 720 -17.85 -22.86 -24.99
CA ASN A 720 -18.12 -22.60 -23.65
C ASN A 720 -18.94 -21.38 -23.48
N GLY A 721 -20.19 -21.30 -24.05
CA GLY A 721 -21.20 -20.27 -23.84
C GLY A 721 -22.57 -20.83 -24.11
N GLN A 722 -23.40 -20.03 -24.76
CA GLN A 722 -24.74 -20.42 -25.15
C GLN A 722 -24.85 -20.42 -26.67
N GLU A 723 -25.86 -21.11 -27.17
CA GLU A 723 -26.19 -21.12 -28.59
C GLU A 723 -27.16 -20.00 -28.93
N ASP A 724 -27.17 -19.60 -30.19
CA ASP A 724 -28.12 -18.60 -30.68
C ASP A 724 -29.46 -19.26 -30.73
N THR A 725 -30.49 -18.49 -30.41
CA THR A 725 -31.85 -18.97 -30.23
C THR A 725 -32.82 -18.03 -30.93
N PRO A 726 -33.99 -18.52 -31.33
CA PRO A 726 -34.99 -17.62 -31.90
C PRO A 726 -35.45 -16.57 -30.91
N GLN A 727 -35.74 -15.38 -31.43
CA GLN A 727 -36.29 -14.29 -30.62
C GLN A 727 -37.52 -13.73 -31.33
N TYR A 728 -38.34 -13.02 -30.57
CA TYR A 728 -39.55 -12.41 -31.09
C TYR A 728 -39.36 -10.90 -31.20
N GLN A 729 -39.72 -10.35 -32.36
CA GLN A 729 -39.54 -8.94 -32.66
C GLN A 729 -40.90 -8.28 -32.78
N ILE A 730 -41.10 -7.19 -32.06
CA ILE A 730 -42.34 -6.41 -32.10
C ILE A 730 -42.10 -5.20 -32.97
N ASN A 731 -42.96 -5.00 -33.96
CA ASN A 731 -42.86 -3.88 -34.89
C ASN A 731 -44.04 -2.94 -34.66
N VAL A 732 -43.75 -1.69 -34.34
CA VAL A 732 -44.76 -0.69 -34.01
C VAL A 732 -44.82 0.32 -35.13
N ASP A 733 -46.03 0.58 -35.63
CA ASP A 733 -46.23 1.42 -36.79
C ASP A 733 -46.43 2.87 -36.35
N GLN A 734 -45.47 3.72 -36.70
CA GLN A 734 -45.62 5.14 -36.42
C GLN A 734 -46.85 5.70 -37.09
N ALA A 735 -47.14 5.23 -38.31
CA ALA A 735 -48.26 5.78 -39.06
C ALA A 735 -49.58 5.51 -38.36
N GLN A 736 -49.85 4.24 -38.02
CA GLN A 736 -51.08 3.92 -37.32
C GLN A 736 -51.09 4.54 -35.93
N ALA A 737 -49.93 4.59 -35.27
CA ALA A 737 -49.90 5.18 -33.94
C ALA A 737 -50.35 6.64 -33.99
N GLY A 738 -49.86 7.39 -34.97
CA GLY A 738 -50.33 8.75 -35.15
C GLY A 738 -51.79 8.80 -35.57
N ALA A 739 -52.23 7.83 -36.37
CA ALA A 739 -53.61 7.83 -36.83
C ALA A 739 -54.56 7.66 -35.66
N MET A 740 -54.15 6.92 -34.66
CA MET A 740 -54.95 6.71 -33.47
C MET A 740 -54.67 7.71 -32.37
N GLY A 741 -53.72 8.62 -32.59
CA GLY A 741 -53.32 9.59 -31.59
C GLY A 741 -52.66 8.99 -30.37
N VAL A 742 -51.75 8.04 -30.56
CA VAL A 742 -51.04 7.40 -29.46
C VAL A 742 -49.57 7.77 -29.55
N SER A 743 -48.97 8.04 -28.41
CA SER A 743 -47.57 8.46 -28.35
C SER A 743 -46.64 7.27 -28.42
N ILE A 744 -45.55 7.41 -29.15
CA ILE A 744 -44.52 6.39 -29.19
C ILE A 744 -43.98 6.11 -27.80
N ALA A 745 -43.71 7.17 -27.05
CA ALA A 745 -43.24 7.00 -25.68
C ALA A 745 -44.26 6.29 -24.81
N GLU A 746 -45.55 6.60 -25.02
CA GLU A 746 -46.58 5.93 -24.25
C GLU A 746 -46.63 4.44 -24.57
N ILE A 747 -46.53 4.08 -25.85
CA ILE A 747 -46.46 2.68 -26.24
C ILE A 747 -45.27 2.01 -25.57
N ASN A 748 -44.11 2.67 -25.58
CA ASN A 748 -42.92 2.06 -25.00
C ASN A 748 -43.08 1.83 -23.52
N ASN A 749 -43.63 2.79 -22.80
CA ASN A 749 -43.82 2.65 -21.37
C ASN A 749 -44.76 1.53 -21.05
N THR A 750 -45.87 1.44 -21.79
CA THR A 750 -46.82 0.38 -21.56
C THR A 750 -46.19 -0.98 -21.78
N MET A 751 -45.46 -1.16 -22.88
CA MET A 751 -44.80 -2.42 -23.11
C MET A 751 -43.83 -2.74 -21.98
N ARG A 752 -43.01 -1.76 -21.62
CA ARG A 752 -41.95 -1.98 -20.64
C ARG A 752 -42.52 -2.46 -19.32
N ILE A 753 -43.49 -1.74 -18.77
CA ILE A 753 -44.05 -2.16 -17.49
C ILE A 753 -44.79 -3.48 -17.64
N ALA A 754 -45.69 -3.56 -18.62
CA ALA A 754 -46.61 -4.69 -18.68
C ALA A 754 -45.86 -6.00 -18.85
N TRP A 755 -44.86 -6.03 -19.73
CA TRP A 755 -44.15 -7.26 -20.04
C TRP A 755 -42.84 -7.42 -19.28
N GLY A 756 -42.02 -6.37 -19.23
CA GLY A 756 -40.74 -6.48 -18.55
C GLY A 756 -40.87 -6.41 -17.04
N GLY A 757 -41.85 -5.68 -16.52
CA GLY A 757 -41.96 -5.44 -15.10
C GLY A 757 -41.03 -4.34 -14.64
N SER A 758 -41.36 -3.68 -13.54
CA SER A 758 -40.55 -2.56 -13.06
C SER A 758 -40.50 -2.56 -11.54
N TYR A 759 -39.35 -2.17 -11.01
CA TYR A 759 -39.16 -1.93 -9.58
C TYR A 759 -39.52 -0.49 -9.29
N ILE A 760 -40.49 -0.28 -8.39
CA ILE A 760 -41.08 1.03 -8.18
C ILE A 760 -40.46 1.72 -6.97
N ASN A 761 -40.72 1.20 -5.78
CA ASN A 761 -40.18 1.78 -4.57
C ASN A 761 -40.15 0.70 -3.49
N ASP A 762 -39.92 1.13 -2.26
CA ASP A 762 -39.66 0.23 -1.14
C ASP A 762 -40.89 0.09 -0.24
N PHE A 763 -40.82 -0.91 0.65
CA PHE A 763 -41.75 -1.02 1.76
C PHE A 763 -41.04 -1.76 2.88
N VAL A 764 -41.64 -1.76 4.06
CA VAL A 764 -41.02 -2.33 5.26
C VAL A 764 -41.72 -3.63 5.59
N ASP A 765 -40.93 -4.66 5.87
CA ASP A 765 -41.44 -5.99 6.19
C ASP A 765 -40.71 -6.49 7.44
N ARG A 766 -41.40 -6.42 8.58
CA ARG A 766 -40.83 -6.84 9.86
C ARG A 766 -39.51 -6.11 10.14
N GLY A 767 -39.50 -4.82 9.86
CA GLY A 767 -38.36 -3.99 10.19
C GLY A 767 -37.26 -3.97 9.15
N ARG A 768 -37.49 -4.54 7.99
CA ARG A 768 -36.50 -4.55 6.95
C ARG A 768 -37.08 -4.02 5.67
N VAL A 769 -36.39 -3.13 4.97
CA VAL A 769 -36.93 -2.53 3.75
C VAL A 769 -36.82 -3.51 2.60
N LYS A 770 -37.86 -3.56 1.77
CA LYS A 770 -37.98 -4.51 0.67
C LYS A 770 -38.52 -3.79 -0.56
N LYS A 771 -38.65 -4.52 -1.65
CA LYS A 771 -38.98 -3.97 -2.96
C LYS A 771 -40.42 -4.23 -3.37
N VAL A 772 -40.96 -3.32 -4.18
CA VAL A 772 -42.30 -3.44 -4.75
C VAL A 772 -42.16 -3.44 -6.27
N TYR A 773 -42.72 -4.47 -6.92
CA TYR A 773 -42.66 -4.61 -8.37
C TYR A 773 -44.07 -4.58 -8.95
N VAL A 774 -44.16 -4.10 -10.18
CA VAL A 774 -45.38 -4.16 -10.96
C VAL A 774 -45.04 -4.84 -12.28
N GLN A 775 -45.93 -5.73 -12.73
CA GLN A 775 -45.77 -6.41 -14.00
C GLN A 775 -47.11 -7.03 -14.35
N GLY A 776 -47.27 -7.38 -15.62
CA GLY A 776 -48.49 -8.04 -16.04
C GLY A 776 -48.60 -9.44 -15.48
N ASP A 777 -49.82 -9.85 -15.17
CA ASP A 777 -50.05 -11.19 -14.69
C ASP A 777 -49.63 -12.19 -15.77
N ALA A 778 -49.19 -13.36 -15.34
CA ALA A 778 -48.53 -14.29 -16.27
C ALA A 778 -49.38 -14.55 -17.50
N GLY A 779 -50.67 -14.81 -17.32
CA GLY A 779 -51.51 -15.16 -18.45
C GLY A 779 -51.46 -14.16 -19.58
N SER A 780 -51.23 -12.89 -19.26
CA SER A 780 -51.26 -11.85 -20.26
C SER A 780 -49.92 -11.61 -20.93
N ARG A 781 -48.84 -12.26 -20.51
CA ARG A 781 -47.53 -12.04 -21.12
C ARG A 781 -46.86 -13.34 -21.55
N MET A 782 -47.61 -14.40 -21.84
CA MET A 782 -46.97 -15.69 -22.10
C MET A 782 -46.62 -15.90 -23.56
N MET A 783 -47.46 -15.48 -24.49
CA MET A 783 -47.33 -15.81 -25.90
C MET A 783 -47.59 -14.58 -26.76
N PRO A 784 -47.14 -14.59 -28.02
CA PRO A 784 -47.21 -13.37 -28.83
C PRO A 784 -48.61 -12.82 -29.01
N GLU A 785 -49.63 -13.66 -29.00
CA GLU A 785 -51.00 -13.17 -29.18
C GLU A 785 -51.52 -12.45 -27.96
N ASP A 786 -50.89 -12.62 -26.81
CA ASP A 786 -51.31 -11.88 -25.62
C ASP A 786 -51.01 -10.39 -25.75
N LEU A 787 -50.13 -9.99 -26.66
CA LEU A 787 -49.83 -8.58 -26.82
C LEU A 787 -51.04 -7.82 -27.34
N ASN A 788 -51.96 -8.51 -27.99
CA ASN A 788 -53.19 -7.87 -28.45
C ASN A 788 -54.11 -7.51 -27.31
N LYS A 789 -53.91 -8.09 -26.14
CA LYS A 789 -54.82 -7.87 -25.02
C LYS A 789 -54.54 -6.59 -24.24
N TRP A 790 -53.53 -5.80 -24.62
CA TRP A 790 -53.18 -4.59 -23.88
C TRP A 790 -53.59 -3.35 -24.67
N TYR A 791 -54.02 -2.33 -23.95
CA TYR A 791 -54.51 -1.09 -24.55
C TYR A 791 -53.67 0.08 -24.07
N VAL A 792 -53.68 1.14 -24.88
CA VAL A 792 -53.01 2.39 -24.59
C VAL A 792 -54.03 3.51 -24.69
N ARG A 793 -53.74 4.62 -24.02
CA ARG A 793 -54.62 5.77 -24.01
C ARG A 793 -54.09 6.83 -24.96
N ASN A 794 -54.96 7.34 -25.81
CA ASN A 794 -54.58 8.31 -26.82
C ASN A 794 -54.83 9.73 -26.31
N ASN A 795 -54.53 10.71 -27.16
CA ASN A 795 -54.66 12.11 -26.76
C ASN A 795 -56.09 12.44 -26.37
N LYS A 796 -57.07 11.96 -27.13
CA LYS A 796 -58.46 12.17 -26.75
C LYS A 796 -58.84 11.44 -25.47
N GLY A 797 -58.03 10.49 -25.03
CA GLY A 797 -58.31 9.74 -23.82
C GLY A 797 -58.93 8.38 -24.06
N GLU A 798 -59.20 8.01 -25.31
CA GLU A 798 -59.75 6.71 -25.61
C GLU A 798 -58.70 5.62 -25.41
N MET A 799 -59.17 4.41 -25.17
CA MET A 799 -58.30 3.24 -25.03
C MET A 799 -58.29 2.47 -26.34
N VAL A 800 -57.12 2.32 -26.94
CA VAL A 800 -57.01 1.63 -28.23
C VAL A 800 -56.16 0.37 -28.08
N PRO A 801 -56.46 -0.69 -28.82
CA PRO A 801 -55.72 -1.95 -28.67
C PRO A 801 -54.38 -1.94 -29.39
N PHE A 802 -53.42 -2.67 -28.81
CA PHE A 802 -52.10 -2.81 -29.43
C PHE A 802 -52.22 -3.41 -30.82
N SER A 803 -53.24 -4.22 -31.07
CA SER A 803 -53.45 -4.77 -32.39
C SER A 803 -53.68 -3.68 -33.43
N ALA A 804 -54.16 -2.52 -33.02
CA ALA A 804 -54.39 -1.44 -33.97
C ALA A 804 -53.11 -1.05 -34.69
N PHE A 805 -52.00 -0.95 -33.97
CA PHE A 805 -50.81 -0.34 -34.52
C PHE A 805 -49.55 -1.22 -34.51
N ALA A 806 -49.59 -2.46 -34.02
CA ALA A 806 -48.36 -3.24 -33.89
C ALA A 806 -48.48 -4.60 -34.55
N THR A 807 -47.32 -5.14 -34.93
CA THR A 807 -47.17 -6.43 -35.58
C THR A 807 -45.99 -7.16 -34.93
N GLY A 808 -45.82 -8.45 -35.26
CA GLY A 808 -44.69 -9.20 -34.78
C GLY A 808 -44.12 -10.12 -35.84
N GLU A 809 -42.93 -10.65 -35.54
CA GLU A 809 -42.16 -11.51 -36.42
C GLU A 809 -41.14 -12.25 -35.56
N TRP A 810 -40.68 -13.40 -36.05
CA TRP A 810 -39.65 -14.17 -35.38
C TRP A 810 -38.28 -13.91 -36.02
N THR A 811 -37.24 -13.93 -35.18
CA THR A 811 -35.87 -13.69 -35.62
C THR A 811 -34.96 -14.63 -34.84
N TYR A 812 -33.67 -14.39 -34.95
CA TYR A 812 -32.64 -15.12 -34.21
C TYR A 812 -31.72 -14.14 -33.51
N GLY A 813 -31.18 -14.56 -32.37
CA GLY A 813 -30.25 -13.72 -31.65
C GLY A 813 -29.49 -14.54 -30.63
N SER A 814 -28.62 -13.87 -29.91
CA SER A 814 -27.82 -14.51 -28.89
C SER A 814 -28.38 -14.28 -27.49
N PRO A 815 -28.39 -15.28 -26.62
CA PRO A 815 -28.70 -15.02 -25.20
C PRO A 815 -27.53 -14.55 -24.38
N ARG A 816 -26.31 -14.55 -24.93
CA ARG A 816 -25.12 -14.21 -24.16
C ARG A 816 -24.03 -13.75 -25.11
N LEU A 817 -23.55 -12.54 -24.90
CA LEU A 817 -22.56 -11.92 -25.77
C LEU A 817 -21.28 -11.69 -24.99
N GLU A 818 -20.15 -12.13 -25.57
CA GLU A 818 -18.86 -12.11 -24.90
C GLU A 818 -17.90 -11.14 -25.59
N ARG A 819 -16.98 -10.57 -24.81
CA ARG A 819 -15.95 -9.67 -25.32
C ARG A 819 -14.63 -10.00 -24.64
N TYR A 820 -13.52 -9.86 -25.37
CA TYR A 820 -12.20 -10.16 -24.86
C TYR A 820 -11.29 -9.05 -25.33
N ASN A 821 -10.68 -8.31 -24.40
CA ASN A 821 -9.87 -7.14 -24.72
C ASN A 821 -10.64 -6.18 -25.62
N GLY A 822 -11.91 -5.99 -25.35
CA GLY A 822 -12.74 -5.01 -26.02
C GLY A 822 -13.27 -5.41 -27.37
N VAL A 823 -13.19 -6.66 -27.76
CA VAL A 823 -13.70 -7.07 -29.08
C VAL A 823 -14.59 -8.29 -28.93
N SER A 824 -15.60 -8.48 -29.78
CA SER A 824 -16.48 -9.64 -29.66
C SER A 824 -15.74 -10.98 -29.76
N SER A 825 -16.10 -11.95 -28.91
CA SER A 825 -15.42 -13.22 -28.87
C SER A 825 -16.28 -14.43 -28.54
N VAL A 826 -15.68 -15.60 -28.66
CA VAL A 826 -16.26 -16.87 -28.27
C VAL A 826 -15.14 -17.60 -27.50
N ASN A 827 -15.51 -18.46 -26.57
CA ASN A 827 -14.53 -19.16 -25.74
C ASN A 827 -14.50 -20.66 -25.97
N ILE A 828 -13.40 -21.22 -26.43
CA ILE A 828 -13.36 -22.64 -26.65
C ILE A 828 -12.54 -23.38 -25.60
N GLN A 829 -13.10 -24.48 -25.11
CA GLN A 829 -12.52 -25.27 -24.03
C GLN A 829 -12.36 -26.74 -24.42
N GLY A 830 -11.41 -27.46 -23.83
CA GLY A 830 -11.21 -28.85 -24.15
C GLY A 830 -10.15 -29.47 -23.27
N THR A 831 -9.75 -30.68 -23.63
CA THR A 831 -8.74 -31.42 -22.89
C THR A 831 -7.91 -32.24 -23.86
N PRO A 832 -6.66 -32.51 -23.53
CA PRO A 832 -5.86 -33.41 -24.37
C PRO A 832 -6.39 -34.83 -24.27
N ALA A 833 -6.20 -35.58 -25.35
CA ALA A 833 -6.51 -36.99 -25.31
C ALA A 833 -5.59 -37.69 -24.32
N PRO A 834 -6.03 -38.81 -23.73
CA PRO A 834 -5.15 -39.50 -22.79
C PRO A 834 -3.84 -39.88 -23.47
N GLY A 835 -2.73 -39.59 -22.80
CA GLY A 835 -1.42 -39.95 -23.31
C GLY A 835 -0.67 -38.88 -24.09
N VAL A 836 -1.13 -37.64 -24.05
CA VAL A 836 -0.40 -36.60 -24.75
C VAL A 836 -0.19 -35.37 -23.89
N SER A 837 0.93 -34.69 -24.10
CA SER A 837 1.26 -33.50 -23.35
C SER A 837 0.33 -32.34 -23.71
N SER A 838 0.14 -31.45 -22.72
CA SER A 838 -0.78 -30.32 -22.88
C SER A 838 -0.34 -29.37 -23.99
N GLY A 839 0.96 -29.12 -24.10
CA GLY A 839 1.44 -28.25 -25.14
C GLY A 839 1.12 -28.76 -26.53
N ASP A 840 1.11 -30.08 -26.70
CA ASP A 840 0.71 -30.67 -27.97
C ASP A 840 -0.74 -30.36 -28.29
N ALA A 841 -1.61 -30.47 -27.29
CA ALA A 841 -3.01 -30.11 -27.52
C ALA A 841 -3.12 -28.65 -27.92
N MET A 842 -2.42 -27.77 -27.21
CA MET A 842 -2.44 -26.37 -27.60
C MET A 842 -1.92 -26.20 -29.01
N LYS A 843 -0.93 -26.99 -29.39
CA LYS A 843 -0.38 -26.90 -30.75
C LYS A 843 -1.42 -27.30 -31.78
N ALA A 844 -2.18 -28.36 -31.50
CA ALA A 844 -3.24 -28.77 -32.40
C ALA A 844 -4.26 -27.64 -32.59
N MET A 845 -4.68 -27.03 -31.48
CA MET A 845 -5.67 -25.96 -31.59
C MET A 845 -5.13 -24.81 -32.42
N GLU A 846 -3.87 -24.45 -32.21
CA GLU A 846 -3.28 -23.36 -32.96
C GLU A 846 -3.18 -23.70 -34.44
N GLU A 847 -2.87 -24.96 -34.76
CA GLU A 847 -2.86 -25.37 -36.17
C GLU A 847 -4.25 -25.16 -36.79
N ILE A 848 -5.28 -25.63 -36.11
CA ILE A 848 -6.63 -25.50 -36.67
C ILE A 848 -6.95 -24.03 -36.91
N ILE A 849 -6.74 -23.22 -35.87
CA ILE A 849 -7.05 -21.80 -35.98
C ILE A 849 -6.25 -21.15 -37.03
N GLY A 850 -5.00 -21.64 -37.38
CA GLY A 850 -4.20 -21.23 -38.52
C GLY A 850 -4.82 -21.66 -39.83
N LYS A 851 -5.70 -22.66 -39.80
CA LYS A 851 -6.33 -23.14 -41.03
C LYS A 851 -7.33 -22.15 -41.62
N LEU A 852 -8.00 -21.38 -40.77
CA LEU A 852 -9.13 -20.57 -41.24
C LEU A 852 -8.79 -19.61 -42.38
N PRO A 853 -7.64 -18.94 -42.40
CA PRO A 853 -7.39 -18.00 -43.50
C PRO A 853 -7.52 -18.65 -44.86
N SER A 854 -7.16 -19.93 -44.98
CA SER A 854 -7.33 -20.61 -46.26
C SER A 854 -8.79 -20.84 -46.60
N MET A 855 -9.64 -21.05 -45.61
CA MET A 855 -11.00 -21.54 -45.82
C MET A 855 -12.01 -20.44 -46.13
N GLY A 856 -11.56 -19.21 -46.32
CA GLY A 856 -12.45 -18.11 -46.64
C GLY A 856 -12.88 -17.27 -45.46
N LEU A 857 -12.40 -17.56 -44.27
CA LEU A 857 -12.66 -16.77 -43.08
C LEU A 857 -11.38 -16.04 -42.70
N GLN A 858 -11.47 -14.72 -42.57
CA GLN A 858 -10.31 -13.88 -42.33
C GLN A 858 -10.56 -12.96 -41.15
N GLY A 859 -9.48 -12.50 -40.53
CA GLY A 859 -9.56 -11.58 -39.43
C GLY A 859 -10.01 -12.14 -38.10
N PHE A 860 -9.83 -13.42 -37.90
CA PHE A 860 -10.18 -14.00 -36.62
C PHE A 860 -8.91 -14.31 -35.88
N ASP A 861 -8.79 -13.85 -34.64
CA ASP A 861 -7.57 -14.02 -33.87
C ASP A 861 -7.80 -14.91 -32.70
N TYR A 862 -6.75 -15.33 -32.06
CA TYR A 862 -6.91 -16.21 -30.93
C TYR A 862 -5.95 -15.85 -29.84
N GLU A 863 -6.29 -16.21 -28.61
CA GLU A 863 -5.45 -15.98 -27.45
C GLU A 863 -5.63 -17.13 -26.46
N TRP A 864 -4.72 -17.28 -25.54
CA TRP A 864 -4.87 -18.30 -24.52
C TRP A 864 -5.23 -17.54 -23.22
N THR A 865 -5.90 -18.19 -22.27
CA THR A 865 -6.33 -17.51 -21.06
C THR A 865 -6.08 -18.41 -19.84
N GLY A 866 -5.99 -17.81 -18.66
CA GLY A 866 -5.89 -18.55 -17.42
C GLY A 866 -4.71 -19.49 -17.24
N LEU A 867 -4.99 -20.77 -16.93
CA LEU A 867 -3.97 -21.79 -16.73
C LEU A 867 -3.16 -22.02 -17.95
N SER A 868 -3.81 -21.94 -19.11
CA SER A 868 -3.14 -22.07 -20.39
C SER A 868 -1.96 -21.09 -20.60
N LEU A 869 -1.95 -19.92 -19.97
CA LEU A 869 -0.84 -19.00 -20.14
C LEU A 869 0.41 -19.50 -19.44
N GLU A 870 0.26 -20.06 -18.24
CA GLU A 870 1.39 -20.56 -17.47
C GLU A 870 1.67 -22.03 -17.71
N GLU A 871 0.80 -22.74 -18.44
CA GLU A 871 0.96 -24.19 -18.54
C GLU A 871 2.25 -24.57 -19.25
N ARG A 872 2.62 -23.83 -20.31
CA ARG A 872 3.70 -24.28 -21.18
C ARG A 872 5.08 -24.08 -20.56
N GLU A 873 5.26 -23.07 -19.71
CA GLU A 873 6.60 -22.62 -19.33
C GLU A 873 7.33 -23.59 -18.41
N SER A 874 6.60 -24.32 -17.56
CA SER A 874 7.25 -25.16 -16.57
C SER A 874 8.12 -26.23 -17.22
N GLY A 875 7.60 -26.89 -18.24
CA GLY A 875 8.40 -27.88 -18.94
C GLY A 875 9.61 -27.26 -19.63
N ALA A 876 9.43 -26.05 -20.17
CA ALA A 876 10.52 -25.40 -20.89
C ALA A 876 11.70 -25.10 -19.96
N GLN A 877 11.41 -24.67 -18.73
CA GLN A 877 12.49 -24.16 -17.88
C GLN A 877 13.46 -25.23 -17.41
N ALA A 878 13.08 -26.51 -17.45
CA ALA A 878 13.84 -27.54 -16.74
C ALA A 878 15.29 -27.70 -17.21
N PRO A 879 15.57 -27.81 -18.51
CA PRO A 879 16.95 -28.13 -18.90
C PRO A 879 17.98 -27.14 -18.38
N PHE A 880 17.63 -25.86 -18.40
CA PHE A 880 18.55 -24.85 -17.91
C PHE A 880 18.88 -25.08 -16.45
N LEU A 881 17.86 -25.46 -15.67
CA LEU A 881 18.09 -25.74 -14.26
C LEU A 881 19.04 -26.92 -14.08
N TYR A 882 18.81 -28.00 -14.83
CA TYR A 882 19.72 -29.13 -14.75
C TYR A 882 21.15 -28.72 -15.10
N ALA A 883 21.32 -27.96 -16.18
CA ALA A 883 22.66 -27.61 -16.64
C ALA A 883 23.39 -26.74 -15.62
N LEU A 884 22.71 -25.69 -15.14
CA LEU A 884 23.35 -24.81 -14.17
C LEU A 884 23.73 -25.57 -12.92
N SER A 885 22.85 -26.46 -12.44
CA SER A 885 23.18 -27.21 -11.24
C SER A 885 24.41 -28.08 -11.44
N LEU A 886 24.51 -28.73 -12.60
CA LEU A 886 25.71 -29.53 -12.87
C LEU A 886 26.95 -28.65 -12.86
N LEU A 887 26.88 -27.48 -13.49
CA LEU A 887 28.05 -26.61 -13.56
C LEU A 887 28.49 -26.14 -12.19
N ILE A 888 27.55 -25.74 -11.35
CA ILE A 888 27.92 -25.24 -10.03
C ILE A 888 28.52 -26.37 -9.19
N VAL A 889 27.93 -27.57 -9.24
CA VAL A 889 28.51 -28.64 -8.46
C VAL A 889 29.91 -28.96 -8.96
N PHE A 890 30.14 -28.91 -10.27
CA PHE A 890 31.48 -29.17 -10.79
C PHE A 890 32.48 -28.17 -10.23
N LEU A 891 32.13 -26.89 -10.26
CA LEU A 891 33.05 -25.86 -9.77
C LEU A 891 33.32 -26.00 -8.26
N CYS A 892 32.29 -26.29 -7.48
CA CYS A 892 32.50 -26.42 -6.04
C CYS A 892 33.35 -27.64 -5.74
N LEU A 893 33.16 -28.73 -6.48
CA LEU A 893 34.03 -29.89 -6.33
C LEU A 893 35.46 -29.53 -6.67
N ALA A 894 35.65 -28.76 -7.73
CA ALA A 894 36.99 -28.30 -8.08
C ALA A 894 37.64 -27.56 -6.92
N ALA A 895 36.90 -26.64 -6.30
CA ALA A 895 37.42 -25.94 -5.15
C ALA A 895 37.70 -26.89 -4.00
N LEU A 896 36.90 -27.94 -3.86
CA LEU A 896 37.01 -28.83 -2.70
C LEU A 896 38.22 -29.74 -2.79
N TYR A 897 38.53 -30.25 -3.97
CA TYR A 897 39.63 -31.20 -4.11
C TYR A 897 40.93 -30.55 -4.57
N GLU A 898 40.94 -29.26 -4.91
CA GLU A 898 42.10 -28.62 -5.49
C GLU A 898 42.53 -29.36 -6.76
N SER A 899 41.58 -29.57 -7.65
CA SER A 899 41.85 -30.26 -8.92
C SER A 899 40.71 -29.97 -9.88
N TRP A 900 40.95 -30.27 -11.15
CA TRP A 900 39.91 -30.22 -12.16
C TRP A 900 39.39 -31.60 -12.54
N SER A 901 40.19 -32.64 -12.36
CA SER A 901 39.80 -33.98 -12.81
C SER A 901 38.86 -34.65 -11.82
N ILE A 902 39.23 -34.65 -10.54
CA ILE A 902 38.49 -35.39 -9.52
C ILE A 902 37.02 -34.97 -9.56
N PRO A 903 36.71 -33.72 -9.86
CA PRO A 903 35.32 -33.36 -10.14
C PRO A 903 34.65 -34.27 -11.15
N PHE A 904 35.36 -34.74 -12.16
CA PHE A 904 34.75 -35.65 -13.12
C PHE A 904 34.56 -37.04 -12.53
N SER A 905 35.52 -37.50 -11.74
CA SER A 905 35.35 -38.77 -11.06
C SER A 905 34.08 -38.74 -10.23
N VAL A 906 33.73 -37.58 -9.68
CA VAL A 906 32.45 -37.45 -9.00
C VAL A 906 31.30 -37.38 -10.01
N LEU A 907 31.47 -36.58 -11.05
CA LEU A 907 30.34 -36.11 -11.86
C LEU A 907 29.67 -37.22 -12.65
N LEU A 908 30.41 -38.26 -13.03
CA LEU A 908 29.89 -39.27 -13.94
C LEU A 908 28.77 -40.10 -13.34
N VAL A 909 28.52 -39.99 -12.03
CA VAL A 909 27.52 -40.83 -11.38
C VAL A 909 26.10 -40.31 -11.50
N VAL A 910 25.91 -39.06 -11.93
CA VAL A 910 24.56 -38.52 -12.05
C VAL A 910 23.67 -39.40 -12.90
N PRO A 911 24.12 -39.90 -14.05
CA PRO A 911 23.27 -40.78 -14.85
C PRO A 911 22.77 -41.99 -14.07
N LEU A 912 23.58 -42.53 -13.17
CA LEU A 912 23.17 -43.70 -12.42
C LEU A 912 21.96 -43.42 -11.53
N GLY A 913 21.88 -42.22 -10.95
CA GLY A 913 20.68 -41.85 -10.22
C GLY A 913 19.50 -41.59 -11.13
N VAL A 914 19.73 -40.82 -12.19
CA VAL A 914 18.61 -40.39 -13.04
C VAL A 914 17.97 -41.59 -13.71
N ILE A 915 18.78 -42.60 -14.05
CA ILE A 915 18.24 -43.77 -14.75
C ILE A 915 17.25 -44.48 -13.86
N GLY A 916 17.60 -44.70 -12.61
CA GLY A 916 16.68 -45.35 -11.70
C GLY A 916 15.43 -44.52 -11.47
N ALA A 917 15.60 -43.21 -11.33
CA ALA A 917 14.43 -42.37 -11.13
C ALA A 917 13.44 -42.56 -12.28
N ILE A 918 13.92 -42.39 -13.51
CA ILE A 918 13.05 -42.51 -14.68
C ILE A 918 12.51 -43.92 -14.82
N VAL A 919 13.33 -44.93 -14.49
CA VAL A 919 12.91 -46.31 -14.63
C VAL A 919 11.74 -46.60 -13.72
N LEU A 920 11.84 -46.19 -12.46
CA LEU A 920 10.74 -46.48 -11.54
C LEU A 920 9.50 -45.68 -11.92
N THR A 921 9.68 -44.42 -12.33
CA THR A 921 8.51 -43.63 -12.73
C THR A 921 7.79 -44.25 -13.92
N TYR A 922 8.55 -44.69 -14.93
CA TYR A 922 7.93 -45.27 -16.12
C TYR A 922 7.32 -46.63 -15.81
N LEU A 923 8.02 -47.46 -15.04
CA LEU A 923 7.47 -48.76 -14.70
C LEU A 923 6.18 -48.60 -13.94
N GLY A 924 6.12 -47.64 -13.02
CA GLY A 924 4.86 -47.35 -12.35
C GLY A 924 3.80 -46.85 -13.33
N MET A 925 4.19 -45.95 -14.23
CA MET A 925 3.20 -45.40 -15.15
C MET A 925 2.56 -46.50 -15.97
N ILE A 926 3.33 -47.49 -16.38
CA ILE A 926 2.77 -48.55 -17.22
C ILE A 926 2.04 -49.58 -16.38
N ILE A 927 2.64 -50.06 -15.29
CA ILE A 927 2.01 -51.12 -14.52
C ILE A 927 0.74 -50.63 -13.87
N LYS A 928 0.77 -49.45 -13.24
CA LYS A 928 -0.40 -48.93 -12.57
C LYS A 928 -1.30 -48.12 -13.51
N GLY A 929 -0.85 -47.83 -14.71
CA GLY A 929 -1.65 -47.06 -15.64
C GLY A 929 -2.06 -45.70 -15.08
N ASP A 930 -1.15 -45.03 -14.39
CA ASP A 930 -1.48 -43.77 -13.74
C ASP A 930 -0.99 -42.61 -14.59
N PRO A 931 -1.87 -41.70 -15.02
CA PRO A 931 -1.37 -40.54 -15.78
C PRO A 931 -0.43 -39.66 -14.98
N ASN A 932 -0.61 -39.59 -13.65
CA ASN A 932 0.11 -38.61 -12.86
C ASN A 932 1.59 -38.93 -12.71
N LEU A 933 2.02 -40.13 -13.06
CA LEU A 933 3.41 -40.52 -12.92
C LEU A 933 4.27 -40.05 -14.08
N SER A 934 3.85 -39.01 -14.81
CA SER A 934 4.61 -38.47 -15.92
C SER A 934 5.65 -37.47 -15.40
N ASN A 935 6.29 -36.77 -16.32
CA ASN A 935 7.33 -35.80 -15.99
C ASN A 935 6.69 -34.47 -15.67
N ASN A 936 6.51 -34.19 -14.38
CA ASN A 936 5.94 -32.93 -13.93
C ASN A 936 6.90 -32.25 -12.96
N ILE A 937 6.46 -31.14 -12.35
CA ILE A 937 7.36 -30.33 -11.54
C ILE A 937 7.84 -31.11 -10.33
N TYR A 938 6.98 -31.98 -9.81
CA TYR A 938 7.36 -32.89 -8.74
C TYR A 938 8.44 -33.87 -9.19
N PHE A 939 8.30 -34.41 -10.40
CA PHE A 939 9.35 -35.24 -10.97
C PHE A 939 10.68 -34.49 -11.02
N GLN A 940 10.62 -33.20 -11.34
CA GLN A 940 11.84 -32.42 -11.50
C GLN A 940 12.53 -32.18 -10.17
N VAL A 941 11.78 -31.79 -9.13
CA VAL A 941 12.40 -31.62 -7.82
C VAL A 941 12.99 -32.94 -7.36
N ALA A 942 12.29 -34.05 -7.64
CA ALA A 942 12.83 -35.37 -7.32
C ALA A 942 14.15 -35.62 -8.03
N ILE A 943 14.23 -35.23 -9.30
CA ILE A 943 15.44 -35.44 -10.07
C ILE A 943 16.61 -34.71 -9.42
N ILE A 944 16.40 -33.45 -9.05
CA ILE A 944 17.49 -32.66 -8.48
C ILE A 944 17.93 -33.25 -7.13
N ALA A 945 16.97 -33.73 -6.35
CA ALA A 945 17.34 -34.42 -5.11
C ALA A 945 18.22 -35.63 -5.41
N VAL A 946 17.91 -36.36 -6.47
CA VAL A 946 18.71 -37.53 -6.81
C VAL A 946 20.11 -37.11 -7.24
N ILE A 947 20.21 -36.01 -7.98
CA ILE A 947 21.51 -35.49 -8.39
C ILE A 947 22.37 -35.27 -7.14
N GLY A 948 21.79 -34.62 -6.15
CA GLY A 948 22.52 -34.35 -4.93
C GLY A 948 22.92 -35.61 -4.18
N LEU A 949 22.01 -36.58 -4.10
CA LEU A 949 22.33 -37.80 -3.39
C LEU A 949 23.51 -38.52 -4.05
N SER A 950 23.48 -38.62 -5.38
CA SER A 950 24.56 -39.30 -6.06
C SER A 950 25.88 -38.56 -5.83
N ALA A 951 25.84 -37.22 -5.90
CA ALA A 951 27.04 -36.45 -5.62
C ALA A 951 27.61 -36.79 -4.25
N LYS A 952 26.79 -36.67 -3.21
CA LYS A 952 27.21 -36.97 -1.84
C LYS A 952 27.81 -38.32 -1.70
N ASN A 953 27.16 -39.31 -2.26
CA ASN A 953 27.71 -40.65 -2.20
C ASN A 953 29.10 -40.71 -2.82
N ALA A 954 29.28 -40.10 -3.99
CA ALA A 954 30.59 -40.16 -4.63
C ALA A 954 31.66 -39.52 -3.74
N ILE A 955 31.32 -38.40 -3.10
CA ILE A 955 32.33 -37.62 -2.39
C ILE A 955 33.11 -38.50 -1.41
N LEU A 956 32.40 -39.36 -0.68
CA LEU A 956 33.05 -40.08 0.41
C LEU A 956 34.11 -41.05 -0.11
N ILE A 957 33.79 -41.81 -1.15
CA ILE A 957 34.78 -42.70 -1.73
C ILE A 957 35.95 -41.90 -2.30
N VAL A 958 35.63 -40.82 -3.04
CA VAL A 958 36.65 -40.10 -3.77
C VAL A 958 37.64 -39.43 -2.83
N GLU A 959 37.11 -38.84 -1.75
CA GLU A 959 37.95 -38.15 -0.79
C GLU A 959 39.02 -39.08 -0.25
N PHE A 960 38.61 -40.27 0.17
CA PHE A 960 39.56 -41.23 0.69
C PHE A 960 40.48 -41.76 -0.41
N ALA A 961 39.99 -41.91 -1.64
CA ALA A 961 40.86 -42.36 -2.71
C ALA A 961 42.06 -41.42 -2.86
N LYS A 962 41.79 -40.12 -2.98
CA LYS A 962 42.90 -39.19 -3.13
C LYS A 962 43.73 -39.08 -1.85
N GLU A 963 43.08 -39.00 -0.68
CA GLU A 963 43.83 -38.86 0.56
C GLU A 963 44.70 -40.07 0.82
N LEU A 964 44.30 -41.24 0.33
CA LEU A 964 45.12 -42.44 0.45
C LEU A 964 46.26 -42.40 -0.55
N GLN A 965 46.01 -41.87 -1.75
CA GLN A 965 47.11 -41.71 -2.70
C GLN A 965 48.20 -40.83 -2.13
N GLU A 966 47.83 -39.75 -1.43
CA GLU A 966 48.84 -38.86 -0.87
C GLU A 966 49.72 -39.57 0.14
N LYS A 967 49.12 -40.42 0.99
CA LYS A 967 49.90 -41.07 2.04
C LYS A 967 50.97 -41.99 1.47
N GLY A 968 50.71 -42.61 0.32
CA GLY A 968 51.74 -43.38 -0.35
C GLY A 968 51.27 -44.66 -1.01
N GLU A 969 50.06 -45.12 -0.70
CA GLU A 969 49.59 -46.36 -1.29
C GLU A 969 49.44 -46.21 -2.80
N ASP A 970 49.86 -47.25 -3.53
CA ASP A 970 49.80 -47.20 -4.98
C ASP A 970 48.35 -47.04 -5.44
N LEU A 971 48.16 -46.35 -6.57
CA LEU A 971 46.83 -45.90 -6.97
C LEU A 971 45.84 -47.05 -7.14
N LEU A 972 46.20 -48.08 -7.91
CA LEU A 972 45.25 -49.13 -8.25
C LEU A 972 44.75 -49.85 -7.02
N ASP A 973 45.65 -50.18 -6.08
CA ASP A 973 45.22 -50.76 -4.81
C ASP A 973 44.64 -49.70 -3.89
N ALA A 974 45.15 -48.48 -3.95
CA ALA A 974 44.69 -47.44 -3.02
C ALA A 974 43.21 -47.17 -3.22
N THR A 975 42.75 -47.17 -4.47
CA THR A 975 41.33 -46.96 -4.73
C THR A 975 40.49 -48.08 -4.14
N LEU A 976 40.91 -49.33 -4.31
CA LEU A 976 40.16 -50.46 -3.78
C LEU A 976 40.08 -50.39 -2.26
N HIS A 977 41.21 -50.13 -1.61
CA HIS A 977 41.20 -50.03 -0.15
C HIS A 977 40.28 -48.91 0.31
N ALA A 978 40.37 -47.76 -0.36
CA ALA A 978 39.52 -46.62 0.01
C ALA A 978 38.06 -46.98 -0.12
N ALA A 979 37.69 -47.65 -1.21
CA ALA A 979 36.28 -48.01 -1.41
C ALA A 979 35.83 -49.00 -0.35
N LYS A 980 36.64 -50.02 -0.08
CA LYS A 980 36.26 -51.01 0.92
C LYS A 980 36.05 -50.35 2.28
N MET A 981 36.92 -49.43 2.65
CA MET A 981 36.81 -48.82 3.98
C MET A 981 35.48 -48.10 4.14
N ARG A 982 35.05 -47.33 3.13
CA ARG A 982 33.87 -46.49 3.23
C ARG A 982 32.63 -47.13 2.62
N LEU A 983 32.69 -48.42 2.28
CA LEU A 983 31.50 -49.09 1.76
C LEU A 983 30.31 -48.95 2.69
N ARG A 984 30.52 -49.18 3.99
CA ARG A 984 29.41 -49.23 4.93
C ARG A 984 28.60 -47.95 5.02
N PRO A 985 29.20 -46.77 5.21
CA PRO A 985 28.36 -45.56 5.32
C PRO A 985 27.52 -45.31 4.08
N ILE A 986 27.99 -45.72 2.91
CA ILE A 986 27.21 -45.51 1.70
C ILE A 986 25.87 -46.22 1.84
N ILE A 987 25.90 -47.50 2.19
CA ILE A 987 24.66 -48.24 2.32
C ILE A 987 23.84 -47.71 3.49
N MET A 988 24.49 -47.30 4.57
CA MET A 988 23.74 -46.82 5.73
C MET A 988 22.97 -45.54 5.40
N THR A 989 23.66 -44.59 4.79
CA THR A 989 23.05 -43.32 4.40
C THR A 989 22.02 -43.47 3.29
N THR A 990 22.24 -44.36 2.34
CA THR A 990 21.26 -44.56 1.29
C THR A 990 20.02 -45.26 1.83
N LEU A 991 20.21 -46.25 2.70
CA LEU A 991 19.07 -46.90 3.30
C LEU A 991 18.27 -45.92 4.14
N ALA A 992 18.97 -45.05 4.88
CA ALA A 992 18.27 -44.06 5.69
C ALA A 992 17.38 -43.18 4.82
N PHE A 993 17.95 -42.61 3.75
CA PHE A 993 17.18 -41.69 2.92
C PHE A 993 16.04 -42.42 2.21
N GLY A 994 16.35 -43.59 1.63
CA GLY A 994 15.32 -44.33 0.92
C GLY A 994 14.16 -44.71 1.80
N PHE A 995 14.46 -45.14 3.03
CA PHE A 995 13.38 -45.48 3.94
C PHE A 995 12.61 -44.25 4.38
N GLY A 996 13.31 -43.12 4.54
CA GLY A 996 12.60 -41.91 4.86
C GLY A 996 11.60 -41.55 3.78
N VAL A 997 11.94 -41.79 2.52
CA VAL A 997 11.07 -41.39 1.42
C VAL A 997 10.07 -42.45 0.98
N LEU A 998 10.24 -43.70 1.40
CA LEU A 998 9.25 -44.73 1.09
C LEU A 998 7.82 -44.36 1.49
N PRO A 999 7.56 -43.78 2.66
CA PRO A 999 6.18 -43.43 3.00
C PRO A 999 5.53 -42.51 1.97
N LEU A 1000 6.30 -41.63 1.34
CA LEU A 1000 5.76 -40.83 0.24
C LEU A 1000 5.26 -41.73 -0.87
N ALA A 1001 6.07 -42.72 -1.25
CA ALA A 1001 5.72 -43.58 -2.37
C ALA A 1001 4.52 -44.45 -2.03
N LEU A 1002 4.26 -44.69 -0.75
CA LEU A 1002 3.12 -45.49 -0.35
C LEU A 1002 1.96 -44.65 0.20
N SER A 1003 1.78 -43.44 -0.33
CA SER A 1003 0.58 -42.66 -0.03
C SER A 1003 -0.66 -43.37 -0.56
N THR A 1004 -1.82 -43.00 -0.03
CA THR A 1004 -3.06 -43.63 -0.47
C THR A 1004 -4.30 -42.74 -0.49
N GLY A 1005 -4.24 -41.47 -0.11
CA GLY A 1005 -5.43 -40.68 0.06
C GLY A 1005 -5.40 -39.35 -0.67
N ALA A 1006 -5.89 -38.33 -0.01
CA ALA A 1006 -5.88 -36.99 -0.57
C ALA A 1006 -4.44 -36.53 -0.76
N GLY A 1007 -4.16 -36.01 -1.95
CA GLY A 1007 -2.82 -35.55 -2.27
C GLY A 1007 -1.82 -36.64 -2.49
N ALA A 1008 -2.26 -37.89 -2.63
CA ALA A 1008 -1.33 -38.98 -2.85
C ALA A 1008 -0.68 -38.90 -4.22
N GLY A 1009 -1.29 -38.19 -5.17
CA GLY A 1009 -0.71 -38.10 -6.49
C GLY A 1009 0.62 -37.38 -6.49
N SER A 1010 0.65 -36.19 -5.89
CA SER A 1010 1.89 -35.43 -5.78
C SER A 1010 2.93 -36.20 -4.99
N GLN A 1011 2.48 -36.84 -3.90
CA GLN A 1011 3.38 -37.60 -3.06
C GLN A 1011 3.99 -38.76 -3.83
N HIS A 1012 3.22 -39.41 -4.71
CA HIS A 1012 3.78 -40.48 -5.53
C HIS A 1012 4.75 -39.92 -6.56
N SER A 1013 4.38 -38.82 -7.22
CA SER A 1013 5.29 -38.22 -8.19
C SER A 1013 6.64 -37.91 -7.57
N VAL A 1014 6.65 -37.56 -6.29
CA VAL A 1014 7.93 -37.27 -5.62
C VAL A 1014 8.59 -38.55 -5.11
N GLY A 1015 7.83 -39.45 -4.51
CA GLY A 1015 8.37 -40.64 -3.88
C GLY A 1015 8.81 -41.72 -4.84
N PHE A 1016 8.09 -41.88 -5.95
CA PHE A 1016 8.46 -42.89 -6.92
C PHE A 1016 9.81 -42.59 -7.56
N GLY A 1017 10.04 -41.33 -7.91
CA GLY A 1017 11.29 -40.98 -8.57
C GLY A 1017 12.48 -41.07 -7.65
N VAL A 1018 12.37 -40.51 -6.46
CA VAL A 1018 13.50 -40.47 -5.55
C VAL A 1018 13.86 -41.88 -5.09
N LEU A 1019 12.85 -42.72 -4.81
CA LEU A 1019 13.14 -44.08 -4.37
C LEU A 1019 13.93 -44.84 -5.43
N GLY A 1020 13.52 -44.72 -6.69
CA GLY A 1020 14.27 -45.36 -7.76
C GLY A 1020 15.66 -44.78 -7.91
N GLY A 1021 15.78 -43.46 -7.80
CA GLY A 1021 17.09 -42.85 -7.89
C GLY A 1021 18.03 -43.37 -6.83
N VAL A 1022 17.56 -43.46 -5.59
CA VAL A 1022 18.39 -43.94 -4.51
C VAL A 1022 18.76 -45.40 -4.72
N LEU A 1023 17.83 -46.22 -5.20
CA LEU A 1023 18.16 -47.62 -5.42
C LEU A 1023 19.24 -47.77 -6.49
N SER A 1024 19.07 -47.08 -7.61
CA SER A 1024 20.07 -47.15 -8.68
C SER A 1024 21.41 -46.65 -8.19
N ALA A 1025 21.43 -45.52 -7.49
CA ALA A 1025 22.68 -45.10 -6.87
C ALA A 1025 23.27 -46.22 -6.04
N THR A 1026 22.53 -46.66 -5.03
CA THR A 1026 23.08 -47.58 -4.04
C THR A 1026 23.56 -48.88 -4.66
N PHE A 1027 23.10 -49.22 -5.86
CA PHE A 1027 23.58 -50.44 -6.50
C PHE A 1027 24.64 -50.16 -7.57
N LEU A 1028 24.29 -49.40 -8.60
CA LEU A 1028 25.22 -49.15 -9.69
C LEU A 1028 26.41 -48.31 -9.23
N GLY A 1029 26.15 -47.20 -8.54
CA GLY A 1029 27.21 -46.25 -8.28
C GLY A 1029 28.33 -46.82 -7.43
N ILE A 1030 28.00 -47.70 -6.49
CA ILE A 1030 29.05 -48.26 -5.64
C ILE A 1030 30.07 -48.97 -6.50
N PHE A 1031 29.63 -49.69 -7.53
CA PHE A 1031 30.57 -50.27 -8.49
C PHE A 1031 31.24 -49.18 -9.32
N PHE A 1032 30.44 -48.28 -9.89
CA PHE A 1032 30.91 -47.46 -10.99
C PHE A 1032 31.79 -46.29 -10.54
N ILE A 1033 31.76 -45.90 -9.28
CA ILE A 1033 32.57 -44.76 -8.84
C ILE A 1033 34.06 -45.10 -8.91
N PRO A 1034 34.56 -46.18 -8.31
CA PRO A 1034 35.98 -46.49 -8.46
C PRO A 1034 36.41 -46.64 -9.90
N VAL A 1035 35.54 -47.10 -10.78
CA VAL A 1035 35.93 -47.25 -12.17
C VAL A 1035 36.29 -45.90 -12.77
N PHE A 1036 35.43 -44.91 -12.52
CA PHE A 1036 35.70 -43.57 -12.99
C PHE A 1036 36.96 -43.01 -12.35
N TYR A 1037 37.13 -43.19 -11.04
CA TYR A 1037 38.30 -42.62 -10.39
C TYR A 1037 39.59 -43.21 -10.94
N VAL A 1038 39.59 -44.52 -11.15
CA VAL A 1038 40.77 -45.18 -11.72
C VAL A 1038 41.05 -44.64 -13.11
N TRP A 1039 40.02 -44.60 -13.98
CA TRP A 1039 40.25 -44.12 -15.33
C TRP A 1039 40.79 -42.70 -15.32
N ILE A 1040 40.24 -41.86 -14.44
CA ILE A 1040 40.56 -40.44 -14.48
C ILE A 1040 41.97 -40.18 -14.01
N ARG A 1041 42.41 -40.85 -12.94
CA ARG A 1041 43.81 -40.69 -12.55
C ARG A 1041 44.74 -41.36 -13.57
N SER A 1042 44.31 -42.44 -14.20
CA SER A 1042 45.12 -43.05 -15.24
C SER A 1042 45.37 -42.08 -16.38
N ILE A 1043 44.32 -41.35 -16.79
CA ILE A 1043 44.48 -40.37 -17.85
C ILE A 1043 45.17 -39.11 -17.35
N PHE A 1044 45.03 -38.80 -16.06
CA PHE A 1044 45.69 -37.64 -15.45
C PHE A 1044 46.44 -38.11 -14.21
N LYS A 1045 47.67 -38.57 -14.40
CA LYS A 1045 48.48 -39.07 -13.29
C LYS A 1045 48.87 -37.88 -12.45
N TYR A 1046 48.08 -37.58 -11.42
CA TYR A 1046 48.15 -36.30 -10.75
C TYR A 1046 48.52 -36.44 -9.28
N LYS A 1047 49.38 -37.40 -8.95
CA LYS A 1047 49.94 -37.52 -7.60
C LYS A 1047 51.45 -37.67 -7.69
N PRO A 1048 52.16 -36.60 -8.06
CA PRO A 1048 53.63 -36.65 -8.05
C PRO A 1048 54.18 -36.55 -6.64
N LYS A 1049 53.59 -35.69 -5.83
CA LYS A 1049 53.99 -35.54 -4.43
C LYS A 1049 52.95 -36.13 -3.50
N MET B 1 36.23 -8.24 23.32
CA MET B 1 35.63 -6.95 23.03
C MET B 1 36.03 -5.92 24.05
N ALA B 2 35.59 -6.10 25.29
CA ALA B 2 35.98 -5.15 26.33
C ALA B 2 37.50 -5.07 26.42
N GLN B 3 38.17 -6.20 26.23
CA GLN B 3 39.62 -6.18 26.14
C GLN B 3 40.08 -5.45 24.89
N PHE B 4 39.32 -5.55 23.81
CA PHE B 4 39.72 -4.96 22.54
C PHE B 4 39.81 -3.44 22.64
N PHE B 5 38.89 -2.80 23.36
CA PHE B 5 38.84 -1.36 23.44
C PHE B 5 39.68 -0.77 24.56
N ILE B 6 40.17 -1.59 25.49
CA ILE B 6 41.13 -1.10 26.47
C ILE B 6 42.38 -0.60 25.77
N HIS B 7 42.75 -1.25 24.67
CA HIS B 7 43.95 -0.93 23.93
C HIS B 7 43.69 -0.10 22.69
N ARG B 8 42.46 0.41 22.53
CA ARG B 8 42.08 1.24 21.39
C ARG B 8 41.10 2.31 21.85
N PRO B 9 41.54 3.23 22.71
CA PRO B 9 40.61 4.24 23.22
C PRO B 9 39.99 5.13 22.15
N ILE B 10 40.75 5.43 21.10
CA ILE B 10 40.26 6.37 20.09
C ILE B 10 39.16 5.74 19.25
N PHE B 11 39.24 4.44 18.99
CA PHE B 11 38.15 3.75 18.32
C PHE B 11 36.86 3.90 19.11
N ALA B 12 36.93 3.72 20.43
CA ALA B 12 35.74 3.86 21.26
C ALA B 12 35.24 5.29 21.28
N TRP B 13 36.15 6.27 21.32
CA TRP B 13 35.73 7.66 21.24
C TRP B 13 35.01 7.94 19.93
N VAL B 14 35.49 7.37 18.83
CA VAL B 14 34.85 7.58 17.54
C VAL B 14 33.44 6.99 17.55
N ILE B 15 33.29 5.77 18.09
CA ILE B 15 31.96 5.17 18.11
C ILE B 15 31.02 6.02 18.97
N ALA B 16 31.49 6.46 20.13
CA ALA B 16 30.67 7.29 21.00
C ALA B 16 30.27 8.57 20.29
N LEU B 17 31.21 9.20 19.61
CA LEU B 17 30.92 10.45 18.91
C LEU B 17 29.91 10.24 17.80
N VAL B 18 29.98 9.13 17.09
CA VAL B 18 29.03 8.88 16.02
C VAL B 18 27.64 8.70 16.58
N ILE B 19 27.51 7.96 17.69
CA ILE B 19 26.21 7.86 18.36
C ILE B 19 25.71 9.25 18.76
N MET B 20 26.59 10.06 19.36
CA MET B 20 26.19 11.38 19.81
C MET B 20 25.70 12.22 18.66
N LEU B 21 26.44 12.22 17.55
CA LEU B 21 26.07 13.01 16.39
C LEU B 21 24.74 12.57 15.83
N ALA B 22 24.51 11.25 15.75
CA ALA B 22 23.23 10.77 15.26
C ALA B 22 22.08 11.27 16.12
N GLY B 23 22.23 11.17 17.45
CA GLY B 23 21.16 11.61 18.32
C GLY B 23 20.92 13.11 18.23
N ILE B 24 22.00 13.89 18.18
CA ILE B 24 21.86 15.33 18.09
C ILE B 24 21.15 15.71 16.81
N LEU B 25 21.51 15.08 15.69
CA LEU B 25 20.82 15.35 14.44
C LEU B 25 19.35 14.99 14.54
N THR B 26 19.05 13.80 15.06
CA THR B 26 17.69 13.31 15.10
C THR B 26 16.81 14.24 15.93
N LEU B 27 17.34 14.77 17.03
CA LEU B 27 16.53 15.60 17.90
C LEU B 27 16.03 16.85 17.20
N THR B 28 16.66 17.24 16.10
CA THR B 28 16.27 18.47 15.43
C THR B 28 15.01 18.31 14.60
N LYS B 29 14.78 17.13 14.02
CA LYS B 29 13.67 16.90 13.13
C LYS B 29 12.72 15.82 13.64
N MET B 30 12.80 15.47 14.88
CA MET B 30 11.91 14.44 15.40
C MET B 30 10.53 15.04 15.67
N PRO B 31 9.45 14.35 15.31
CA PRO B 31 8.12 14.87 15.64
C PRO B 31 7.88 14.89 17.13
N ILE B 32 7.14 15.91 17.58
CA ILE B 32 6.75 16.06 18.98
C ILE B 32 5.23 16.06 19.05
N ALA B 33 4.69 15.21 19.92
CA ALA B 33 3.25 15.12 20.12
C ALA B 33 2.98 14.95 21.61
N GLN B 34 1.69 14.98 21.96
CA GLN B 34 1.29 14.64 23.31
C GLN B 34 1.12 13.14 23.49
N TYR B 35 0.46 12.49 22.55
CA TYR B 35 0.28 11.04 22.54
C TYR B 35 0.40 10.58 21.10
N PRO B 36 0.68 9.30 20.88
CA PRO B 36 0.59 8.73 19.53
C PRO B 36 -0.87 8.38 19.23
N THR B 37 -1.09 7.79 18.06
CA THR B 37 -2.43 7.34 17.70
C THR B 37 -2.73 6.09 18.51
N ILE B 38 -3.68 6.18 19.45
CA ILE B 38 -4.02 5.09 20.33
C ILE B 38 -5.30 4.40 19.95
N ALA B 39 -6.38 5.12 19.73
CA ALA B 39 -7.63 4.49 19.34
C ALA B 39 -7.58 3.80 17.99
N PRO B 40 -8.42 2.80 17.80
CA PRO B 40 -8.37 2.17 16.49
C PRO B 40 -9.01 3.02 15.39
N PRO B 41 -8.68 2.66 14.13
CA PRO B 41 -9.29 3.46 13.07
C PRO B 41 -10.80 3.26 13.01
N THR B 42 -11.50 4.34 12.70
CA THR B 42 -12.94 4.30 12.45
C THR B 42 -13.29 5.28 11.35
N VAL B 43 -14.21 4.87 10.49
CA VAL B 43 -14.76 5.71 9.43
C VAL B 43 -16.21 6.01 9.82
N THR B 44 -16.64 7.23 9.56
CA THR B 44 -18.00 7.66 9.85
C THR B 44 -18.68 8.18 8.59
N ILE B 45 -19.95 7.82 8.43
CA ILE B 45 -20.80 8.34 7.36
C ILE B 45 -21.87 9.20 8.00
N ALA B 46 -22.06 10.40 7.48
CA ALA B 46 -23.10 11.31 7.95
C ALA B 46 -23.95 11.78 6.77
N ALA B 47 -25.27 11.74 6.95
CA ALA B 47 -26.22 12.21 5.95
C ALA B 47 -27.36 12.92 6.67
N THR B 48 -27.94 13.92 5.99
CA THR B 48 -29.04 14.69 6.55
C THR B 48 -30.25 14.65 5.63
N TYR B 49 -31.42 14.39 6.20
CA TYR B 49 -32.69 14.41 5.53
C TYR B 49 -33.39 15.57 6.26
N PRO B 50 -33.29 16.80 5.68
CA PRO B 50 -33.83 17.94 6.42
C PRO B 50 -35.35 17.88 6.53
N GLY B 51 -35.84 17.97 7.76
CA GLY B 51 -37.25 17.92 8.03
C GLY B 51 -37.82 16.54 8.31
N ALA B 52 -37.00 15.49 8.26
CA ALA B 52 -37.50 14.14 8.41
C ALA B 52 -37.63 13.78 9.89
N SER B 53 -38.10 12.56 10.16
CA SER B 53 -38.16 12.00 11.50
C SER B 53 -37.19 10.84 11.62
N ALA B 54 -37.01 10.35 12.85
CA ALA B 54 -36.10 9.25 13.08
C ALA B 54 -36.51 8.01 12.30
N GLU B 55 -37.80 7.77 12.16
CA GLU B 55 -38.28 6.63 11.44
C GLU B 55 -38.11 6.80 9.93
N THR B 56 -38.41 7.96 9.40
CA THR B 56 -38.21 8.19 7.99
C THR B 56 -36.73 8.16 7.68
N VAL B 57 -35.92 8.77 8.52
CA VAL B 57 -34.49 8.74 8.28
C VAL B 57 -33.99 7.31 8.27
N GLU B 58 -34.39 6.51 9.27
CA GLU B 58 -33.93 5.13 9.31
C GLU B 58 -34.31 4.40 8.04
N ASN B 59 -35.58 4.31 7.70
CA ASN B 59 -36.05 3.53 6.58
C ASN B 59 -35.56 3.92 5.24
N THR B 60 -35.38 5.19 5.01
CA THR B 60 -34.97 5.60 3.68
C THR B 60 -33.50 5.89 3.55
N VAL B 61 -32.76 5.99 4.64
CA VAL B 61 -31.35 6.33 4.52
C VAL B 61 -30.48 5.26 5.15
N THR B 62 -30.74 4.95 6.42
CA THR B 62 -29.75 4.24 7.21
C THR B 62 -29.61 2.80 6.74
N GLN B 63 -30.73 2.09 6.64
CA GLN B 63 -30.69 0.69 6.22
C GLN B 63 -30.14 0.57 4.82
N ILE B 64 -30.51 1.50 3.95
CA ILE B 64 -30.06 1.47 2.56
C ILE B 64 -28.56 1.60 2.48
N ILE B 65 -27.97 2.55 3.21
CA ILE B 65 -26.52 2.67 3.18
C ILE B 65 -25.87 1.48 3.89
N GLU B 66 -26.48 1.03 4.98
CA GLU B 66 -25.95 -0.09 5.74
C GLU B 66 -25.93 -1.41 5.01
N GLN B 67 -26.81 -1.57 4.03
CA GLN B 67 -26.90 -2.79 3.26
C GLN B 67 -25.83 -2.94 2.21
N GLN B 68 -25.19 -1.84 1.87
CA GLN B 68 -24.12 -1.84 0.90
C GLN B 68 -22.75 -1.97 1.50
N MET B 69 -22.66 -2.08 2.80
CA MET B 69 -21.36 -2.14 3.42
C MET B 69 -20.75 -3.52 3.58
N ASN B 70 -20.16 -4.09 2.56
CA ASN B 70 -19.51 -5.40 2.70
C ASN B 70 -18.26 -5.44 1.85
N GLY B 71 -17.36 -6.37 2.10
CA GLY B 71 -16.13 -6.40 1.35
C GLY B 71 -15.08 -5.51 1.97
N LEU B 72 -15.32 -4.99 3.16
CA LEU B 72 -14.39 -4.09 3.81
C LEU B 72 -13.37 -4.90 4.61
N ASP B 73 -12.09 -4.63 4.45
CA ASP B 73 -11.02 -5.40 5.06
C ASP B 73 -10.69 -4.86 6.44
N GLY B 74 -10.69 -5.73 7.43
CA GLY B 74 -10.44 -5.35 8.80
C GLY B 74 -11.66 -4.88 9.56
N LEU B 75 -12.82 -4.92 8.94
CA LEU B 75 -14.01 -4.45 9.60
C LEU B 75 -14.35 -5.22 10.88
N ARG B 76 -14.53 -4.52 11.99
CA ARG B 76 -14.95 -5.15 13.23
C ARG B 76 -16.47 -5.13 13.38
N TYR B 77 -17.08 -3.95 13.32
CA TYR B 77 -18.51 -3.84 13.52
C TYR B 77 -19.00 -2.47 13.08
N ILE B 78 -20.31 -2.38 12.86
CA ILE B 78 -20.95 -1.15 12.44
C ILE B 78 -21.99 -0.72 13.47
N SER B 79 -22.04 0.56 13.80
CA SER B 79 -22.97 1.12 14.77
C SER B 79 -23.64 2.35 14.16
N SER B 80 -24.95 2.43 14.26
CA SER B 80 -25.73 3.47 13.59
C SER B 80 -26.68 4.14 14.57
N ASN B 81 -27.12 5.33 14.20
CA ASN B 81 -28.16 6.05 14.92
C ASN B 81 -28.88 6.99 13.97
N SER B 82 -30.17 7.21 14.23
CA SER B 82 -31.05 8.00 13.38
C SER B 82 -31.89 8.91 14.27
N ALA B 83 -31.79 10.22 14.05
CA ALA B 83 -32.37 11.22 14.94
C ALA B 83 -33.50 11.96 14.26
N GLY B 84 -34.45 12.44 15.07
CA GLY B 84 -35.60 13.17 14.57
C GLY B 84 -35.28 14.57 14.10
N ASN B 85 -34.07 15.04 14.35
CA ASN B 85 -33.61 16.28 13.76
C ASN B 85 -33.35 16.16 12.27
N GLY B 86 -33.20 14.94 11.77
CA GLY B 86 -33.00 14.69 10.35
C GLY B 86 -31.67 14.07 10.00
N GLN B 87 -30.81 13.76 10.96
CA GLN B 87 -29.46 13.32 10.69
C GLN B 87 -29.29 11.83 10.91
N ALA B 88 -28.54 11.20 10.02
CA ALA B 88 -28.16 9.80 10.12
C ALA B 88 -26.66 9.72 10.29
N SER B 89 -26.21 8.90 11.23
CA SER B 89 -24.79 8.70 11.48
C SER B 89 -24.49 7.21 11.50
N ILE B 90 -23.50 6.79 10.71
CA ILE B 90 -23.08 5.40 10.62
C ILE B 90 -21.59 5.36 10.90
N GLN B 91 -21.18 4.58 11.88
CA GLN B 91 -19.78 4.50 12.28
C GLN B 91 -19.26 3.08 12.09
N LEU B 92 -18.18 2.95 11.33
CA LEU B 92 -17.54 1.67 11.05
C LEU B 92 -16.21 1.59 11.80
N ASN B 93 -16.01 0.47 12.48
CA ASN B 93 -14.84 0.24 13.31
C ASN B 93 -13.92 -0.78 12.65
N PHE B 94 -12.62 -0.52 12.72
CA PHE B 94 -11.63 -1.40 12.11
C PHE B 94 -10.59 -1.77 13.15
N GLU B 95 -10.05 -2.97 12.99
CA GLU B 95 -9.11 -3.50 13.97
C GLU B 95 -7.74 -2.84 13.85
N GLN B 96 -7.00 -2.89 14.95
CA GLN B 96 -5.69 -2.26 15.01
C GLN B 96 -4.79 -2.81 13.91
N GLY B 97 -4.07 -1.91 13.24
CA GLY B 97 -3.17 -2.30 12.19
C GLY B 97 -3.72 -2.15 10.79
N VAL B 98 -4.87 -1.55 10.63
CA VAL B 98 -5.48 -1.34 9.32
C VAL B 98 -5.20 0.10 8.91
N ASP B 99 -4.79 0.29 7.67
CA ASP B 99 -4.47 1.61 7.16
C ASP B 99 -5.73 2.48 7.15
N PRO B 100 -5.77 3.58 7.88
CA PRO B 100 -6.99 4.41 7.89
C PRO B 100 -7.38 4.96 6.53
N ASP B 101 -6.41 5.29 5.68
CA ASP B 101 -6.71 5.86 4.38
C ASP B 101 -7.42 4.84 3.49
N ILE B 102 -6.95 3.58 3.51
CA ILE B 102 -7.59 2.54 2.72
C ILE B 102 -8.99 2.25 3.25
N ALA B 103 -9.15 2.21 4.57
CA ALA B 103 -10.47 1.96 5.12
C ALA B 103 -11.45 3.04 4.68
N GLN B 104 -11.02 4.31 4.70
CA GLN B 104 -11.89 5.39 4.28
C GLN B 104 -12.23 5.29 2.80
N VAL B 105 -11.23 5.04 1.95
CA VAL B 105 -11.49 4.98 0.53
C VAL B 105 -12.42 3.82 0.19
N GLN B 106 -12.24 2.67 0.86
CA GLN B 106 -13.12 1.54 0.65
C GLN B 106 -14.55 1.86 1.06
N VAL B 107 -14.71 2.51 2.21
CA VAL B 107 -16.07 2.83 2.68
C VAL B 107 -16.75 3.77 1.70
N GLN B 108 -16.04 4.81 1.25
CA GLN B 108 -16.68 5.77 0.36
C GLN B 108 -16.80 5.25 -1.07
N ASN B 109 -16.06 4.21 -1.43
CA ASN B 109 -16.33 3.53 -2.70
C ASN B 109 -17.59 2.68 -2.63
N LYS B 110 -17.82 1.98 -1.52
CA LYS B 110 -19.05 1.23 -1.34
C LYS B 110 -20.24 2.17 -1.21
N LEU B 111 -19.98 3.40 -0.79
CA LEU B 111 -21.07 4.37 -0.70
C LEU B 111 -21.64 4.70 -2.08
N GLN B 112 -20.80 4.73 -3.11
CA GLN B 112 -21.26 5.14 -4.44
C GLN B 112 -22.39 4.27 -4.93
N SER B 113 -22.37 2.98 -4.60
CA SER B 113 -23.47 2.11 -5.00
C SER B 113 -24.79 2.57 -4.42
N ALA B 114 -24.78 3.10 -3.21
CA ALA B 114 -26.01 3.36 -2.48
C ALA B 114 -26.75 4.59 -2.98
N THR B 115 -26.04 5.65 -3.39
CA THR B 115 -26.64 6.97 -3.36
C THR B 115 -27.84 7.08 -4.31
N ALA B 116 -27.81 6.34 -5.42
CA ALA B 116 -28.93 6.36 -6.35
C ALA B 116 -30.22 5.88 -5.73
N LEU B 117 -30.14 5.11 -4.64
CA LEU B 117 -31.32 4.70 -3.90
C LEU B 117 -31.71 5.67 -2.78
N LEU B 118 -30.92 6.68 -2.51
CA LEU B 118 -31.26 7.59 -1.43
C LEU B 118 -32.34 8.56 -1.88
N PRO B 119 -32.98 9.24 -0.92
CA PRO B 119 -33.91 10.30 -1.30
C PRO B 119 -33.19 11.49 -1.92
N GLU B 120 -33.84 12.15 -2.87
CA GLU B 120 -33.26 13.23 -3.62
C GLU B 120 -32.89 14.37 -2.73
N ASP B 121 -33.65 14.61 -1.67
CA ASP B 121 -33.31 15.66 -0.75
C ASP B 121 -31.99 15.37 -0.06
N VAL B 122 -31.80 14.11 0.30
CA VAL B 122 -30.60 13.65 0.95
C VAL B 122 -29.42 13.86 0.04
N GLN B 123 -29.57 13.56 -1.24
CA GLN B 123 -28.50 13.72 -2.20
C GLN B 123 -28.06 15.12 -2.37
N ARG B 124 -28.98 16.06 -2.32
CA ARG B 124 -28.59 17.43 -2.49
C ARG B 124 -27.97 18.02 -1.25
N GLN B 125 -28.17 17.41 -0.10
CA GLN B 125 -27.57 17.96 1.07
C GLN B 125 -26.13 17.52 1.10
N GLY B 126 -25.83 16.34 0.58
CA GLY B 126 -24.48 15.84 0.55
C GLY B 126 -24.14 14.76 1.58
N VAL B 127 -23.64 13.63 1.14
CA VAL B 127 -23.29 12.57 2.08
C VAL B 127 -21.78 12.59 2.23
N THR B 128 -21.30 12.72 3.47
CA THR B 128 -19.89 12.92 3.74
C THR B 128 -19.32 11.74 4.53
N VAL B 129 -18.05 11.45 4.28
CA VAL B 129 -17.31 10.36 4.92
C VAL B 129 -16.04 10.93 5.52
N THR B 130 -15.75 10.61 6.78
CA THR B 130 -14.52 11.03 7.44
C THR B 130 -13.98 9.89 8.28
N LYS B 131 -12.81 10.12 8.89
CA LYS B 131 -12.22 9.16 9.81
C LYS B 131 -11.72 9.84 11.07
N SER B 132 -11.39 9.02 12.06
CA SER B 132 -11.16 9.51 13.42
C SER B 132 -9.98 10.46 13.48
N GLY B 133 -8.79 9.97 13.23
CA GLY B 133 -7.66 10.89 13.17
C GLY B 133 -7.29 11.51 14.51
N ALA B 134 -6.58 12.64 14.42
CA ALA B 134 -6.03 13.31 15.59
C ALA B 134 -6.96 14.42 16.08
N SER B 135 -6.61 14.98 17.24
CA SER B 135 -7.45 15.92 17.96
C SER B 135 -6.99 17.36 17.72
N PHE B 136 -7.71 18.29 18.32
CA PHE B 136 -7.39 19.71 18.15
C PHE B 136 -6.10 20.06 18.87
N LEU B 137 -5.19 20.73 18.16
CA LEU B 137 -4.06 21.35 18.85
C LEU B 137 -4.50 22.59 19.61
N GLN B 138 -5.31 23.43 18.98
CA GLN B 138 -5.86 24.59 19.65
C GLN B 138 -7.09 25.06 18.90
N VAL B 139 -7.90 25.86 19.58
CA VAL B 139 -9.12 26.44 19.04
C VAL B 139 -9.02 27.95 19.21
N ILE B 140 -9.20 28.68 18.13
CA ILE B 140 -9.09 30.13 18.14
C ILE B 140 -10.50 30.67 18.12
N ALA B 141 -10.68 31.88 18.65
CA ALA B 141 -11.96 32.55 18.65
C ALA B 141 -11.82 33.95 18.05
N PHE B 142 -12.83 34.38 17.31
CA PHE B 142 -12.84 35.70 16.68
C PHE B 142 -14.09 36.44 17.09
N TYR B 143 -13.94 37.68 17.53
CA TYR B 143 -15.05 38.45 18.06
C TYR B 143 -14.68 39.93 18.04
N SER B 144 -15.69 40.77 18.20
CA SER B 144 -15.52 42.21 18.31
C SER B 144 -15.76 42.62 19.75
N PRO B 145 -14.80 43.25 20.43
CA PRO B 145 -15.00 43.53 21.87
C PRO B 145 -16.17 44.45 22.15
N ASP B 146 -16.43 45.43 21.28
CA ASP B 146 -17.42 46.46 21.52
C ASP B 146 -18.69 46.28 20.72
N ASN B 147 -18.93 45.09 20.18
CA ASN B 147 -20.09 44.80 19.35
C ASN B 147 -20.17 45.74 18.16
N ASN B 148 -19.05 46.35 17.79
CA ASN B 148 -19.04 47.29 16.67
C ASN B 148 -19.39 46.58 15.37
N LEU B 149 -18.87 45.38 15.15
CA LEU B 149 -19.08 44.63 13.93
C LEU B 149 -20.17 43.59 14.13
N SER B 150 -21.00 43.40 13.11
CA SER B 150 -22.01 42.37 13.19
C SER B 150 -21.38 40.99 13.18
N ASP B 151 -22.02 40.05 13.86
CA ASP B 151 -21.53 38.68 13.85
C ASP B 151 -21.42 38.15 12.44
N SER B 152 -22.35 38.52 11.56
CA SER B 152 -22.27 38.11 10.17
C SER B 152 -21.01 38.69 9.51
N ASP B 153 -20.69 39.95 9.81
CA ASP B 153 -19.48 40.53 9.25
C ASP B 153 -18.24 39.79 9.71
N ILE B 154 -18.18 39.43 11.00
CA ILE B 154 -17.02 38.70 11.51
C ILE B 154 -16.92 37.33 10.84
N LYS B 155 -18.05 36.66 10.67
CA LYS B 155 -18.04 35.35 10.03
C LYS B 155 -17.55 35.47 8.60
N ASP B 156 -18.03 36.46 7.87
CA ASP B 156 -17.58 36.68 6.51
C ASP B 156 -16.08 36.96 6.48
N TYR B 157 -15.60 37.82 7.38
CA TYR B 157 -14.20 38.21 7.33
C TYR B 157 -13.30 37.02 7.64
N VAL B 158 -13.65 36.23 8.64
CA VAL B 158 -12.81 35.07 8.96
C VAL B 158 -12.82 34.10 7.80
N ASN B 159 -14.02 33.75 7.32
CA ASN B 159 -14.12 32.77 6.24
C ASN B 159 -13.35 33.23 5.00
N SER B 160 -13.33 34.52 4.72
CA SER B 160 -12.66 35.01 3.52
C SER B 160 -11.15 35.12 3.73
N SER B 161 -10.74 35.95 4.68
CA SER B 161 -9.33 36.29 4.82
C SER B 161 -8.55 35.26 5.64
N ILE B 162 -9.12 34.79 6.75
CA ILE B 162 -8.32 34.05 7.73
C ILE B 162 -8.23 32.57 7.37
N LYS B 163 -9.35 31.97 6.99
CA LYS B 163 -9.44 30.52 6.91
C LYS B 163 -8.41 29.93 5.96
N GLU B 164 -8.25 30.53 4.76
CA GLU B 164 -7.37 29.92 3.76
C GLU B 164 -5.90 30.00 4.15
N PRO B 165 -5.33 31.16 4.47
CA PRO B 165 -3.88 31.20 4.78
C PRO B 165 -3.47 30.35 5.96
N LEU B 166 -4.30 30.20 6.99
CA LEU B 166 -3.90 29.37 8.13
C LEU B 166 -3.77 27.91 7.72
N SER B 167 -4.60 27.44 6.79
CA SER B 167 -4.45 26.08 6.27
C SER B 167 -3.07 25.86 5.72
N ARG B 168 -2.45 26.92 5.20
CA ARG B 168 -1.17 26.84 4.54
C ARG B 168 0.01 27.03 5.49
N VAL B 169 -0.23 27.18 6.80
CA VAL B 169 0.88 27.24 7.74
C VAL B 169 1.56 25.88 7.81
N ALA B 170 2.82 25.90 8.25
CA ALA B 170 3.73 24.78 8.00
C ALA B 170 3.12 23.45 8.42
N GLY B 171 2.71 23.32 9.67
CA GLY B 171 2.33 22.04 10.22
C GLY B 171 0.86 21.73 10.34
N VAL B 172 -0.02 22.58 9.79
CA VAL B 172 -1.44 22.41 10.01
C VAL B 172 -1.98 21.25 9.18
N GLY B 173 -2.85 20.45 9.80
CA GLY B 173 -3.45 19.32 9.12
C GLY B 173 -4.86 19.56 8.62
N GLU B 174 -5.72 20.09 9.48
CA GLU B 174 -7.08 20.44 9.08
C GLU B 174 -7.51 21.69 9.83
N VAL B 175 -8.39 22.47 9.21
CA VAL B 175 -8.90 23.71 9.77
C VAL B 175 -10.41 23.69 9.70
N GLN B 176 -11.07 23.82 10.83
CA GLN B 176 -12.53 23.73 10.93
C GLN B 176 -13.07 25.01 11.55
N VAL B 177 -14.04 25.62 10.89
CA VAL B 177 -14.69 26.79 11.44
C VAL B 177 -15.91 26.35 12.22
N PHE B 178 -16.28 27.17 13.20
CA PHE B 178 -17.53 27.04 13.92
C PHE B 178 -18.43 28.22 13.59
N GLY B 179 -19.74 27.94 13.49
CA GLY B 179 -20.73 28.95 13.19
C GLY B 179 -21.44 28.78 11.87
N GLY B 180 -20.98 27.90 11.00
CA GLY B 180 -21.70 27.64 9.76
C GLY B 180 -21.76 28.88 8.88
N SER B 181 -22.86 28.99 8.13
CA SER B 181 -23.06 30.11 7.21
C SER B 181 -24.54 30.36 7.04
N TYR B 182 -24.87 31.56 6.56
CA TYR B 182 -26.25 31.98 6.40
C TYR B 182 -26.85 31.44 5.10
N ALA B 183 -28.19 31.50 5.03
CA ALA B 183 -28.93 31.03 3.89
C ALA B 183 -30.04 32.02 3.57
N MET B 184 -30.49 32.00 2.31
CA MET B 184 -31.67 32.76 1.92
C MET B 184 -32.93 31.99 2.30
N ARG B 185 -33.85 32.64 3.00
CA ARG B 185 -35.03 31.98 3.53
C ARG B 185 -36.29 32.73 3.15
N ILE B 186 -37.30 31.96 2.71
CA ILE B 186 -38.58 32.47 2.25
C ILE B 186 -39.64 31.92 3.19
N TRP B 187 -40.30 32.78 3.97
CA TRP B 187 -41.31 32.34 4.93
C TRP B 187 -42.72 32.58 4.41
N LEU B 188 -43.48 31.53 4.11
CA LEU B 188 -44.80 31.74 3.59
C LEU B 188 -45.84 32.07 4.64
N ASP B 189 -46.90 32.74 4.19
CA ASP B 189 -48.03 33.15 4.99
C ASP B 189 -49.21 32.46 4.37
N PRO B 190 -49.82 31.52 5.08
CA PRO B 190 -50.96 30.84 4.45
C PRO B 190 -52.12 31.75 4.04
N ALA B 191 -52.45 32.76 4.81
CA ALA B 191 -53.56 33.62 4.49
C ALA B 191 -53.35 34.31 3.14
N LYS B 192 -52.20 34.94 2.97
CA LYS B 192 -51.90 35.61 1.72
C LYS B 192 -51.86 34.61 0.57
N LEU B 193 -51.31 33.42 0.81
CA LEU B 193 -51.26 32.41 -0.24
C LEU B 193 -52.65 32.06 -0.74
N THR B 194 -53.59 31.84 0.18
CA THR B 194 -54.93 31.44 -0.27
C THR B 194 -55.69 32.61 -0.88
N SER B 195 -55.43 33.84 -0.42
CA SER B 195 -56.14 34.98 -0.98
C SER B 195 -55.90 35.13 -2.48
N TYR B 196 -54.74 34.67 -2.96
CA TYR B 196 -54.42 34.72 -4.38
C TYR B 196 -54.60 33.39 -5.07
N GLN B 197 -55.08 32.36 -4.35
CA GLN B 197 -55.19 31.01 -4.87
C GLN B 197 -53.84 30.48 -5.34
N LEU B 198 -52.82 30.67 -4.50
CA LEU B 198 -51.48 30.17 -4.76
C LEU B 198 -51.11 29.12 -3.73
N THR B 199 -50.26 28.19 -4.12
CA THR B 199 -49.81 27.10 -3.28
C THR B 199 -48.33 27.21 -2.97
N PRO B 200 -47.84 26.40 -2.03
CA PRO B 200 -46.38 26.33 -1.83
C PRO B 200 -45.61 25.83 -3.05
N SER B 201 -46.21 24.91 -3.81
CA SER B 201 -45.54 24.39 -5.00
C SER B 201 -45.39 25.45 -6.07
N ASP B 202 -46.34 26.38 -6.14
CA ASP B 202 -46.21 27.50 -7.06
C ASP B 202 -44.97 28.31 -6.76
N ILE B 203 -44.72 28.59 -5.48
CA ILE B 203 -43.54 29.34 -5.08
C ILE B 203 -42.28 28.56 -5.38
N ALA B 204 -42.28 27.26 -5.11
CA ALA B 204 -41.08 26.46 -5.40
C ALA B 204 -40.75 26.48 -6.88
N THR B 205 -41.77 26.32 -7.72
CA THR B 205 -41.57 26.31 -9.16
C THR B 205 -41.08 27.66 -9.66
N ALA B 206 -41.66 28.75 -9.16
CA ALA B 206 -41.20 30.07 -9.56
C ALA B 206 -39.78 30.32 -9.10
N LEU B 207 -39.41 29.86 -7.92
CA LEU B 207 -38.05 30.04 -7.42
C LEU B 207 -37.04 29.32 -8.30
N GLN B 208 -37.34 28.09 -8.71
CA GLN B 208 -36.37 27.37 -9.52
C GLN B 208 -36.35 27.89 -10.96
N ALA B 209 -37.51 28.29 -11.48
CA ALA B 209 -37.57 28.79 -12.85
C ALA B 209 -36.80 30.08 -13.02
N GLN B 210 -36.86 30.99 -12.04
CA GLN B 210 -36.39 32.35 -12.21
C GLN B 210 -35.00 32.62 -11.67
N ASN B 211 -34.40 31.69 -10.94
CA ASN B 211 -33.03 31.82 -10.47
C ASN B 211 -32.21 30.72 -11.11
N SER B 212 -31.55 31.04 -12.20
CA SER B 212 -30.84 30.08 -12.99
C SER B 212 -29.58 30.66 -13.61
N GLN B 213 -28.72 29.82 -14.12
CA GLN B 213 -27.50 30.21 -14.80
C GLN B 213 -27.60 29.78 -16.26
N VAL B 214 -27.37 30.73 -17.18
CA VAL B 214 -27.48 30.51 -18.62
C VAL B 214 -26.09 30.32 -19.21
N ALA B 215 -25.99 29.44 -20.20
CA ALA B 215 -24.77 29.20 -20.96
C ALA B 215 -25.01 29.56 -22.42
N VAL B 216 -24.00 30.17 -23.07
CA VAL B 216 -24.18 30.64 -24.44
C VAL B 216 -23.03 30.32 -25.38
N GLY B 217 -22.13 29.41 -25.01
CA GLY B 217 -21.10 28.98 -25.95
C GLY B 217 -20.09 30.05 -26.34
N GLN B 218 -19.74 30.08 -27.63
CA GLN B 218 -18.70 30.95 -28.15
C GLN B 218 -19.18 31.65 -29.40
N LEU B 219 -18.55 32.78 -29.71
CA LEU B 219 -18.61 33.35 -31.04
C LEU B 219 -17.57 32.69 -31.91
N GLY B 220 -17.97 32.25 -33.09
CA GLY B 220 -17.08 31.53 -33.98
C GLY B 220 -16.62 30.18 -33.46
N GLY B 221 -17.56 29.35 -33.04
CA GLY B 221 -17.22 28.00 -32.60
C GLY B 221 -16.69 27.13 -33.73
N ALA B 222 -16.14 25.99 -33.34
CA ALA B 222 -15.11 25.33 -34.13
C ALA B 222 -15.51 25.07 -35.58
N PRO B 223 -16.63 24.42 -35.88
CA PRO B 223 -17.06 24.41 -37.28
C PRO B 223 -17.64 25.79 -37.57
N ALA B 224 -16.89 26.60 -38.29
CA ALA B 224 -17.18 28.01 -38.42
C ALA B 224 -17.38 28.37 -39.88
N VAL B 225 -18.11 29.47 -40.09
CA VAL B 225 -18.37 29.93 -41.44
C VAL B 225 -17.09 30.46 -42.04
N GLN B 226 -16.81 30.08 -43.29
CA GLN B 226 -15.57 30.46 -43.94
C GLN B 226 -15.39 31.97 -43.92
N GLY B 227 -14.20 32.41 -43.53
CA GLY B 227 -13.94 33.82 -43.39
C GLY B 227 -14.33 34.39 -42.05
N GLN B 228 -14.68 33.53 -41.10
CA GLN B 228 -14.89 33.99 -39.74
C GLN B 228 -13.63 34.66 -39.24
N VAL B 229 -13.79 35.84 -38.65
CA VAL B 229 -12.64 36.64 -38.23
C VAL B 229 -12.40 36.57 -36.72
N LEU B 230 -13.44 36.42 -35.92
CA LEU B 230 -13.37 36.65 -34.49
C LEU B 230 -13.81 35.40 -33.76
N ASN B 231 -13.12 35.08 -32.67
CA ASN B 231 -13.46 33.95 -31.81
C ASN B 231 -13.43 34.44 -30.37
N ALA B 232 -14.56 34.38 -29.68
CA ALA B 232 -14.66 34.97 -28.36
C ALA B 232 -15.63 34.19 -27.48
N THR B 233 -15.41 34.25 -26.18
CA THR B 233 -16.31 33.68 -25.20
C THR B 233 -17.53 34.56 -24.98
N VAL B 234 -18.68 33.94 -24.76
CA VAL B 234 -19.93 34.64 -24.49
C VAL B 234 -20.47 34.18 -23.14
N ASN B 235 -20.36 35.04 -22.14
CA ASN B 235 -20.89 34.76 -20.81
C ASN B 235 -22.13 35.60 -20.54
N ALA B 236 -23.09 35.01 -19.83
CA ALA B 236 -24.34 35.64 -19.46
C ALA B 236 -24.43 35.77 -17.94
N GLN B 237 -25.06 36.83 -17.45
CA GLN B 237 -25.27 37.03 -16.03
C GLN B 237 -26.79 36.93 -15.87
N SER B 238 -27.26 35.92 -15.17
CA SER B 238 -28.69 35.68 -14.97
C SER B 238 -29.07 35.43 -13.53
N LEU B 239 -28.31 34.74 -12.67
CA LEU B 239 -28.66 34.52 -11.29
C LEU B 239 -29.02 35.76 -10.49
N LEU B 240 -29.93 35.62 -9.54
CA LEU B 240 -30.30 36.72 -8.69
C LEU B 240 -29.12 37.03 -7.79
N GLN B 241 -28.84 38.30 -7.54
CA GLN B 241 -27.75 38.63 -6.67
C GLN B 241 -28.19 39.06 -5.30
N THR B 242 -29.23 39.86 -5.21
CA THR B 242 -29.67 40.38 -3.92
C THR B 242 -31.01 39.94 -3.41
N PRO B 243 -31.35 40.26 -2.14
CA PRO B 243 -32.68 39.84 -1.69
C PRO B 243 -33.85 40.55 -2.26
N GLU B 244 -33.71 41.75 -2.76
CA GLU B 244 -34.79 42.48 -3.42
C GLU B 244 -35.14 41.85 -4.75
N GLN B 245 -34.18 41.21 -5.40
CA GLN B 245 -34.43 40.50 -6.62
C GLN B 245 -35.36 39.32 -6.33
N PHE B 246 -35.19 38.64 -5.21
CA PHE B 246 -36.10 37.57 -4.82
C PHE B 246 -37.49 38.12 -4.47
N LYS B 247 -37.53 39.25 -3.78
CA LYS B 247 -38.81 39.86 -3.41
C LYS B 247 -39.67 40.16 -4.63
N ASN B 248 -39.04 40.39 -5.78
CA ASN B 248 -39.76 40.82 -6.97
C ASN B 248 -40.01 39.70 -7.96
N ILE B 249 -39.83 38.45 -7.55
CA ILE B 249 -40.09 37.31 -8.42
C ILE B 249 -41.55 37.28 -8.79
N PHE B 250 -41.84 37.51 -10.06
CA PHE B 250 -43.22 37.53 -10.54
C PHE B 250 -43.87 36.19 -10.28
N LEU B 251 -45.05 36.22 -9.65
CA LEU B 251 -45.82 35.00 -9.39
C LEU B 251 -46.95 34.81 -10.38
N LYS B 252 -47.84 35.79 -10.51
CA LYS B 252 -49.01 35.66 -11.38
C LYS B 252 -49.68 37.02 -11.52
N ASN B 253 -50.79 37.03 -12.25
CA ASN B 253 -51.55 38.24 -12.53
C ASN B 253 -52.95 38.11 -11.95
N THR B 254 -53.39 39.15 -11.24
CA THR B 254 -54.70 39.18 -10.65
C THR B 254 -55.76 39.50 -11.70
N ALA B 255 -57.00 39.16 -11.40
CA ALA B 255 -58.08 39.40 -12.35
C ALA B 255 -58.19 40.87 -12.72
N SER B 256 -58.08 41.76 -11.74
CA SER B 256 -58.07 43.19 -12.02
C SER B 256 -56.81 43.63 -12.75
N GLY B 257 -55.79 42.78 -12.83
CA GLY B 257 -54.56 43.09 -13.53
C GLY B 257 -53.36 43.33 -12.63
N ALA B 258 -53.51 43.19 -11.33
CA ALA B 258 -52.39 43.46 -10.42
C ALA B 258 -51.29 42.41 -10.61
N GLU B 259 -50.09 42.80 -10.20
CA GLU B 259 -48.91 41.96 -10.37
C GLU B 259 -48.55 41.36 -9.01
N VAL B 260 -48.74 40.06 -8.88
CA VAL B 260 -48.47 39.36 -7.64
C VAL B 260 -47.04 38.85 -7.71
N ARG B 261 -46.20 39.36 -6.84
CA ARG B 261 -44.82 38.94 -6.76
C ARG B 261 -44.62 38.17 -5.46
N LEU B 262 -43.37 37.76 -5.24
CA LEU B 262 -43.08 36.97 -4.04
C LEU B 262 -43.37 37.75 -2.78
N LYS B 263 -43.02 39.04 -2.75
CA LYS B 263 -43.21 39.84 -1.54
C LYS B 263 -44.66 39.84 -1.08
N ASP B 264 -45.59 39.62 -2.00
CA ASP B 264 -47.01 39.68 -1.66
C ASP B 264 -47.48 38.50 -0.81
N VAL B 265 -46.73 37.41 -0.79
CA VAL B 265 -47.13 36.23 -0.02
C VAL B 265 -46.05 35.74 0.93
N ALA B 266 -44.83 36.26 0.87
CA ALA B 266 -43.78 35.72 1.71
C ALA B 266 -42.95 36.85 2.31
N ARG B 267 -42.19 36.49 3.33
CA ARG B 267 -41.27 37.39 3.99
C ARG B 267 -39.90 36.86 3.54
N VAL B 268 -39.06 37.70 2.94
CA VAL B 268 -37.77 37.33 2.38
C VAL B 268 -36.69 37.95 3.25
N GLU B 269 -35.79 37.11 3.76
CA GLU B 269 -34.72 37.61 4.60
C GLU B 269 -33.54 36.67 4.53
N LEU B 270 -32.33 37.23 4.51
CA LEU B 270 -31.15 36.40 4.66
C LEU B 270 -31.12 35.85 6.07
N GLY B 271 -31.22 34.53 6.18
CA GLY B 271 -31.27 33.88 7.47
C GLY B 271 -30.12 32.89 7.60
N SER B 272 -30.19 32.10 8.67
CA SER B 272 -29.14 31.14 8.95
C SER B 272 -29.41 29.82 8.25
N ASP B 273 -28.36 29.01 8.15
CA ASP B 273 -28.48 27.62 7.75
C ASP B 273 -28.80 26.81 9.01
N ASN B 274 -29.94 26.12 8.99
CA ASN B 274 -30.43 25.49 10.21
C ASN B 274 -29.48 24.43 10.74
N TYR B 275 -28.69 23.83 9.86
CA TYR B 275 -27.94 22.63 10.24
C TYR B 275 -26.88 22.94 11.30
N GLN B 276 -26.22 24.09 11.19
CA GLN B 276 -25.16 24.48 12.12
C GLN B 276 -25.64 25.68 12.95
N PHE B 277 -25.50 25.57 14.27
CA PHE B 277 -26.01 26.59 15.17
C PHE B 277 -24.89 27.54 15.63
N ASP B 278 -25.31 28.62 16.29
CA ASP B 278 -24.42 29.72 16.64
C ASP B 278 -23.49 29.35 17.80
N SER B 279 -22.31 29.97 17.81
CA SER B 279 -21.30 29.76 18.85
C SER B 279 -20.89 31.10 19.45
N LYS B 280 -20.68 31.12 20.77
CA LYS B 280 -20.52 32.36 21.52
C LYS B 280 -19.34 32.25 22.48
N PHE B 281 -18.51 33.29 22.52
CA PHE B 281 -17.29 33.32 23.31
C PHE B 281 -17.42 34.30 24.45
N ASN B 282 -17.30 33.80 25.68
CA ASN B 282 -17.49 34.59 26.89
C ASN B 282 -18.87 35.25 26.88
N GLY B 283 -19.84 34.54 26.32
CA GLY B 283 -21.21 35.03 26.30
C GLY B 283 -21.52 36.04 25.22
N LYS B 284 -20.65 36.20 24.23
CA LYS B 284 -20.86 37.12 23.14
C LYS B 284 -20.71 36.38 21.81
N PRO B 285 -21.38 36.84 20.77
CA PRO B 285 -21.24 36.17 19.47
C PRO B 285 -19.81 36.20 18.98
N ALA B 286 -19.36 35.06 18.45
CA ALA B 286 -17.97 34.94 18.03
C ALA B 286 -17.85 33.75 17.11
N ALA B 287 -16.76 33.73 16.35
CA ALA B 287 -16.45 32.65 15.44
C ALA B 287 -15.10 32.05 15.84
N GLY B 288 -15.00 30.72 15.78
CA GLY B 288 -13.80 30.05 16.19
C GLY B 288 -13.22 29.17 15.10
N LEU B 289 -11.91 28.95 15.21
CA LEU B 289 -11.16 28.12 14.28
C LEU B 289 -10.41 27.04 15.06
N ALA B 290 -10.52 25.81 14.60
CA ALA B 290 -9.93 24.66 15.28
C ALA B 290 -8.82 24.09 14.42
N ILE B 291 -7.66 23.89 15.02
CA ILE B 291 -6.46 23.48 14.32
C ILE B 291 -6.15 22.04 14.72
N LYS B 292 -5.96 21.18 13.72
CA LYS B 292 -5.36 19.86 13.91
C LYS B 292 -4.09 19.81 13.09
N ILE B 293 -3.04 19.23 13.66
CA ILE B 293 -1.72 19.31 13.04
C ILE B 293 -1.44 18.05 12.25
N ALA B 294 -0.57 18.20 11.26
CA ALA B 294 -0.29 17.12 10.32
C ALA B 294 0.49 16.00 11.00
N THR B 295 0.27 14.79 10.53
CA THR B 295 0.99 13.64 11.07
C THR B 295 2.47 13.81 10.82
N GLY B 296 3.27 13.56 11.85
CA GLY B 296 4.69 13.85 11.80
C GLY B 296 5.04 15.28 12.10
N ALA B 297 4.05 16.14 12.33
CA ALA B 297 4.31 17.53 12.65
C ALA B 297 4.83 17.66 14.08
N ASN B 298 5.54 18.74 14.32
CA ASN B 298 5.95 19.11 15.66
C ASN B 298 4.91 20.08 16.21
N ALA B 299 4.29 19.69 17.32
CA ALA B 299 3.20 20.49 17.87
C ALA B 299 3.67 21.89 18.26
N LEU B 300 4.79 21.98 18.97
CA LEU B 300 5.24 23.27 19.48
C LEU B 300 5.61 24.21 18.33
N ASP B 301 6.34 23.69 17.35
CA ASP B 301 6.71 24.50 16.20
C ASP B 301 5.48 24.92 15.40
N THR B 302 4.52 24.02 15.24
CA THR B 302 3.33 24.37 14.49
C THR B 302 2.57 25.49 15.17
N ALA B 303 2.45 25.42 16.49
CA ALA B 303 1.78 26.51 17.21
C ALA B 303 2.53 27.82 17.06
N GLU B 304 3.86 27.77 17.15
CA GLU B 304 4.67 28.97 16.93
C GLU B 304 4.38 29.56 15.56
N ALA B 305 4.35 28.72 14.54
CA ALA B 305 4.14 29.19 13.17
C ALA B 305 2.75 29.79 13.00
N VAL B 306 1.75 29.16 13.60
CA VAL B 306 0.39 29.70 13.51
C VAL B 306 0.33 31.06 14.19
N GLU B 307 1.01 31.21 15.32
CA GLU B 307 1.01 32.50 16.01
C GLU B 307 1.70 33.55 15.16
N GLN B 308 2.85 33.21 14.58
CA GLN B 308 3.54 34.17 13.74
C GLN B 308 2.66 34.61 12.58
N ARG B 309 2.05 33.65 11.89
CA ARG B 309 1.24 33.98 10.73
C ARG B 309 0.04 34.83 11.12
N LEU B 310 -0.64 34.48 12.22
CA LEU B 310 -1.79 35.25 12.65
C LEU B 310 -1.39 36.67 13.04
N SER B 311 -0.22 36.82 13.68
CA SER B 311 0.27 38.16 13.96
C SER B 311 0.46 38.95 12.69
N GLU B 312 1.08 38.34 11.67
CA GLU B 312 1.23 39.03 10.39
C GLU B 312 -0.12 39.39 9.79
N LEU B 313 -1.12 38.55 10.01
CA LEU B 313 -2.45 38.79 9.44
C LEU B 313 -3.21 39.88 10.17
N ARG B 314 -2.93 40.09 11.45
CA ARG B 314 -3.74 41.03 12.22
C ARG B 314 -3.80 42.41 11.59
N LYS B 315 -2.74 42.80 10.87
CA LYS B 315 -2.66 44.17 10.37
C LYS B 315 -3.86 44.55 9.51
N ASN B 316 -4.45 43.58 8.82
CA ASN B 316 -5.53 43.83 7.88
C ASN B 316 -6.90 43.70 8.51
N TYR B 317 -7.00 43.55 9.82
CA TYR B 317 -8.30 43.43 10.45
C TYR B 317 -9.02 44.77 10.44
N PRO B 318 -10.33 44.79 10.21
CA PRO B 318 -11.12 45.98 10.49
C PRO B 318 -10.91 46.47 11.92
N THR B 319 -11.49 47.64 12.20
CA THR B 319 -11.28 48.26 13.51
C THR B 319 -11.79 47.37 14.64
N GLY B 320 -12.99 46.81 14.47
CA GLY B 320 -13.63 46.10 15.58
C GLY B 320 -12.98 44.78 15.91
N LEU B 321 -12.71 43.97 14.91
CA LEU B 321 -12.30 42.60 15.13
C LEU B 321 -11.06 42.36 15.96
N ALA B 322 -11.11 41.28 16.75
CA ALA B 322 -9.94 40.84 17.51
C ALA B 322 -9.99 39.32 17.57
N ASP B 323 -9.00 38.72 18.23
CA ASP B 323 -9.00 37.27 18.35
C ASP B 323 -8.25 36.86 19.61
N LYS B 324 -8.47 35.62 20.02
CA LYS B 324 -7.89 35.08 21.23
C LYS B 324 -7.75 33.58 21.07
N LEU B 325 -6.78 33.00 21.77
CA LEU B 325 -6.77 31.55 21.96
C LEU B 325 -7.70 31.21 23.11
N ALA B 326 -8.73 30.42 22.83
CA ALA B 326 -9.63 29.90 23.84
C ALA B 326 -9.29 28.50 24.28
N TYR B 327 -8.39 27.81 23.58
CA TYR B 327 -8.08 26.41 23.82
C TYR B 327 -6.68 26.16 23.31
N ASP B 328 -5.81 25.59 24.14
CA ASP B 328 -4.44 25.33 23.73
C ASP B 328 -3.84 24.25 24.60
N THR B 329 -3.33 23.20 23.95
CA THR B 329 -2.71 22.07 24.62
C THR B 329 -1.18 22.15 24.60
N THR B 330 -0.61 23.11 23.90
CA THR B 330 0.84 23.18 23.77
C THR B 330 1.54 23.46 25.09
N PRO B 331 1.03 24.33 25.96
CA PRO B 331 1.71 24.53 27.25
C PRO B 331 1.91 23.24 28.04
N PHE B 332 0.92 22.36 28.02
CA PHE B 332 1.04 21.11 28.75
C PHE B 332 2.12 20.21 28.16
N ILE B 333 2.17 20.10 26.83
CA ILE B 333 3.22 19.31 26.20
C ILE B 333 4.59 19.88 26.56
N ARG B 334 4.72 21.19 26.46
CA ARG B 334 5.99 21.83 26.71
C ARG B 334 6.45 21.57 28.14
N LEU B 335 5.53 21.70 29.11
CA LEU B 335 5.88 21.45 30.50
C LEU B 335 6.29 20.00 30.71
N SER B 336 5.58 19.06 30.10
CA SER B 336 5.93 17.65 30.31
C SER B 336 7.33 17.34 29.78
N ILE B 337 7.65 17.85 28.60
CA ILE B 337 8.99 17.64 28.05
C ILE B 337 10.03 18.29 28.95
N GLU B 338 9.76 19.51 29.41
CA GLU B 338 10.72 20.20 30.27
C GLU B 338 10.94 19.44 31.57
N SER B 339 9.86 18.89 32.15
CA SER B 339 9.98 18.15 33.40
C SER B 339 10.83 16.91 33.22
N VAL B 340 10.64 16.19 32.11
CA VAL B 340 11.46 15.02 31.88
C VAL B 340 12.93 15.42 31.70
N VAL B 341 13.18 16.52 30.99
CA VAL B 341 14.57 16.97 30.82
C VAL B 341 15.21 17.27 32.16
N HIS B 342 14.46 17.95 33.04
CA HIS B 342 14.98 18.26 34.36
C HIS B 342 15.27 16.99 35.14
N THR B 343 14.39 16.00 35.06
CA THR B 343 14.64 14.75 35.78
C THR B 343 15.92 14.08 35.28
N LEU B 344 16.10 14.04 33.97
CA LEU B 344 17.30 13.41 33.43
C LEU B 344 18.57 14.10 33.91
N ILE B 345 18.62 15.43 33.78
CA ILE B 345 19.84 16.13 34.17
C ILE B 345 20.09 15.97 35.65
N GLU B 346 19.03 16.05 36.47
CA GLU B 346 19.20 15.86 37.90
C GLU B 346 19.71 14.47 38.22
N ALA B 347 19.25 13.46 37.47
CA ALA B 347 19.74 12.11 37.69
C ALA B 347 21.24 12.04 37.45
N VAL B 348 21.73 12.65 36.39
CA VAL B 348 23.16 12.59 36.14
C VAL B 348 23.94 13.33 37.22
N ILE B 349 23.47 14.51 37.63
CA ILE B 349 24.16 15.24 38.69
C ILE B 349 24.16 14.43 39.98
N LEU B 350 23.05 13.75 40.27
CA LEU B 350 22.97 12.91 41.46
C LEU B 350 24.00 11.81 41.41
N VAL B 351 24.15 11.18 40.23
CA VAL B 351 25.19 10.17 40.08
C VAL B 351 26.53 10.76 40.44
N PHE B 352 26.81 11.96 39.94
CA PHE B 352 28.11 12.60 40.20
C PHE B 352 28.33 12.78 41.70
N ILE B 353 27.32 13.26 42.42
CA ILE B 353 27.49 13.51 43.84
C ILE B 353 27.65 12.20 44.61
N VAL B 354 26.86 11.18 44.28
CA VAL B 354 26.95 9.91 44.99
C VAL B 354 28.30 9.24 44.71
N MET B 355 28.75 9.31 43.45
CA MET B 355 30.03 8.76 43.08
C MET B 355 31.16 9.43 43.83
N PHE B 356 31.09 10.76 43.98
CA PHE B 356 32.16 11.40 44.75
C PHE B 356 32.03 11.13 46.23
N LEU B 357 30.84 10.86 46.74
CA LEU B 357 30.77 10.55 48.16
C LEU B 357 31.38 9.19 48.47
N PHE B 358 31.03 8.16 47.69
CA PHE B 358 31.52 6.82 48.02
C PHE B 358 32.95 6.58 47.55
N LEU B 359 33.35 7.29 46.51
CA LEU B 359 34.71 7.25 46.00
C LEU B 359 35.21 8.69 46.20
N GLN B 360 36.48 8.87 46.41
CA GLN B 360 36.95 10.21 46.73
C GLN B 360 37.82 10.82 45.63
N ASN B 361 37.61 10.43 44.39
CA ASN B 361 38.36 11.03 43.30
C ASN B 361 37.43 11.50 42.23
N TRP B 362 37.78 12.62 41.60
CA TRP B 362 36.99 13.16 40.51
C TRP B 362 37.11 12.31 39.26
N ARG B 363 38.24 11.63 39.08
CA ARG B 363 38.46 10.94 37.81
C ARG B 363 37.39 9.89 37.56
N ALA B 364 37.02 9.14 38.60
CA ALA B 364 35.90 8.21 38.49
C ALA B 364 34.61 8.95 38.20
N THR B 365 34.40 10.08 38.87
CA THR B 365 33.10 10.74 38.87
C THR B 365 32.69 11.19 37.47
N ILE B 366 33.65 11.41 36.57
CA ILE B 366 33.33 11.98 35.26
C ILE B 366 32.90 10.91 34.25
N ILE B 367 33.25 9.65 34.48
CA ILE B 367 33.00 8.62 33.47
C ILE B 367 31.51 8.39 33.25
N PRO B 368 30.70 8.14 34.27
CA PRO B 368 29.25 8.07 34.03
C PRO B 368 28.71 9.31 33.37
N THR B 369 29.21 10.47 33.79
CA THR B 369 28.76 11.74 33.21
C THR B 369 28.90 11.72 31.70
N LEU B 370 30.01 11.18 31.20
CA LEU B 370 30.18 11.07 29.75
C LEU B 370 29.32 9.95 29.17
N ALA B 371 29.20 8.83 29.88
CA ALA B 371 28.67 7.61 29.25
C ALA B 371 27.15 7.59 29.15
N VAL B 372 26.42 8.10 30.14
CA VAL B 372 24.95 7.97 30.07
C VAL B 372 24.34 8.86 28.99
N PRO B 373 24.82 10.09 28.76
CA PRO B 373 24.24 10.88 27.67
C PRO B 373 24.40 10.22 26.32
N VAL B 374 25.50 9.49 26.11
CA VAL B 374 25.71 8.77 24.87
C VAL B 374 24.55 7.82 24.63
N VAL B 375 24.20 7.03 25.64
CA VAL B 375 23.13 6.05 25.49
C VAL B 375 21.79 6.74 25.30
N VAL B 376 21.56 7.85 25.99
CA VAL B 376 20.27 8.52 25.86
C VAL B 376 20.08 9.04 24.43
N LEU B 377 21.08 9.76 23.92
CA LEU B 377 20.98 10.30 22.57
C LEU B 377 20.89 9.20 21.53
N GLY B 378 21.71 8.16 21.67
CA GLY B 378 21.64 7.03 20.75
C GLY B 378 20.27 6.38 20.76
N THR B 379 19.65 6.31 21.95
CA THR B 379 18.31 5.73 22.03
C THR B 379 17.32 6.55 21.23
N PHE B 380 17.33 7.87 21.40
CA PHE B 380 16.42 8.71 20.61
C PHE B 380 16.65 8.49 19.12
N ALA B 381 17.91 8.48 18.68
CA ALA B 381 18.19 8.25 17.27
C ALA B 381 17.60 6.93 16.80
N VAL B 382 17.69 5.88 17.61
CA VAL B 382 17.24 4.58 17.17
C VAL B 382 15.71 4.51 17.12
N ILE B 383 15.03 4.95 18.18
CA ILE B 383 13.58 4.87 18.18
C ILE B 383 12.99 5.76 17.10
N ASN B 384 13.73 6.79 16.66
CA ASN B 384 13.23 7.63 15.58
C ASN B 384 13.04 6.84 14.30
N ILE B 385 13.98 5.94 14.00
CA ILE B 385 13.94 5.15 12.78
C ILE B 385 12.72 4.23 12.78
N PHE B 386 12.26 3.82 13.94
CA PHE B 386 11.09 2.97 14.06
C PHE B 386 9.79 3.75 14.07
N GLY B 387 9.85 5.08 14.00
CA GLY B 387 8.68 5.89 13.81
C GLY B 387 8.11 6.49 15.07
N PHE B 388 8.65 6.16 16.24
CA PHE B 388 8.16 6.74 17.46
C PHE B 388 8.58 8.20 17.55
N SER B 389 7.82 8.98 18.30
CA SER B 389 8.03 10.41 18.39
C SER B 389 8.15 10.82 19.85
N ILE B 390 8.69 12.02 20.07
CA ILE B 390 8.75 12.57 21.41
C ILE B 390 7.33 12.85 21.88
N ASN B 391 6.87 12.08 22.85
CA ASN B 391 5.54 12.22 23.43
C ASN B 391 5.62 11.82 24.89
N THR B 392 4.48 11.83 25.56
CA THR B 392 4.46 11.55 26.99
C THR B 392 5.03 10.18 27.31
N LEU B 393 4.57 9.17 26.59
CA LEU B 393 4.90 7.79 26.93
C LEU B 393 6.38 7.51 26.68
N THR B 394 6.93 8.02 25.57
CA THR B 394 8.34 7.82 25.31
C THR B 394 9.20 8.49 26.38
N MET B 395 8.79 9.69 26.83
CA MET B 395 9.55 10.38 27.86
C MET B 395 9.49 9.65 29.19
N PHE B 396 8.32 9.11 29.55
CA PHE B 396 8.25 8.35 30.78
C PHE B 396 9.07 7.06 30.67
N ALA B 397 9.12 6.48 29.48
CA ALA B 397 10.01 5.35 29.27
C ALA B 397 11.46 5.76 29.48
N MET B 398 11.82 6.98 29.06
CA MET B 398 13.19 7.44 29.29
C MET B 398 13.49 7.60 30.78
N VAL B 399 12.55 8.14 31.55
CA VAL B 399 12.82 8.29 32.98
C VAL B 399 12.91 6.91 33.64
N LEU B 400 12.13 5.95 33.17
CA LEU B 400 12.28 4.59 33.68
C LEU B 400 13.65 4.03 33.33
N ALA B 401 14.12 4.27 32.11
CA ALA B 401 15.34 3.66 31.61
C ALA B 401 16.58 4.23 32.29
N ILE B 402 16.59 5.53 32.59
CA ILE B 402 17.83 6.15 33.05
C ILE B 402 18.35 5.50 34.32
N GLY B 403 17.47 5.02 35.20
CA GLY B 403 17.95 4.35 36.39
C GLY B 403 18.76 3.12 36.05
N LEU B 404 18.32 2.42 35.03
CA LEU B 404 18.96 1.22 34.57
C LEU B 404 20.28 1.54 33.87
N LEU B 405 20.33 2.66 33.17
CA LEU B 405 21.56 3.11 32.54
C LEU B 405 22.62 3.50 33.58
N VAL B 406 22.21 4.26 34.61
CA VAL B 406 23.15 4.66 35.64
C VAL B 406 23.60 3.47 36.46
N ASP B 407 22.78 2.45 36.58
CA ASP B 407 23.26 1.29 37.28
C ASP B 407 24.32 0.61 36.46
N ASP B 408 24.16 0.60 35.15
CA ASP B 408 25.13 -0.02 34.28
C ASP B 408 26.47 0.64 34.42
N ALA B 409 26.48 1.96 34.36
CA ALA B 409 27.71 2.73 34.43
C ALA B 409 28.36 2.60 35.81
N ILE B 410 27.56 2.72 36.88
CA ILE B 410 28.09 2.61 38.22
C ILE B 410 28.72 1.24 38.42
N VAL B 411 28.05 0.22 37.93
CA VAL B 411 28.56 -1.12 38.09
C VAL B 411 29.89 -1.38 37.44
N VAL B 412 30.09 -0.84 36.26
CA VAL B 412 31.35 -1.03 35.54
C VAL B 412 32.46 -0.21 36.18
N VAL B 413 32.19 1.04 36.54
CA VAL B 413 33.27 1.88 37.05
C VAL B 413 33.63 1.49 38.48
N GLU B 414 32.63 1.27 39.32
CA GLU B 414 32.88 0.94 40.71
C GLU B 414 33.69 -0.33 40.83
N ASN B 415 33.47 -1.29 39.94
CA ASN B 415 34.26 -2.52 40.03
C ASN B 415 35.73 -2.27 39.76
N VAL B 416 36.04 -1.47 38.74
CA VAL B 416 37.44 -1.19 38.42
C VAL B 416 38.09 -0.41 39.56
N GLU B 417 37.32 0.48 40.18
CA GLU B 417 37.82 1.20 41.34
C GLU B 417 38.17 0.26 42.48
N ARG B 418 37.30 -0.72 42.76
CA ARG B 418 37.59 -1.68 43.82
C ARG B 418 38.85 -2.48 43.50
N VAL B 419 38.95 -2.96 42.26
CA VAL B 419 40.09 -3.78 41.88
C VAL B 419 41.38 -2.96 41.99
N MET B 420 41.37 -1.72 41.52
CA MET B 420 42.54 -0.88 41.68
C MET B 420 42.88 -0.66 43.14
N SER B 421 41.86 -0.50 43.99
CA SER B 421 42.11 -0.23 45.40
C SER B 421 42.81 -1.39 46.07
N GLU B 422 42.37 -2.62 45.81
CA GLU B 422 42.96 -3.73 46.53
C GLU B 422 44.20 -4.31 45.83
N ASP B 423 44.22 -4.31 44.50
CA ASP B 423 45.35 -4.88 43.77
C ASP B 423 46.50 -3.89 43.69
N HIS B 424 46.21 -2.61 43.49
CA HIS B 424 47.21 -1.58 43.30
C HIS B 424 48.00 -1.77 42.00
N THR B 425 47.36 -2.29 40.97
CA THR B 425 48.00 -2.47 39.68
C THR B 425 47.75 -1.25 38.80
N ASP B 426 48.21 -1.32 37.56
CA ASP B 426 48.02 -0.22 36.63
C ASP B 426 46.54 -0.10 36.24
N PRO B 427 46.10 1.09 35.83
CA PRO B 427 44.72 1.22 35.32
C PRO B 427 44.36 0.27 34.20
N VAL B 428 45.27 0.04 33.25
CA VAL B 428 44.98 -0.89 32.16
C VAL B 428 44.84 -2.32 32.69
N THR B 429 45.78 -2.74 33.52
CA THR B 429 45.71 -4.06 34.13
C THR B 429 44.43 -4.22 34.94
N ALA B 430 44.11 -3.21 35.76
CA ALA B 430 42.93 -3.29 36.61
C ALA B 430 41.67 -3.38 35.78
N THR B 431 41.57 -2.59 34.71
CA THR B 431 40.38 -2.64 33.89
C THR B 431 40.25 -4.00 33.22
N SER B 432 41.37 -4.55 32.75
CA SER B 432 41.32 -5.87 32.15
C SER B 432 40.78 -6.89 33.13
N ARG B 433 41.30 -6.88 34.35
CA ARG B 433 40.86 -7.81 35.38
C ARG B 433 39.36 -7.66 35.66
N SER B 434 38.92 -6.42 35.89
CA SER B 434 37.53 -6.20 36.26
C SER B 434 36.58 -6.58 35.13
N MET B 435 36.91 -6.25 33.88
CA MET B 435 36.05 -6.65 32.78
C MET B 435 36.01 -8.16 32.65
N GLN B 436 37.16 -8.82 32.79
CA GLN B 436 37.16 -10.27 32.79
C GLN B 436 36.15 -10.80 33.80
N GLN B 437 36.06 -10.16 34.95
CA GLN B 437 35.09 -10.61 35.94
C GLN B 437 33.65 -10.38 35.50
N ILE B 438 33.33 -9.20 34.97
CA ILE B 438 31.92 -8.77 34.89
C ILE B 438 31.29 -8.86 33.51
N SER B 439 32.05 -9.12 32.45
CA SER B 439 31.53 -8.91 31.11
C SER B 439 30.42 -9.88 30.74
N GLY B 440 30.64 -11.17 30.97
CA GLY B 440 29.63 -12.14 30.61
C GLY B 440 28.38 -12.02 31.45
N ALA B 441 28.55 -11.67 32.74
CA ALA B 441 27.40 -11.36 33.57
C ALA B 441 26.63 -10.20 33.00
N LEU B 442 27.33 -9.22 32.46
CA LEU B 442 26.72 -8.07 31.85
C LEU B 442 25.90 -8.44 30.64
N VAL B 443 26.42 -9.34 29.81
CA VAL B 443 25.70 -9.79 28.61
C VAL B 443 24.48 -10.61 29.00
N GLY B 444 24.62 -11.47 30.00
CA GLY B 444 23.46 -12.20 30.51
C GLY B 444 22.40 -11.29 31.08
N ILE B 445 22.81 -10.24 31.75
CA ILE B 445 21.85 -9.28 32.27
C ILE B 445 21.06 -8.71 31.13
N THR B 446 21.76 -8.30 30.08
CA THR B 446 21.08 -7.72 28.94
C THR B 446 20.07 -8.69 28.35
N SER B 447 20.47 -9.95 28.19
CA SER B 447 19.56 -10.93 27.62
C SER B 447 18.33 -11.12 28.50
N VAL B 448 18.52 -11.19 29.82
CA VAL B 448 17.41 -11.40 30.74
C VAL B 448 16.46 -10.20 30.71
N LEU B 449 17.01 -9.01 30.70
CA LEU B 449 16.23 -7.80 30.65
C LEU B 449 15.45 -7.71 29.35
N THR B 450 16.04 -8.12 28.25
CA THR B 450 15.33 -8.12 26.97
C THR B 450 14.20 -9.13 26.99
N ALA B 451 14.42 -10.28 27.60
CA ALA B 451 13.34 -11.26 27.73
C ALA B 451 12.21 -10.72 28.61
N VAL B 452 12.55 -9.90 29.60
CA VAL B 452 11.52 -9.36 30.49
C VAL B 452 10.76 -8.20 29.84
N PHE B 453 11.43 -7.36 29.04
CA PHE B 453 10.78 -6.20 28.44
C PHE B 453 10.11 -6.54 27.12
N VAL B 454 10.69 -7.45 26.35
CA VAL B 454 10.20 -7.70 24.98
C VAL B 454 8.75 -8.11 24.95
N PRO B 455 8.24 -8.98 25.84
CA PRO B 455 6.93 -9.59 25.60
C PRO B 455 5.76 -8.65 25.79
N MET B 456 5.98 -7.42 26.24
CA MET B 456 4.89 -6.46 26.36
C MET B 456 4.74 -5.59 25.12
N ALA B 457 5.41 -5.96 24.03
CA ALA B 457 5.12 -5.35 22.73
C ALA B 457 3.99 -6.05 22.02
N PHE B 458 3.73 -7.31 22.39
CA PHE B 458 2.68 -8.09 21.78
C PHE B 458 1.38 -8.21 22.55
N PHE B 459 0.86 -7.10 23.06
CA PHE B 459 -0.44 -7.09 23.72
C PHE B 459 -1.39 -6.47 22.70
N GLY B 460 -2.64 -6.86 22.70
CA GLY B 460 -3.53 -6.30 21.73
C GLY B 460 -4.41 -5.13 22.14
N GLY B 461 -4.90 -4.44 21.14
CA GLY B 461 -5.80 -3.33 21.34
C GLY B 461 -5.11 -2.06 21.80
N THR B 462 -5.94 -1.16 22.32
CA THR B 462 -5.53 0.13 22.76
C THR B 462 -4.58 0.01 23.88
N THR B 463 -4.79 -0.97 24.74
CA THR B 463 -3.90 -1.12 25.85
C THR B 463 -2.53 -1.39 25.33
N GLY B 464 -2.41 -2.41 24.43
CA GLY B 464 -1.18 -2.91 23.82
C GLY B 464 -0.43 -1.83 23.06
N VAL B 465 -1.16 -0.96 22.37
CA VAL B 465 -0.49 0.14 21.68
C VAL B 465 0.23 1.02 22.67
N ILE B 466 -0.37 1.28 23.82
CA ILE B 466 0.27 2.10 24.82
C ILE B 466 1.46 1.38 25.40
N TYR B 467 1.33 0.08 25.62
CA TYR B 467 2.42 -0.72 26.13
C TYR B 467 3.63 -0.78 25.22
N ARG B 468 3.42 -0.83 23.91
CA ARG B 468 4.49 -1.03 22.95
C ARG B 468 5.46 0.15 22.91
N GLN B 469 4.98 1.37 23.16
CA GLN B 469 5.86 2.51 23.27
C GLN B 469 6.96 2.28 24.29
N PHE B 470 6.55 2.03 25.54
CA PHE B 470 7.49 1.73 26.59
C PHE B 470 8.39 0.58 26.20
N SER B 471 7.82 -0.50 25.69
CA SER B 471 8.60 -1.70 25.45
C SER B 471 9.73 -1.42 24.47
N ILE B 472 9.41 -0.80 23.33
CA ILE B 472 10.43 -0.59 22.32
C ILE B 472 11.51 0.34 22.83
N THR B 473 11.12 1.43 23.50
CA THR B 473 12.12 2.36 23.99
C THR B 473 13.03 1.69 25.02
N LEU B 474 12.46 0.90 25.92
CA LEU B 474 13.28 0.25 26.95
C LEU B 474 14.24 -0.75 26.34
N VAL B 475 13.79 -1.55 25.37
CA VAL B 475 14.68 -2.54 24.79
C VAL B 475 15.82 -1.87 24.04
N THR B 476 15.51 -0.84 23.26
CA THR B 476 16.59 -0.15 22.57
C THR B 476 17.58 0.45 23.55
N ALA B 477 17.09 1.01 24.67
CA ALA B 477 17.99 1.57 25.66
C ALA B 477 18.89 0.51 26.29
N MET B 478 18.34 -0.65 26.63
CA MET B 478 19.16 -1.68 27.26
C MET B 478 20.24 -2.20 26.33
N VAL B 479 19.91 -2.39 25.04
CA VAL B 479 20.91 -2.85 24.08
C VAL B 479 22.01 -1.79 23.92
N LEU B 480 21.62 -0.52 23.78
CA LEU B 480 22.63 0.53 23.66
C LEU B 480 23.50 0.59 24.91
N SER B 481 22.91 0.36 26.05
CA SER B 481 23.67 0.37 27.27
C SER B 481 24.70 -0.73 27.25
N LEU B 482 24.33 -1.93 26.85
CA LEU B 482 25.32 -3.00 26.79
C LEU B 482 26.47 -2.61 25.87
N ILE B 483 26.14 -2.07 24.70
CA ILE B 483 27.18 -1.69 23.75
C ILE B 483 28.15 -0.71 24.40
N VAL B 484 27.61 0.34 25.03
CA VAL B 484 28.48 1.34 25.64
C VAL B 484 29.29 0.74 26.78
N ALA B 485 28.66 -0.09 27.62
CA ALA B 485 29.34 -0.66 28.77
C ALA B 485 30.44 -1.61 28.37
N LEU B 486 30.39 -2.15 27.15
CA LEU B 486 31.47 -3.01 26.68
C LEU B 486 32.53 -2.25 25.90
N THR B 487 32.21 -1.12 25.28
CA THR B 487 33.19 -0.39 24.48
C THR B 487 33.77 0.84 25.17
N PHE B 488 32.92 1.79 25.55
CA PHE B 488 33.32 3.15 25.88
C PHE B 488 33.71 3.31 27.35
N THR B 489 32.94 2.74 28.26
CA THR B 489 33.26 2.85 29.68
C THR B 489 34.59 2.20 30.03
N PRO B 490 34.88 0.97 29.60
CA PRO B 490 36.20 0.39 29.91
C PRO B 490 37.36 1.23 29.39
N ALA B 491 37.21 1.81 28.20
CA ALA B 491 38.29 2.64 27.64
C ALA B 491 38.44 3.94 28.42
N LEU B 492 37.35 4.56 28.84
CA LEU B 492 37.46 5.75 29.68
C LEU B 492 38.12 5.39 31.00
N CYS B 493 37.86 4.20 31.53
CA CYS B 493 38.54 3.77 32.75
C CYS B 493 40.03 3.63 32.52
N ALA B 494 40.42 3.04 31.40
CA ALA B 494 41.85 2.83 31.14
C ALA B 494 42.56 4.15 30.90
N THR B 495 41.88 5.11 30.27
CA THR B 495 42.52 6.36 29.92
C THR B 495 42.53 7.38 31.07
N ILE B 496 41.46 7.45 31.85
CA ILE B 496 41.24 8.58 32.75
C ILE B 496 41.64 8.27 34.18
N LEU B 497 41.46 7.02 34.63
CA LEU B 497 41.81 6.67 36.00
C LEU B 497 43.31 6.60 36.19
N LYS B 498 43.76 6.88 37.41
CA LYS B 498 45.17 6.89 37.78
C LYS B 498 45.48 5.74 38.72
N GLN B 499 46.76 5.39 38.82
CA GLN B 499 47.15 4.24 39.63
C GLN B 499 47.05 4.55 41.11
N HIS B 500 46.55 3.59 41.88
CA HIS B 500 46.36 3.78 43.31
C HIS B 500 47.69 3.61 44.05
N ASP B 501 47.99 4.57 44.91
CA ASP B 501 49.21 4.55 45.74
C ASP B 501 48.82 4.56 47.22
N PRO B 502 48.97 3.44 47.94
CA PRO B 502 48.56 3.44 49.35
C PRO B 502 49.37 4.37 50.25
N ASN B 503 50.54 4.82 49.82
CA ASN B 503 51.44 5.55 50.71
C ASN B 503 51.02 6.99 50.94
N LYS B 504 50.34 7.61 49.98
CA LYS B 504 50.13 9.07 50.03
C LYS B 504 49.41 9.48 51.32
N GLU B 505 49.84 10.61 51.88
CA GLU B 505 49.30 11.17 53.10
C GLU B 505 48.10 12.07 52.80
N PRO B 506 47.23 12.30 53.80
CA PRO B 506 45.99 13.04 53.53
C PRO B 506 46.08 14.54 53.75
N SER B 507 47.13 15.01 54.44
CA SER B 507 47.37 16.41 54.78
C SER B 507 46.46 16.90 55.91
N ASN B 508 45.60 16.06 56.46
CA ASN B 508 44.82 16.39 57.65
C ASN B 508 44.04 17.69 57.48
N ASN B 509 43.44 17.88 56.31
CA ASN B 509 42.51 18.98 56.12
C ASN B 509 41.13 18.57 56.61
N ILE B 510 40.36 19.56 57.09
CA ILE B 510 39.05 19.25 57.65
C ILE B 510 38.15 18.64 56.59
N PHE B 511 38.29 19.09 55.33
CA PHE B 511 37.52 18.49 54.25
C PHE B 511 37.82 17.00 54.14
N ALA B 512 39.07 16.60 54.41
CA ALA B 512 39.43 15.19 54.33
C ALA B 512 38.88 14.39 55.52
N ARG B 513 38.78 15.02 56.69
CA ARG B 513 38.32 14.30 57.87
C ARG B 513 36.91 13.77 57.67
N PHE B 514 36.04 14.57 57.06
CA PHE B 514 34.66 14.15 56.87
C PHE B 514 34.58 12.87 56.04
N PHE B 515 35.42 12.76 55.01
CA PHE B 515 35.44 11.54 54.22
C PHE B 515 36.05 10.36 54.97
N ARG B 516 37.04 10.62 55.82
CA ARG B 516 37.57 9.55 56.66
C ARG B 516 36.48 8.97 57.55
N SER B 517 35.71 9.84 58.20
CA SER B 517 34.62 9.38 59.05
C SER B 517 33.53 8.69 58.21
N PHE B 518 33.27 9.21 57.01
CA PHE B 518 32.25 8.58 56.16
C PHE B 518 32.65 7.16 55.82
N ASN B 519 33.92 6.96 55.46
CA ASN B 519 34.39 5.62 55.16
C ASN B 519 34.31 4.71 56.38
N ASN B 520 34.68 5.22 57.55
CA ASN B 520 34.61 4.38 58.75
C ASN B 520 33.18 4.00 59.07
N GLY B 521 32.26 4.94 58.92
CA GLY B 521 30.86 4.63 59.16
C GLY B 521 30.31 3.63 58.18
N PHE B 522 30.71 3.75 56.91
CA PHE B 522 30.25 2.77 55.93
C PHE B 522 30.84 1.41 56.21
N ASP B 523 32.06 1.37 56.74
CA ASP B 523 32.68 0.09 57.07
C ASP B 523 31.94 -0.58 58.21
N ARG B 524 31.57 0.19 59.23
CA ARG B 524 30.80 -0.40 60.32
C ARG B 524 29.43 -0.85 59.82
N MET B 525 28.81 -0.06 58.94
CA MET B 525 27.54 -0.48 58.36
C MET B 525 27.71 -1.80 57.62
N SER B 526 28.78 -1.94 56.84
CA SER B 526 29.00 -3.15 56.07
C SER B 526 29.18 -4.34 56.99
N HIS B 527 29.93 -4.18 58.08
CA HIS B 527 30.11 -5.26 59.03
C HIS B 527 28.79 -5.67 59.65
N SER B 528 27.97 -4.70 60.03
CA SER B 528 26.66 -5.03 60.59
C SER B 528 25.81 -5.78 59.58
N TYR B 529 25.86 -5.36 58.32
CA TYR B 529 25.12 -6.06 57.27
C TYR B 529 25.59 -7.50 57.13
N GLN B 530 26.90 -7.71 57.21
CA GLN B 530 27.42 -9.06 57.11
C GLN B 530 26.93 -9.90 58.29
N ASN B 531 26.93 -9.32 59.48
CA ASN B 531 26.41 -10.03 60.65
C ASN B 531 24.94 -10.37 60.50
N GLY B 532 24.16 -9.43 59.97
CA GLY B 532 22.76 -9.72 59.71
C GLY B 532 22.59 -10.87 58.72
N VAL B 533 23.38 -10.87 57.66
CA VAL B 533 23.29 -11.94 56.68
C VAL B 533 23.62 -13.27 57.33
N SER B 534 24.68 -13.30 58.15
CA SER B 534 25.05 -14.54 58.80
C SER B 534 23.93 -15.04 59.70
N ARG B 535 23.31 -14.15 60.48
CA ARG B 535 22.22 -14.56 61.33
C ARG B 535 21.08 -15.12 60.50
N MET B 536 20.77 -14.46 59.39
CA MET B 536 19.66 -14.90 58.57
C MET B 536 19.93 -16.25 57.93
N LEU B 537 21.19 -16.54 57.58
CA LEU B 537 21.56 -17.83 56.95
C LEU B 537 21.23 -19.00 57.85
N LYS B 538 21.52 -18.87 59.15
CA LYS B 538 21.12 -19.88 60.11
C LYS B 538 19.63 -19.81 60.36
N GLY B 539 19.07 -20.90 60.87
CA GLY B 539 17.63 -20.97 61.06
C GLY B 539 16.91 -20.79 59.76
N LYS B 540 17.32 -21.56 58.74
CA LYS B 540 16.77 -21.53 57.40
C LYS B 540 15.25 -21.47 57.37
N ILE B 541 14.60 -22.13 58.32
CA ILE B 541 13.16 -22.12 58.40
C ILE B 541 12.64 -20.70 58.64
N PHE B 542 13.32 -19.96 59.52
CA PHE B 542 12.86 -18.60 59.82
C PHE B 542 12.90 -17.71 58.59
N SER B 543 14.00 -17.76 57.83
CA SER B 543 14.10 -16.93 56.64
C SER B 543 13.05 -17.35 55.61
N GLY B 544 12.84 -18.65 55.44
CA GLY B 544 11.82 -19.10 54.51
C GLY B 544 10.43 -18.64 54.89
N VAL B 545 10.08 -18.75 56.17
CA VAL B 545 8.74 -18.35 56.59
C VAL B 545 8.57 -16.85 56.46
N LEU B 546 9.61 -16.08 56.76
CA LEU B 546 9.51 -14.64 56.60
C LEU B 546 9.26 -14.29 55.13
N TYR B 547 9.97 -14.97 54.23
CA TYR B 547 9.71 -14.77 52.81
C TYR B 547 8.26 -15.09 52.46
N ALA B 548 7.74 -16.19 53.00
CA ALA B 548 6.37 -16.56 52.70
C ALA B 548 5.40 -15.50 53.18
N VAL B 549 5.67 -14.93 54.36
CA VAL B 549 4.85 -13.84 54.85
C VAL B 549 4.86 -12.69 53.86
N VAL B 550 6.05 -12.36 53.34
CA VAL B 550 6.14 -11.26 52.37
C VAL B 550 5.29 -11.57 51.15
N VAL B 551 5.40 -12.79 50.63
CA VAL B 551 4.66 -13.17 49.43
C VAL B 551 3.17 -13.07 49.68
N ALA B 552 2.72 -13.59 50.82
CA ALA B 552 1.30 -13.57 51.13
C ALA B 552 0.80 -12.14 51.26
N LEU B 553 1.58 -11.28 51.91
CA LEU B 553 1.18 -9.89 52.06
C LEU B 553 1.06 -9.21 50.70
N LEU B 554 1.99 -9.50 49.80
CA LEU B 554 1.91 -8.95 48.45
C LEU B 554 0.63 -9.39 47.75
N VAL B 555 0.31 -10.69 47.86
CA VAL B 555 -0.89 -11.20 47.21
C VAL B 555 -2.13 -10.56 47.79
N PHE B 556 -2.18 -10.42 49.12
CA PHE B 556 -3.35 -9.83 49.76
C PHE B 556 -3.52 -8.38 49.35
N LEU B 557 -2.43 -7.62 49.35
CA LEU B 557 -2.54 -6.20 49.07
C LEU B 557 -2.86 -5.94 47.61
N PHE B 558 -2.46 -6.82 46.71
CA PHE B 558 -2.75 -6.57 45.29
C PHE B 558 -4.24 -6.43 45.05
N GLN B 559 -5.05 -7.31 45.63
CA GLN B 559 -6.49 -7.26 45.37
C GLN B 559 -7.07 -5.91 45.78
N LYS B 560 -6.60 -5.36 46.89
CA LYS B 560 -7.23 -4.17 47.47
C LYS B 560 -7.05 -2.94 46.58
N LEU B 561 -6.01 -2.92 45.76
CA LEU B 561 -5.76 -1.74 44.94
C LEU B 561 -6.79 -1.66 43.80
N PRO B 562 -7.51 -0.55 43.67
CA PRO B 562 -8.43 -0.41 42.54
C PRO B 562 -7.71 -0.21 41.23
N SER B 563 -8.43 -0.43 40.14
CA SER B 563 -7.87 -0.41 38.80
C SER B 563 -8.27 0.86 38.05
N SER B 564 -7.44 1.24 37.09
CA SER B 564 -7.74 2.33 36.18
C SER B 564 -6.89 2.16 34.94
N PHE B 565 -7.26 2.83 33.87
CA PHE B 565 -6.52 2.72 32.65
C PHE B 565 -5.42 3.72 32.70
N LEU B 566 -5.78 4.97 32.91
CA LEU B 566 -4.82 6.05 33.01
C LEU B 566 -5.27 6.95 34.10
N PRO B 567 -4.30 7.63 34.73
CA PRO B 567 -4.74 8.54 35.79
C PRO B 567 -5.35 9.80 35.21
N GLU B 568 -6.46 10.23 35.80
CA GLU B 568 -7.06 11.48 35.42
C GLU B 568 -6.10 12.61 35.75
N GLU B 569 -6.06 13.63 34.90
CA GLU B 569 -5.13 14.73 35.10
C GLU B 569 -5.79 16.06 34.80
N ASP B 570 -5.17 17.11 35.31
CA ASP B 570 -5.57 18.48 35.04
C ASP B 570 -4.65 19.06 33.98
N GLN B 571 -5.26 19.60 32.93
CA GLN B 571 -4.59 20.43 31.96
C GLN B 571 -5.38 21.72 31.87
N GLY B 572 -4.74 22.77 31.37
CA GLY B 572 -5.30 24.09 31.50
C GLY B 572 -6.73 24.19 31.02
N VAL B 573 -7.06 23.51 29.96
CA VAL B 573 -8.38 23.64 29.36
C VAL B 573 -9.26 22.48 29.81
N VAL B 574 -10.57 22.67 29.69
CA VAL B 574 -11.55 21.66 30.10
C VAL B 574 -12.67 21.61 29.07
N MET B 575 -13.27 20.43 28.95
CA MET B 575 -14.39 20.16 28.09
C MET B 575 -15.62 19.75 28.89
N THR B 576 -16.72 20.38 28.54
CA THR B 576 -18.08 20.28 29.03
C THR B 576 -19.03 19.98 27.88
N LEU B 577 -20.05 19.18 28.17
CA LEU B 577 -21.13 18.90 27.25
C LEU B 577 -22.45 19.24 27.93
N VAL B 578 -23.37 19.81 27.17
CA VAL B 578 -24.70 20.19 27.68
C VAL B 578 -25.72 19.51 26.78
N GLN B 579 -26.10 18.28 27.12
CA GLN B 579 -27.18 17.60 26.45
C GLN B 579 -28.53 18.08 26.98
N LEU B 580 -29.53 18.06 26.11
CA LEU B 580 -30.86 18.50 26.45
C LEU B 580 -31.88 17.48 25.99
N PRO B 581 -33.02 17.39 26.66
CA PRO B 581 -34.00 16.39 26.27
C PRO B 581 -34.56 16.71 24.90
N PRO B 582 -34.68 15.71 24.02
CA PRO B 582 -35.17 16.00 22.68
C PRO B 582 -36.54 16.65 22.74
N ASN B 583 -36.80 17.54 21.79
CA ASN B 583 -37.99 18.37 21.69
C ASN B 583 -37.95 19.56 22.64
N ALA B 584 -36.86 19.77 23.38
CA ALA B 584 -36.72 20.99 24.15
C ALA B 584 -36.56 22.18 23.20
N THR B 585 -37.26 23.27 23.50
CA THR B 585 -37.28 24.40 22.58
C THR B 585 -35.91 25.04 22.48
N LEU B 586 -35.60 25.57 21.29
CA LEU B 586 -34.31 26.20 21.07
C LEU B 586 -34.08 27.34 22.06
N ASP B 587 -35.14 28.09 22.37
CA ASP B 587 -34.99 29.22 23.28
C ASP B 587 -34.60 28.77 24.68
N ARG B 588 -35.26 27.71 25.19
CA ARG B 588 -34.88 27.19 26.49
C ARG B 588 -33.48 26.61 26.45
N THR B 589 -33.10 25.99 25.34
CA THR B 589 -31.72 25.57 25.17
C THR B 589 -30.78 26.76 25.33
N GLY B 590 -31.12 27.89 24.70
CA GLY B 590 -30.27 29.06 24.78
C GLY B 590 -30.14 29.61 26.19
N LYS B 591 -31.25 29.73 26.90
CA LYS B 591 -31.17 30.29 28.24
C LYS B 591 -30.50 29.31 29.20
N VAL B 592 -30.66 28.00 28.99
CA VAL B 592 -29.93 27.03 29.79
C VAL B 592 -28.43 27.17 29.57
N ILE B 593 -28.01 27.26 28.31
CA ILE B 593 -26.57 27.40 28.06
C ILE B 593 -26.07 28.71 28.64
N ASP B 594 -26.89 29.76 28.57
CA ASP B 594 -26.48 31.03 29.16
C ASP B 594 -26.34 30.91 30.67
N THR B 595 -27.23 30.17 31.32
CA THR B 595 -27.09 29.97 32.76
C THR B 595 -25.77 29.27 33.07
N MET B 596 -25.46 28.22 32.33
CA MET B 596 -24.19 27.53 32.53
C MET B 596 -23.01 28.48 32.29
N THR B 597 -23.11 29.30 31.24
CA THR B 597 -22.01 30.19 30.89
C THR B 597 -21.82 31.24 31.97
N ASN B 598 -22.91 31.76 32.51
CA ASN B 598 -22.81 32.67 33.64
C ASN B 598 -22.12 31.99 34.80
N PHE B 599 -22.48 30.74 35.09
CA PHE B 599 -21.83 30.04 36.20
C PHE B 599 -20.33 29.99 35.99
N PHE B 600 -19.89 29.50 34.82
CA PHE B 600 -18.46 29.34 34.60
C PHE B 600 -17.74 30.69 34.62
N MET B 601 -18.38 31.72 34.07
CA MET B 601 -17.76 33.04 34.08
C MET B 601 -17.64 33.60 35.48
N ASN B 602 -18.55 33.21 36.37
CA ASN B 602 -18.65 33.90 37.66
C ASN B 602 -17.37 33.74 38.49
N GLU B 603 -16.83 32.53 38.57
CA GLU B 603 -15.74 32.24 39.48
C GLU B 603 -14.41 32.61 38.81
N LYS B 604 -13.93 33.81 39.12
CA LYS B 604 -12.76 34.34 38.43
C LYS B 604 -11.50 33.57 38.77
N ASP B 605 -11.38 33.10 40.02
CA ASP B 605 -10.12 32.54 40.48
C ASP B 605 -9.72 31.31 39.66
N THR B 606 -10.67 30.43 39.38
CA THR B 606 -10.34 29.16 38.71
C THR B 606 -10.45 29.28 37.20
N VAL B 607 -11.56 29.80 36.70
CA VAL B 607 -11.84 29.80 35.28
C VAL B 607 -11.20 31.01 34.60
N GLU B 608 -11.02 30.88 33.28
CA GLU B 608 -10.58 31.96 32.40
C GLU B 608 -11.64 32.01 31.29
N SER B 609 -11.30 32.60 30.15
CA SER B 609 -12.21 32.65 29.01
C SER B 609 -12.92 31.33 28.79
N ILE B 610 -14.12 31.40 28.22
CA ILE B 610 -14.91 30.23 27.82
C ILE B 610 -15.41 30.41 26.40
N PHE B 611 -15.29 29.36 25.58
CA PHE B 611 -15.78 29.35 24.21
C PHE B 611 -16.83 28.25 24.08
N THR B 612 -18.02 28.60 23.62
CA THR B 612 -19.18 27.71 23.62
C THR B 612 -19.75 27.59 22.22
N VAL B 613 -19.99 26.35 21.79
CA VAL B 613 -20.51 26.04 20.46
C VAL B 613 -21.70 25.12 20.64
N SER B 614 -22.89 25.61 20.28
CA SER B 614 -24.11 24.86 20.56
C SER B 614 -24.27 23.66 19.63
N GLY B 615 -24.01 23.82 18.34
CA GLY B 615 -24.36 22.82 17.36
C GLY B 615 -23.68 21.47 17.47
N PHE B 616 -22.38 21.42 17.22
CA PHE B 616 -21.71 20.17 16.90
C PHE B 616 -21.66 19.23 18.10
N SER B 617 -21.42 17.95 17.79
CA SER B 617 -21.09 16.93 18.76
C SER B 617 -19.84 16.21 18.29
N PHE B 618 -19.06 15.68 19.24
CA PHE B 618 -17.72 15.21 18.91
C PHE B 618 -17.75 14.04 17.92
N THR B 619 -18.64 13.07 18.15
CA THR B 619 -18.68 11.86 17.34
C THR B 619 -19.94 11.75 16.50
N GLY B 620 -21.11 11.79 17.15
CA GLY B 620 -22.37 11.75 16.45
C GLY B 620 -23.19 12.97 16.79
N VAL B 621 -23.77 13.62 15.77
CA VAL B 621 -24.48 14.86 16.00
C VAL B 621 -25.71 14.59 16.87
N GLY B 622 -26.00 15.52 17.76
CA GLY B 622 -27.18 15.44 18.62
C GLY B 622 -28.08 16.63 18.35
N GLN B 623 -29.39 16.40 18.41
CA GLN B 623 -30.34 17.45 18.05
C GLN B 623 -30.14 18.68 18.92
N ASN B 624 -30.01 18.48 20.23
CA ASN B 624 -29.74 19.57 21.17
C ASN B 624 -28.58 19.13 22.07
N ALA B 625 -27.36 19.53 21.72
CA ALA B 625 -26.18 19.13 22.48
C ALA B 625 -25.09 20.17 22.23
N GLY B 626 -24.70 20.88 23.28
CA GLY B 626 -23.69 21.95 23.17
C GLY B 626 -22.42 21.53 23.87
N ILE B 627 -21.29 22.02 23.35
CA ILE B 627 -19.98 21.78 23.92
C ILE B 627 -19.39 23.11 24.35
N GLY B 628 -18.51 23.06 25.35
CA GLY B 628 -17.84 24.24 25.86
C GLY B 628 -16.36 24.07 26.10
N PHE B 629 -15.57 25.01 25.58
CA PHE B 629 -14.13 25.04 25.80
C PHE B 629 -13.84 26.05 26.89
N VAL B 630 -13.47 25.57 28.07
CA VAL B 630 -13.19 26.43 29.21
C VAL B 630 -11.68 26.42 29.48
N LYS B 631 -11.08 27.60 29.45
CA LYS B 631 -9.67 27.77 29.74
C LYS B 631 -9.52 28.13 31.21
N LEU B 632 -8.63 27.43 31.90
CA LEU B 632 -8.38 27.69 33.30
C LEU B 632 -7.24 28.67 33.46
N LYS B 633 -7.18 29.28 34.63
CA LYS B 633 -6.02 30.10 34.97
C LYS B 633 -4.77 29.22 35.04
N ASP B 634 -3.62 29.84 34.78
CA ASP B 634 -2.37 29.10 34.77
C ASP B 634 -2.22 28.31 36.06
N TRP B 635 -1.46 27.21 35.98
CA TRP B 635 -1.31 26.35 37.16
C TRP B 635 -0.72 27.11 38.33
N SER B 636 0.19 28.05 38.06
CA SER B 636 0.83 28.78 39.15
C SER B 636 -0.19 29.59 39.94
N LYS B 637 -1.17 30.19 39.26
CA LYS B 637 -2.10 31.09 39.93
C LYS B 637 -2.93 30.37 40.98
N ARG B 638 -3.42 29.16 40.66
CA ARG B 638 -4.39 28.47 41.50
C ARG B 638 -3.72 27.27 42.16
N THR B 639 -3.17 27.50 43.35
CA THR B 639 -2.54 26.44 44.14
C THR B 639 -3.39 25.92 45.28
N THR B 640 -4.42 26.67 45.68
CA THR B 640 -5.24 26.26 46.82
C THR B 640 -6.19 25.13 46.41
N PRO B 641 -6.68 24.35 47.37
CA PRO B 641 -7.61 23.27 47.02
C PRO B 641 -8.88 23.77 46.35
N GLU B 642 -9.35 24.96 46.71
CA GLU B 642 -10.63 25.44 46.19
C GLU B 642 -10.58 25.62 44.68
N THR B 643 -9.43 26.01 44.16
CA THR B 643 -9.31 26.41 42.77
C THR B 643 -8.86 25.28 41.85
N GLN B 644 -8.74 24.06 42.35
CA GLN B 644 -8.34 22.95 41.50
C GLN B 644 -9.52 22.50 40.64
N ILE B 645 -9.21 21.69 39.63
CA ILE B 645 -10.26 21.24 38.71
C ILE B 645 -11.32 20.45 39.49
N GLY B 646 -10.88 19.54 40.37
CA GLY B 646 -11.83 18.73 41.09
C GLY B 646 -12.76 19.55 41.98
N SER B 647 -12.20 20.56 42.64
CA SER B 647 -13.02 21.44 43.46
C SER B 647 -14.05 22.16 42.61
N LEU B 648 -13.64 22.60 41.41
CA LEU B 648 -14.59 23.23 40.50
C LEU B 648 -15.71 22.27 40.12
N ILE B 649 -15.36 21.01 39.84
CA ILE B 649 -16.39 20.03 39.50
C ILE B 649 -17.37 19.87 40.65
N GLN B 650 -16.83 19.73 41.87
CA GLN B 650 -17.69 19.50 43.03
C GLN B 650 -18.64 20.68 43.23
N ARG B 651 -18.13 21.91 43.14
CA ARG B 651 -19.00 23.07 43.28
C ARG B 651 -20.04 23.12 42.18
N GLY B 652 -19.60 22.96 40.93
CA GLY B 652 -20.49 23.16 39.81
C GLY B 652 -21.62 22.15 39.77
N MET B 653 -21.31 20.87 40.01
CA MET B 653 -22.36 19.87 39.93
C MET B 653 -23.54 20.24 40.82
N ALA B 654 -23.28 20.44 42.11
CA ALA B 654 -24.37 20.74 43.04
C ALA B 654 -25.02 22.06 42.70
N LEU B 655 -24.22 23.13 42.56
CA LEU B 655 -24.81 24.46 42.40
C LEU B 655 -25.67 24.54 41.14
N ASN B 656 -25.21 23.93 40.05
CA ASN B 656 -25.99 23.97 38.82
C ASN B 656 -27.20 23.06 38.89
N MET B 657 -27.03 21.83 39.40
CA MET B 657 -28.13 20.88 39.38
C MET B 657 -29.29 21.38 40.25
N ILE B 658 -29.00 22.00 41.40
CA ILE B 658 -30.08 22.46 42.25
C ILE B 658 -30.88 23.56 41.55
N ILE B 659 -30.22 24.42 40.79
CA ILE B 659 -30.88 25.62 40.23
C ILE B 659 -31.45 25.22 38.87
N LYS B 660 -32.63 24.61 38.90
CA LYS B 660 -33.46 24.38 37.72
C LYS B 660 -32.62 23.96 36.51
N ASP B 661 -31.69 23.04 36.73
CA ASP B 661 -30.86 22.55 35.64
C ASP B 661 -31.68 21.69 34.69
N ALA B 662 -31.28 21.70 33.43
CA ALA B 662 -31.87 20.86 32.41
C ALA B 662 -31.26 19.47 32.49
N SER B 663 -31.49 18.67 31.45
CA SER B 663 -31.17 17.25 31.49
C SER B 663 -29.82 16.95 32.13
N TYR B 664 -28.73 17.41 31.55
CA TYR B 664 -27.41 17.07 32.06
C TYR B 664 -26.42 18.20 31.80
N VAL B 665 -25.42 18.28 32.68
CA VAL B 665 -24.22 19.07 32.45
C VAL B 665 -23.03 18.17 32.74
N MET B 666 -22.22 17.90 31.73
CA MET B 666 -21.10 16.99 31.88
C MET B 666 -19.87 17.77 32.36
N PRO B 667 -19.28 17.41 33.50
CA PRO B 667 -18.19 18.21 34.05
C PRO B 667 -16.78 17.83 33.61
N LEU B 668 -16.58 16.68 32.97
CA LEU B 668 -15.23 16.21 32.72
C LEU B 668 -15.15 15.48 31.39
N GLN B 669 -13.92 15.38 30.89
CA GLN B 669 -13.57 14.60 29.71
C GLN B 669 -12.05 14.56 29.64
N LEU B 670 -11.52 13.49 29.03
CA LEU B 670 -10.07 13.31 28.92
C LEU B 670 -9.58 13.64 27.52
N PRO B 671 -8.51 14.43 27.43
CA PRO B 671 -8.05 14.83 26.09
C PRO B 671 -7.63 13.68 25.20
N ALA B 672 -7.28 12.52 25.77
CA ALA B 672 -6.96 11.36 24.93
C ALA B 672 -8.18 11.04 24.07
N MET B 673 -7.95 10.57 22.84
CA MET B 673 -9.01 10.18 21.92
C MET B 673 -10.04 9.18 22.47
N PRO B 674 -11.31 9.24 21.99
CA PRO B 674 -12.40 8.37 22.43
C PRO B 674 -12.11 6.86 22.60
N GLU B 675 -12.79 6.24 23.59
CA GLU B 675 -12.73 4.82 23.99
C GLU B 675 -11.51 4.42 24.86
N LEU B 676 -10.73 5.38 25.38
CA LEU B 676 -9.62 4.97 26.26
C LEU B 676 -9.51 5.58 27.66
N GLY B 677 -9.80 6.87 27.82
CA GLY B 677 -9.58 7.51 29.11
C GLY B 677 -10.67 7.63 30.15
N VAL B 678 -11.91 7.72 29.72
CA VAL B 678 -13.03 7.91 30.65
C VAL B 678 -14.02 6.76 30.73
N THR B 679 -13.65 5.61 30.22
CA THR B 679 -14.57 4.47 30.19
C THR B 679 -14.24 3.34 31.16
N ALA B 680 -14.58 3.51 32.43
CA ALA B 680 -14.31 2.46 33.42
C ALA B 680 -15.30 1.32 33.31
N GLY B 681 -16.55 1.67 33.08
CA GLY B 681 -17.57 0.67 33.02
C GLY B 681 -17.67 -0.07 31.72
N PHE B 682 -18.44 -1.16 31.76
CA PHE B 682 -18.67 -1.99 30.60
C PHE B 682 -19.72 -1.39 29.68
N ASN B 683 -19.70 -1.84 28.43
CA ASN B 683 -20.60 -1.37 27.40
C ASN B 683 -21.30 -2.50 26.67
N LEU B 684 -22.63 -2.54 26.55
CA LEU B 684 -23.23 -3.64 25.79
C LEU B 684 -24.42 -3.30 24.88
N GLN B 685 -24.57 -4.04 23.79
CA GLN B 685 -25.65 -3.79 22.85
C GLN B 685 -26.72 -4.87 22.87
N LEU B 686 -27.92 -4.59 23.34
CA LEU B 686 -29.00 -5.56 23.32
C LEU B 686 -29.67 -5.49 21.95
N LYS B 687 -29.78 -6.62 21.25
CA LYS B 687 -30.30 -6.62 19.90
C LYS B 687 -31.67 -7.26 19.68
N ASP B 688 -32.48 -6.67 18.81
CA ASP B 688 -33.76 -7.24 18.47
C ASP B 688 -33.42 -8.02 17.23
N SER B 689 -33.25 -9.32 17.37
CA SER B 689 -32.84 -10.15 16.28
C SER B 689 -33.94 -10.50 15.31
N SER B 690 -35.16 -10.52 15.81
CA SER B 690 -36.34 -10.78 15.02
C SER B 690 -37.14 -9.52 14.97
N GLY B 691 -37.85 -9.19 13.91
CA GLY B 691 -38.61 -7.94 13.91
C GLY B 691 -39.75 -7.88 14.92
N GLN B 692 -39.44 -7.68 16.20
CA GLN B 692 -40.46 -7.61 17.25
C GLN B 692 -40.89 -6.19 17.56
N GLY B 693 -40.28 -5.19 16.93
CA GLY B 693 -40.65 -3.82 17.14
C GLY B 693 -39.82 -3.13 18.21
N HIS B 694 -39.95 -1.81 18.23
CA HIS B 694 -39.27 -0.98 19.22
C HIS B 694 -39.83 -1.22 20.61
N GLU B 695 -41.15 -1.37 20.73
CA GLU B 695 -41.77 -1.43 22.04
C GLU B 695 -41.31 -2.66 22.81
N LYS B 696 -41.26 -3.82 22.15
CA LYS B 696 -40.78 -5.02 22.81
C LYS B 696 -39.31 -4.88 23.19
N LEU B 697 -38.54 -4.25 22.33
CA LEU B 697 -37.13 -4.10 22.61
C LEU B 697 -36.93 -3.25 23.85
N ILE B 698 -37.64 -2.14 23.96
CA ILE B 698 -37.47 -1.29 25.13
C ILE B 698 -38.10 -1.93 26.37
N ALA B 699 -39.15 -2.73 26.21
CA ALA B 699 -39.64 -3.50 27.35
C ALA B 699 -38.58 -4.45 27.87
N ALA B 700 -37.89 -5.14 26.98
CA ALA B 700 -36.81 -6.04 27.39
C ALA B 700 -35.69 -5.28 28.06
N ARG B 701 -35.36 -4.11 27.51
CA ARG B 701 -34.35 -3.26 28.14
C ARG B 701 -34.77 -2.90 29.56
N ASN B 702 -36.06 -2.58 29.72
CA ASN B 702 -36.56 -2.19 31.03
C ASN B 702 -36.44 -3.35 32.00
N THR B 703 -36.82 -4.55 31.57
CA THR B 703 -36.68 -5.72 32.45
C THR B 703 -35.23 -5.95 32.84
N ILE B 704 -34.31 -5.82 31.89
CA ILE B 704 -32.89 -6.01 32.19
C ILE B 704 -32.46 -4.99 33.25
N LEU B 705 -32.75 -3.71 33.00
CA LEU B 705 -32.35 -2.67 33.94
C LEU B 705 -32.96 -2.92 35.31
N GLY B 706 -34.22 -3.34 35.34
CA GLY B 706 -34.89 -3.57 36.61
C GLY B 706 -34.23 -4.67 37.42
N LEU B 707 -33.92 -5.79 36.77
CA LEU B 707 -33.18 -6.82 37.48
C LEU B 707 -31.83 -6.28 37.95
N ALA B 708 -31.10 -5.61 37.07
CA ALA B 708 -29.75 -5.18 37.43
C ALA B 708 -29.76 -4.22 38.61
N SER B 709 -30.80 -3.41 38.75
CA SER B 709 -30.90 -2.52 39.90
C SER B 709 -30.86 -3.32 41.20
N GLN B 710 -31.45 -4.52 41.19
CA GLN B 710 -31.44 -5.40 42.36
C GLN B 710 -30.31 -6.43 42.25
N ASP B 711 -29.08 -5.93 42.21
CA ASP B 711 -27.91 -6.79 42.19
C ASP B 711 -26.76 -6.09 42.90
N LYS B 712 -26.07 -6.84 43.76
CA LYS B 712 -25.06 -6.23 44.62
C LYS B 712 -23.81 -5.85 43.84
N ARG B 713 -23.39 -6.70 42.89
CA ARG B 713 -22.09 -6.57 42.25
C ARG B 713 -22.09 -5.62 41.06
N LEU B 714 -23.22 -5.01 40.73
CA LEU B 714 -23.36 -4.11 39.59
C LEU B 714 -23.82 -2.75 40.07
N VAL B 715 -23.28 -1.69 39.47
CA VAL B 715 -23.49 -0.32 39.94
C VAL B 715 -23.87 0.57 38.78
N GLY B 716 -24.90 1.39 38.98
CA GLY B 716 -25.18 2.50 38.08
C GLY B 716 -25.43 2.11 36.64
N VAL B 717 -26.24 1.08 36.42
CA VAL B 717 -26.49 0.62 35.06
C VAL B 717 -27.66 1.41 34.50
N ARG B 718 -27.47 1.99 33.32
CA ARG B 718 -28.44 2.91 32.75
C ARG B 718 -28.49 2.67 31.26
N PRO B 719 -29.59 3.05 30.60
CA PRO B 719 -29.58 3.13 29.14
C PRO B 719 -28.78 4.32 28.65
N ASN B 720 -28.15 4.14 27.49
CA ASN B 720 -27.27 5.13 26.90
C ASN B 720 -27.88 5.69 25.63
N GLY B 721 -29.17 6.00 25.66
CA GLY B 721 -29.84 6.65 24.56
C GLY B 721 -31.09 7.32 25.06
N GLN B 722 -31.71 8.08 24.16
CA GLN B 722 -32.90 8.86 24.44
C GLN B 722 -34.16 8.07 24.65
N GLU B 723 -35.08 8.62 25.41
CA GLU B 723 -36.37 8.00 25.65
C GLU B 723 -37.45 8.60 24.75
N ASP B 724 -38.55 7.88 24.64
CA ASP B 724 -39.63 8.27 23.73
C ASP B 724 -40.32 9.54 24.20
N THR B 725 -40.81 10.30 23.23
CA THR B 725 -41.54 11.54 23.45
C THR B 725 -42.83 11.55 22.64
N PRO B 726 -43.79 12.41 23.02
CA PRO B 726 -45.02 12.51 22.25
C PRO B 726 -44.79 13.04 20.83
N GLN B 727 -45.61 12.55 19.91
CA GLN B 727 -45.59 12.94 18.52
C GLN B 727 -47.01 13.11 18.04
N TYR B 728 -47.19 13.88 16.97
CA TYR B 728 -48.50 14.22 16.45
C TYR B 728 -48.67 13.65 15.05
N GLN B 729 -49.85 13.09 14.77
CA GLN B 729 -50.09 12.31 13.57
C GLN B 729 -51.20 12.94 12.76
N ILE B 730 -50.98 13.07 11.46
CA ILE B 730 -51.97 13.61 10.53
C ILE B 730 -52.62 12.45 9.81
N ASN B 731 -53.94 12.48 9.72
CA ASN B 731 -54.72 11.45 9.06
C ASN B 731 -55.55 12.10 7.96
N VAL B 732 -55.23 11.78 6.71
CA VAL B 732 -55.91 12.35 5.56
C VAL B 732 -56.90 11.34 5.01
N ASP B 733 -58.15 11.76 4.86
CA ASP B 733 -59.23 10.87 4.42
C ASP B 733 -59.21 10.80 2.90
N GLN B 734 -58.58 9.76 2.36
CA GLN B 734 -58.57 9.57 0.92
C GLN B 734 -59.95 9.81 0.33
N ALA B 735 -61.00 9.41 1.05
CA ALA B 735 -62.36 9.52 0.53
C ALA B 735 -62.82 10.97 0.51
N GLN B 736 -62.63 11.68 1.62
CA GLN B 736 -63.04 13.08 1.69
C GLN B 736 -62.26 13.90 0.68
N ALA B 737 -60.97 13.63 0.54
CA ALA B 737 -60.18 14.32 -0.47
C ALA B 737 -60.72 14.03 -1.86
N GLY B 738 -61.08 12.77 -2.13
CA GLY B 738 -61.66 12.45 -3.41
C GLY B 738 -62.94 13.24 -3.68
N ALA B 739 -63.83 13.28 -2.70
CA ALA B 739 -65.05 14.05 -2.86
C ALA B 739 -64.73 15.51 -3.09
N MET B 740 -63.84 16.06 -2.26
CA MET B 740 -63.41 17.44 -2.41
C MET B 740 -62.57 17.67 -3.66
N GLY B 741 -62.15 16.61 -4.34
CA GLY B 741 -61.46 16.78 -5.60
C GLY B 741 -60.03 17.23 -5.48
N VAL B 742 -59.33 16.79 -4.45
CA VAL B 742 -57.94 17.13 -4.22
C VAL B 742 -57.13 15.86 -4.22
N SER B 743 -56.00 15.86 -4.94
CA SER B 743 -55.18 14.68 -5.03
C SER B 743 -54.41 14.46 -3.73
N ILE B 744 -53.96 13.23 -3.56
CA ILE B 744 -53.11 12.91 -2.41
C ILE B 744 -51.74 13.56 -2.57
N ALA B 745 -51.22 13.54 -3.79
CA ALA B 745 -49.89 14.08 -4.04
C ALA B 745 -49.85 15.59 -3.77
N GLU B 746 -50.94 16.30 -4.10
CA GLU B 746 -51.01 17.72 -3.80
C GLU B 746 -50.94 17.97 -2.30
N ILE B 747 -51.71 17.21 -1.52
CA ILE B 747 -51.68 17.35 -0.07
C ILE B 747 -50.26 17.12 0.45
N ASN B 748 -49.62 16.06 -0.04
CA ASN B 748 -48.29 15.71 0.43
C ASN B 748 -47.29 16.80 0.09
N ASN B 749 -47.32 17.30 -1.14
CA ASN B 749 -46.42 18.38 -1.51
C ASN B 749 -46.66 19.62 -0.67
N THR B 750 -47.94 19.98 -0.51
CA THR B 750 -48.28 21.15 0.27
C THR B 750 -47.66 21.08 1.65
N MET B 751 -47.88 19.97 2.36
CA MET B 751 -47.39 19.96 3.74
C MET B 751 -45.90 19.71 3.79
N ARG B 752 -45.35 18.95 2.85
CA ARG B 752 -43.90 18.81 2.75
C ARG B 752 -43.23 20.17 2.69
N ILE B 753 -43.66 21.02 1.76
CA ILE B 753 -43.03 22.32 1.62
C ILE B 753 -43.37 23.22 2.81
N ALA B 754 -44.64 23.27 3.21
CA ALA B 754 -45.05 24.24 4.20
C ALA B 754 -44.45 23.95 5.57
N TRP B 755 -44.56 22.70 6.04
CA TRP B 755 -44.14 22.34 7.38
C TRP B 755 -42.75 21.75 7.43
N GLY B 756 -42.32 21.02 6.41
CA GLY B 756 -40.99 20.43 6.42
C GLY B 756 -39.90 21.32 5.88
N GLY B 757 -40.23 22.21 4.94
CA GLY B 757 -39.25 23.04 4.29
C GLY B 757 -38.62 22.37 3.08
N SER B 758 -37.92 23.10 2.18
CA SER B 758 -37.32 22.55 1.01
C SER B 758 -36.11 23.38 0.58
N TYR B 759 -35.08 22.75 0.07
CA TYR B 759 -33.93 23.43 -0.46
C TYR B 759 -34.29 23.51 -1.95
N ILE B 760 -34.21 24.68 -2.57
CA ILE B 760 -34.58 24.76 -3.98
C ILE B 760 -33.37 24.76 -4.87
N ASN B 761 -32.54 25.79 -4.77
CA ASN B 761 -31.33 25.97 -5.57
C ASN B 761 -30.49 27.05 -4.94
N ASP B 762 -29.27 27.27 -5.41
CA ASP B 762 -28.44 28.28 -4.76
C ASP B 762 -28.04 29.46 -5.63
N PHE B 763 -27.68 30.56 -5.00
CA PHE B 763 -27.16 31.74 -5.71
C PHE B 763 -25.78 32.07 -5.18
N VAL B 764 -25.06 32.94 -5.85
CA VAL B 764 -23.74 33.30 -5.41
C VAL B 764 -23.88 34.70 -4.85
N ASP B 765 -23.60 34.89 -3.59
CA ASP B 765 -23.68 36.21 -2.99
C ASP B 765 -22.25 36.61 -2.71
N ARG B 766 -21.69 37.47 -3.54
CA ARG B 766 -20.31 37.92 -3.44
C ARG B 766 -19.34 36.74 -3.39
N GLY B 767 -19.48 35.85 -4.37
CA GLY B 767 -18.54 34.75 -4.45
C GLY B 767 -18.71 33.71 -3.39
N ARG B 768 -19.79 33.77 -2.62
CA ARG B 768 -20.11 32.76 -1.62
C ARG B 768 -21.39 32.07 -2.06
N VAL B 769 -21.37 30.75 -2.03
CA VAL B 769 -22.51 29.94 -2.41
C VAL B 769 -23.41 29.82 -1.18
N LYS B 770 -24.66 30.21 -1.33
CA LYS B 770 -25.62 30.19 -0.24
C LYS B 770 -26.92 29.58 -0.75
N LYS B 771 -27.52 28.69 0.03
CA LYS B 771 -28.72 27.98 -0.35
C LYS B 771 -29.95 28.80 -0.18
N VAL B 772 -31.01 28.40 -0.84
CA VAL B 772 -32.28 29.08 -0.72
C VAL B 772 -33.25 28.09 -0.15
N TYR B 773 -33.99 28.45 0.90
CA TYR B 773 -34.95 27.54 1.50
C TYR B 773 -36.36 28.15 1.51
N VAL B 774 -37.38 27.34 1.30
CA VAL B 774 -38.74 27.82 1.35
C VAL B 774 -39.42 27.06 2.46
N GLN B 775 -40.19 27.73 3.31
CA GLN B 775 -40.93 27.09 4.41
C GLN B 775 -42.02 28.02 4.90
N GLY B 776 -43.10 27.52 5.47
CA GLY B 776 -44.12 28.38 6.01
C GLY B 776 -43.59 29.14 7.19
N ASP B 777 -44.12 30.32 7.47
CA ASP B 777 -43.62 31.12 8.59
C ASP B 777 -43.83 30.46 9.95
N ALA B 778 -43.04 30.88 10.93
CA ALA B 778 -43.07 30.30 12.25
C ALA B 778 -44.43 30.32 12.88
N GLY B 779 -45.17 31.40 12.75
CA GLY B 779 -46.49 31.47 13.35
C GLY B 779 -47.47 30.43 12.86
N SER B 780 -47.38 30.08 11.61
CA SER B 780 -48.25 29.13 10.97
C SER B 780 -48.10 27.67 11.36
N ARG B 781 -47.13 27.29 12.17
CA ARG B 781 -47.06 25.91 12.57
C ARG B 781 -46.80 25.63 14.03
N MET B 782 -47.18 26.54 14.91
CA MET B 782 -46.91 26.42 16.34
C MET B 782 -47.63 25.23 16.96
N MET B 783 -48.92 25.06 16.65
CA MET B 783 -49.79 24.12 17.32
C MET B 783 -50.59 23.34 16.29
N PRO B 784 -51.29 22.28 16.70
CA PRO B 784 -52.07 21.51 15.72
C PRO B 784 -53.14 22.31 15.03
N GLU B 785 -53.67 23.35 15.67
CA GLU B 785 -54.73 24.13 15.04
C GLU B 785 -54.21 24.97 13.89
N ASP B 786 -52.93 25.28 13.90
CA ASP B 786 -52.33 26.05 12.82
C ASP B 786 -52.32 25.29 11.54
N LEU B 787 -52.39 23.97 11.61
CA LEU B 787 -52.34 23.15 10.41
C LEU B 787 -53.65 23.23 9.63
N ASN B 788 -54.73 23.61 10.28
CA ASN B 788 -56.00 23.87 9.61
C ASN B 788 -56.04 25.22 8.92
N LYS B 789 -55.04 26.07 9.14
CA LYS B 789 -54.93 27.33 8.44
C LYS B 789 -54.45 27.18 7.00
N TRP B 790 -53.91 26.03 6.62
CA TRP B 790 -53.39 25.83 5.27
C TRP B 790 -54.43 25.33 4.28
N TYR B 791 -54.21 25.59 3.01
CA TYR B 791 -55.14 25.29 1.94
C TYR B 791 -54.42 24.56 0.81
N VAL B 792 -55.20 23.80 0.04
CA VAL B 792 -54.72 23.17 -1.18
C VAL B 792 -55.68 23.52 -2.30
N ARG B 793 -55.18 23.43 -3.54
CA ARG B 793 -55.97 23.79 -4.70
C ARG B 793 -56.69 22.58 -5.29
N ASN B 794 -57.75 22.86 -6.05
CA ASN B 794 -58.71 21.87 -6.51
C ASN B 794 -58.54 21.58 -7.98
N ASN B 795 -59.42 20.71 -8.49
CA ASN B 795 -59.55 20.55 -9.93
C ASN B 795 -60.30 21.74 -10.54
N LYS B 796 -61.31 22.24 -9.84
CA LYS B 796 -62.03 23.41 -10.29
C LYS B 796 -61.34 24.71 -9.89
N GLY B 797 -60.23 24.62 -9.16
CA GLY B 797 -59.43 25.77 -8.84
C GLY B 797 -59.75 26.43 -7.52
N GLU B 798 -60.78 25.96 -6.82
CA GLU B 798 -61.09 26.50 -5.51
C GLU B 798 -60.06 26.02 -4.50
N MET B 799 -59.96 26.74 -3.39
CA MET B 799 -59.02 26.43 -2.33
C MET B 799 -59.80 25.88 -1.14
N VAL B 800 -59.48 24.65 -0.74
CA VAL B 800 -60.15 24.02 0.40
C VAL B 800 -59.12 23.87 1.53
N PRO B 801 -59.52 23.98 2.79
CA PRO B 801 -58.58 23.81 3.90
C PRO B 801 -58.28 22.34 4.20
N PHE B 802 -57.21 22.15 4.98
CA PHE B 802 -56.94 20.83 5.56
C PHE B 802 -58.04 20.40 6.52
N SER B 803 -58.77 21.34 7.08
CA SER B 803 -59.82 21.02 8.02
C SER B 803 -60.98 20.29 7.37
N ALA B 804 -61.03 20.24 6.05
CA ALA B 804 -62.11 19.57 5.35
C ALA B 804 -61.78 18.13 5.00
N PHE B 805 -60.52 17.72 5.03
CA PHE B 805 -60.16 16.38 4.61
C PHE B 805 -59.13 15.71 5.50
N ALA B 806 -58.84 16.23 6.69
CA ALA B 806 -57.79 15.64 7.50
C ALA B 806 -57.97 15.96 8.97
N THR B 807 -57.51 15.03 9.80
CA THR B 807 -57.56 15.14 11.25
C THR B 807 -56.23 14.65 11.80
N GLY B 808 -56.08 14.71 13.12
CA GLY B 808 -54.89 14.20 13.76
C GLY B 808 -55.16 13.71 15.17
N GLU B 809 -54.14 13.06 15.74
CA GLU B 809 -54.19 12.60 17.12
C GLU B 809 -52.77 12.56 17.68
N TRP B 810 -52.66 12.62 19.00
CA TRP B 810 -51.37 12.53 19.66
C TRP B 810 -50.94 11.08 19.84
N THR B 811 -49.62 10.87 19.83
CA THR B 811 -49.07 9.52 19.89
C THR B 811 -47.73 9.58 20.61
N TYR B 812 -46.92 8.55 20.46
CA TYR B 812 -45.55 8.52 20.96
C TYR B 812 -44.64 7.90 19.91
N GLY B 813 -43.34 8.13 20.08
CA GLY B 813 -42.36 7.57 19.17
C GLY B 813 -40.98 7.99 19.60
N SER B 814 -39.99 7.34 19.03
CA SER B 814 -38.61 7.57 19.42
C SER B 814 -38.06 8.83 18.76
N PRO B 815 -37.21 9.58 19.47
CA PRO B 815 -36.40 10.61 18.82
C PRO B 815 -35.02 10.16 18.35
N ARG B 816 -34.65 8.90 18.57
CA ARG B 816 -33.34 8.41 18.15
C ARG B 816 -33.40 6.90 18.08
N LEU B 817 -33.23 6.34 16.89
CA LEU B 817 -33.21 4.90 16.69
C LEU B 817 -31.77 4.45 16.47
N GLU B 818 -31.42 3.29 17.00
CA GLU B 818 -30.07 2.76 16.89
C GLU B 818 -30.09 1.40 16.22
N ARG B 819 -28.97 1.05 15.58
CA ARG B 819 -28.78 -0.25 14.97
C ARG B 819 -27.36 -0.72 15.25
N TYR B 820 -27.17 -2.02 15.43
CA TYR B 820 -25.88 -2.53 15.72
C TYR B 820 -25.70 -3.77 14.83
N ASN B 821 -24.74 -3.74 13.92
CA ASN B 821 -24.46 -4.80 12.96
C ASN B 821 -25.63 -5.19 12.10
N GLY B 822 -26.47 -4.24 11.78
CA GLY B 822 -27.60 -4.46 10.93
C GLY B 822 -28.91 -4.76 11.58
N VAL B 823 -29.01 -4.68 12.87
CA VAL B 823 -30.29 -4.96 13.48
C VAL B 823 -30.58 -3.91 14.55
N SER B 824 -31.82 -3.63 14.90
CA SER B 824 -32.10 -2.61 15.91
C SER B 824 -31.62 -2.94 17.31
N SER B 825 -31.09 -1.96 18.03
CA SER B 825 -30.52 -2.21 19.33
C SER B 825 -30.58 -1.04 20.27
N VAL B 826 -30.32 -1.29 21.54
CA VAL B 826 -30.26 -0.24 22.55
C VAL B 826 -29.00 -0.51 23.35
N ASN B 827 -28.20 0.51 23.63
CA ASN B 827 -26.95 0.37 24.35
C ASN B 827 -27.11 0.53 25.85
N ILE B 828 -26.57 -0.38 26.65
CA ILE B 828 -26.67 -0.29 28.08
C ILE B 828 -25.25 -0.18 28.64
N GLN B 829 -25.06 0.64 29.66
CA GLN B 829 -23.75 0.81 30.23
C GLN B 829 -23.81 0.68 31.74
N GLY B 830 -22.70 0.33 32.38
CA GLY B 830 -22.72 0.19 33.83
C GLY B 830 -21.34 -0.09 34.37
N THR B 831 -21.14 -0.01 35.67
CA THR B 831 -19.85 -0.18 36.30
C THR B 831 -19.84 -1.35 37.26
N PRO B 832 -18.67 -1.90 37.58
CA PRO B 832 -18.60 -2.94 38.61
C PRO B 832 -18.79 -2.35 40.00
N ALA B 833 -19.11 -3.22 40.94
CA ALA B 833 -19.10 -2.83 42.34
C ALA B 833 -17.68 -2.66 42.84
N PRO B 834 -17.48 -1.93 43.94
CA PRO B 834 -16.11 -1.57 44.35
C PRO B 834 -15.13 -2.75 44.38
N GLY B 835 -15.54 -3.90 44.89
CA GLY B 835 -14.66 -5.03 45.02
C GLY B 835 -14.75 -6.06 43.91
N VAL B 836 -15.52 -5.80 42.85
CA VAL B 836 -15.83 -6.79 41.83
C VAL B 836 -15.08 -6.43 40.56
N SER B 837 -14.51 -7.45 39.92
CA SER B 837 -13.72 -7.21 38.71
C SER B 837 -14.62 -6.90 37.52
N SER B 838 -14.01 -6.33 36.49
CA SER B 838 -14.76 -6.02 35.27
C SER B 838 -15.35 -7.29 34.67
N GLY B 839 -14.56 -8.36 34.61
CA GLY B 839 -15.07 -9.60 34.05
C GLY B 839 -16.20 -10.19 34.86
N ASP B 840 -16.14 -10.07 36.19
CA ASP B 840 -17.22 -10.57 37.02
C ASP B 840 -18.48 -9.77 36.79
N ALA B 841 -18.30 -8.46 36.65
CA ALA B 841 -19.39 -7.58 36.36
C ALA B 841 -20.00 -8.05 35.07
N MET B 842 -19.17 -8.31 34.08
CA MET B 842 -19.65 -8.76 32.79
C MET B 842 -20.36 -10.10 32.87
N LYS B 843 -19.82 -11.03 33.64
CA LYS B 843 -20.46 -12.32 33.77
C LYS B 843 -21.84 -12.20 34.40
N ALA B 844 -21.96 -11.32 35.38
CA ALA B 844 -23.18 -11.04 36.07
C ALA B 844 -24.22 -10.50 35.14
N MET B 845 -23.79 -9.61 34.27
CA MET B 845 -24.66 -8.96 33.30
C MET B 845 -25.27 -9.98 32.38
N GLU B 846 -24.46 -10.93 31.93
CA GLU B 846 -24.91 -11.98 31.06
C GLU B 846 -25.89 -12.87 31.75
N GLU B 847 -25.67 -13.13 33.03
CA GLU B 847 -26.57 -13.99 33.78
C GLU B 847 -27.93 -13.36 33.78
N ILE B 848 -27.99 -12.07 34.06
CA ILE B 848 -29.22 -11.35 34.09
C ILE B 848 -29.84 -11.35 32.70
N ILE B 849 -29.02 -11.14 31.68
CA ILE B 849 -29.52 -11.12 30.30
C ILE B 849 -30.04 -12.47 29.86
N GLY B 850 -29.41 -13.53 30.35
CA GLY B 850 -29.78 -14.91 30.13
C GLY B 850 -31.11 -15.27 30.76
N LYS B 851 -31.50 -14.56 31.82
CA LYS B 851 -32.76 -14.80 32.50
C LYS B 851 -33.98 -14.35 31.72
N LEU B 852 -33.79 -13.45 30.75
CA LEU B 852 -34.92 -12.96 29.97
C LEU B 852 -35.70 -14.08 29.31
N PRO B 853 -35.09 -14.90 28.47
CA PRO B 853 -35.86 -15.99 27.85
C PRO B 853 -36.51 -16.85 28.92
N SER B 854 -37.77 -17.20 28.68
CA SER B 854 -38.63 -17.94 29.61
C SER B 854 -39.12 -17.04 30.73
N MET B 855 -38.95 -15.73 30.62
CA MET B 855 -39.57 -14.76 31.52
C MET B 855 -40.63 -13.95 30.81
N GLY B 856 -41.08 -14.42 29.64
CA GLY B 856 -42.00 -13.68 28.80
C GLY B 856 -41.34 -12.92 27.67
N LEU B 857 -40.01 -12.79 27.69
CA LEU B 857 -39.27 -12.07 26.66
C LEU B 857 -38.30 -13.03 26.01
N GLN B 858 -38.40 -13.20 24.70
CA GLN B 858 -37.47 -14.04 23.95
C GLN B 858 -37.14 -13.37 22.63
N GLY B 859 -36.00 -13.78 22.07
CA GLY B 859 -35.53 -13.28 20.80
C GLY B 859 -34.69 -12.03 20.94
N PHE B 860 -33.99 -11.95 22.05
CA PHE B 860 -33.15 -10.80 22.26
C PHE B 860 -31.73 -11.28 22.47
N ASP B 861 -30.79 -10.77 21.71
CA ASP B 861 -29.42 -11.18 21.83
C ASP B 861 -28.59 -10.00 22.30
N TYR B 862 -27.40 -10.24 22.81
CA TYR B 862 -26.59 -9.15 23.24
C TYR B 862 -25.19 -9.28 22.71
N GLU B 863 -24.48 -8.17 22.67
CA GLU B 863 -23.08 -8.18 22.28
C GLU B 863 -22.32 -7.25 23.19
N TRP B 864 -21.03 -7.46 23.28
CA TRP B 864 -20.16 -6.62 24.06
C TRP B 864 -19.47 -5.72 23.03
N THR B 865 -19.20 -4.48 23.39
CA THR B 865 -18.66 -3.55 22.43
C THR B 865 -17.55 -2.66 23.01
N GLY B 866 -16.82 -1.99 22.15
CA GLY B 866 -15.78 -1.10 22.63
C GLY B 866 -14.71 -1.77 23.46
N LEU B 867 -14.38 -1.21 24.63
CA LEU B 867 -13.35 -1.77 25.48
C LEU B 867 -13.75 -3.11 26.03
N SER B 868 -15.04 -3.31 26.32
CA SER B 868 -15.49 -4.59 26.82
C SER B 868 -15.13 -5.70 25.86
N LEU B 869 -15.43 -5.48 24.59
CA LEU B 869 -15.08 -6.46 23.56
C LEU B 869 -13.57 -6.67 23.51
N GLU B 870 -12.83 -5.59 23.65
CA GLU B 870 -11.39 -5.70 23.66
C GLU B 870 -10.95 -6.56 24.81
N GLU B 871 -11.50 -6.31 25.98
CA GLU B 871 -11.15 -7.12 27.14
C GLU B 871 -11.43 -8.59 26.88
N ARG B 872 -12.58 -8.90 26.33
CA ARG B 872 -12.90 -10.29 26.07
C ARG B 872 -11.93 -10.93 25.11
N GLU B 873 -11.41 -10.16 24.17
CA GLU B 873 -10.43 -10.72 23.25
C GLU B 873 -9.05 -10.85 23.91
N SER B 874 -8.67 -9.85 24.68
CA SER B 874 -7.37 -9.80 25.33
C SER B 874 -7.21 -10.70 26.55
N GLY B 875 -8.28 -11.34 27.02
CA GLY B 875 -8.16 -12.23 28.15
C GLY B 875 -7.26 -13.41 27.82
N ALA B 876 -6.47 -13.86 28.80
CA ALA B 876 -5.53 -14.98 28.74
C ALA B 876 -4.30 -14.79 27.86
N GLN B 877 -3.96 -13.55 27.55
CA GLN B 877 -2.77 -13.24 26.81
C GLN B 877 -1.67 -12.89 27.76
N ALA B 878 -1.96 -12.12 28.79
CA ALA B 878 -0.96 -11.71 29.73
C ALA B 878 -0.35 -12.84 30.54
N PRO B 879 -1.16 -13.81 30.99
CA PRO B 879 -0.49 -14.86 31.74
C PRO B 879 0.33 -15.72 30.81
N PHE B 880 -0.16 -15.94 29.59
CA PHE B 880 0.60 -16.73 28.67
C PHE B 880 1.90 -16.05 28.35
N LEU B 881 1.83 -14.76 28.10
CA LEU B 881 2.99 -13.97 27.76
C LEU B 881 4.00 -13.94 28.88
N TYR B 882 3.54 -13.90 30.12
CA TYR B 882 4.45 -13.88 31.25
C TYR B 882 5.00 -15.24 31.64
N ALA B 883 4.42 -16.29 31.17
CA ALA B 883 4.96 -17.63 31.29
C ALA B 883 6.10 -17.86 30.31
N LEU B 884 5.92 -17.39 29.07
CA LEU B 884 6.99 -17.45 28.08
C LEU B 884 8.22 -16.67 28.54
N SER B 885 8.00 -15.47 29.07
CA SER B 885 9.11 -14.66 29.51
C SER B 885 9.85 -15.33 30.68
N LEU B 886 9.11 -15.91 31.63
CA LEU B 886 9.77 -16.59 32.74
C LEU B 886 10.57 -17.79 32.24
N LEU B 887 10.04 -18.50 31.25
CA LEU B 887 10.76 -19.64 30.68
C LEU B 887 12.07 -19.19 30.06
N ILE B 888 12.03 -18.14 29.25
CA ILE B 888 13.24 -17.67 28.58
C ILE B 888 14.23 -17.12 29.60
N VAL B 889 13.75 -16.47 30.65
CA VAL B 889 14.65 -15.97 31.68
C VAL B 889 15.36 -17.14 32.36
N PHE B 890 14.62 -18.19 32.68
CA PHE B 890 15.26 -19.37 33.25
C PHE B 890 16.33 -19.92 32.31
N LEU B 891 16.00 -20.02 31.03
CA LEU B 891 16.93 -20.62 30.07
C LEU B 891 18.21 -19.78 29.96
N CYS B 892 18.06 -18.46 29.89
CA CYS B 892 19.23 -17.59 29.78
C CYS B 892 20.09 -17.64 31.05
N LEU B 893 19.45 -17.65 32.21
CA LEU B 893 20.23 -17.76 33.44
C LEU B 893 20.98 -19.07 33.50
N ALA B 894 20.33 -20.16 33.06
CA ALA B 894 21.02 -21.44 33.03
C ALA B 894 22.19 -21.41 32.07
N ALA B 895 22.03 -20.77 30.93
CA ALA B 895 23.16 -20.63 30.01
C ALA B 895 24.30 -19.85 30.65
N LEU B 896 23.96 -18.81 31.42
CA LEU B 896 25.01 -17.99 32.04
C LEU B 896 25.78 -18.79 33.08
N TYR B 897 25.09 -19.40 34.03
CA TYR B 897 25.78 -20.10 35.11
C TYR B 897 26.16 -21.53 34.74
N GLU B 898 25.62 -22.07 33.65
CA GLU B 898 25.85 -23.46 33.26
C GLU B 898 25.39 -24.40 34.38
N SER B 899 24.08 -24.32 34.65
CA SER B 899 23.46 -25.03 35.75
C SER B 899 21.96 -24.98 35.57
N TRP B 900 21.29 -26.05 35.96
CA TRP B 900 19.84 -26.10 35.93
C TRP B 900 19.21 -25.69 37.24
N SER B 901 19.95 -25.72 38.33
CA SER B 901 19.40 -25.40 39.64
C SER B 901 19.73 -23.99 40.12
N ILE B 902 20.88 -23.44 39.75
CA ILE B 902 21.24 -22.10 40.21
C ILE B 902 20.19 -21.08 39.81
N PRO B 903 19.69 -21.04 38.57
CA PRO B 903 18.80 -19.93 38.18
C PRO B 903 17.70 -19.64 39.18
N PHE B 904 17.30 -20.62 39.97
CA PHE B 904 16.11 -20.46 40.78
C PHE B 904 16.32 -19.49 41.93
N SER B 905 17.53 -19.41 42.48
CA SER B 905 17.80 -18.36 43.45
C SER B 905 17.53 -16.99 42.84
N VAL B 906 18.06 -16.75 41.64
CA VAL B 906 17.83 -15.46 40.99
C VAL B 906 16.35 -15.24 40.76
N LEU B 907 15.63 -16.30 40.38
CA LEU B 907 14.20 -16.16 40.09
C LEU B 907 13.39 -15.83 41.33
N LEU B 908 13.74 -16.40 42.48
CA LEU B 908 12.99 -16.18 43.71
C LEU B 908 12.93 -14.72 44.14
N VAL B 909 13.67 -13.83 43.48
CA VAL B 909 13.73 -12.44 43.94
C VAL B 909 12.57 -11.59 43.44
N VAL B 910 11.78 -12.07 42.49
CA VAL B 910 10.81 -11.23 41.83
C VAL B 910 9.88 -10.59 42.86
N PRO B 911 9.34 -11.34 43.82
CA PRO B 911 8.39 -10.76 44.77
C PRO B 911 8.92 -9.53 45.50
N LEU B 912 10.23 -9.51 45.77
CA LEU B 912 10.79 -8.51 46.67
C LEU B 912 10.63 -7.09 46.11
N GLY B 913 10.86 -6.92 44.81
CA GLY B 913 10.69 -5.60 44.24
C GLY B 913 9.24 -5.16 44.21
N VAL B 914 8.35 -6.09 43.86
CA VAL B 914 6.94 -5.72 43.70
C VAL B 914 6.29 -5.38 45.03
N ILE B 915 6.72 -6.03 46.11
CA ILE B 915 6.03 -5.83 47.38
C ILE B 915 6.06 -4.35 47.77
N GLY B 916 7.22 -3.71 47.67
CA GLY B 916 7.33 -2.33 48.12
C GLY B 916 6.61 -1.35 47.23
N ALA B 917 6.67 -1.56 45.92
CA ALA B 917 5.94 -0.70 45.01
C ALA B 917 4.46 -0.75 45.31
N ILE B 918 3.93 -1.95 45.50
CA ILE B 918 2.52 -2.11 45.81
C ILE B 918 2.19 -1.48 47.15
N VAL B 919 3.04 -1.72 48.15
CA VAL B 919 2.78 -1.20 49.48
C VAL B 919 2.74 0.33 49.45
N LEU B 920 3.71 0.95 48.79
CA LEU B 920 3.80 2.41 48.79
C LEU B 920 2.67 3.03 47.98
N THR B 921 2.28 2.43 46.86
CA THR B 921 1.15 2.99 46.13
C THR B 921 -0.11 2.92 46.97
N TYR B 922 -0.38 1.77 47.61
CA TYR B 922 -1.55 1.69 48.46
C TYR B 922 -1.47 2.70 49.58
N LEU B 923 -0.31 2.81 50.22
CA LEU B 923 -0.20 3.68 51.39
C LEU B 923 -0.43 5.12 51.02
N GLY B 924 0.18 5.58 49.93
CA GLY B 924 -0.07 6.94 49.48
C GLY B 924 -1.52 7.13 49.09
N MET B 925 -2.12 6.13 48.47
CA MET B 925 -3.52 6.24 48.07
C MET B 925 -4.42 6.46 49.27
N ILE B 926 -4.23 5.65 50.32
CA ILE B 926 -5.12 5.78 51.48
C ILE B 926 -4.79 7.04 52.27
N ILE B 927 -3.50 7.36 52.41
CA ILE B 927 -3.11 8.48 53.25
C ILE B 927 -3.57 9.80 52.66
N LYS B 928 -3.55 9.92 51.33
CA LYS B 928 -4.03 11.11 50.65
C LYS B 928 -5.36 10.81 49.99
N GLY B 929 -6.09 11.85 49.64
CA GLY B 929 -7.33 11.67 48.92
C GLY B 929 -7.09 11.58 47.42
N ASP B 930 -6.26 10.63 46.99
CA ASP B 930 -5.95 10.46 45.58
C ASP B 930 -6.45 9.11 45.11
N PRO B 931 -7.50 9.06 44.29
CA PRO B 931 -7.85 7.79 43.64
C PRO B 931 -7.01 7.50 42.41
N ASN B 932 -6.22 8.45 41.93
CA ASN B 932 -5.36 8.20 40.79
C ASN B 932 -4.16 7.33 41.16
N LEU B 933 -3.90 7.14 42.45
CA LEU B 933 -2.91 6.17 42.90
C LEU B 933 -3.48 4.76 42.82
N SER B 934 -3.83 4.36 41.60
CA SER B 934 -4.48 3.09 41.35
C SER B 934 -3.58 2.18 40.52
N ASN B 935 -4.02 0.95 40.27
CA ASN B 935 -3.37 -0.01 39.41
C ASN B 935 -3.63 0.44 37.99
N ASN B 936 -2.79 1.33 37.46
CA ASN B 936 -2.95 1.82 36.11
C ASN B 936 -1.70 1.56 35.29
N ILE B 937 -1.78 1.77 33.98
CA ILE B 937 -0.68 1.54 33.06
C ILE B 937 0.67 2.02 33.52
N TYR B 938 0.76 3.23 34.03
CA TYR B 938 2.00 3.76 34.53
C TYR B 938 2.52 2.96 35.72
N PHE B 939 1.65 2.57 36.62
CA PHE B 939 2.09 1.79 37.75
C PHE B 939 2.62 0.45 37.27
N GLN B 940 1.93 -0.17 36.33
CA GLN B 940 2.33 -1.46 35.80
C GLN B 940 3.65 -1.47 35.07
N VAL B 941 3.94 -0.46 34.26
CA VAL B 941 5.23 -0.35 33.60
C VAL B 941 6.28 -0.10 34.68
N ALA B 942 5.97 0.71 35.67
CA ALA B 942 6.90 0.96 36.76
C ALA B 942 7.24 -0.32 37.51
N ILE B 943 6.27 -1.21 37.72
CA ILE B 943 6.56 -2.44 38.38
C ILE B 943 7.56 -3.27 37.59
N ILE B 944 7.38 -3.33 36.28
CA ILE B 944 8.21 -4.11 35.40
C ILE B 944 9.66 -3.68 35.45
N ALA B 945 9.91 -2.37 35.46
CA ALA B 945 11.25 -1.81 35.53
C ALA B 945 11.94 -2.16 36.86
N VAL B 946 11.18 -2.10 37.95
CA VAL B 946 11.73 -2.47 39.26
C VAL B 946 12.14 -3.94 39.26
N ILE B 947 11.36 -4.78 38.58
CA ILE B 947 11.69 -6.18 38.52
C ILE B 947 12.95 -6.41 37.74
N GLY B 948 13.13 -5.65 36.69
CA GLY B 948 14.31 -5.76 35.90
C GLY B 948 15.52 -5.35 36.70
N LEU B 949 15.38 -4.28 37.48
CA LEU B 949 16.46 -3.79 38.30
C LEU B 949 16.85 -4.73 39.39
N SER B 950 15.86 -5.34 40.01
CA SER B 950 16.09 -6.26 41.10
C SER B 950 16.81 -7.51 40.61
N ALA B 951 16.48 -7.95 39.40
CA ALA B 951 17.12 -9.10 38.79
C ALA B 951 18.59 -8.80 38.56
N LYS B 952 18.89 -7.60 38.14
CA LYS B 952 20.26 -7.21 37.90
C LYS B 952 21.11 -7.30 39.14
N ASN B 953 20.58 -6.91 40.30
CA ASN B 953 21.32 -7.02 41.54
C ASN B 953 21.62 -8.46 41.86
N ALA B 954 20.61 -9.29 41.67
CA ALA B 954 20.65 -10.70 41.92
C ALA B 954 21.58 -11.47 41.03
N ILE B 955 21.62 -11.13 39.76
CA ILE B 955 22.51 -11.81 38.85
C ILE B 955 23.95 -11.57 39.23
N LEU B 956 24.28 -10.36 39.64
CA LEU B 956 25.65 -10.06 39.99
C LEU B 956 26.01 -10.69 41.30
N ILE B 957 25.14 -10.68 42.31
CA ILE B 957 25.54 -11.30 43.57
C ILE B 957 25.80 -12.79 43.36
N VAL B 958 24.89 -13.46 42.65
CA VAL B 958 25.03 -14.89 42.45
C VAL B 958 26.27 -15.20 41.63
N GLU B 959 26.56 -14.39 40.62
CA GLU B 959 27.78 -14.55 39.86
C GLU B 959 29.00 -14.55 40.75
N PHE B 960 29.13 -13.52 41.59
CA PHE B 960 30.33 -13.41 42.40
C PHE B 960 30.42 -14.59 43.38
N ALA B 961 29.30 -14.98 43.98
CA ALA B 961 29.33 -16.10 44.90
C ALA B 961 29.81 -17.37 44.22
N LYS B 962 29.30 -17.63 43.01
CA LYS B 962 29.69 -18.84 42.31
C LYS B 962 31.18 -18.82 41.98
N GLU B 963 31.68 -17.68 41.50
CA GLU B 963 33.10 -17.61 41.16
C GLU B 963 33.96 -17.80 42.39
N LEU B 964 33.59 -17.21 43.51
CA LEU B 964 34.36 -17.38 44.74
C LEU B 964 34.37 -18.84 45.17
N GLN B 965 33.21 -19.50 45.13
CA GLN B 965 33.15 -20.90 45.55
C GLN B 965 33.99 -21.77 44.63
N GLU B 966 34.02 -21.46 43.33
CA GLU B 966 34.93 -22.14 42.44
C GLU B 966 36.37 -21.91 42.84
N LYS B 967 36.73 -20.67 43.18
CA LYS B 967 38.10 -20.37 43.52
C LYS B 967 38.57 -21.16 44.74
N GLY B 968 37.65 -21.60 45.59
CA GLY B 968 38.01 -22.46 46.69
C GLY B 968 37.26 -22.24 47.98
N GLU B 969 36.42 -21.22 48.03
CA GLU B 969 35.78 -20.84 49.28
C GLU B 969 34.66 -21.81 49.66
N ASP B 970 34.34 -21.81 50.95
CA ASP B 970 33.19 -22.51 51.47
C ASP B 970 31.90 -21.83 51.02
N LEU B 971 30.81 -22.59 50.94
CA LEU B 971 29.55 -22.03 50.51
C LEU B 971 29.14 -20.86 51.35
N LEU B 972 29.32 -20.96 52.65
CA LEU B 972 28.95 -19.88 53.53
C LEU B 972 29.87 -18.70 53.35
N ASP B 973 31.17 -18.96 53.40
CA ASP B 973 32.18 -17.91 53.29
C ASP B 973 32.13 -17.24 51.93
N ALA B 974 31.97 -18.03 50.86
CA ALA B 974 31.86 -17.43 49.53
C ALA B 974 30.64 -16.53 49.43
N THR B 975 29.52 -16.99 49.95
CA THR B 975 28.32 -16.22 49.93
C THR B 975 28.51 -14.90 50.62
N LEU B 976 29.06 -14.90 51.84
CA LEU B 976 29.25 -13.68 52.61
C LEU B 976 30.22 -12.73 51.92
N HIS B 977 31.32 -13.27 51.39
CA HIS B 977 32.30 -12.44 50.71
C HIS B 977 31.68 -11.77 49.49
N ALA B 978 30.85 -12.49 48.76
CA ALA B 978 30.13 -11.91 47.62
C ALA B 978 29.19 -10.79 48.05
N ALA B 979 28.41 -11.02 49.11
CA ALA B 979 27.50 -9.98 49.58
C ALA B 979 28.26 -8.73 50.00
N LYS B 980 29.37 -8.93 50.72
CA LYS B 980 30.19 -7.79 51.12
C LYS B 980 30.70 -7.04 49.91
N MET B 981 31.16 -7.75 48.89
CA MET B 981 31.68 -7.07 47.71
C MET B 981 30.59 -6.27 47.01
N ARG B 982 29.39 -6.81 46.95
CA ARG B 982 28.35 -6.18 46.15
C ARG B 982 27.58 -5.11 46.90
N LEU B 983 27.77 -4.97 48.22
CA LEU B 983 26.98 -4.00 48.97
C LEU B 983 27.08 -2.60 48.38
N ARG B 984 28.30 -2.10 48.18
CA ARG B 984 28.47 -0.68 47.86
C ARG B 984 27.76 -0.26 46.58
N PRO B 985 27.99 -0.89 45.43
CA PRO B 985 27.27 -0.48 44.21
C PRO B 985 25.75 -0.54 44.32
N ILE B 986 25.20 -1.53 45.02
CA ILE B 986 23.75 -1.61 45.16
C ILE B 986 23.23 -0.39 45.89
N ILE B 987 23.91 0.00 46.98
CA ILE B 987 23.51 1.18 47.73
C ILE B 987 23.66 2.43 46.87
N MET B 988 24.74 2.51 46.09
CA MET B 988 24.96 3.69 45.26
C MET B 988 23.83 3.87 44.25
N THR B 989 23.45 2.78 43.58
CA THR B 989 22.34 2.89 42.63
C THR B 989 21.04 3.22 43.33
N THR B 990 20.78 2.59 44.47
CA THR B 990 19.58 2.91 45.23
C THR B 990 19.49 4.41 45.49
N LEU B 991 20.56 4.98 46.02
CA LEU B 991 20.55 6.40 46.34
C LEU B 991 20.32 7.23 45.09
N ALA B 992 21.12 7.03 44.05
CA ALA B 992 21.01 7.87 42.88
C ALA B 992 19.61 7.81 42.28
N PHE B 993 19.12 6.59 42.02
CA PHE B 993 17.84 6.44 41.33
C PHE B 993 16.70 6.94 42.22
N GLY B 994 16.71 6.58 43.49
CA GLY B 994 15.63 6.98 44.37
C GLY B 994 15.53 8.49 44.51
N PHE B 995 16.67 9.15 44.73
CA PHE B 995 16.62 10.60 44.84
C PHE B 995 16.28 11.24 43.50
N GLY B 996 16.73 10.65 42.39
CA GLY B 996 16.40 11.20 41.10
C GLY B 996 14.92 11.18 40.81
N VAL B 997 14.23 10.15 41.30
CA VAL B 997 12.80 10.01 41.01
C VAL B 997 11.92 10.48 42.16
N LEU B 998 12.49 10.88 43.28
CA LEU B 998 11.69 11.45 44.36
C LEU B 998 10.91 12.69 43.94
N PRO B 999 11.47 13.64 43.19
CA PRO B 999 10.73 14.86 42.88
C PRO B 999 9.43 14.61 42.13
N LEU B 1000 9.35 13.56 41.32
CA LEU B 1000 8.07 13.25 40.68
C LEU B 1000 7.03 12.88 41.73
N ALA B 1001 7.40 12.03 42.67
CA ALA B 1001 6.49 11.68 43.75
C ALA B 1001 6.07 12.91 44.53
N LEU B 1002 6.96 13.87 44.70
CA LEU B 1002 6.69 15.03 45.54
C LEU B 1002 6.09 16.19 44.76
N SER B 1003 5.61 15.97 43.55
CA SER B 1003 5.18 17.04 42.66
C SER B 1003 3.67 17.23 42.77
N THR B 1004 3.26 18.49 42.97
CA THR B 1004 1.87 18.87 42.73
C THR B 1004 1.69 19.36 41.30
N GLY B 1005 2.23 20.54 41.01
CA GLY B 1005 2.45 21.01 39.65
C GLY B 1005 1.29 20.75 38.72
N ALA B 1006 1.66 20.57 37.44
CA ALA B 1006 0.72 20.41 36.34
C ALA B 1006 0.98 19.06 35.69
N GLY B 1007 -0.07 18.31 35.44
CA GLY B 1007 0.09 16.97 34.90
C GLY B 1007 0.88 16.05 35.81
N ALA B 1008 0.68 16.17 37.11
CA ALA B 1008 1.38 15.35 38.07
C ALA B 1008 0.64 14.05 38.38
N GLY B 1009 -0.49 13.80 37.73
CA GLY B 1009 -1.16 12.53 37.93
C GLY B 1009 -0.33 11.37 37.45
N SER B 1010 0.22 11.48 36.25
CA SER B 1010 1.12 10.46 35.73
C SER B 1010 2.41 10.43 36.53
N GLN B 1011 2.89 11.61 36.91
CA GLN B 1011 4.12 11.70 37.69
C GLN B 1011 3.99 10.95 39.00
N HIS B 1012 2.85 11.07 39.67
CA HIS B 1012 2.67 10.39 40.94
C HIS B 1012 2.67 8.87 40.76
N SER B 1013 1.98 8.37 39.74
CA SER B 1013 1.93 6.93 39.56
C SER B 1013 3.33 6.37 39.31
N VAL B 1014 4.05 6.95 38.34
CA VAL B 1014 5.38 6.43 38.05
C VAL B 1014 6.30 6.60 39.26
N GLY B 1015 6.25 7.76 39.92
CA GLY B 1015 7.17 8.02 41.00
C GLY B 1015 6.95 7.13 42.20
N PHE B 1016 5.70 6.96 42.61
CA PHE B 1016 5.41 6.09 43.74
C PHE B 1016 5.82 4.65 43.43
N GLY B 1017 5.46 4.16 42.24
CA GLY B 1017 5.83 2.80 41.90
C GLY B 1017 7.33 2.59 41.94
N VAL B 1018 8.07 3.45 41.23
CA VAL B 1018 9.51 3.24 41.15
C VAL B 1018 10.15 3.40 42.52
N LEU B 1019 9.80 4.44 43.27
CA LEU B 1019 10.49 4.69 44.54
C LEU B 1019 10.24 3.56 45.52
N GLY B 1020 8.97 3.17 45.70
CA GLY B 1020 8.69 2.07 46.60
C GLY B 1020 9.37 0.79 46.16
N GLY B 1021 9.32 0.49 44.87
CA GLY B 1021 9.89 -0.75 44.39
C GLY B 1021 11.40 -0.81 44.57
N VAL B 1022 12.10 0.28 44.26
CA VAL B 1022 13.55 0.27 44.45
C VAL B 1022 13.89 0.10 45.91
N LEU B 1023 13.18 0.80 46.80
CA LEU B 1023 13.53 0.71 48.22
C LEU B 1023 13.33 -0.70 48.73
N SER B 1024 12.17 -1.30 48.43
CA SER B 1024 11.93 -2.64 48.93
C SER B 1024 12.87 -3.64 48.28
N ALA B 1025 13.04 -3.56 46.96
CA ALA B 1025 13.94 -4.48 46.28
C ALA B 1025 15.32 -4.45 46.90
N THR B 1026 15.91 -3.27 47.05
CA THR B 1026 17.27 -3.21 47.54
C THR B 1026 17.35 -3.76 48.97
N PHE B 1027 16.51 -3.27 49.87
CA PHE B 1027 16.71 -3.61 51.28
C PHE B 1027 16.29 -5.04 51.59
N LEU B 1028 15.35 -5.61 50.85
CA LEU B 1028 15.02 -7.01 51.08
C LEU B 1028 15.97 -7.94 50.34
N GLY B 1029 16.38 -7.58 49.12
CA GLY B 1029 17.22 -8.44 48.33
C GLY B 1029 18.60 -8.62 48.91
N ILE B 1030 19.17 -7.55 49.47
CA ILE B 1030 20.52 -7.68 50.03
C ILE B 1030 20.54 -8.77 51.09
N PHE B 1031 19.41 -9.04 51.72
CA PHE B 1031 19.33 -10.08 52.74
C PHE B 1031 18.86 -11.41 52.20
N PHE B 1032 17.95 -11.42 51.22
CA PHE B 1032 17.38 -12.69 50.80
C PHE B 1032 18.21 -13.39 49.74
N ILE B 1033 18.77 -12.66 48.78
CA ILE B 1033 19.45 -13.31 47.66
C ILE B 1033 20.55 -14.25 48.16
N PRO B 1034 21.33 -13.80 49.18
CA PRO B 1034 22.30 -14.75 49.71
C PRO B 1034 21.63 -15.97 50.30
N VAL B 1035 20.51 -15.79 50.98
CA VAL B 1035 19.79 -16.89 51.58
C VAL B 1035 19.24 -17.82 50.54
N PHE B 1036 18.75 -17.28 49.44
CA PHE B 1036 18.26 -18.08 48.35
C PHE B 1036 19.38 -18.91 47.78
N TYR B 1037 20.56 -18.30 47.61
CA TYR B 1037 21.72 -18.98 47.05
C TYR B 1037 22.23 -20.10 47.94
N VAL B 1038 22.27 -19.89 49.24
CA VAL B 1038 22.69 -21.00 50.09
C VAL B 1038 21.62 -22.08 50.11
N TRP B 1039 20.35 -21.76 50.01
CA TRP B 1039 19.36 -22.81 50.01
C TRP B 1039 19.51 -23.74 48.84
N ILE B 1040 19.62 -23.21 47.64
CA ILE B 1040 19.70 -24.05 46.45
C ILE B 1040 20.97 -24.86 46.44
N ARG B 1041 22.04 -24.20 46.80
CA ARG B 1041 23.37 -24.76 46.88
C ARG B 1041 23.50 -25.83 47.92
N SER B 1042 22.76 -25.72 49.01
CA SER B 1042 22.74 -26.74 50.03
C SER B 1042 22.08 -27.98 49.49
N ILE B 1043 20.97 -27.78 48.82
CA ILE B 1043 20.21 -28.86 48.23
C ILE B 1043 21.00 -29.52 47.12
N PHE B 1044 21.55 -28.70 46.25
CA PHE B 1044 22.32 -29.23 45.14
C PHE B 1044 23.76 -28.80 45.35
N LYS B 1045 24.56 -29.69 45.92
CA LYS B 1045 25.92 -29.36 46.31
C LYS B 1045 26.73 -28.92 45.08
N TYR B 1046 27.96 -28.52 45.33
CA TYR B 1046 28.85 -28.04 44.29
C TYR B 1046 29.97 -29.04 44.06
N LYS B 1047 30.11 -29.47 42.81
CA LYS B 1047 31.15 -30.42 42.42
C LYS B 1047 31.13 -31.64 43.33
N MET C 1 44.57 -14.45 5.82
CA MET C 1 43.64 -14.97 4.84
C MET C 1 44.32 -15.19 3.50
N ALA C 2 45.17 -14.24 3.11
CA ALA C 2 45.86 -14.34 1.83
C ALA C 2 46.76 -15.56 1.78
N GLN C 3 47.34 -15.93 2.91
CA GLN C 3 48.18 -17.11 2.95
C GLN C 3 47.39 -18.33 2.53
N PHE C 4 46.14 -18.45 2.99
CA PHE C 4 45.33 -19.61 2.66
C PHE C 4 45.22 -19.78 1.16
N PHE C 5 44.89 -18.71 0.44
CA PHE C 5 44.69 -18.81 -0.99
C PHE C 5 45.97 -18.81 -1.78
N ILE C 6 47.11 -18.45 -1.17
CA ILE C 6 48.36 -18.53 -1.90
C ILE C 6 48.64 -19.97 -2.33
N HIS C 7 48.28 -20.94 -1.48
CA HIS C 7 48.56 -22.33 -1.75
C HIS C 7 47.43 -23.06 -2.45
N ARG C 8 46.32 -22.39 -2.75
CA ARG C 8 45.12 -23.04 -3.29
C ARG C 8 44.55 -22.24 -4.45
N PRO C 9 45.26 -22.22 -5.58
CA PRO C 9 44.80 -21.41 -6.72
C PRO C 9 43.47 -21.84 -7.29
N ILE C 10 43.16 -23.14 -7.26
CA ILE C 10 41.94 -23.63 -7.88
C ILE C 10 40.72 -23.06 -7.15
N PHE C 11 40.77 -23.04 -5.83
CA PHE C 11 39.69 -22.45 -5.04
C PHE C 11 39.50 -20.98 -5.42
N ALA C 12 40.60 -20.23 -5.51
CA ALA C 12 40.51 -18.81 -5.84
C ALA C 12 39.90 -18.61 -7.22
N TRP C 13 40.33 -19.43 -8.19
CA TRP C 13 39.74 -19.37 -9.53
C TRP C 13 38.26 -19.69 -9.47
N VAL C 14 37.87 -20.68 -8.67
CA VAL C 14 36.46 -21.03 -8.58
C VAL C 14 35.66 -19.83 -8.07
N ILE C 15 36.17 -19.16 -7.04
CA ILE C 15 35.45 -18.01 -6.50
C ILE C 15 35.28 -16.95 -7.59
N ALA C 16 36.38 -16.66 -8.28
CA ALA C 16 36.33 -15.64 -9.32
C ALA C 16 35.31 -15.99 -10.39
N LEU C 17 35.36 -17.23 -10.88
CA LEU C 17 34.51 -17.63 -12.00
C LEU C 17 33.05 -17.66 -11.60
N VAL C 18 32.76 -18.08 -10.36
CA VAL C 18 31.38 -18.06 -9.89
C VAL C 18 30.86 -16.64 -9.81
N ILE C 19 31.68 -15.69 -9.33
CA ILE C 19 31.26 -14.29 -9.30
C ILE C 19 30.98 -13.79 -10.71
N MET C 20 31.87 -14.11 -11.66
CA MET C 20 31.69 -13.64 -13.03
C MET C 20 30.45 -14.24 -13.66
N LEU C 21 30.19 -15.52 -13.40
CA LEU C 21 29.01 -16.19 -13.91
C LEU C 21 27.74 -15.58 -13.35
N ALA C 22 27.74 -15.28 -12.05
CA ALA C 22 26.58 -14.61 -11.46
C ALA C 22 26.33 -13.27 -12.13
N GLY C 23 27.39 -12.50 -12.36
CA GLY C 23 27.20 -11.22 -13.02
C GLY C 23 26.73 -11.34 -14.44
N ILE C 24 27.27 -12.33 -15.17
CA ILE C 24 26.88 -12.54 -16.56
C ILE C 24 25.43 -12.91 -16.66
N LEU C 25 24.98 -13.82 -15.79
CA LEU C 25 23.56 -14.16 -15.80
C LEU C 25 22.72 -12.97 -15.42
N THR C 26 23.14 -12.22 -14.40
CA THR C 26 22.37 -11.05 -13.97
C THR C 26 22.22 -10.05 -15.11
N LEU C 27 23.27 -9.89 -15.93
CA LEU C 27 23.21 -8.89 -16.98
C LEU C 27 22.15 -9.21 -18.00
N THR C 28 21.87 -10.48 -18.22
CA THR C 28 20.89 -10.86 -19.22
C THR C 28 19.50 -10.33 -18.87
N LYS C 29 19.09 -10.42 -17.62
CA LYS C 29 17.69 -10.15 -17.29
C LYS C 29 17.44 -8.78 -16.67
N MET C 30 18.46 -8.00 -16.32
CA MET C 30 18.16 -6.78 -15.60
C MET C 30 17.82 -5.62 -16.55
N PRO C 31 17.08 -4.63 -16.05
CA PRO C 31 16.54 -3.59 -16.93
C PRO C 31 17.54 -2.50 -17.32
N ILE C 32 17.26 -1.89 -18.47
CA ILE C 32 18.09 -0.84 -19.05
C ILE C 32 17.23 0.39 -19.23
N ALA C 33 17.77 1.54 -18.85
CA ALA C 33 17.02 2.79 -18.88
C ALA C 33 17.99 3.95 -19.00
N GLN C 34 17.47 5.12 -19.34
CA GLN C 34 18.33 6.29 -19.40
C GLN C 34 18.67 6.80 -18.01
N TYR C 35 17.68 6.83 -17.13
CA TYR C 35 17.81 7.33 -15.77
C TYR C 35 17.09 6.38 -14.83
N PRO C 36 17.31 6.46 -13.53
CA PRO C 36 16.45 5.74 -12.59
C PRO C 36 15.08 6.40 -12.51
N THR C 37 14.21 5.81 -11.72
CA THR C 37 12.90 6.40 -11.47
C THR C 37 13.07 7.65 -10.60
N ILE C 38 12.85 8.81 -11.19
CA ILE C 38 13.17 10.08 -10.54
C ILE C 38 11.98 11.03 -10.49
N ALA C 39 10.98 10.88 -11.34
CA ALA C 39 9.87 11.80 -11.38
C ALA C 39 9.06 11.75 -10.09
N PRO C 40 8.72 12.89 -9.49
CA PRO C 40 7.81 12.88 -8.34
C PRO C 40 6.37 12.68 -8.76
N PRO C 41 5.51 12.23 -7.84
CA PRO C 41 4.10 12.03 -8.19
C PRO C 41 3.32 13.34 -8.32
N THR C 42 2.30 13.29 -9.17
CA THR C 42 1.47 14.44 -9.46
C THR C 42 0.02 13.97 -9.60
N VAL C 43 -0.89 14.71 -8.98
CA VAL C 43 -2.32 14.41 -9.04
C VAL C 43 -3.06 15.67 -9.44
N THR C 44 -3.97 15.56 -10.41
CA THR C 44 -4.74 16.68 -10.91
C THR C 44 -6.22 16.46 -10.65
N ILE C 45 -6.92 17.56 -10.37
CA ILE C 45 -8.35 17.59 -10.10
C ILE C 45 -9.01 18.47 -11.16
N ALA C 46 -10.12 18.00 -11.72
CA ALA C 46 -10.81 18.71 -12.79
C ALA C 46 -12.30 18.85 -12.45
N ALA C 47 -12.79 20.09 -12.43
CA ALA C 47 -14.22 20.38 -12.25
C ALA C 47 -14.66 21.40 -13.28
N THR C 48 -15.98 21.58 -13.37
CA THR C 48 -16.60 22.47 -14.34
C THR C 48 -17.84 23.11 -13.74
N TYR C 49 -18.06 24.37 -14.06
CA TYR C 49 -19.23 25.14 -13.67
C TYR C 49 -19.77 25.78 -14.94
N PRO C 50 -20.59 25.07 -15.71
CA PRO C 50 -21.07 25.63 -16.98
C PRO C 50 -21.79 26.96 -16.80
N GLY C 51 -21.35 27.96 -17.55
CA GLY C 51 -21.95 29.26 -17.58
C GLY C 51 -21.21 30.31 -16.76
N ALA C 52 -20.34 29.90 -15.84
CA ALA C 52 -19.72 30.83 -14.91
C ALA C 52 -18.47 31.47 -15.50
N SER C 53 -18.17 32.66 -15.01
CA SER C 53 -16.97 33.39 -15.36
C SER C 53 -15.78 32.85 -14.58
N ALA C 54 -14.58 33.18 -15.07
CA ALA C 54 -13.36 32.73 -14.42
C ALA C 54 -13.31 33.15 -12.97
N GLU C 55 -13.81 34.34 -12.66
CA GLU C 55 -13.77 34.86 -11.30
C GLU C 55 -14.73 34.09 -10.40
N THR C 56 -15.92 33.79 -10.91
CA THR C 56 -16.83 32.98 -10.12
C THR C 56 -16.26 31.60 -9.88
N VAL C 57 -15.62 31.02 -10.90
CA VAL C 57 -15.02 29.70 -10.75
C VAL C 57 -13.95 29.74 -9.68
N GLU C 58 -13.07 30.74 -9.73
CA GLU C 58 -12.02 30.83 -8.73
C GLU C 58 -12.61 30.98 -7.33
N ASN C 59 -13.66 31.79 -7.20
CA ASN C 59 -14.21 32.04 -5.87
C ASN C 59 -14.91 30.82 -5.32
N THR C 60 -15.62 30.08 -6.17
CA THR C 60 -16.58 29.10 -5.69
C THR C 60 -16.12 27.65 -5.82
N VAL C 61 -15.06 27.37 -6.58
CA VAL C 61 -14.64 25.99 -6.82
C VAL C 61 -13.18 25.80 -6.44
N THR C 62 -12.29 26.54 -7.12
CA THR C 62 -10.86 26.26 -7.02
C THR C 62 -10.36 26.56 -5.62
N GLN C 63 -10.79 27.68 -5.04
CA GLN C 63 -10.32 28.04 -3.71
C GLN C 63 -10.78 27.05 -2.65
N ILE C 64 -12.02 26.57 -2.74
CA ILE C 64 -12.49 25.65 -1.71
C ILE C 64 -11.83 24.28 -1.86
N ILE C 65 -11.66 23.80 -3.10
CA ILE C 65 -10.94 22.54 -3.27
C ILE C 65 -9.49 22.67 -2.80
N GLU C 66 -8.86 23.81 -3.07
CA GLU C 66 -7.49 24.03 -2.64
C GLU C 66 -7.40 24.07 -1.12
N GLN C 67 -8.35 24.73 -0.48
CA GLN C 67 -8.31 24.82 0.97
C GLN C 67 -8.47 23.44 1.58
N GLN C 68 -9.28 22.59 0.97
CA GLN C 68 -9.35 21.22 1.47
C GLN C 68 -8.07 20.45 1.19
N MET C 69 -7.42 20.72 0.05
CA MET C 69 -6.25 19.92 -0.32
C MET C 69 -5.04 20.21 0.54
N ASN C 70 -4.96 21.40 1.14
CA ASN C 70 -3.88 21.66 2.09
C ASN C 70 -3.92 20.64 3.20
N GLY C 71 -2.74 20.21 3.65
CA GLY C 71 -2.66 19.24 4.71
C GLY C 71 -2.45 17.82 4.26
N LEU C 72 -2.19 17.58 2.98
CA LEU C 72 -1.82 16.25 2.54
C LEU C 72 -0.39 15.95 2.95
N ASP C 73 -0.06 14.66 3.01
CA ASP C 73 1.18 14.23 3.66
C ASP C 73 2.42 14.88 3.07
N GLY C 74 2.78 14.56 1.83
CA GLY C 74 4.08 14.94 1.33
C GLY C 74 4.04 16.00 0.25
N LEU C 75 3.14 16.96 0.40
CA LEU C 75 2.87 17.92 -0.66
C LEU C 75 3.98 18.95 -0.80
N ARG C 76 4.34 19.24 -2.05
CA ARG C 76 5.37 20.24 -2.37
C ARG C 76 4.81 21.60 -2.84
N TYR C 77 3.88 21.60 -3.79
CA TYR C 77 3.23 22.83 -4.27
C TYR C 77 1.94 22.58 -5.01
N ILE C 78 1.01 23.53 -4.98
CA ILE C 78 -0.24 23.39 -5.68
C ILE C 78 -0.41 24.42 -6.77
N SER C 79 -0.56 24.04 -8.03
CA SER C 79 -0.71 25.02 -9.08
C SER C 79 -2.13 24.98 -9.60
N SER C 80 -2.81 26.11 -9.70
CA SER C 80 -4.19 26.05 -10.16
C SER C 80 -4.67 27.10 -11.17
N ASN C 81 -5.67 26.80 -11.98
CA ASN C 81 -6.20 27.81 -12.90
C ASN C 81 -7.72 27.71 -12.96
N SER C 82 -8.33 28.84 -13.29
CA SER C 82 -9.76 28.98 -13.52
C SER C 82 -9.95 29.60 -14.89
N ALA C 83 -10.84 29.03 -15.70
CA ALA C 83 -11.03 29.48 -17.08
C ALA C 83 -12.41 30.06 -17.27
N GLY C 84 -12.53 30.95 -18.26
CA GLY C 84 -13.79 31.62 -18.54
C GLY C 84 -14.83 30.71 -19.12
N ASN C 85 -14.43 29.54 -19.60
CA ASN C 85 -15.36 28.52 -20.05
C ASN C 85 -15.85 27.62 -18.92
N GLY C 86 -15.64 28.02 -17.68
CA GLY C 86 -16.20 27.31 -16.56
C GLY C 86 -15.39 26.16 -16.02
N GLN C 87 -14.10 26.10 -16.32
CA GLN C 87 -13.29 24.94 -15.98
C GLN C 87 -12.25 25.29 -14.92
N ALA C 88 -12.12 24.43 -13.93
CA ALA C 88 -11.14 24.56 -12.86
C ALA C 88 -10.15 23.42 -12.94
N SER C 89 -8.89 23.72 -12.66
CA SER C 89 -7.81 22.75 -12.66
C SER C 89 -6.94 22.96 -11.42
N ILE C 90 -6.77 21.92 -10.61
CA ILE C 90 -5.84 21.92 -9.49
C ILE C 90 -4.80 20.83 -9.75
N GLN C 91 -3.52 21.20 -9.71
CA GLN C 91 -2.44 20.25 -9.86
C GLN C 91 -1.64 20.19 -8.56
N LEU C 92 -1.53 18.98 -8.01
CA LEU C 92 -0.81 18.73 -6.78
C LEU C 92 0.51 18.03 -7.11
N ASN C 93 1.61 18.67 -6.76
CA ASN C 93 2.95 18.11 -6.94
C ASN C 93 3.43 17.67 -5.57
N PHE C 94 3.89 16.43 -5.48
CA PHE C 94 4.32 15.86 -4.21
C PHE C 94 5.84 15.79 -4.14
N GLU C 95 6.32 15.51 -2.94
CA GLU C 95 7.74 15.38 -2.70
C GLU C 95 8.26 14.07 -3.27
N GLN C 96 9.55 14.05 -3.59
CA GLN C 96 10.17 12.82 -4.06
C GLN C 96 10.08 11.75 -2.98
N GLY C 97 9.84 10.52 -3.41
CA GLY C 97 9.73 9.43 -2.47
C GLY C 97 8.37 9.23 -1.88
N VAL C 98 7.34 9.86 -2.43
CA VAL C 98 5.97 9.62 -2.03
C VAL C 98 5.38 8.59 -2.99
N ASP C 99 4.57 7.70 -2.46
CA ASP C 99 3.93 6.69 -3.30
C ASP C 99 2.81 7.32 -4.11
N PRO C 100 2.85 7.25 -5.45
CA PRO C 100 1.78 7.88 -6.24
C PRO C 100 0.39 7.36 -5.94
N ASP C 101 0.25 6.06 -5.71
CA ASP C 101 -1.06 5.48 -5.42
C ASP C 101 -1.62 6.00 -4.10
N ILE C 102 -0.78 6.08 -3.09
CA ILE C 102 -1.20 6.62 -1.81
C ILE C 102 -1.58 8.07 -1.95
N ALA C 103 -0.82 8.83 -2.73
CA ALA C 103 -1.15 10.22 -2.98
C ALA C 103 -2.54 10.33 -3.61
N GLN C 104 -2.82 9.49 -4.60
CA GLN C 104 -4.13 9.54 -5.25
C GLN C 104 -5.25 9.21 -4.28
N VAL C 105 -5.10 8.17 -3.46
CA VAL C 105 -6.21 7.81 -2.58
C VAL C 105 -6.41 8.89 -1.52
N GLN C 106 -5.35 9.53 -1.05
CA GLN C 106 -5.53 10.57 -0.04
C GLN C 106 -6.17 11.82 -0.63
N VAL C 107 -5.84 12.15 -1.89
CA VAL C 107 -6.55 13.22 -2.57
C VAL C 107 -8.03 12.88 -2.65
N GLN C 108 -8.35 11.63 -2.99
CA GLN C 108 -9.77 11.24 -3.08
C GLN C 108 -10.44 11.32 -1.71
N ASN C 109 -9.74 10.95 -0.65
CA ASN C 109 -10.31 10.99 0.70
C ASN C 109 -10.62 12.41 1.13
N LYS C 110 -9.76 13.37 0.79
CA LYS C 110 -10.10 14.77 1.10
C LYS C 110 -11.14 15.33 0.14
N LEU C 111 -11.12 14.93 -1.12
CA LEU C 111 -12.05 15.44 -2.10
C LEU C 111 -13.47 14.96 -1.83
N GLN C 112 -13.61 13.77 -1.26
CA GLN C 112 -14.94 13.25 -0.92
C GLN C 112 -15.73 14.27 -0.10
N SER C 113 -15.12 14.78 0.97
CA SER C 113 -15.80 15.76 1.80
C SER C 113 -15.82 17.13 1.13
N ALA C 114 -14.74 17.49 0.41
CA ALA C 114 -14.72 18.79 -0.23
C ALA C 114 -15.87 18.96 -1.22
N THR C 115 -16.31 17.88 -1.85
CA THR C 115 -17.30 17.99 -2.92
C THR C 115 -18.64 18.49 -2.41
N ALA C 116 -18.95 18.29 -1.13
CA ALA C 116 -20.20 18.77 -0.59
C ALA C 116 -20.27 20.28 -0.49
N LEU C 117 -19.13 20.96 -0.50
CA LEU C 117 -19.08 22.40 -0.34
C LEU C 117 -19.16 23.15 -1.66
N LEU C 118 -19.37 22.44 -2.76
CA LEU C 118 -19.37 23.04 -4.09
C LEU C 118 -20.76 23.48 -4.48
N PRO C 119 -20.87 24.31 -5.52
CA PRO C 119 -22.19 24.59 -6.10
C PRO C 119 -22.83 23.30 -6.62
N GLU C 120 -24.15 23.29 -6.69
CA GLU C 120 -24.84 22.10 -7.14
C GLU C 120 -24.61 21.87 -8.61
N ASP C 121 -24.57 22.94 -9.39
CA ASP C 121 -24.25 22.78 -10.80
C ASP C 121 -22.92 22.08 -10.98
N VAL C 122 -21.95 22.36 -10.12
CA VAL C 122 -20.66 21.72 -10.23
C VAL C 122 -20.77 20.24 -9.84
N GLN C 123 -21.48 19.96 -8.78
CA GLN C 123 -21.62 18.60 -8.33
C GLN C 123 -22.27 17.74 -9.36
N ARG C 124 -23.14 18.31 -10.17
CA ARG C 124 -23.81 17.55 -11.22
C ARG C 124 -22.82 17.11 -12.30
N GLN C 125 -21.90 17.97 -12.71
CA GLN C 125 -20.96 17.57 -13.75
C GLN C 125 -20.02 16.48 -13.28
N GLY C 126 -19.63 16.51 -12.01
CA GLY C 126 -18.74 15.52 -11.45
C GLY C 126 -17.27 15.87 -11.58
N VAL C 127 -16.55 15.86 -10.48
CA VAL C 127 -15.15 16.26 -10.45
C VAL C 127 -14.31 14.98 -10.52
N THR C 128 -13.18 15.05 -11.21
CA THR C 128 -12.40 13.88 -11.56
C THR C 128 -10.97 14.02 -11.06
N VAL C 129 -10.38 12.90 -10.64
CA VAL C 129 -9.04 12.84 -10.07
C VAL C 129 -8.16 11.96 -10.95
N THR C 130 -7.03 12.49 -11.40
CA THR C 130 -6.11 11.75 -12.26
C THR C 130 -4.68 12.06 -11.88
N LYS C 131 -3.78 11.11 -12.18
CA LYS C 131 -2.36 11.32 -12.02
C LYS C 131 -1.68 11.08 -13.35
N SER C 132 -0.83 12.01 -13.77
CA SER C 132 -0.13 11.87 -15.04
C SER C 132 0.94 12.96 -15.15
N GLY C 133 1.76 12.85 -16.18
CA GLY C 133 2.77 13.85 -16.50
C GLY C 133 2.53 14.47 -17.87
N ALA C 134 2.63 15.80 -17.97
CA ALA C 134 2.19 16.49 -19.19
C ALA C 134 3.00 16.09 -20.42
N SER C 135 4.28 15.74 -20.24
CA SER C 135 5.14 15.44 -21.37
C SER C 135 4.63 14.22 -22.14
N PHE C 136 5.21 13.97 -23.31
CA PHE C 136 4.84 12.86 -24.17
C PHE C 136 6.03 11.94 -24.38
N LEU C 137 5.78 10.63 -24.33
CA LEU C 137 6.82 9.66 -24.68
C LEU C 137 6.97 9.53 -26.19
N GLN C 138 5.87 9.27 -26.89
CA GLN C 138 5.89 9.13 -28.34
C GLN C 138 4.68 9.83 -28.95
N VAL C 139 4.81 10.13 -30.24
CA VAL C 139 3.67 10.50 -31.07
C VAL C 139 3.70 9.61 -32.30
N ILE C 140 2.60 8.92 -32.56
CA ILE C 140 2.44 8.19 -33.80
C ILE C 140 1.59 9.04 -34.74
N ALA C 141 1.86 8.92 -36.03
CA ALA C 141 1.08 9.59 -37.05
C ALA C 141 0.40 8.54 -37.92
N PHE C 142 -0.78 8.89 -38.43
CA PHE C 142 -1.51 8.06 -39.39
C PHE C 142 -1.91 8.91 -40.58
N TYR C 143 -1.65 8.42 -41.78
CA TYR C 143 -1.82 9.21 -42.99
C TYR C 143 -2.03 8.27 -44.16
N SER C 144 -2.47 8.83 -45.28
CA SER C 144 -2.61 8.07 -46.51
C SER C 144 -1.52 8.50 -47.48
N PRO C 145 -0.56 7.64 -47.81
CA PRO C 145 0.49 8.06 -48.75
C PRO C 145 -0.04 8.30 -50.15
N ASP C 146 -1.00 7.50 -50.62
CA ASP C 146 -1.54 7.64 -51.96
C ASP C 146 -2.95 8.21 -51.98
N ASN C 147 -3.48 8.63 -50.84
CA ASN C 147 -4.79 9.27 -50.73
C ASN C 147 -5.95 8.32 -51.01
N ASN C 148 -5.73 7.02 -50.98
CA ASN C 148 -6.82 6.08 -51.17
C ASN C 148 -7.87 6.23 -50.08
N LEU C 149 -7.44 6.53 -48.87
CA LEU C 149 -8.31 6.60 -47.71
C LEU C 149 -8.46 8.06 -47.30
N SER C 150 -9.68 8.46 -46.95
CA SER C 150 -9.97 9.84 -46.62
C SER C 150 -9.55 10.16 -45.18
N ASP C 151 -9.43 11.46 -44.90
CA ASP C 151 -8.99 11.90 -43.59
C ASP C 151 -9.99 11.49 -42.52
N SER C 152 -11.28 11.62 -42.81
CA SER C 152 -12.30 11.21 -41.86
C SER C 152 -12.27 9.69 -41.66
N ASP C 153 -11.99 8.95 -42.72
CA ASP C 153 -11.84 7.50 -42.58
C ASP C 153 -10.65 7.16 -41.68
N ILE C 154 -9.52 7.84 -41.88
CA ILE C 154 -8.35 7.56 -41.05
C ILE C 154 -8.65 7.91 -39.60
N LYS C 155 -9.27 9.06 -39.36
CA LYS C 155 -9.50 9.50 -37.99
C LYS C 155 -10.45 8.56 -37.27
N ASP C 156 -11.56 8.21 -37.91
CA ASP C 156 -12.50 7.27 -37.31
C ASP C 156 -11.85 5.93 -37.08
N TYR C 157 -11.02 5.46 -38.02
CA TYR C 157 -10.40 4.16 -37.83
C TYR C 157 -9.44 4.19 -36.65
N VAL C 158 -8.67 5.26 -36.50
CA VAL C 158 -7.77 5.34 -35.36
C VAL C 158 -8.55 5.31 -34.07
N ASN C 159 -9.65 6.07 -34.00
CA ASN C 159 -10.43 6.12 -32.77
C ASN C 159 -11.10 4.80 -32.46
N SER C 160 -11.52 4.06 -33.49
CA SER C 160 -12.31 2.87 -33.30
C SER C 160 -11.46 1.62 -33.07
N SER C 161 -10.36 1.47 -33.79
CA SER C 161 -9.62 0.22 -33.81
C SER C 161 -8.28 0.26 -33.07
N ILE C 162 -7.65 1.42 -32.91
CA ILE C 162 -6.25 1.49 -32.50
C ILE C 162 -6.10 2.10 -31.11
N LYS C 163 -6.92 3.08 -30.76
CA LYS C 163 -6.70 3.83 -29.53
C LYS C 163 -6.89 2.97 -28.29
N GLU C 164 -8.02 2.25 -28.21
CA GLU C 164 -8.31 1.48 -27.01
C GLU C 164 -7.28 0.38 -26.77
N PRO C 165 -6.90 -0.44 -27.75
CA PRO C 165 -5.87 -1.47 -27.47
C PRO C 165 -4.53 -0.90 -27.05
N LEU C 166 -4.07 0.19 -27.67
CA LEU C 166 -2.79 0.77 -27.29
C LEU C 166 -2.85 1.38 -25.90
N SER C 167 -3.99 1.94 -25.51
CA SER C 167 -4.08 2.51 -24.17
C SER C 167 -4.12 1.44 -23.09
N ARG C 168 -4.31 0.17 -23.45
CA ARG C 168 -4.20 -0.93 -22.52
C ARG C 168 -2.86 -1.65 -22.59
N VAL C 169 -1.90 -1.12 -23.37
CA VAL C 169 -0.56 -1.68 -23.43
C VAL C 169 0.16 -1.42 -22.11
N ALA C 170 1.02 -2.35 -21.72
CA ALA C 170 1.68 -2.30 -20.42
C ALA C 170 2.65 -1.14 -20.35
N GLY C 171 2.49 -0.31 -19.31
CA GLY C 171 3.33 0.84 -19.12
C GLY C 171 2.80 2.14 -19.65
N VAL C 172 1.73 2.12 -20.43
CA VAL C 172 1.16 3.33 -21.00
C VAL C 172 0.23 3.99 -19.97
N GLY C 173 0.39 5.29 -19.80
CA GLY C 173 -0.40 5.99 -18.80
C GLY C 173 -1.63 6.65 -19.37
N GLU C 174 -1.46 7.39 -20.45
CA GLU C 174 -2.55 8.14 -21.05
C GLU C 174 -2.31 8.21 -22.54
N VAL C 175 -3.39 8.39 -23.30
CA VAL C 175 -3.35 8.45 -24.75
C VAL C 175 -4.21 9.63 -25.20
N GLN C 176 -3.60 10.57 -25.92
CA GLN C 176 -4.26 11.75 -26.43
C GLN C 176 -4.39 11.57 -27.94
N VAL C 177 -5.57 11.89 -28.49
CA VAL C 177 -5.87 11.64 -29.89
C VAL C 177 -6.09 12.97 -30.60
N PHE C 178 -5.51 13.10 -31.78
CA PHE C 178 -5.69 14.27 -32.63
C PHE C 178 -6.47 13.82 -33.86
N GLY C 179 -7.73 14.19 -33.91
CA GLY C 179 -8.65 13.69 -34.90
C GLY C 179 -9.87 13.12 -34.21
N GLY C 180 -11.05 13.32 -34.78
CA GLY C 180 -12.29 12.91 -34.18
C GLY C 180 -12.89 11.70 -34.87
N SER C 181 -13.75 10.99 -34.15
CA SER C 181 -14.50 9.88 -34.72
C SER C 181 -15.86 10.36 -35.26
N TYR C 182 -16.52 9.49 -36.00
CA TYR C 182 -17.78 9.87 -36.64
C TYR C 182 -18.87 10.13 -35.60
N ALA C 183 -19.78 11.04 -35.94
CA ALA C 183 -20.91 11.38 -35.09
C ALA C 183 -22.06 11.81 -35.97
N MET C 184 -23.26 11.73 -35.40
CA MET C 184 -24.47 12.18 -36.08
C MET C 184 -24.73 13.63 -35.66
N ARG C 185 -24.65 14.56 -36.62
CA ARG C 185 -24.84 15.96 -36.32
C ARG C 185 -26.19 16.51 -36.77
N ILE C 186 -26.95 17.12 -35.88
CA ILE C 186 -28.23 17.69 -36.25
C ILE C 186 -27.94 19.17 -36.18
N TRP C 187 -27.98 19.87 -37.31
CA TRP C 187 -27.68 21.29 -37.35
C TRP C 187 -28.97 22.07 -37.57
N LEU C 188 -29.53 22.67 -36.54
CA LEU C 188 -30.79 23.39 -36.62
C LEU C 188 -30.81 24.77 -37.23
N ASP C 189 -31.92 25.14 -37.87
CA ASP C 189 -32.09 26.46 -38.42
C ASP C 189 -33.04 27.21 -37.48
N PRO C 190 -32.63 28.33 -36.88
CA PRO C 190 -33.58 28.97 -35.97
C PRO C 190 -34.87 29.43 -36.59
N ALA C 191 -34.78 29.91 -37.81
CA ALA C 191 -35.95 30.45 -38.49
C ALA C 191 -36.99 29.39 -38.74
N LYS C 192 -36.56 28.22 -39.22
CA LYS C 192 -37.48 27.12 -39.41
C LYS C 192 -38.03 26.60 -38.08
N LEU C 193 -37.21 26.60 -37.03
CA LEU C 193 -37.71 26.17 -35.72
C LEU C 193 -38.86 27.04 -35.28
N THR C 194 -38.68 28.35 -35.37
CA THR C 194 -39.71 29.24 -34.87
C THR C 194 -40.88 29.35 -35.83
N SER C 195 -40.72 28.92 -37.08
CA SER C 195 -41.86 28.77 -37.97
C SER C 195 -42.91 27.85 -37.36
N TYR C 196 -42.48 26.82 -36.64
CA TYR C 196 -43.36 25.80 -36.08
C TYR C 196 -43.49 25.91 -34.57
N GLN C 197 -42.93 26.94 -33.95
CA GLN C 197 -43.01 27.13 -32.51
C GLN C 197 -42.27 26.03 -31.75
N LEU C 198 -41.16 25.57 -32.31
CA LEU C 198 -40.40 24.46 -31.78
C LEU C 198 -39.15 24.95 -31.06
N THR C 199 -38.61 24.08 -30.23
CA THR C 199 -37.51 24.41 -29.33
C THR C 199 -36.43 23.36 -29.45
N PRO C 200 -35.18 23.71 -29.14
CA PRO C 200 -34.13 22.68 -29.13
C PRO C 200 -34.44 21.52 -28.18
N SER C 201 -35.02 21.81 -27.03
CA SER C 201 -35.38 20.76 -26.09
C SER C 201 -36.46 19.86 -26.66
N ASP C 202 -37.35 20.41 -27.49
CA ASP C 202 -38.29 19.55 -28.20
C ASP C 202 -37.56 18.52 -29.05
N ILE C 203 -36.53 18.97 -29.77
CA ILE C 203 -35.74 18.09 -30.60
C ILE C 203 -35.08 17.01 -29.74
N ALA C 204 -34.56 17.40 -28.57
CA ALA C 204 -33.93 16.42 -27.69
C ALA C 204 -34.93 15.38 -27.20
N THR C 205 -36.13 15.79 -26.85
CA THR C 205 -37.11 14.82 -26.33
C THR C 205 -37.59 13.91 -27.45
N ALA C 206 -37.79 14.45 -28.65
CA ALA C 206 -38.13 13.59 -29.78
C ALA C 206 -37.03 12.59 -30.05
N LEU C 207 -35.79 13.01 -29.94
CA LEU C 207 -34.64 12.17 -30.15
C LEU C 207 -34.58 11.05 -29.15
N GLN C 208 -34.92 11.36 -27.92
CA GLN C 208 -34.88 10.37 -26.85
C GLN C 208 -36.05 9.39 -26.94
N ALA C 209 -37.19 9.85 -27.45
CA ALA C 209 -38.32 8.95 -27.63
C ALA C 209 -38.07 7.98 -28.77
N GLN C 210 -37.63 8.47 -29.93
CA GLN C 210 -37.67 7.71 -31.16
C GLN C 210 -36.34 7.05 -31.52
N ASN C 211 -35.30 7.23 -30.70
CA ASN C 211 -34.04 6.51 -30.87
C ASN C 211 -33.60 6.11 -29.46
N SER C 212 -33.93 4.88 -29.08
CA SER C 212 -33.56 4.36 -27.77
C SER C 212 -33.94 2.90 -27.73
N GLN C 213 -33.57 2.24 -26.64
CA GLN C 213 -33.89 0.85 -26.39
C GLN C 213 -34.96 0.78 -25.31
N VAL C 214 -35.78 -0.26 -25.37
CA VAL C 214 -36.79 -0.50 -24.36
C VAL C 214 -36.62 -1.92 -23.85
N ALA C 215 -36.56 -2.07 -22.52
CA ALA C 215 -36.39 -3.37 -21.88
C ALA C 215 -37.76 -3.99 -21.70
N VAL C 216 -38.15 -4.83 -22.65
CA VAL C 216 -39.52 -5.30 -22.78
C VAL C 216 -39.73 -6.72 -22.28
N GLY C 217 -38.66 -7.43 -21.91
CA GLY C 217 -38.83 -8.73 -21.29
C GLY C 217 -38.74 -9.93 -22.21
N GLN C 218 -39.46 -10.99 -21.88
CA GLN C 218 -39.36 -12.26 -22.58
C GLN C 218 -40.73 -12.90 -22.73
N LEU C 219 -40.89 -13.70 -23.77
CA LEU C 219 -42.03 -14.61 -23.84
C LEU C 219 -41.84 -15.69 -22.79
N GLY C 220 -42.92 -16.04 -22.12
CA GLY C 220 -42.88 -17.08 -21.11
C GLY C 220 -41.88 -16.81 -20.01
N GLY C 221 -41.84 -15.58 -19.49
CA GLY C 221 -40.89 -15.19 -18.46
C GLY C 221 -41.12 -15.90 -17.14
N ALA C 222 -40.14 -15.73 -16.26
CA ALA C 222 -39.83 -16.73 -15.23
C ALA C 222 -41.03 -17.17 -14.40
N PRO C 223 -41.82 -16.30 -13.78
CA PRO C 223 -43.05 -16.80 -13.16
C PRO C 223 -44.07 -17.05 -14.25
N ALA C 224 -44.23 -18.31 -14.63
CA ALA C 224 -44.87 -18.67 -15.88
C ALA C 224 -46.06 -19.57 -15.63
N VAL C 225 -46.99 -19.56 -16.57
CA VAL C 225 -48.19 -20.37 -16.46
C VAL C 225 -47.85 -21.83 -16.67
N GLN C 226 -48.44 -22.70 -15.86
CA GLN C 226 -48.12 -24.11 -15.96
C GLN C 226 -48.45 -24.62 -17.36
N GLY C 227 -47.51 -25.35 -17.94
CA GLY C 227 -47.66 -25.87 -19.29
C GLY C 227 -47.11 -24.98 -20.36
N GLN C 228 -46.39 -23.92 -20.01
CA GLN C 228 -45.83 -23.01 -21.00
C GLN C 228 -44.70 -23.72 -21.75
N VAL C 229 -44.71 -23.63 -23.07
CA VAL C 229 -43.80 -24.42 -23.90
C VAL C 229 -42.59 -23.65 -24.40
N LEU C 230 -42.53 -22.33 -24.22
CA LEU C 230 -41.51 -21.54 -24.90
C LEU C 230 -41.04 -20.37 -24.03
N ASN C 231 -39.75 -20.06 -24.11
CA ASN C 231 -39.16 -18.92 -23.44
C ASN C 231 -38.25 -18.19 -24.41
N ALA C 232 -38.56 -16.93 -24.71
CA ALA C 232 -37.83 -16.20 -25.73
C ALA C 232 -37.68 -14.74 -25.36
N THR C 233 -36.52 -14.18 -25.68
CA THR C 233 -36.31 -12.74 -25.62
C THR C 233 -37.20 -12.03 -26.62
N VAL C 234 -37.67 -10.85 -26.26
CA VAL C 234 -38.45 -10.01 -27.16
C VAL C 234 -37.80 -8.63 -27.23
N ASN C 235 -37.67 -8.11 -28.44
CA ASN C 235 -37.06 -6.82 -28.66
C ASN C 235 -38.05 -5.87 -29.23
N ALA C 236 -38.05 -4.65 -28.70
CA ALA C 236 -38.81 -3.53 -29.24
C ALA C 236 -37.90 -2.79 -30.23
N GLN C 237 -38.30 -1.58 -30.61
CA GLN C 237 -37.53 -0.80 -31.58
C GLN C 237 -36.04 -0.85 -31.24
N SER C 238 -35.22 -0.77 -32.28
CA SER C 238 -33.77 -0.73 -32.16
C SER C 238 -33.27 0.67 -32.48
N LEU C 239 -31.97 0.87 -32.33
CA LEU C 239 -31.38 2.17 -32.59
C LEU C 239 -31.39 2.47 -34.09
N LEU C 240 -31.47 3.75 -34.40
CA LEU C 240 -31.39 4.21 -35.77
C LEU C 240 -29.95 4.18 -36.26
N GLN C 241 -29.78 4.00 -37.56
CA GLN C 241 -28.46 3.83 -38.15
C GLN C 241 -28.11 4.91 -39.16
N THR C 242 -29.02 5.27 -40.01
CA THR C 242 -28.69 6.08 -41.17
C THR C 242 -29.23 7.50 -41.03
N PRO C 243 -28.61 8.47 -41.70
CA PRO C 243 -29.13 9.84 -41.64
C PRO C 243 -30.56 10.00 -42.13
N GLU C 244 -30.97 9.25 -43.12
CA GLU C 244 -32.33 9.35 -43.62
C GLU C 244 -33.31 9.03 -42.54
N GLN C 245 -32.95 8.10 -41.70
CA GLN C 245 -33.79 7.70 -40.61
C GLN C 245 -34.00 8.79 -39.58
N PHE C 246 -32.93 9.50 -39.24
CA PHE C 246 -32.93 10.62 -38.33
C PHE C 246 -33.72 11.76 -38.94
N LYS C 247 -33.55 11.96 -40.24
CA LYS C 247 -34.26 13.00 -40.95
C LYS C 247 -35.73 12.80 -40.82
N ASN C 248 -36.15 11.55 -40.78
CA ASN C 248 -37.53 11.21 -40.66
C ASN C 248 -38.15 11.24 -39.29
N ILE C 249 -37.38 11.52 -38.24
CA ILE C 249 -37.95 11.53 -36.92
C ILE C 249 -39.11 12.55 -36.83
N PHE C 250 -40.26 12.12 -36.33
CA PHE C 250 -41.47 12.89 -36.28
C PHE C 250 -41.46 13.96 -35.22
N LEU C 251 -41.93 15.17 -35.48
CA LEU C 251 -41.89 16.12 -34.39
C LEU C 251 -43.20 16.47 -33.80
N LYS C 252 -44.14 16.89 -34.62
CA LYS C 252 -45.44 17.44 -34.22
C LYS C 252 -46.35 17.47 -35.43
N ASN C 253 -47.59 17.88 -35.20
CA ASN C 253 -48.54 18.15 -36.26
C ASN C 253 -48.97 19.61 -36.18
N THR C 254 -49.24 20.19 -37.34
CA THR C 254 -49.66 21.57 -37.40
C THR C 254 -51.16 21.68 -37.19
N ALA C 255 -51.63 22.92 -37.02
CA ALA C 255 -53.06 23.14 -36.91
C ALA C 255 -53.79 22.64 -38.14
N SER C 256 -53.21 22.88 -39.32
CA SER C 256 -53.77 22.32 -40.55
C SER C 256 -53.75 20.80 -40.51
N GLY C 257 -52.67 20.21 -40.01
CA GLY C 257 -52.53 18.77 -39.92
C GLY C 257 -51.30 18.21 -40.58
N ALA C 258 -50.50 19.00 -41.28
CA ALA C 258 -49.27 18.49 -41.87
C ALA C 258 -48.24 18.24 -40.78
N GLU C 259 -47.45 17.19 -40.92
CA GLU C 259 -46.50 16.87 -39.89
C GLU C 259 -45.14 17.47 -40.13
N VAL C 260 -44.46 17.83 -39.05
CA VAL C 260 -43.17 18.40 -39.11
C VAL C 260 -42.22 17.29 -38.69
N ARG C 261 -41.23 16.98 -39.52
CA ARG C 261 -40.22 15.97 -39.23
C ARG C 261 -38.90 16.69 -38.93
N LEU C 262 -37.87 15.93 -38.57
CA LEU C 262 -36.57 16.51 -38.23
C LEU C 262 -35.93 17.26 -39.40
N LYS C 263 -36.14 16.79 -40.63
CA LYS C 263 -35.62 17.41 -41.84
C LYS C 263 -36.16 18.81 -42.08
N ASP C 264 -37.37 19.06 -41.64
CA ASP C 264 -38.03 20.33 -41.74
C ASP C 264 -37.38 21.49 -40.97
N VAL C 265 -36.60 21.20 -39.95
CA VAL C 265 -35.92 22.23 -39.21
C VAL C 265 -34.40 22.12 -39.10
N ALA C 266 -33.72 21.14 -39.70
CA ALA C 266 -32.32 20.96 -39.49
C ALA C 266 -31.70 20.18 -40.64
N ARG C 267 -30.38 20.16 -40.67
CA ARG C 267 -29.58 19.49 -41.68
C ARG C 267 -28.99 18.28 -41.00
N VAL C 268 -29.19 17.07 -41.53
CA VAL C 268 -28.68 15.92 -40.81
C VAL C 268 -27.53 15.24 -41.53
N GLU C 269 -26.41 15.01 -40.85
CA GLU C 269 -25.28 14.41 -41.51
C GLU C 269 -24.35 13.67 -40.60
N LEU C 270 -23.43 12.93 -41.19
CA LEU C 270 -22.38 12.31 -40.42
C LEU C 270 -21.18 13.26 -40.36
N GLY C 271 -20.77 13.59 -39.14
CA GLY C 271 -19.69 14.52 -38.94
C GLY C 271 -18.77 14.04 -37.85
N SER C 272 -17.93 14.92 -37.32
CA SER C 272 -17.02 14.55 -36.27
C SER C 272 -17.66 14.73 -34.91
N ASP C 273 -17.15 14.00 -33.93
CA ASP C 273 -17.48 14.25 -32.54
C ASP C 273 -16.57 15.30 -31.91
N ASN C 274 -15.57 15.77 -32.64
CA ASN C 274 -14.69 16.83 -32.18
C ASN C 274 -14.27 17.67 -33.36
N TYR C 275 -14.34 18.99 -33.21
CA TYR C 275 -13.99 19.91 -34.27
C TYR C 275 -12.89 20.89 -33.91
N GLN C 276 -12.25 20.75 -32.76
CA GLN C 276 -11.41 21.79 -32.20
C GLN C 276 -9.92 21.63 -32.50
N PHE C 277 -9.51 20.60 -33.23
CA PHE C 277 -8.12 20.38 -33.58
C PHE C 277 -7.98 20.23 -35.09
N ASP C 278 -6.75 20.42 -35.58
CA ASP C 278 -6.42 20.21 -36.99
C ASP C 278 -4.97 19.75 -37.06
N SER C 279 -4.80 18.48 -37.42
CA SER C 279 -3.51 17.84 -37.43
C SER C 279 -2.97 17.55 -38.81
N LYS C 280 -1.68 17.69 -38.96
CA LYS C 280 -1.05 17.44 -40.25
C LYS C 280 0.30 16.78 -40.03
N PHE C 281 0.66 15.86 -40.91
CA PHE C 281 1.98 15.26 -40.95
C PHE C 281 2.64 15.72 -42.23
N ASN C 282 3.69 16.52 -42.10
CA ASN C 282 4.43 17.06 -43.25
C ASN C 282 3.52 17.85 -44.19
N GLY C 283 2.60 18.61 -43.61
CA GLY C 283 1.71 19.44 -44.38
C GLY C 283 0.50 18.73 -44.94
N LYS C 284 0.30 17.46 -44.60
CA LYS C 284 -0.81 16.67 -45.10
C LYS C 284 -1.71 16.27 -43.94
N PRO C 285 -3.03 16.23 -44.15
CA PRO C 285 -3.93 15.88 -43.06
C PRO C 285 -3.59 14.53 -42.46
N ALA C 286 -3.60 14.46 -41.14
CA ALA C 286 -3.20 13.23 -40.46
C ALA C 286 -3.86 13.15 -39.10
N ALA C 287 -3.97 11.93 -38.60
CA ALA C 287 -4.41 11.66 -37.25
C ALA C 287 -3.18 11.41 -36.37
N GLY C 288 -3.34 11.66 -35.08
CA GLY C 288 -2.24 11.49 -34.16
C GLY C 288 -2.62 10.82 -32.86
N LEU C 289 -1.75 9.94 -32.39
CA LEU C 289 -1.87 9.33 -31.07
C LEU C 289 -0.61 9.69 -30.30
N ALA C 290 -0.77 10.46 -29.24
CA ALA C 290 0.32 10.76 -28.32
C ALA C 290 0.19 9.86 -27.10
N ILE C 291 1.29 9.21 -26.73
CA ILE C 291 1.33 8.31 -25.58
C ILE C 291 2.12 8.99 -24.48
N LYS C 292 1.60 8.91 -23.26
CA LYS C 292 2.29 9.39 -22.08
C LYS C 292 2.59 8.21 -21.17
N ILE C 293 3.80 8.18 -20.63
CA ILE C 293 4.24 7.00 -19.89
C ILE C 293 3.61 7.01 -18.50
N ALA C 294 3.55 5.84 -17.90
CA ALA C 294 2.84 5.62 -16.66
C ALA C 294 3.80 5.63 -15.48
N THR C 295 3.91 6.76 -14.80
CA THR C 295 4.28 6.83 -13.38
C THR C 295 5.25 5.73 -12.97
N GLY C 296 6.48 5.83 -13.45
CA GLY C 296 7.49 4.89 -13.03
C GLY C 296 7.47 3.58 -13.78
N ALA C 297 7.69 3.66 -15.09
CA ALA C 297 7.78 2.49 -15.95
C ALA C 297 8.93 2.69 -16.93
N ASN C 298 9.60 1.59 -17.26
CA ASN C 298 10.75 1.67 -18.15
C ASN C 298 10.31 2.09 -19.53
N ALA C 299 10.79 3.25 -19.99
CA ALA C 299 10.34 3.79 -21.26
C ALA C 299 10.66 2.85 -22.42
N LEU C 300 11.86 2.26 -22.42
CA LEU C 300 12.23 1.37 -23.51
C LEU C 300 11.30 0.16 -23.59
N ASP C 301 10.94 -0.40 -22.43
CA ASP C 301 10.02 -1.52 -22.40
C ASP C 301 8.68 -1.14 -23.00
N THR C 302 8.14 0.01 -22.58
CA THR C 302 6.80 0.38 -23.03
C THR C 302 6.80 0.72 -24.51
N ALA C 303 7.88 1.31 -25.00
CA ALA C 303 7.99 1.58 -26.43
C ALA C 303 8.01 0.29 -27.23
N GLU C 304 8.77 -0.71 -26.77
CA GLU C 304 8.79 -1.99 -27.46
C GLU C 304 7.42 -2.65 -27.42
N ALA C 305 6.73 -2.56 -26.27
CA ALA C 305 5.40 -3.14 -26.15
C ALA C 305 4.41 -2.45 -27.07
N VAL C 306 4.48 -1.12 -27.15
CA VAL C 306 3.65 -0.39 -28.08
C VAL C 306 3.91 -0.86 -29.49
N GLU C 307 5.17 -1.01 -29.86
CA GLU C 307 5.47 -1.43 -31.21
C GLU C 307 4.94 -2.84 -31.48
N GLN C 308 5.05 -3.74 -30.52
CA GLN C 308 4.53 -5.08 -30.72
C GLN C 308 3.02 -5.06 -30.94
N ARG C 309 2.31 -4.35 -30.09
CA ARG C 309 0.89 -4.26 -30.22
C ARG C 309 0.53 -3.65 -31.55
N LEU C 310 1.20 -2.57 -31.91
CA LEU C 310 0.92 -1.89 -33.19
C LEU C 310 1.20 -2.80 -34.36
N SER C 311 2.27 -3.59 -34.30
CA SER C 311 2.57 -4.51 -35.37
C SER C 311 1.47 -5.55 -35.52
N GLU C 312 0.93 -6.03 -34.40
CA GLU C 312 -0.21 -6.93 -34.49
C GLU C 312 -1.40 -6.26 -35.12
N LEU C 313 -1.70 -5.03 -34.70
CA LEU C 313 -2.83 -4.30 -35.27
C LEU C 313 -2.64 -4.06 -36.75
N ARG C 314 -1.40 -3.88 -37.19
CA ARG C 314 -1.11 -3.44 -38.55
C ARG C 314 -1.63 -4.41 -39.59
N LYS C 315 -1.91 -5.65 -39.21
CA LYS C 315 -2.37 -6.64 -40.18
C LYS C 315 -3.74 -6.30 -40.73
N ASN C 316 -4.62 -5.75 -39.88
CA ASN C 316 -5.98 -5.46 -40.29
C ASN C 316 -6.24 -4.05 -40.71
N TYR C 317 -5.22 -3.35 -41.18
CA TYR C 317 -5.41 -1.97 -41.58
C TYR C 317 -6.28 -1.88 -42.84
N PRO C 318 -7.02 -0.80 -43.00
CA PRO C 318 -7.65 -0.54 -44.30
C PRO C 318 -6.59 -0.34 -45.37
N THR C 319 -6.96 -0.63 -46.61
CA THR C 319 -6.07 -0.34 -47.71
C THR C 319 -5.83 1.15 -47.77
N GLY C 320 -4.57 1.54 -47.88
CA GLY C 320 -4.22 2.95 -47.90
C GLY C 320 -3.93 3.57 -46.56
N LEU C 321 -3.68 2.79 -45.52
CA LEU C 321 -3.37 3.33 -44.20
C LEU C 321 -1.90 3.07 -43.88
N ALA C 322 -1.22 4.11 -43.41
CA ALA C 322 0.17 4.02 -43.01
C ALA C 322 0.34 4.70 -41.66
N ASP C 323 1.29 4.19 -40.87
CA ASP C 323 1.68 4.83 -39.62
C ASP C 323 3.19 4.97 -39.56
N LYS C 324 3.63 5.96 -38.80
CA LYS C 324 5.04 6.31 -38.70
C LYS C 324 5.25 7.16 -37.46
N LEU C 325 6.30 6.86 -36.71
CA LEU C 325 6.63 7.63 -35.51
C LEU C 325 7.05 9.04 -35.90
N ALA C 326 6.33 10.04 -35.40
CA ALA C 326 6.69 11.43 -35.65
C ALA C 326 7.57 12.02 -34.55
N TYR C 327 7.53 11.44 -33.35
CA TYR C 327 8.20 12.02 -32.20
C TYR C 327 8.50 10.89 -31.23
N ASP C 328 9.74 10.42 -31.22
CA ASP C 328 10.15 9.35 -30.32
C ASP C 328 11.48 9.70 -29.67
N THR C 329 11.59 9.42 -28.39
CA THR C 329 12.74 9.77 -27.58
C THR C 329 13.69 8.60 -27.35
N THR C 330 13.24 7.39 -27.57
CA THR C 330 13.98 6.21 -27.16
C THR C 330 15.25 5.94 -27.96
N PRO C 331 15.30 6.32 -29.24
CA PRO C 331 16.56 6.19 -29.98
C PRO C 331 17.73 6.88 -29.30
N PHE C 332 17.50 8.05 -28.73
CA PHE C 332 18.53 8.77 -28.03
C PHE C 332 19.00 7.96 -26.81
N ILE C 333 18.07 7.34 -26.09
CA ILE C 333 18.44 6.51 -24.94
C ILE C 333 19.38 5.40 -25.38
N ARG C 334 18.97 4.67 -26.41
CA ARG C 334 19.81 3.61 -26.93
C ARG C 334 21.20 4.13 -27.28
N LEU C 335 21.24 5.29 -27.94
CA LEU C 335 22.52 5.84 -28.38
C LEU C 335 23.41 6.20 -27.19
N SER C 336 22.84 6.78 -26.14
CA SER C 336 23.63 7.19 -24.99
C SER C 336 24.14 5.98 -24.21
N ILE C 337 23.33 4.92 -24.11
CA ILE C 337 23.82 3.70 -23.48
C ILE C 337 24.97 3.11 -24.27
N GLU C 338 24.82 3.04 -25.59
CA GLU C 338 25.90 2.53 -26.42
C GLU C 338 27.18 3.30 -26.17
N SER C 339 27.08 4.62 -26.17
CA SER C 339 28.24 5.46 -25.96
C SER C 339 28.92 5.18 -24.61
N VAL C 340 28.13 5.05 -23.55
CA VAL C 340 28.72 4.86 -22.24
C VAL C 340 29.43 3.52 -22.13
N VAL C 341 28.90 2.50 -22.74
CA VAL C 341 29.60 1.21 -22.77
C VAL C 341 30.90 1.33 -23.55
N HIS C 342 30.88 2.09 -24.64
CA HIS C 342 32.11 2.29 -25.40
C HIS C 342 33.18 2.93 -24.53
N THR C 343 32.83 3.95 -23.76
CA THR C 343 33.80 4.57 -22.89
C THR C 343 34.33 3.56 -21.91
N LEU C 344 33.48 2.71 -21.35
CA LEU C 344 33.97 1.71 -20.40
C LEU C 344 35.04 0.81 -21.04
N ILE C 345 34.78 0.34 -22.25
CA ILE C 345 35.76 -0.52 -22.92
C ILE C 345 37.07 0.24 -23.13
N GLU C 346 36.98 1.46 -23.66
CA GLU C 346 38.18 2.25 -23.89
C GLU C 346 38.98 2.42 -22.60
N ALA C 347 38.28 2.67 -21.50
CA ALA C 347 38.95 2.91 -20.23
C ALA C 347 39.73 1.68 -19.79
N VAL C 348 39.12 0.50 -19.89
CA VAL C 348 39.81 -0.71 -19.48
C VAL C 348 41.07 -0.90 -20.33
N ILE C 349 40.96 -0.66 -21.64
CA ILE C 349 42.13 -0.77 -22.49
C ILE C 349 43.24 0.18 -22.02
N LEU C 350 42.88 1.44 -21.80
CA LEU C 350 43.89 2.44 -21.45
C LEU C 350 44.55 2.14 -20.12
N VAL C 351 43.77 1.67 -19.15
CA VAL C 351 44.35 1.31 -17.85
C VAL C 351 45.35 0.19 -18.03
N PHE C 352 44.99 -0.82 -18.82
CA PHE C 352 45.94 -1.88 -19.14
C PHE C 352 47.23 -1.30 -19.72
N ILE C 353 47.11 -0.36 -20.64
CA ILE C 353 48.30 0.16 -21.31
C ILE C 353 49.21 0.88 -20.32
N VAL C 354 48.63 1.73 -19.48
CA VAL C 354 49.46 2.49 -18.54
C VAL C 354 50.17 1.54 -17.58
N MET C 355 49.46 0.54 -17.06
CA MET C 355 50.10 -0.33 -16.09
C MET C 355 51.11 -1.26 -16.73
N PHE C 356 50.90 -1.66 -18.00
CA PHE C 356 51.94 -2.38 -18.70
C PHE C 356 53.15 -1.51 -18.93
N LEU C 357 52.95 -0.21 -19.06
CA LEU C 357 54.08 0.71 -19.12
C LEU C 357 54.87 0.67 -17.82
N PHE C 358 54.18 0.58 -16.68
CA PHE C 358 54.90 0.54 -15.40
C PHE C 358 55.35 -0.87 -15.04
N LEU C 359 54.42 -1.83 -15.00
CA LEU C 359 54.74 -3.23 -14.74
C LEU C 359 55.10 -3.87 -16.07
N GLN C 360 56.36 -3.75 -16.46
CA GLN C 360 56.74 -3.99 -17.85
C GLN C 360 56.47 -5.43 -18.29
N ASN C 361 56.43 -6.37 -17.37
CA ASN C 361 56.16 -7.77 -17.70
C ASN C 361 54.71 -7.98 -18.14
N TRP C 362 54.49 -8.91 -19.08
CA TRP C 362 53.12 -9.26 -19.43
C TRP C 362 52.48 -10.14 -18.37
N ARG C 363 53.27 -10.95 -17.67
CA ARG C 363 52.75 -11.83 -16.68
C ARG C 363 52.30 -10.96 -15.57
N ALA C 364 53.13 -9.99 -15.25
CA ALA C 364 52.79 -9.06 -14.18
C ALA C 364 51.50 -8.33 -14.48
N THR C 365 51.39 -7.72 -15.66
CA THR C 365 50.28 -6.81 -15.91
C THR C 365 48.97 -7.55 -16.14
N ILE C 366 49.00 -8.82 -16.51
CA ILE C 366 47.75 -9.55 -16.65
C ILE C 366 47.06 -9.74 -15.31
N ILE C 367 47.82 -9.80 -14.22
CA ILE C 367 47.21 -10.07 -12.92
C ILE C 367 46.25 -8.99 -12.48
N PRO C 368 46.59 -7.69 -12.55
CA PRO C 368 45.55 -6.67 -12.33
C PRO C 368 44.45 -6.69 -13.37
N THR C 369 44.77 -7.03 -14.61
CA THR C 369 43.78 -6.96 -15.67
C THR C 369 42.65 -7.95 -15.44
N LEU C 370 42.96 -9.11 -14.87
CA LEU C 370 41.92 -10.10 -14.58
C LEU C 370 40.99 -9.67 -13.47
N ALA C 371 41.36 -8.65 -12.70
CA ALA C 371 40.49 -8.15 -11.65
C ALA C 371 39.33 -7.35 -12.20
N VAL C 372 39.47 -6.76 -13.38
CA VAL C 372 38.45 -5.87 -13.93
C VAL C 372 37.15 -6.65 -14.15
N PRO C 373 37.18 -7.79 -14.84
CA PRO C 373 35.92 -8.52 -15.05
C PRO C 373 35.23 -8.94 -13.77
N VAL C 374 35.97 -9.56 -12.85
CA VAL C 374 35.34 -10.10 -11.66
C VAL C 374 34.65 -8.99 -10.89
N VAL C 375 35.33 -7.87 -10.73
CA VAL C 375 34.74 -6.77 -9.95
C VAL C 375 33.55 -6.18 -10.69
N VAL C 376 33.68 -5.90 -11.98
CA VAL C 376 32.60 -5.23 -12.69
C VAL C 376 31.34 -6.10 -12.67
N LEU C 377 31.49 -7.37 -13.01
CA LEU C 377 30.33 -8.25 -13.07
C LEU C 377 29.73 -8.50 -11.69
N GLY C 378 30.57 -8.66 -10.66
CA GLY C 378 30.04 -8.83 -9.33
C GLY C 378 29.28 -7.61 -8.85
N THR C 379 29.78 -6.42 -9.20
CA THR C 379 29.08 -5.19 -8.85
C THR C 379 27.71 -5.15 -9.50
N PHE C 380 27.65 -5.46 -10.79
CA PHE C 380 26.36 -5.53 -11.47
C PHE C 380 25.41 -6.46 -10.74
N ALA C 381 25.87 -7.67 -10.44
CA ALA C 381 25.04 -8.63 -9.74
C ALA C 381 24.51 -8.06 -8.42
N VAL C 382 25.41 -7.55 -7.59
CA VAL C 382 24.99 -7.10 -6.27
C VAL C 382 23.96 -5.98 -6.38
N ILE C 383 24.25 -4.94 -7.15
CA ILE C 383 23.31 -3.82 -7.17
C ILE C 383 21.99 -4.25 -7.80
N ASN C 384 22.02 -5.20 -8.73
CA ASN C 384 20.76 -5.74 -9.23
C ASN C 384 19.95 -6.41 -8.13
N ILE C 385 20.63 -7.01 -7.16
CA ILE C 385 19.89 -7.58 -6.03
C ILE C 385 19.09 -6.50 -5.31
N PHE C 386 19.55 -5.26 -5.35
CA PHE C 386 18.91 -4.17 -4.62
C PHE C 386 17.95 -3.35 -5.47
N GLY C 387 17.75 -3.71 -6.72
CA GLY C 387 16.79 -3.03 -7.55
C GLY C 387 17.35 -1.97 -8.47
N PHE C 388 18.64 -1.69 -8.41
CA PHE C 388 19.23 -0.74 -9.34
C PHE C 388 19.30 -1.32 -10.73
N SER C 389 19.26 -0.45 -11.73
CA SER C 389 19.23 -0.86 -13.12
C SER C 389 20.50 -0.40 -13.82
N ILE C 390 20.58 -0.70 -15.11
CA ILE C 390 21.63 -0.18 -15.96
C ILE C 390 21.12 1.11 -16.57
N ASN C 391 21.57 2.23 -16.03
CA ASN C 391 21.31 3.56 -16.54
C ASN C 391 22.65 4.22 -16.82
N THR C 392 22.62 5.43 -17.30
CA THR C 392 23.86 6.16 -17.53
C THR C 392 24.56 6.52 -16.23
N LEU C 393 23.84 6.59 -15.12
CA LEU C 393 24.48 6.99 -13.87
C LEU C 393 25.30 5.85 -13.29
N THR C 394 24.75 4.63 -13.27
CA THR C 394 25.51 3.49 -12.78
C THR C 394 26.64 3.15 -13.74
N MET C 395 26.47 3.43 -15.03
CA MET C 395 27.53 3.17 -16.00
C MET C 395 28.64 4.21 -15.89
N PHE C 396 28.30 5.47 -15.58
CA PHE C 396 29.35 6.47 -15.35
C PHE C 396 30.05 6.01 -14.11
N ALA C 397 29.32 5.56 -13.10
CA ALA C 397 29.95 5.11 -11.87
C ALA C 397 30.95 4.00 -12.13
N MET C 398 30.58 3.01 -12.95
CA MET C 398 31.51 1.94 -13.25
C MET C 398 32.76 2.46 -13.96
N VAL C 399 32.61 3.37 -14.90
CA VAL C 399 33.78 3.88 -15.60
C VAL C 399 34.70 4.60 -14.64
N LEU C 400 34.11 5.23 -13.65
CA LEU C 400 34.85 5.95 -12.67
C LEU C 400 35.50 4.99 -11.72
N ALA C 401 34.90 3.85 -11.52
CA ALA C 401 35.44 2.85 -10.60
C ALA C 401 36.61 2.09 -11.21
N ILE C 402 36.65 1.93 -12.53
CA ILE C 402 37.64 1.05 -13.12
C ILE C 402 39.06 1.45 -12.71
N GLY C 403 39.34 2.75 -12.67
CA GLY C 403 40.67 3.19 -12.32
C GLY C 403 41.00 3.05 -10.85
N LEU C 404 39.97 3.00 -10.00
CA LEU C 404 40.16 2.83 -8.58
C LEU C 404 40.08 1.40 -8.13
N LEU C 405 39.45 0.53 -8.92
CA LEU C 405 39.29 -0.90 -8.58
C LEU C 405 40.53 -1.75 -8.80
N VAL C 406 41.52 -1.23 -9.50
CA VAL C 406 42.77 -1.92 -9.77
C VAL C 406 43.84 -1.50 -8.77
N ASP C 407 43.51 -0.67 -7.79
CA ASP C 407 44.49 -0.17 -6.86
C ASP C 407 45.06 -1.19 -5.93
N ASP C 408 44.21 -1.90 -5.22
CA ASP C 408 44.72 -2.92 -4.31
C ASP C 408 45.57 -3.93 -5.06
N ALA C 409 45.13 -4.37 -6.23
CA ALA C 409 45.87 -5.37 -6.97
C ALA C 409 47.20 -4.82 -7.47
N ILE C 410 47.19 -3.58 -7.95
CA ILE C 410 48.41 -2.98 -8.44
C ILE C 410 49.36 -2.95 -7.31
N VAL C 411 48.92 -2.58 -6.12
CA VAL C 411 49.79 -2.50 -4.99
C VAL C 411 50.35 -3.86 -4.65
N VAL C 412 49.51 -4.87 -4.66
CA VAL C 412 49.94 -6.20 -4.30
C VAL C 412 51.01 -6.73 -5.21
N VAL C 413 50.81 -6.64 -6.50
CA VAL C 413 51.72 -7.14 -7.53
C VAL C 413 53.04 -6.46 -7.56
N GLU C 414 52.97 -5.16 -7.42
CA GLU C 414 54.10 -4.28 -7.44
C GLU C 414 55.07 -4.62 -6.32
N ASN C 415 54.55 -4.91 -5.14
CA ASN C 415 55.35 -5.30 -4.01
C ASN C 415 55.99 -6.63 -4.23
N VAL C 416 55.26 -7.57 -4.80
CA VAL C 416 55.82 -8.89 -5.06
C VAL C 416 56.94 -8.81 -6.06
N GLU C 417 56.72 -8.08 -7.13
CA GLU C 417 57.73 -7.95 -8.18
C GLU C 417 58.96 -7.27 -7.64
N ARG C 418 58.74 -6.23 -6.85
CA ARG C 418 59.82 -5.49 -6.24
C ARG C 418 60.55 -6.42 -5.30
N VAL C 419 59.81 -7.18 -4.53
CA VAL C 419 60.45 -8.08 -3.63
C VAL C 419 61.24 -9.08 -4.41
N MET C 420 60.69 -9.70 -5.43
CA MET C 420 61.41 -10.67 -6.26
C MET C 420 62.64 -10.08 -6.95
N SER C 421 62.69 -8.78 -7.16
CA SER C 421 63.87 -8.21 -7.75
C SER C 421 64.95 -8.00 -6.70
N GLU C 422 64.55 -7.51 -5.53
CA GLU C 422 65.49 -7.19 -4.48
C GLU C 422 66.05 -8.45 -3.82
N ASP C 423 65.17 -9.41 -3.53
CA ASP C 423 65.56 -10.75 -3.12
C ASP C 423 65.06 -11.72 -4.18
N HIS C 424 65.94 -12.55 -4.74
CA HIS C 424 65.56 -13.46 -5.80
C HIS C 424 65.12 -14.78 -5.19
N THR C 425 63.82 -14.89 -4.94
CA THR C 425 63.25 -16.04 -4.26
C THR C 425 62.07 -16.50 -5.09
N ASP C 426 61.51 -17.64 -4.69
CA ASP C 426 60.41 -18.21 -5.44
C ASP C 426 59.22 -17.26 -5.40
N PRO C 427 58.33 -17.33 -6.39
CA PRO C 427 57.16 -16.45 -6.26
C PRO C 427 56.34 -16.71 -5.02
N VAL C 428 56.26 -17.94 -4.54
CA VAL C 428 55.38 -18.20 -3.41
C VAL C 428 55.90 -17.49 -2.16
N THR C 429 57.20 -17.64 -1.89
CA THR C 429 57.78 -16.98 -0.73
C THR C 429 57.68 -15.47 -0.86
N ALA C 430 57.97 -14.94 -2.04
CA ALA C 430 57.89 -13.51 -2.25
C ALA C 430 56.46 -13.01 -2.04
N THR C 431 55.49 -13.74 -2.56
CA THR C 431 54.09 -13.34 -2.43
C THR C 431 53.63 -13.39 -0.98
N SER C 432 54.08 -14.39 -0.23
CA SER C 432 53.72 -14.47 1.18
C SER C 432 54.29 -13.29 1.95
N ARG C 433 55.56 -12.97 1.70
CA ARG C 433 56.16 -11.82 2.37
C ARG C 433 55.45 -10.54 1.98
N SER C 434 55.08 -10.41 0.71
CA SER C 434 54.39 -9.23 0.24
C SER C 434 53.07 -9.06 0.94
N MET C 435 52.27 -10.08 0.96
CA MET C 435 50.98 -9.98 1.61
C MET C 435 51.14 -9.71 3.10
N GLN C 436 52.20 -10.23 3.72
CA GLN C 436 52.47 -9.87 5.10
C GLN C 436 52.79 -8.39 5.24
N GLN C 437 53.49 -7.82 4.28
CA GLN C 437 53.85 -6.41 4.34
C GLN C 437 52.78 -5.39 4.08
N ILE C 438 51.97 -5.58 3.05
CA ILE C 438 50.98 -4.58 2.62
C ILE C 438 49.52 -4.69 3.04
N SER C 439 49.18 -5.57 3.96
CA SER C 439 47.78 -5.73 4.36
C SER C 439 47.20 -4.41 4.86
N GLY C 440 47.96 -3.69 5.68
CA GLY C 440 47.48 -2.43 6.22
C GLY C 440 47.29 -1.37 5.15
N ALA C 441 48.19 -1.32 4.17
CA ALA C 441 48.01 -0.40 3.06
C ALA C 441 46.74 -0.71 2.30
N LEU C 442 46.49 -2.00 2.03
CA LEU C 442 45.28 -2.36 1.32
C LEU C 442 44.05 -1.91 2.08
N VAL C 443 44.03 -2.15 3.39
CA VAL C 443 42.84 -1.84 4.17
C VAL C 443 42.64 -0.33 4.29
N GLY C 444 43.72 0.43 4.40
CA GLY C 444 43.59 1.88 4.43
C GLY C 444 43.07 2.45 3.13
N ILE C 445 43.57 1.94 2.03
CA ILE C 445 43.11 2.38 0.73
C ILE C 445 41.63 2.11 0.59
N THR C 446 41.20 0.92 0.92
CA THR C 446 39.81 0.59 0.76
C THR C 446 38.96 1.35 1.72
N SER C 447 39.44 1.53 2.92
CA SER C 447 38.67 2.21 3.93
C SER C 447 38.36 3.65 3.52
N VAL C 448 39.38 4.40 3.11
CA VAL C 448 39.11 5.80 2.75
C VAL C 448 38.26 5.87 1.50
N LEU C 449 38.45 5.02 0.52
CA LEU C 449 37.75 5.16 -0.73
C LEU C 449 36.33 4.82 -0.55
N THR C 450 36.06 3.84 0.30
CA THR C 450 34.71 3.43 0.61
C THR C 450 34.02 4.43 1.48
N ALA C 451 34.69 4.98 2.47
CA ALA C 451 34.01 5.91 3.35
C ALA C 451 33.62 7.19 2.62
N VAL C 452 34.43 7.60 1.64
CA VAL C 452 34.18 8.87 0.96
C VAL C 452 32.79 8.92 0.35
N PHE C 453 32.38 7.87 -0.33
CA PHE C 453 31.10 7.90 -1.02
C PHE C 453 29.87 7.50 -0.21
N VAL C 454 30.03 7.07 1.03
CA VAL C 454 28.93 6.55 1.82
C VAL C 454 27.92 7.64 2.19
N PRO C 455 28.34 8.80 2.69
CA PRO C 455 27.36 9.77 3.18
C PRO C 455 26.33 10.20 2.14
N MET C 456 26.71 10.32 0.88
CA MET C 456 25.77 10.82 -0.12
C MET C 456 24.64 9.85 -0.39
N ALA C 457 24.77 8.59 0.01
CA ALA C 457 23.65 7.66 -0.13
C ALA C 457 22.45 8.12 0.68
N PHE C 458 22.69 8.81 1.80
CA PHE C 458 21.65 9.23 2.72
C PHE C 458 21.21 10.67 2.50
N PHE C 459 20.84 11.05 1.28
CA PHE C 459 20.31 12.38 0.99
C PHE C 459 18.98 12.22 0.29
N GLY C 460 18.06 13.12 0.59
CA GLY C 460 16.74 13.04 0.00
C GLY C 460 16.60 13.86 -1.28
N GLY C 461 15.43 13.78 -1.87
CA GLY C 461 15.08 14.58 -3.02
C GLY C 461 15.43 13.89 -4.33
N THR C 462 15.27 14.64 -5.41
CA THR C 462 15.74 14.16 -6.70
C THR C 462 17.26 14.02 -6.69
N THR C 463 17.93 15.01 -6.10
CA THR C 463 19.37 14.98 -6.01
C THR C 463 19.85 13.76 -5.25
N GLY C 464 19.10 13.35 -4.22
CA GLY C 464 19.46 12.15 -3.49
C GLY C 464 19.35 10.89 -4.32
N VAL C 465 18.32 10.79 -5.14
CA VAL C 465 18.20 9.65 -6.03
C VAL C 465 19.38 9.62 -7.00
N ILE C 466 19.80 10.78 -7.49
CA ILE C 466 20.96 10.84 -8.37
C ILE C 466 22.23 10.44 -7.63
N TYR C 467 22.38 10.87 -6.38
CA TYR C 467 23.57 10.52 -5.60
C TYR C 467 23.65 9.03 -5.33
N ARG C 468 22.51 8.40 -5.07
CA ARG C 468 22.51 7.03 -4.58
C ARG C 468 23.06 6.06 -5.62
N GLN C 469 22.83 6.31 -6.91
CA GLN C 469 23.39 5.44 -7.94
C GLN C 469 24.91 5.38 -7.82
N PHE C 470 25.54 6.55 -7.83
CA PHE C 470 26.99 6.60 -7.66
C PHE C 470 27.42 5.94 -6.37
N SER C 471 26.78 6.30 -5.26
CA SER C 471 27.23 5.79 -3.97
C SER C 471 27.22 4.27 -3.95
N ILE C 472 26.08 3.67 -4.31
CA ILE C 472 25.93 2.23 -4.18
C ILE C 472 26.91 1.53 -5.10
N THR C 473 26.95 1.90 -6.36
CA THR C 473 27.85 1.27 -7.29
C THR C 473 29.30 1.39 -6.85
N LEU C 474 29.75 2.59 -6.53
CA LEU C 474 31.12 2.81 -6.13
C LEU C 474 31.48 2.07 -4.88
N VAL C 475 30.64 2.09 -3.87
CA VAL C 475 30.93 1.40 -2.62
C VAL C 475 31.03 -0.11 -2.77
N THR C 476 30.13 -0.70 -3.54
CA THR C 476 30.12 -2.12 -3.77
C THR C 476 31.38 -2.59 -4.46
N ALA C 477 31.80 -1.88 -5.49
CA ALA C 477 33.02 -2.20 -6.21
C ALA C 477 34.23 -2.07 -5.31
N MET C 478 34.27 -1.07 -4.45
CA MET C 478 35.42 -0.90 -3.59
C MET C 478 35.59 -2.05 -2.64
N VAL C 479 34.51 -2.52 -2.05
CA VAL C 479 34.59 -3.64 -1.16
C VAL C 479 34.99 -4.90 -1.89
N LEU C 480 34.41 -5.14 -3.07
CA LEU C 480 34.72 -6.32 -3.88
C LEU C 480 36.15 -6.33 -4.33
N SER C 481 36.69 -5.18 -4.64
CA SER C 481 38.07 -5.06 -5.08
C SER C 481 39.03 -5.51 -3.98
N LEU C 482 38.73 -5.20 -2.73
CA LEU C 482 39.55 -5.64 -1.64
C LEU C 482 39.37 -7.14 -1.49
N ILE C 483 38.17 -7.64 -1.70
CA ILE C 483 38.00 -9.08 -1.61
C ILE C 483 38.84 -9.81 -2.66
N VAL C 484 38.82 -9.29 -3.89
CA VAL C 484 39.65 -9.87 -4.94
C VAL C 484 41.12 -9.76 -4.56
N ALA C 485 41.55 -8.58 -4.11
CA ALA C 485 42.96 -8.39 -3.80
C ALA C 485 43.43 -9.34 -2.72
N LEU C 486 42.56 -9.70 -1.79
CA LEU C 486 42.98 -10.59 -0.71
C LEU C 486 42.89 -12.06 -1.09
N THR C 487 41.99 -12.43 -2.01
CA THR C 487 41.85 -13.85 -2.38
C THR C 487 42.51 -14.19 -3.73
N PHE C 488 42.10 -13.53 -4.80
CA PHE C 488 42.42 -13.98 -6.16
C PHE C 488 43.84 -13.60 -6.56
N THR C 489 44.24 -12.35 -6.31
CA THR C 489 45.53 -11.89 -6.81
C THR C 489 46.72 -12.66 -6.25
N PRO C 490 46.82 -12.94 -4.94
CA PRO C 490 48.02 -13.64 -4.46
C PRO C 490 48.20 -15.02 -5.09
N ALA C 491 47.11 -15.72 -5.37
CA ALA C 491 47.21 -16.99 -6.08
C ALA C 491 47.80 -16.81 -7.47
N LEU C 492 47.34 -15.79 -8.19
CA LEU C 492 47.90 -15.52 -9.51
C LEU C 492 49.37 -15.12 -9.43
N CYS C 493 49.73 -14.34 -8.41
CA CYS C 493 51.14 -14.02 -8.22
C CYS C 493 51.96 -15.28 -7.99
N ALA C 494 51.43 -16.21 -7.19
CA ALA C 494 52.17 -17.42 -6.89
C ALA C 494 52.31 -18.31 -8.12
N THR C 495 51.29 -18.35 -8.97
CA THR C 495 51.28 -19.30 -10.07
C THR C 495 51.72 -18.71 -11.41
N ILE C 496 51.38 -17.48 -11.70
CA ILE C 496 51.72 -16.92 -13.00
C ILE C 496 53.11 -16.31 -13.09
N LEU C 497 53.58 -15.61 -12.07
CA LEU C 497 54.90 -15.01 -12.12
C LEU C 497 55.89 -16.14 -12.08
N LYS C 498 56.96 -16.08 -12.85
CA LYS C 498 57.86 -17.21 -12.82
C LYS C 498 59.14 -17.08 -12.04
N GLN C 499 60.07 -16.27 -12.49
CA GLN C 499 61.36 -16.17 -11.81
C GLN C 499 62.07 -14.91 -12.24
N HIS C 500 62.88 -14.35 -11.36
CA HIS C 500 63.62 -13.17 -11.75
C HIS C 500 65.13 -13.31 -11.91
N ASP C 501 65.77 -14.30 -11.30
CA ASP C 501 67.23 -14.32 -11.42
C ASP C 501 67.99 -15.54 -11.92
N PRO C 502 68.07 -15.68 -13.24
CA PRO C 502 68.97 -16.71 -13.76
C PRO C 502 70.36 -16.04 -13.85
N ASN C 503 71.42 -16.84 -14.00
CA ASN C 503 72.78 -16.31 -14.04
C ASN C 503 72.92 -15.25 -15.13
N LYS C 504 72.42 -15.54 -16.32
CA LYS C 504 72.57 -14.66 -17.48
C LYS C 504 71.17 -14.26 -17.98
N GLU C 505 70.63 -13.14 -17.50
CA GLU C 505 69.40 -12.56 -18.07
C GLU C 505 69.48 -11.17 -18.85
N PRO C 506 70.66 -10.81 -19.49
CA PRO C 506 70.68 -9.54 -20.23
C PRO C 506 69.96 -9.71 -21.56
N SER C 507 69.04 -8.80 -21.84
CA SER C 507 68.23 -8.85 -23.06
C SER C 507 68.35 -7.53 -23.80
N ASN C 508 68.61 -7.59 -25.10
CA ASN C 508 68.72 -6.42 -25.95
C ASN C 508 67.58 -6.43 -26.95
N ASN C 509 66.71 -5.42 -26.88
CA ASN C 509 65.57 -5.32 -27.79
C ASN C 509 65.07 -3.89 -27.78
N ILE C 510 64.43 -3.49 -28.88
CA ILE C 510 63.89 -2.14 -28.95
C ILE C 510 62.87 -1.91 -27.84
N PHE C 511 62.04 -2.93 -27.57
CA PHE C 511 61.09 -2.84 -26.47
C PHE C 511 61.81 -2.73 -25.13
N ALA C 512 62.89 -3.49 -24.94
CA ALA C 512 63.54 -3.56 -23.63
C ALA C 512 64.33 -2.29 -23.34
N ARG C 513 65.03 -1.74 -24.33
CA ARG C 513 65.83 -0.55 -24.07
C ARG C 513 64.95 0.64 -23.71
N PHE C 514 63.80 0.78 -24.37
CA PHE C 514 62.88 1.84 -24.02
C PHE C 514 62.44 1.72 -22.57
N PHE C 515 62.15 0.50 -22.12
CA PHE C 515 61.78 0.31 -20.72
C PHE C 515 62.93 0.65 -19.79
N ARG C 516 64.16 0.31 -20.18
CA ARG C 516 65.30 0.66 -19.35
C ARG C 516 65.44 2.17 -19.22
N SER C 517 65.27 2.89 -20.32
CA SER C 517 65.28 4.35 -20.26
C SER C 517 64.17 4.86 -19.38
N PHE C 518 62.99 4.22 -19.43
CA PHE C 518 61.87 4.63 -18.59
C PHE C 518 62.20 4.47 -17.12
N ASN C 519 62.78 3.34 -16.76
CA ASN C 519 63.16 3.12 -15.37
C ASN C 519 64.19 4.14 -14.92
N ASN C 520 65.16 4.44 -15.77
CA ASN C 520 66.16 5.44 -15.41
C ASN C 520 65.50 6.81 -15.20
N GLY C 521 64.61 7.21 -16.10
CA GLY C 521 63.96 8.50 -15.96
C GLY C 521 63.12 8.57 -14.70
N PHE C 522 62.41 7.49 -14.39
CA PHE C 522 61.62 7.45 -13.17
C PHE C 522 62.51 7.59 -11.95
N ASP C 523 63.66 6.93 -11.94
CA ASP C 523 64.58 7.03 -10.81
C ASP C 523 65.09 8.46 -10.66
N ARG C 524 65.39 9.10 -11.79
CA ARG C 524 65.87 10.47 -11.73
C ARG C 524 64.79 11.35 -11.16
N MET C 525 63.57 11.15 -11.62
CA MET C 525 62.47 11.94 -11.11
C MET C 525 62.29 11.69 -9.63
N SER C 526 62.44 10.44 -9.20
CA SER C 526 62.32 10.09 -7.81
C SER C 526 63.33 10.81 -6.97
N HIS C 527 64.56 10.91 -7.44
CA HIS C 527 65.58 11.60 -6.69
C HIS C 527 65.26 13.06 -6.50
N SER C 528 64.77 13.71 -7.55
CA SER C 528 64.44 15.13 -7.44
C SER C 528 63.35 15.36 -6.41
N TYR C 529 62.36 14.49 -6.34
CA TYR C 529 61.30 14.59 -5.38
C TYR C 529 61.82 14.50 -3.97
N GLN C 530 62.75 13.59 -3.75
CA GLN C 530 63.27 13.40 -2.42
C GLN C 530 63.98 14.66 -1.96
N ASN C 531 64.79 15.22 -2.85
CA ASN C 531 65.49 16.46 -2.62
C ASN C 531 64.51 17.57 -2.52
N GLY C 532 63.51 17.55 -3.38
CA GLY C 532 62.52 18.60 -3.37
C GLY C 532 61.77 18.64 -2.06
N VAL C 533 61.42 17.48 -1.51
CA VAL C 533 60.75 17.41 -0.25
C VAL C 533 61.66 17.93 0.84
N SER C 534 62.93 17.54 0.76
CA SER C 534 63.92 17.94 1.71
C SER C 534 63.96 19.44 1.85
N ARG C 535 63.97 20.12 0.72
CA ARG C 535 63.98 21.58 0.69
C ARG C 535 62.70 22.14 1.28
N MET C 536 61.55 21.67 0.79
CA MET C 536 60.27 22.17 1.28
C MET C 536 60.13 21.99 2.77
N LEU C 537 60.69 20.91 3.31
CA LEU C 537 60.71 20.73 4.76
C LEU C 537 61.52 21.82 5.43
N LYS C 538 62.71 22.10 4.91
CA LYS C 538 63.53 23.13 5.56
C LYS C 538 62.90 24.50 5.46
N GLY C 539 62.34 24.84 4.30
CA GLY C 539 61.77 26.16 4.08
C GLY C 539 60.32 26.29 4.50
N LYS C 540 60.08 26.43 5.81
CA LYS C 540 58.71 26.42 6.32
C LYS C 540 57.88 27.54 5.71
N ILE C 541 58.44 28.74 5.64
CA ILE C 541 57.67 29.91 5.23
C ILE C 541 57.26 29.78 3.78
N PHE C 542 58.15 29.29 2.92
CA PHE C 542 57.81 29.13 1.52
C PHE C 542 56.63 28.18 1.34
N SER C 543 56.65 27.05 2.06
CA SER C 543 55.57 26.09 1.97
C SER C 543 54.26 26.68 2.49
N GLY C 544 54.32 27.38 3.62
CA GLY C 544 53.12 27.98 4.17
C GLY C 544 52.51 29.00 3.22
N VAL C 545 53.37 29.80 2.57
CA VAL C 545 52.88 30.76 1.60
C VAL C 545 52.24 30.06 0.42
N LEU C 546 52.86 28.99 -0.09
CA LEU C 546 52.27 28.28 -1.22
C LEU C 546 50.93 27.67 -0.85
N TYR C 547 50.82 27.14 0.35
CA TYR C 547 49.59 26.54 0.80
C TYR C 547 48.50 27.57 0.86
N ALA C 548 48.80 28.73 1.43
CA ALA C 548 47.82 29.81 1.54
C ALA C 548 47.40 30.30 0.15
N VAL C 549 48.35 30.41 -0.77
CA VAL C 549 48.01 30.85 -2.11
C VAL C 549 47.06 29.88 -2.77
N VAL C 550 47.34 28.59 -2.65
CA VAL C 550 46.48 27.60 -3.23
C VAL C 550 45.07 27.71 -2.67
N VAL C 551 44.94 27.87 -1.37
CA VAL C 551 43.62 27.91 -0.73
C VAL C 551 42.87 29.16 -1.16
N ALA C 552 43.57 30.29 -1.26
CA ALA C 552 42.94 31.51 -1.74
C ALA C 552 42.41 31.35 -3.16
N LEU C 553 43.21 30.76 -4.04
CA LEU C 553 42.75 30.55 -5.41
C LEU C 553 41.56 29.61 -5.45
N LEU C 554 41.57 28.59 -4.58
CA LEU C 554 40.44 27.66 -4.50
C LEU C 554 39.16 28.41 -4.16
N VAL C 555 39.22 29.29 -3.17
CA VAL C 555 38.02 30.04 -2.77
C VAL C 555 37.58 30.96 -3.91
N PHE C 556 38.52 31.68 -4.50
CA PHE C 556 38.19 32.60 -5.57
C PHE C 556 37.50 31.87 -6.72
N LEU C 557 38.08 30.76 -7.18
CA LEU C 557 37.53 30.07 -8.32
C LEU C 557 36.18 29.45 -8.01
N PHE C 558 36.01 28.94 -6.79
CA PHE C 558 34.70 28.42 -6.41
C PHE C 558 33.64 29.51 -6.46
N GLN C 559 34.01 30.74 -6.07
CA GLN C 559 33.06 31.84 -6.18
C GLN C 559 32.75 32.16 -7.63
N LYS C 560 33.76 32.17 -8.49
CA LYS C 560 33.59 32.67 -9.84
C LYS C 560 32.89 31.66 -10.77
N LEU C 561 32.99 30.38 -10.50
CA LEU C 561 32.47 29.40 -11.46
C LEU C 561 30.95 29.41 -11.51
N PRO C 562 30.35 29.54 -12.69
CA PRO C 562 28.89 29.50 -12.79
C PRO C 562 28.31 28.15 -12.39
N SER C 563 27.00 28.16 -12.12
CA SER C 563 26.27 26.97 -11.69
C SER C 563 25.26 26.54 -12.73
N SER C 564 24.88 25.26 -12.65
CA SER C 564 23.75 24.72 -13.38
C SER C 564 23.35 23.43 -12.68
N PHE C 565 22.43 22.68 -13.30
CA PHE C 565 21.97 21.43 -12.73
C PHE C 565 22.37 20.23 -13.59
N LEU C 566 21.97 20.20 -14.85
CA LEU C 566 22.20 19.06 -15.73
C LEU C 566 22.52 19.58 -17.13
N PRO C 567 23.52 19.01 -17.80
CA PRO C 567 23.89 19.53 -19.12
C PRO C 567 22.81 19.30 -20.17
N GLU C 568 22.89 20.09 -21.22
CA GLU C 568 21.95 20.01 -22.33
C GLU C 568 22.41 18.97 -23.33
N GLU C 569 21.46 18.35 -24.00
CA GLU C 569 21.78 17.30 -24.92
C GLU C 569 20.94 17.28 -26.16
N ASP C 570 21.50 16.87 -27.27
CA ASP C 570 20.76 16.78 -28.50
C ASP C 570 19.96 15.52 -28.53
N GLN C 571 18.68 15.59 -28.25
CA GLN C 571 17.88 14.41 -28.31
C GLN C 571 17.29 14.23 -29.69
N GLY C 572 17.48 15.19 -30.59
CA GLY C 572 17.07 15.07 -31.97
C GLY C 572 15.67 15.43 -32.29
N VAL C 573 14.98 16.11 -31.37
CA VAL C 573 13.60 16.53 -31.52
C VAL C 573 13.48 17.97 -31.01
N VAL C 574 12.54 18.71 -31.57
CA VAL C 574 12.33 20.11 -31.23
C VAL C 574 10.84 20.37 -31.10
N MET C 575 10.46 21.17 -30.12
CA MET C 575 9.09 21.59 -29.92
C MET C 575 8.94 23.03 -30.36
N THR C 576 7.92 23.33 -31.15
CA THR C 576 7.56 24.70 -31.49
C THR C 576 6.22 25.01 -30.86
N LEU C 577 6.15 26.17 -30.20
CA LEU C 577 4.92 26.69 -29.63
C LEU C 577 4.47 27.87 -30.47
N VAL C 578 3.23 27.81 -30.96
CA VAL C 578 2.65 28.91 -31.72
C VAL C 578 1.57 29.53 -30.84
N GLN C 579 1.71 30.82 -30.59
CA GLN C 579 0.71 31.61 -29.89
C GLN C 579 0.28 32.73 -30.81
N LEU C 580 -1.01 32.87 -31.03
CA LEU C 580 -1.56 33.94 -31.84
C LEU C 580 -2.22 34.98 -30.95
N PRO C 581 -2.51 36.15 -31.50
CA PRO C 581 -3.14 37.22 -30.72
C PRO C 581 -4.48 36.78 -30.14
N PRO C 582 -5.02 37.55 -29.21
CA PRO C 582 -6.34 37.23 -28.67
C PRO C 582 -7.43 37.23 -29.73
N ASN C 583 -8.41 36.33 -29.53
CA ASN C 583 -9.63 36.25 -30.32
C ASN C 583 -9.38 35.80 -31.76
N ALA C 584 -8.25 35.18 -32.01
CA ALA C 584 -7.93 34.68 -33.35
C ALA C 584 -8.59 33.33 -33.59
N THR C 585 -9.01 33.10 -34.82
CA THR C 585 -9.76 31.92 -35.21
C THR C 585 -8.81 30.75 -35.52
N LEU C 586 -9.41 29.59 -35.80
CA LEU C 586 -8.60 28.44 -36.18
C LEU C 586 -7.95 28.62 -37.55
N ASP C 587 -8.55 29.42 -38.43
CA ASP C 587 -7.97 29.62 -39.76
C ASP C 587 -6.67 30.40 -39.71
N ARG C 588 -6.64 31.49 -38.94
CA ARG C 588 -5.41 32.26 -38.82
C ARG C 588 -4.30 31.43 -38.22
N THR C 589 -4.62 30.68 -37.17
CA THR C 589 -3.65 29.79 -36.55
C THR C 589 -3.14 28.78 -37.56
N GLY C 590 -4.04 28.25 -38.40
CA GLY C 590 -3.64 27.29 -39.40
C GLY C 590 -2.70 27.86 -40.43
N LYS C 591 -2.93 29.10 -40.85
CA LYS C 591 -2.07 29.74 -41.83
C LYS C 591 -0.69 30.04 -41.27
N VAL C 592 -0.64 30.52 -40.03
CA VAL C 592 0.65 30.68 -39.35
C VAL C 592 1.40 29.36 -39.33
N ILE C 593 0.70 28.28 -38.97
CA ILE C 593 1.38 27.00 -38.88
C ILE C 593 1.79 26.50 -40.25
N ASP C 594 1.05 26.84 -41.30
CA ASP C 594 1.46 26.48 -42.65
C ASP C 594 2.82 27.10 -42.98
N THR C 595 2.99 28.37 -42.64
CA THR C 595 4.29 29.00 -42.84
C THR C 595 5.36 28.32 -42.01
N MET C 596 5.06 27.99 -40.76
CA MET C 596 6.03 27.35 -39.88
C MET C 596 6.47 26.00 -40.45
N THR C 597 5.50 25.26 -40.98
CA THR C 597 5.77 23.99 -41.64
C THR C 597 6.69 24.17 -42.84
N ASN C 598 6.40 25.16 -43.68
CA ASN C 598 7.24 25.37 -44.85
C ASN C 598 8.67 25.67 -44.44
N PHE C 599 8.84 26.51 -43.41
CA PHE C 599 10.18 26.82 -42.95
C PHE C 599 10.91 25.56 -42.53
N PHE C 600 10.31 24.75 -41.66
CA PHE C 600 11.04 23.59 -41.16
C PHE C 600 11.34 22.60 -42.28
N MET C 601 10.38 22.35 -43.16
CA MET C 601 10.61 21.35 -44.19
C MET C 601 11.64 21.82 -45.21
N ASN C 602 11.76 23.13 -45.43
CA ASN C 602 12.80 23.62 -46.33
C ASN C 602 14.21 23.46 -45.75
N GLU C 603 14.35 23.08 -44.48
CA GLU C 603 15.66 22.75 -43.90
C GLU C 603 15.97 21.29 -44.21
N LYS C 604 16.41 21.05 -45.44
CA LYS C 604 16.54 19.69 -45.93
C LYS C 604 17.68 18.92 -45.25
N ASP C 605 18.75 19.59 -44.85
CA ASP C 605 19.87 18.91 -44.24
C ASP C 605 19.69 18.60 -42.77
N THR C 606 18.77 19.29 -42.10
CA THR C 606 18.58 19.03 -40.68
C THR C 606 17.27 18.35 -40.26
N VAL C 607 16.17 18.70 -40.92
CA VAL C 607 14.85 18.24 -40.50
C VAL C 607 14.46 17.05 -41.34
N GLU C 608 13.75 16.11 -40.72
CA GLU C 608 13.19 14.96 -41.40
C GLU C 608 11.68 15.06 -41.53
N SER C 609 10.95 15.22 -40.42
CA SER C 609 9.50 15.31 -40.47
C SER C 609 9.03 16.32 -39.42
N ILE C 610 7.83 16.85 -39.64
CA ILE C 610 7.19 17.73 -38.66
C ILE C 610 5.71 17.35 -38.56
N PHE C 611 5.20 17.28 -37.34
CA PHE C 611 3.80 16.95 -37.07
C PHE C 611 3.19 18.08 -36.25
N THR C 612 2.21 18.76 -36.83
CA THR C 612 1.62 19.95 -36.23
C THR C 612 0.15 19.72 -35.91
N VAL C 613 -0.31 20.42 -34.88
CA VAL C 613 -1.72 20.45 -34.49
C VAL C 613 -2.11 21.90 -34.26
N SER C 614 -3.28 22.30 -34.76
CA SER C 614 -3.84 23.62 -34.53
C SER C 614 -4.90 23.52 -33.46
N GLY C 615 -4.90 24.45 -32.53
CA GLY C 615 -5.84 24.47 -31.45
C GLY C 615 -5.37 23.79 -30.19
N PHE C 616 -4.14 23.32 -30.15
CA PHE C 616 -3.61 22.63 -29.00
C PHE C 616 -2.27 23.20 -28.61
N SER C 617 -2.11 23.45 -27.32
CA SER C 617 -0.81 23.75 -26.74
C SER C 617 -0.84 23.24 -25.32
N PHE C 618 0.31 23.31 -24.67
CA PHE C 618 0.38 22.90 -23.27
C PHE C 618 -0.23 23.95 -22.36
N THR C 619 -0.29 25.20 -22.80
CA THR C 619 -0.97 26.22 -22.02
C THR C 619 -2.46 25.96 -21.96
N GLY C 620 -3.03 25.33 -22.97
CA GLY C 620 -4.45 25.02 -22.95
C GLY C 620 -5.01 24.81 -24.34
N VAL C 621 -6.25 24.36 -24.36
CA VAL C 621 -7.00 24.21 -25.60
C VAL C 621 -7.65 25.53 -25.95
N GLY C 622 -7.48 25.96 -27.19
CA GLY C 622 -8.05 27.20 -27.64
C GLY C 622 -7.62 27.43 -29.07
N GLN C 623 -8.40 28.24 -29.78
CA GLN C 623 -8.25 28.33 -31.21
C GLN C 623 -7.03 29.11 -31.67
N ASN C 624 -6.41 29.90 -30.79
CA ASN C 624 -5.25 30.71 -31.16
C ASN C 624 -3.94 30.12 -30.65
N ALA C 625 -3.88 28.80 -30.50
CA ALA C 625 -2.70 28.10 -30.04
C ALA C 625 -2.41 26.91 -30.95
N GLY C 626 -1.12 26.60 -31.08
CA GLY C 626 -0.67 25.55 -31.98
C GLY C 626 0.63 24.98 -31.46
N ILE C 627 1.04 23.85 -32.06
CA ILE C 627 2.23 23.12 -31.64
C ILE C 627 2.72 22.26 -32.78
N GLY C 628 4.04 22.04 -32.81
CA GLY C 628 4.66 21.22 -33.82
C GLY C 628 5.75 20.32 -33.28
N PHE C 629 5.74 19.06 -33.67
CA PHE C 629 6.78 18.10 -33.29
C PHE C 629 7.71 17.90 -34.48
N VAL C 630 8.93 18.43 -34.38
CA VAL C 630 9.92 18.39 -35.46
C VAL C 630 10.94 17.32 -35.14
N LYS C 631 11.16 16.41 -36.09
CA LYS C 631 12.12 15.33 -35.94
C LYS C 631 13.34 15.62 -36.80
N LEU C 632 14.54 15.53 -36.25
CA LEU C 632 15.72 15.80 -37.01
C LEU C 632 16.15 14.53 -37.69
N LYS C 633 17.19 14.65 -38.51
CA LYS C 633 17.78 13.51 -39.16
C LYS C 633 18.69 12.81 -38.19
N ASP C 634 19.16 11.63 -38.53
CA ASP C 634 20.00 10.85 -37.63
C ASP C 634 21.26 11.62 -37.27
N TRP C 635 21.74 11.48 -36.05
CA TRP C 635 22.91 12.21 -35.59
C TRP C 635 24.13 11.97 -36.47
N SER C 636 24.33 10.75 -36.95
CA SER C 636 25.41 10.44 -37.84
C SER C 636 25.34 11.23 -39.12
N LYS C 637 24.14 11.44 -39.66
CA LYS C 637 23.98 12.26 -40.84
C LYS C 637 24.33 13.70 -40.57
N ARG C 638 24.01 14.20 -39.39
CA ARG C 638 24.29 15.59 -39.09
C ARG C 638 25.65 15.77 -38.47
N THR C 639 26.65 16.08 -39.27
CA THR C 639 27.98 16.30 -38.70
C THR C 639 28.52 17.73 -38.77
N THR C 640 28.00 18.54 -39.68
CA THR C 640 28.46 19.91 -39.83
C THR C 640 27.92 20.82 -38.73
N PRO C 641 28.75 21.83 -38.29
CA PRO C 641 28.25 22.80 -37.30
C PRO C 641 26.88 23.41 -37.62
N GLU C 642 26.64 23.63 -38.91
CA GLU C 642 25.42 24.15 -39.45
C GLU C 642 24.25 23.25 -39.13
N THR C 643 24.43 21.95 -39.07
CA THR C 643 23.32 21.07 -38.75
C THR C 643 23.20 20.70 -37.28
N GLN C 644 23.82 21.43 -36.36
CA GLN C 644 23.65 21.07 -34.95
C GLN C 644 22.36 21.58 -34.43
N ILE C 645 21.86 20.99 -33.37
CA ILE C 645 20.54 21.37 -32.89
C ILE C 645 20.45 22.82 -32.53
N GLY C 646 21.44 23.44 -31.82
CA GLY C 646 21.44 24.83 -31.46
C GLY C 646 21.36 25.74 -32.67
N SER C 647 22.04 25.36 -33.73
CA SER C 647 22.07 26.12 -34.96
C SER C 647 20.69 26.29 -35.58
N LEU C 648 19.90 25.23 -35.59
CA LEU C 648 18.57 25.25 -36.16
C LEU C 648 17.64 26.07 -35.35
N ILE C 649 17.81 26.00 -34.03
CA ILE C 649 16.95 26.75 -33.13
C ILE C 649 17.04 28.24 -33.43
N GLN C 650 18.25 28.73 -33.72
CA GLN C 650 18.39 30.16 -34.04
C GLN C 650 17.74 30.49 -35.38
N ARG C 651 17.99 29.67 -36.39
CA ARG C 651 17.39 29.93 -37.69
C ARG C 651 15.87 29.96 -37.58
N GLY C 652 15.31 29.11 -36.73
CA GLY C 652 13.87 29.13 -36.52
C GLY C 652 13.41 30.27 -35.65
N MET C 653 14.24 30.68 -34.69
CA MET C 653 13.86 31.80 -33.84
C MET C 653 13.71 33.06 -34.67
N ALA C 654 14.40 33.13 -35.80
CA ALA C 654 14.13 34.21 -36.75
C ALA C 654 12.69 34.18 -37.22
N LEU C 655 12.07 33.00 -37.20
CA LEU C 655 10.76 32.84 -37.81
C LEU C 655 9.73 33.74 -37.17
N ASN C 656 9.71 33.82 -35.84
CA ASN C 656 8.66 34.60 -35.20
C ASN C 656 8.80 36.07 -35.55
N MET C 657 10.03 36.52 -35.74
CA MET C 657 10.25 37.88 -36.23
C MET C 657 9.65 38.07 -37.61
N ILE C 658 9.84 37.10 -38.51
CA ILE C 658 9.31 37.28 -39.86
C ILE C 658 7.80 37.12 -39.91
N ILE C 659 7.22 36.21 -39.13
CA ILE C 659 5.78 35.90 -39.24
C ILE C 659 4.99 36.99 -38.53
N LYS C 660 4.07 37.63 -39.25
CA LYS C 660 3.44 38.84 -38.74
C LYS C 660 2.27 38.55 -37.80
N ASP C 661 1.39 37.59 -38.13
CA ASP C 661 0.15 37.43 -37.36
C ASP C 661 0.43 36.87 -35.97
N ALA C 662 1.45 36.04 -35.82
CA ALA C 662 1.68 35.36 -34.56
C ALA C 662 2.03 36.33 -33.44
N SER C 663 1.72 35.93 -32.20
CA SER C 663 2.27 36.59 -31.04
C SER C 663 3.73 36.19 -30.85
N TYR C 664 4.00 34.89 -30.86
CA TYR C 664 5.35 34.37 -30.92
C TYR C 664 5.31 32.97 -31.50
N VAL C 665 6.42 32.56 -32.11
CA VAL C 665 6.65 31.19 -32.56
C VAL C 665 8.02 30.82 -32.01
N MET C 666 8.04 30.04 -30.95
CA MET C 666 9.30 29.67 -30.35
C MET C 666 9.72 28.24 -30.51
N PRO C 667 10.81 28.03 -31.22
CA PRO C 667 11.39 26.69 -31.17
C PRO C 667 12.03 26.44 -29.82
N LEU C 668 11.79 25.25 -29.27
CA LEU C 668 12.24 24.92 -27.93
C LEU C 668 12.90 23.55 -27.93
N GLN C 669 13.68 23.30 -26.90
CA GLN C 669 14.39 22.05 -26.76
C GLN C 669 13.88 21.31 -25.56
N LEU C 670 14.09 20.02 -25.52
CA LEU C 670 13.67 19.20 -24.41
C LEU C 670 14.63 19.32 -23.24
N PRO C 671 14.17 19.10 -22.02
CA PRO C 671 15.07 19.07 -20.88
C PRO C 671 15.91 17.80 -20.85
N ALA C 672 16.99 17.86 -20.09
CA ALA C 672 17.94 16.73 -20.06
C ALA C 672 17.27 15.48 -19.54
N MET C 673 16.43 15.62 -18.52
CA MET C 673 15.57 14.52 -18.07
C MET C 673 14.14 14.89 -18.41
N PRO C 674 13.61 14.42 -19.54
CA PRO C 674 12.27 14.86 -19.96
C PRO C 674 11.19 14.72 -18.92
N GLU C 675 11.32 13.80 -17.97
CA GLU C 675 10.28 13.64 -16.98
C GLU C 675 10.05 14.91 -16.18
N LEU C 676 11.12 15.60 -15.82
CA LEU C 676 11.02 16.70 -14.85
C LEU C 676 10.44 17.99 -15.45
N GLY C 677 10.25 18.07 -16.76
CA GLY C 677 9.62 19.26 -17.34
C GLY C 677 9.24 19.05 -18.78
N VAL C 678 8.44 19.99 -19.30
CA VAL C 678 7.98 19.89 -20.69
C VAL C 678 8.99 20.47 -21.66
N THR C 679 9.64 21.56 -21.28
CA THR C 679 10.60 22.24 -22.14
C THR C 679 11.83 22.58 -21.31
N ALA C 680 12.91 22.90 -22.01
CA ALA C 680 14.11 23.39 -21.35
C ALA C 680 14.02 24.90 -21.10
N GLY C 681 14.77 25.34 -20.11
CA GLY C 681 14.83 26.72 -19.75
C GLY C 681 14.48 27.00 -18.31
N PHE C 682 14.07 28.21 -17.99
CA PHE C 682 13.74 28.53 -16.62
C PHE C 682 12.23 28.65 -16.43
N ASN C 683 11.75 28.39 -15.24
CA ASN C 683 10.35 28.45 -14.94
C ASN C 683 10.10 29.28 -13.69
N LEU C 684 9.47 30.44 -13.81
CA LEU C 684 9.25 31.32 -12.67
C LEU C 684 7.77 31.59 -12.42
N GLN C 685 7.39 31.68 -11.15
CA GLN C 685 6.03 31.98 -10.82
C GLN C 685 6.02 33.33 -10.14
N LEU C 686 5.35 34.32 -10.69
CA LEU C 686 5.25 35.66 -10.13
C LEU C 686 3.96 35.78 -9.33
N LYS C 687 4.05 36.08 -8.04
CA LYS C 687 2.90 36.11 -7.23
C LYS C 687 2.52 37.50 -6.82
N ASP C 688 1.23 37.68 -6.60
CA ASP C 688 0.66 38.93 -6.09
C ASP C 688 0.49 38.81 -4.58
N SER C 689 1.62 38.73 -3.90
CA SER C 689 1.61 38.38 -2.48
C SER C 689 1.07 39.49 -1.59
N SER C 690 0.69 40.63 -2.15
CA SER C 690 0.09 41.72 -1.40
C SER C 690 -1.33 42.01 -1.83
N GLY C 691 -1.94 41.14 -2.63
CA GLY C 691 -3.32 41.30 -3.02
C GLY C 691 -3.67 42.59 -3.72
N GLN C 692 -2.90 42.99 -4.72
CA GLN C 692 -3.16 44.24 -5.42
C GLN C 692 -4.03 44.07 -6.65
N GLY C 693 -4.38 42.85 -7.02
CA GLY C 693 -5.33 42.64 -8.11
C GLY C 693 -4.65 42.16 -9.38
N HIS C 694 -5.50 41.81 -10.34
CA HIS C 694 -5.00 41.22 -11.58
C HIS C 694 -4.32 42.24 -12.46
N GLU C 695 -4.86 43.46 -12.52
CA GLU C 695 -4.30 44.48 -13.39
C GLU C 695 -2.90 44.88 -12.94
N LYS C 696 -2.70 45.03 -11.63
CA LYS C 696 -1.38 45.37 -11.11
C LYS C 696 -0.37 44.26 -11.38
N LEU C 697 -0.81 43.02 -11.26
CA LEU C 697 0.07 41.88 -11.53
C LEU C 697 0.46 41.84 -12.99
N ILE C 698 -0.49 42.15 -13.87
CA ILE C 698 -0.16 42.15 -15.30
C ILE C 698 0.77 43.29 -15.63
N ALA C 699 0.60 44.45 -14.99
CA ALA C 699 1.52 45.55 -15.20
C ALA C 699 2.93 45.19 -14.75
N ALA C 700 3.04 44.55 -13.59
CA ALA C 700 4.35 44.12 -13.12
C ALA C 700 4.98 43.11 -14.07
N ARG C 701 4.19 42.18 -14.58
CA ARG C 701 4.68 41.19 -15.53
C ARG C 701 5.16 41.85 -16.81
N ASN C 702 4.45 42.88 -17.27
CA ASN C 702 4.84 43.59 -18.47
C ASN C 702 6.16 44.33 -18.27
N THR C 703 6.32 44.96 -17.11
CA THR C 703 7.62 45.56 -16.76
C THR C 703 8.72 44.52 -16.83
N ILE C 704 8.48 43.35 -16.21
CA ILE C 704 9.48 42.30 -16.18
C ILE C 704 9.83 41.85 -17.59
N LEU C 705 8.81 41.64 -18.43
CA LEU C 705 9.07 41.21 -19.80
C LEU C 705 9.90 42.23 -20.55
N GLY C 706 9.58 43.51 -20.39
CA GLY C 706 10.33 44.52 -21.09
C GLY C 706 11.78 44.54 -20.68
N LEU C 707 12.05 44.47 -19.37
CA LEU C 707 13.43 44.45 -18.91
C LEU C 707 14.17 43.22 -19.37
N ALA C 708 13.52 42.04 -19.29
CA ALA C 708 14.17 40.81 -19.72
C ALA C 708 14.46 40.82 -21.21
N SER C 709 13.67 41.55 -21.99
CA SER C 709 13.89 41.54 -23.44
C SER C 709 15.24 42.14 -23.79
N GLN C 710 15.64 43.19 -23.10
CA GLN C 710 16.88 43.91 -23.43
C GLN C 710 18.06 43.46 -22.58
N ASP C 711 17.94 42.36 -21.84
CA ASP C 711 19.06 41.79 -21.10
C ASP C 711 19.74 40.72 -21.95
N LYS C 712 21.03 40.91 -22.22
CA LYS C 712 21.73 40.10 -23.20
C LYS C 712 21.95 38.66 -22.74
N ARG C 713 21.72 38.34 -21.48
CA ARG C 713 21.88 36.98 -21.01
C ARG C 713 20.63 36.12 -21.22
N LEU C 714 19.58 36.66 -21.80
CA LEU C 714 18.36 35.91 -21.94
C LEU C 714 17.84 35.92 -23.34
N VAL C 715 17.03 34.94 -23.66
CA VAL C 715 16.40 34.87 -24.97
C VAL C 715 15.02 34.23 -24.81
N GLY C 716 14.06 34.68 -25.61
CA GLY C 716 12.79 34.02 -25.68
C GLY C 716 11.93 34.15 -24.46
N VAL C 717 12.13 35.17 -23.63
CA VAL C 717 11.33 35.33 -22.43
C VAL C 717 9.91 35.67 -22.84
N ARG C 718 8.94 34.98 -22.25
CA ARG C 718 7.56 35.04 -22.71
C ARG C 718 6.65 34.68 -21.54
N PRO C 719 5.38 35.05 -21.61
CA PRO C 719 4.41 34.51 -20.65
C PRO C 719 3.91 33.15 -21.08
N ASN C 720 3.68 32.30 -20.10
CA ASN C 720 3.17 30.95 -20.31
C ASN C 720 1.74 30.92 -19.79
N GLY C 721 0.80 31.30 -20.63
CA GLY C 721 -0.59 31.35 -20.24
C GLY C 721 -1.46 31.91 -21.33
N GLN C 722 -2.43 32.74 -20.97
CA GLN C 722 -3.30 33.38 -21.94
C GLN C 722 -3.46 34.84 -21.56
N GLU C 723 -3.64 35.68 -22.56
CA GLU C 723 -3.68 37.11 -22.40
C GLU C 723 -5.12 37.61 -22.31
N ASP C 724 -5.31 38.71 -21.58
CA ASP C 724 -6.64 39.29 -21.44
C ASP C 724 -7.23 39.57 -22.82
N THR C 725 -8.48 39.19 -23.00
CA THR C 725 -9.10 39.16 -24.32
C THR C 725 -10.42 39.90 -24.27
N PRO C 726 -10.87 40.45 -25.39
CA PRO C 726 -12.27 40.88 -25.48
C PRO C 726 -13.23 39.71 -25.26
N GLN C 727 -14.29 39.98 -24.51
CA GLN C 727 -15.32 39.00 -24.22
C GLN C 727 -16.68 39.65 -24.40
N TYR C 728 -17.65 38.90 -24.88
CA TYR C 728 -18.99 39.40 -25.03
C TYR C 728 -19.81 39.02 -23.81
N GLN C 729 -20.51 40.00 -23.23
CA GLN C 729 -21.24 39.83 -21.99
C GLN C 729 -22.73 40.01 -22.26
N ILE C 730 -23.52 39.06 -21.79
CA ILE C 730 -24.95 39.12 -21.97
C ILE C 730 -25.65 39.36 -20.67
N ASN C 731 -26.45 40.41 -20.63
CA ASN C 731 -27.20 40.80 -19.45
C ASN C 731 -28.66 40.43 -19.70
N VAL C 732 -29.16 39.48 -18.93
CA VAL C 732 -30.54 39.03 -19.04
C VAL C 732 -31.38 39.82 -18.08
N ASP C 733 -32.42 40.46 -18.60
CA ASP C 733 -33.37 41.16 -17.74
C ASP C 733 -34.31 40.14 -17.14
N GLN C 734 -34.19 39.93 -15.82
CA GLN C 734 -35.12 39.04 -15.15
C GLN C 734 -36.50 39.68 -15.04
N ALA C 735 -36.55 41.00 -14.88
CA ALA C 735 -37.84 41.66 -14.76
C ALA C 735 -38.64 41.51 -16.04
N GLN C 736 -38.04 41.88 -17.18
CA GLN C 736 -38.74 41.76 -18.45
C GLN C 736 -39.04 40.31 -18.77
N ALA C 737 -38.10 39.43 -18.47
CA ALA C 737 -38.33 38.01 -18.77
C ALA C 737 -39.53 37.50 -18.00
N GLY C 738 -39.62 37.82 -16.71
CA GLY C 738 -40.78 37.38 -15.95
C GLY C 738 -42.07 38.01 -16.43
N ALA C 739 -42.02 39.29 -16.81
CA ALA C 739 -43.23 39.96 -17.28
C ALA C 739 -43.72 39.35 -18.59
N MET C 740 -42.78 38.96 -19.47
CA MET C 740 -43.09 38.37 -20.76
C MET C 740 -43.52 36.92 -20.66
N GLY C 741 -43.38 36.28 -19.50
CA GLY C 741 -43.77 34.90 -19.33
C GLY C 741 -42.68 33.88 -19.57
N VAL C 742 -41.43 34.33 -19.69
CA VAL C 742 -40.32 33.48 -20.09
C VAL C 742 -39.47 33.13 -18.87
N SER C 743 -39.08 31.87 -18.75
CA SER C 743 -38.29 31.39 -17.62
C SER C 743 -36.82 31.29 -17.98
N ILE C 744 -35.96 31.71 -17.04
CA ILE C 744 -34.53 31.73 -17.31
C ILE C 744 -34.01 30.32 -17.50
N ALA C 745 -34.64 29.32 -16.89
CA ALA C 745 -34.21 27.94 -17.08
C ALA C 745 -34.46 27.48 -18.52
N GLU C 746 -35.60 27.86 -19.08
CA GLU C 746 -35.86 27.59 -20.50
C GLU C 746 -34.88 28.34 -21.38
N ILE C 747 -34.53 29.58 -21.01
CA ILE C 747 -33.53 30.33 -21.77
C ILE C 747 -32.21 29.59 -21.76
N ASN C 748 -31.82 29.06 -20.60
CA ASN C 748 -30.58 28.30 -20.54
C ASN C 748 -30.64 27.13 -21.49
N ASN C 749 -31.73 26.37 -21.43
CA ASN C 749 -31.81 25.19 -22.28
C ASN C 749 -31.70 25.55 -23.76
N THR C 750 -32.48 26.55 -24.19
CA THR C 750 -32.48 26.90 -25.61
C THR C 750 -31.12 27.43 -26.06
N MET C 751 -30.58 28.43 -25.37
CA MET C 751 -29.33 29.04 -25.85
C MET C 751 -28.18 28.08 -25.73
N ARG C 752 -28.15 27.27 -24.67
CA ARG C 752 -27.09 26.30 -24.47
C ARG C 752 -27.06 25.30 -25.61
N ILE C 753 -28.20 24.66 -25.90
CA ILE C 753 -28.21 23.70 -26.99
C ILE C 753 -27.92 24.39 -28.32
N ALA C 754 -28.47 25.59 -28.52
CA ALA C 754 -28.38 26.25 -29.82
C ALA C 754 -26.95 26.64 -30.16
N TRP C 755 -26.27 27.33 -29.23
CA TRP C 755 -24.94 27.85 -29.53
C TRP C 755 -23.83 26.89 -29.13
N GLY C 756 -23.94 26.26 -27.96
CA GLY C 756 -22.87 25.42 -27.48
C GLY C 756 -22.89 24.00 -28.00
N GLY C 757 -24.07 23.45 -28.22
CA GLY C 757 -24.21 22.06 -28.60
C GLY C 757 -24.44 21.14 -27.42
N SER C 758 -24.95 19.96 -27.72
CA SER C 758 -25.25 18.97 -26.70
C SER C 758 -25.12 17.58 -27.29
N TYR C 759 -24.56 16.67 -26.51
CA TYR C 759 -24.59 15.26 -26.80
C TYR C 759 -25.86 14.70 -26.19
N ILE C 760 -26.74 14.16 -27.01
CA ILE C 760 -28.06 13.75 -26.56
C ILE C 760 -28.03 12.29 -26.14
N ASN C 761 -27.81 11.40 -27.09
CA ASN C 761 -27.71 9.98 -26.82
C ASN C 761 -26.93 9.34 -27.95
N ASP C 762 -26.87 8.02 -27.93
CA ASP C 762 -26.09 7.27 -28.87
C ASP C 762 -26.84 6.53 -29.94
N PHE C 763 -26.18 6.36 -31.07
CA PHE C 763 -26.62 5.47 -32.13
C PHE C 763 -25.47 4.54 -32.46
N VAL C 764 -25.76 3.45 -33.15
CA VAL C 764 -24.75 2.43 -33.41
C VAL C 764 -24.37 2.46 -34.89
N ASP C 765 -23.07 2.53 -35.15
CA ASP C 765 -22.51 2.52 -36.50
C ASP C 765 -21.58 1.33 -36.62
N ARG C 766 -21.90 0.43 -37.55
CA ARG C 766 -21.06 -0.72 -37.84
C ARG C 766 -20.73 -1.50 -36.57
N GLY C 767 -21.70 -1.59 -35.67
CA GLY C 767 -21.49 -2.29 -34.44
C GLY C 767 -20.71 -1.53 -33.39
N ARG C 768 -20.54 -0.23 -33.56
CA ARG C 768 -19.89 0.60 -32.56
C ARG C 768 -20.87 1.68 -32.13
N VAL C 769 -20.90 1.96 -30.83
CA VAL C 769 -21.79 2.98 -30.30
C VAL C 769 -21.11 4.33 -30.45
N LYS C 770 -21.74 5.23 -31.18
CA LYS C 770 -21.25 6.57 -31.42
C LYS C 770 -22.33 7.56 -30.99
N LYS C 771 -22.01 8.85 -31.06
CA LYS C 771 -22.81 9.88 -30.41
C LYS C 771 -23.68 10.67 -31.38
N VAL C 772 -24.76 11.22 -30.84
CA VAL C 772 -25.67 12.11 -31.56
C VAL C 772 -25.58 13.50 -30.94
N TYR C 773 -25.29 14.50 -31.77
CA TYR C 773 -25.14 15.88 -31.33
C TYR C 773 -26.17 16.78 -31.99
N VAL C 774 -26.78 17.67 -31.19
CA VAL C 774 -27.66 18.71 -31.68
C VAL C 774 -27.02 20.06 -31.37
N GLN C 775 -26.95 20.98 -32.34
CA GLN C 775 -26.39 22.32 -32.17
C GLN C 775 -26.97 23.16 -33.30
N GLY C 776 -26.98 24.47 -33.12
CA GLY C 776 -27.42 25.38 -34.14
C GLY C 776 -26.39 25.36 -35.26
N ASP C 777 -26.83 25.57 -36.48
CA ASP C 777 -25.99 25.61 -37.65
C ASP C 777 -25.02 26.79 -37.57
N ALA C 778 -23.87 26.68 -38.21
CA ALA C 778 -22.79 27.66 -38.12
C ALA C 778 -23.19 29.06 -38.52
N GLY C 779 -24.05 29.22 -39.50
CA GLY C 779 -24.50 30.54 -39.91
C GLY C 779 -25.25 31.34 -38.87
N SER C 780 -25.88 30.69 -37.89
CA SER C 780 -26.58 31.33 -36.83
C SER C 780 -25.81 31.49 -35.54
N ARG C 781 -24.52 31.19 -35.49
CA ARG C 781 -23.83 31.34 -34.24
C ARG C 781 -22.46 31.96 -34.35
N MET C 782 -22.27 32.89 -35.28
CA MET C 782 -20.95 33.47 -35.51
C MET C 782 -20.76 34.81 -34.83
N MET C 783 -21.75 35.71 -34.91
CA MET C 783 -21.58 37.09 -34.47
C MET C 783 -22.75 37.52 -33.61
N PRO C 784 -22.58 38.61 -32.85
CA PRO C 784 -23.63 39.01 -31.90
C PRO C 784 -24.95 39.35 -32.56
N GLU C 785 -24.96 39.67 -33.85
CA GLU C 785 -26.22 39.85 -34.55
C GLU C 785 -27.04 38.57 -34.54
N ASP C 786 -26.36 37.42 -34.55
CA ASP C 786 -27.03 36.15 -34.66
C ASP C 786 -27.70 35.70 -33.37
N LEU C 787 -27.51 36.43 -32.27
CA LEU C 787 -28.34 36.21 -31.10
C LEU C 787 -29.78 36.58 -31.37
N ASN C 788 -30.01 37.50 -32.30
CA ASN C 788 -31.35 37.96 -32.62
C ASN C 788 -32.12 36.97 -33.47
N LYS C 789 -31.53 35.84 -33.80
CA LYS C 789 -32.22 34.84 -34.62
C LYS C 789 -33.05 33.87 -33.80
N TRP C 790 -32.67 33.65 -32.53
CA TRP C 790 -33.26 32.62 -31.63
C TRP C 790 -34.37 33.04 -30.70
N TYR C 791 -35.39 32.19 -30.57
CA TYR C 791 -36.63 32.49 -29.87
C TYR C 791 -36.85 31.51 -28.73
N VAL C 792 -37.48 31.99 -27.66
CA VAL C 792 -37.83 31.19 -26.51
C VAL C 792 -39.35 31.12 -26.43
N ARG C 793 -39.86 29.99 -25.98
CA ARG C 793 -41.30 29.78 -25.86
C ARG C 793 -41.71 30.01 -24.42
N ASN C 794 -42.66 30.93 -24.22
CA ASN C 794 -43.05 31.34 -22.88
C ASN C 794 -44.11 30.40 -22.32
N ASN C 795 -44.57 30.70 -21.10
CA ASN C 795 -45.55 29.85 -20.45
C ASN C 795 -46.87 29.79 -21.22
N LYS C 796 -47.18 30.83 -21.99
CA LYS C 796 -48.37 30.79 -22.82
C LYS C 796 -48.17 29.96 -24.07
N GLY C 797 -46.94 29.55 -24.37
CA GLY C 797 -46.67 28.74 -25.53
C GLY C 797 -46.30 29.52 -26.78
N GLU C 798 -46.23 30.84 -26.70
CA GLU C 798 -45.81 31.65 -27.83
C GLU C 798 -44.31 31.88 -27.79
N MET C 799 -43.78 32.35 -28.91
CA MET C 799 -42.34 32.53 -29.06
C MET C 799 -42.01 34.00 -28.92
N VAL C 800 -41.02 34.31 -28.09
CA VAL C 800 -40.59 35.69 -27.89
C VAL C 800 -39.09 35.77 -28.19
N PRO C 801 -38.64 36.74 -28.99
CA PRO C 801 -37.24 36.76 -29.40
C PRO C 801 -36.29 37.04 -28.25
N PHE C 802 -35.06 36.57 -28.42
CA PHE C 802 -34.02 36.79 -27.43
C PHE C 802 -33.78 38.27 -27.19
N SER C 803 -34.06 39.10 -28.21
CA SER C 803 -33.87 40.54 -28.07
C SER C 803 -34.76 41.13 -27.00
N ALA C 804 -35.90 40.49 -26.72
CA ALA C 804 -36.91 41.07 -25.85
C ALA C 804 -36.46 41.14 -24.40
N PHE C 805 -35.46 40.35 -24.00
CA PHE C 805 -35.07 40.31 -22.60
C PHE C 805 -33.56 40.28 -22.34
N ALA C 806 -32.72 40.42 -23.36
CA ALA C 806 -31.27 40.39 -23.17
C ALA C 806 -30.63 41.46 -24.05
N THR C 807 -29.45 41.93 -23.64
CA THR C 807 -28.81 43.05 -24.31
C THR C 807 -27.49 42.70 -24.99
N GLY C 808 -26.48 42.25 -24.24
CA GLY C 808 -25.17 42.02 -24.82
C GLY C 808 -24.27 43.23 -24.88
N GLU C 809 -22.99 43.06 -24.54
CA GLU C 809 -22.01 44.14 -24.61
C GLU C 809 -20.61 43.53 -24.68
N TRP C 810 -19.67 44.30 -25.20
CA TRP C 810 -18.28 43.87 -25.31
C TRP C 810 -17.51 44.32 -24.09
N THR C 811 -16.76 43.40 -23.50
CA THR C 811 -15.98 43.67 -22.30
C THR C 811 -14.54 43.20 -22.51
N TYR C 812 -13.71 43.37 -21.49
CA TYR C 812 -12.30 42.99 -21.54
C TYR C 812 -11.94 42.31 -20.23
N GLY C 813 -11.55 41.05 -20.30
CA GLY C 813 -11.30 40.30 -19.08
C GLY C 813 -10.33 39.17 -19.31
N SER C 814 -9.91 38.57 -18.22
CA SER C 814 -8.95 37.48 -18.30
C SER C 814 -9.65 36.19 -18.69
N PRO C 815 -9.17 35.50 -19.73
CA PRO C 815 -9.72 34.15 -19.99
C PRO C 815 -9.36 33.14 -18.92
N ARG C 816 -8.18 33.25 -18.31
CA ARG C 816 -7.64 32.19 -17.46
C ARG C 816 -6.89 32.82 -16.30
N LEU C 817 -7.31 32.51 -15.07
CA LEU C 817 -6.67 33.02 -13.86
C LEU C 817 -5.88 31.90 -13.19
N GLU C 818 -4.69 32.24 -12.71
CA GLU C 818 -3.73 31.27 -12.19
C GLU C 818 -3.42 31.57 -10.72
N ARG C 819 -3.17 30.53 -9.95
CA ARG C 819 -2.77 30.68 -8.57
C ARG C 819 -1.61 29.77 -8.30
N TYR C 820 -0.59 30.19 -7.57
CA TYR C 820 0.51 29.27 -7.38
C TYR C 820 0.50 28.55 -6.04
N ASN C 821 0.39 29.26 -4.94
CA ASN C 821 0.27 28.55 -3.68
C ASN C 821 -0.75 29.36 -2.91
N GLY C 822 -2.03 29.39 -3.32
CA GLY C 822 -2.97 30.24 -2.70
C GLY C 822 -2.89 31.68 -3.04
N VAL C 823 -2.06 32.05 -3.99
CA VAL C 823 -1.91 33.45 -4.31
C VAL C 823 -2.09 33.63 -5.79
N SER C 824 -2.73 34.71 -6.23
CA SER C 824 -2.92 34.97 -7.64
C SER C 824 -1.57 35.08 -8.26
N SER C 825 -1.38 34.48 -9.44
CA SER C 825 -0.07 34.49 -10.04
C SER C 825 0.04 34.44 -11.57
N VAL C 826 1.25 34.69 -12.14
CA VAL C 826 1.46 34.47 -13.56
C VAL C 826 2.80 33.75 -13.73
N ASN C 827 2.95 32.97 -14.78
CA ASN C 827 4.13 32.17 -15.04
C ASN C 827 4.97 32.79 -16.12
N ILE C 828 6.28 32.91 -15.94
CA ILE C 828 7.16 33.46 -16.94
C ILE C 828 8.23 32.42 -17.26
N GLN C 829 8.52 32.16 -18.52
CA GLN C 829 9.52 31.17 -18.90
C GLN C 829 10.51 31.78 -19.86
N GLY C 830 11.64 31.11 -20.19
CA GLY C 830 12.63 31.60 -21.12
C GLY C 830 13.87 30.72 -21.09
N THR C 831 14.89 31.16 -21.83
CA THR C 831 16.11 30.41 -22.06
C THR C 831 17.34 31.22 -21.68
N PRO C 832 18.41 30.56 -21.24
CA PRO C 832 19.72 31.23 -21.22
C PRO C 832 20.19 31.55 -22.62
N ALA C 833 20.83 32.69 -22.77
CA ALA C 833 21.37 33.05 -24.07
C ALA C 833 22.56 32.14 -24.38
N PRO C 834 22.92 32.02 -25.65
CA PRO C 834 24.08 31.20 -26.00
C PRO C 834 25.32 31.65 -25.26
N GLY C 835 26.05 30.69 -24.70
CA GLY C 835 27.20 30.99 -23.88
C GLY C 835 26.89 31.29 -22.44
N VAL C 836 25.65 31.13 -22.01
CA VAL C 836 25.23 31.47 -20.65
C VAL C 836 24.71 30.20 -19.98
N SER C 837 24.97 30.09 -18.68
CA SER C 837 24.55 28.92 -17.93
C SER C 837 23.16 29.11 -17.32
N SER C 838 22.54 27.99 -16.99
CA SER C 838 21.24 28.00 -16.35
C SER C 838 21.25 28.89 -15.11
N GLY C 839 22.25 28.72 -14.24
CA GLY C 839 22.34 29.55 -13.05
C GLY C 839 22.50 31.02 -13.34
N ASP C 840 23.31 31.36 -14.34
CA ASP C 840 23.52 32.76 -14.70
C ASP C 840 22.24 33.41 -15.19
N ALA C 841 21.44 32.68 -15.97
CA ALA C 841 20.15 33.18 -16.41
C ALA C 841 19.20 33.39 -15.24
N MET C 842 19.20 32.46 -14.30
CA MET C 842 18.36 32.59 -13.14
C MET C 842 18.76 33.82 -12.37
N LYS C 843 20.05 34.08 -12.24
CA LYS C 843 20.50 35.27 -11.57
C LYS C 843 20.04 36.51 -12.31
N ALA C 844 20.14 36.47 -13.62
CA ALA C 844 19.77 37.59 -14.43
C ALA C 844 18.33 37.95 -14.23
N MET C 845 17.47 36.95 -14.17
CA MET C 845 16.06 37.13 -14.00
C MET C 845 15.73 37.81 -12.71
N GLU C 846 16.42 37.43 -11.67
CA GLU C 846 16.25 37.94 -10.33
C GLU C 846 16.62 39.35 -10.07
N GLU C 847 17.64 39.79 -10.76
CA GLU C 847 18.03 41.16 -10.67
C GLU C 847 16.94 42.04 -11.23
N ILE C 848 16.36 41.60 -12.35
CA ILE C 848 15.29 42.28 -13.02
C ILE C 848 14.08 42.39 -12.14
N ILE C 849 13.77 41.33 -11.41
CA ILE C 849 12.66 41.31 -10.46
C ILE C 849 12.93 42.28 -9.31
N GLY C 850 14.20 42.40 -8.93
CA GLY C 850 14.68 43.34 -7.95
C GLY C 850 14.52 44.79 -8.32
N LYS C 851 14.31 45.11 -9.59
CA LYS C 851 14.09 46.51 -9.97
C LYS C 851 12.62 46.93 -9.88
N LEU C 852 11.71 46.03 -9.53
CA LEU C 852 10.31 46.41 -9.46
C LEU C 852 10.04 47.48 -8.41
N PRO C 853 10.53 47.36 -7.18
CA PRO C 853 10.22 48.40 -6.19
C PRO C 853 10.65 49.80 -6.59
N SER C 854 11.76 49.94 -7.31
CA SER C 854 12.22 51.24 -7.76
C SER C 854 11.41 51.77 -8.93
N MET C 855 10.53 50.97 -9.52
CA MET C 855 9.65 51.42 -10.57
C MET C 855 8.22 51.62 -10.09
N GLY C 856 8.02 51.71 -8.77
CA GLY C 856 6.71 51.95 -8.25
C GLY C 856 5.83 50.73 -8.15
N LEU C 857 6.38 49.54 -8.28
CA LEU C 857 5.65 48.30 -8.13
C LEU C 857 6.14 47.59 -6.89
N GLN C 858 5.25 47.40 -5.92
CA GLN C 858 5.61 46.89 -4.61
C GLN C 858 4.88 45.59 -4.34
N GLY C 859 5.47 44.80 -3.46
CA GLY C 859 4.82 43.62 -2.93
C GLY C 859 4.58 42.50 -3.91
N PHE C 860 5.54 42.23 -4.77
CA PHE C 860 5.47 41.11 -5.69
C PHE C 860 6.64 40.18 -5.41
N ASP C 861 6.36 38.90 -5.28
CA ASP C 861 7.36 37.89 -4.99
C ASP C 861 7.26 36.77 -6.00
N TYR C 862 8.37 36.07 -6.15
CA TYR C 862 8.49 35.05 -7.12
C TYR C 862 8.83 33.72 -6.47
N GLU C 863 8.73 32.62 -7.19
CA GLU C 863 9.06 31.34 -6.58
C GLU C 863 9.91 30.26 -7.25
N TRP C 864 10.40 30.39 -8.47
CA TRP C 864 11.21 29.30 -9.11
C TRP C 864 10.63 27.88 -9.07
N THR C 865 9.60 27.59 -9.82
CA THR C 865 8.98 26.27 -9.88
C THR C 865 9.67 25.26 -10.85
N GLY C 866 9.23 24.02 -10.81
CA GLY C 866 9.68 22.99 -11.72
C GLY C 866 11.14 22.59 -11.78
N LEU C 867 11.75 22.65 -12.94
CA LEU C 867 13.15 22.34 -13.09
C LEU C 867 14.05 23.31 -12.38
N SER C 868 13.65 24.56 -12.33
CA SER C 868 14.39 25.59 -11.67
C SER C 868 14.40 25.30 -10.20
N LEU C 869 13.32 24.74 -9.69
CA LEU C 869 13.27 24.40 -8.31
C LEU C 869 14.31 23.31 -8.07
N GLU C 870 14.37 22.32 -8.95
CA GLU C 870 15.30 21.25 -8.80
C GLU C 870 16.72 21.74 -8.81
N GLU C 871 17.03 22.69 -9.66
CA GLU C 871 18.36 23.24 -9.71
C GLU C 871 18.81 23.94 -8.45
N ARG C 872 17.96 24.76 -7.89
CA ARG C 872 18.31 25.50 -6.72
C ARG C 872 18.58 24.57 -5.52
N GLU C 873 17.77 23.53 -5.37
CA GLU C 873 17.90 22.58 -4.30
C GLU C 873 19.19 21.80 -4.40
N SER C 874 19.59 21.42 -5.59
CA SER C 874 20.84 20.71 -5.76
C SER C 874 22.08 21.56 -5.45
N GLY C 875 22.06 22.83 -5.83
CA GLY C 875 23.18 23.70 -5.62
C GLY C 875 23.43 23.93 -4.16
N ALA C 876 22.33 24.08 -3.45
CA ALA C 876 22.32 24.33 -2.04
C ALA C 876 22.93 23.28 -1.16
N GLN C 877 22.80 22.01 -1.47
CA GLN C 877 23.28 21.02 -0.51
C GLN C 877 24.70 20.54 -0.73
N ALA C 878 25.43 21.07 -1.71
CA ALA C 878 26.83 20.68 -1.87
C ALA C 878 27.67 20.94 -0.63
N PRO C 879 27.57 22.06 0.07
CA PRO C 879 28.44 22.26 1.23
C PRO C 879 28.27 21.22 2.31
N PHE C 880 27.03 20.79 2.59
CA PHE C 880 26.83 19.73 3.56
C PHE C 880 27.42 18.42 3.07
N LEU C 881 27.29 18.13 1.78
CA LEU C 881 27.85 16.90 1.23
C LEU C 881 29.37 16.88 1.37
N TYR C 882 30.03 17.97 1.02
CA TYR C 882 31.48 18.03 1.19
C TYR C 882 31.87 17.88 2.65
N ALA C 883 31.18 18.59 3.55
CA ALA C 883 31.52 18.53 4.96
C ALA C 883 31.34 17.12 5.52
N LEU C 884 30.23 16.47 5.20
CA LEU C 884 29.98 15.13 5.70
C LEU C 884 31.00 14.13 5.16
N SER C 885 31.35 14.23 3.88
CA SER C 885 32.34 13.31 3.35
C SER C 885 33.68 13.48 4.05
N LEU C 886 34.10 14.74 4.23
CA LEU C 886 35.37 15.00 4.91
C LEU C 886 35.33 14.46 6.34
N LEU C 887 34.21 14.65 7.04
CA LEU C 887 34.11 14.20 8.41
C LEU C 887 34.21 12.68 8.51
N ILE C 888 33.49 11.96 7.65
CA ILE C 888 33.50 10.50 7.75
C ILE C 888 34.89 9.95 7.46
N VAL C 889 35.59 10.54 6.49
CA VAL C 889 36.95 10.08 6.24
C VAL C 889 37.84 10.36 7.43
N PHE C 890 37.73 11.57 8.01
CA PHE C 890 38.50 11.89 9.21
C PHE C 890 38.30 10.82 10.29
N LEU C 891 37.03 10.46 10.54
CA LEU C 891 36.73 9.53 11.64
C LEU C 891 37.21 8.12 11.35
N CYS C 892 37.04 7.64 10.13
CA CYS C 892 37.55 6.31 9.82
C CYS C 892 39.07 6.26 9.94
N LEU C 893 39.76 7.30 9.48
CA LEU C 893 41.20 7.34 9.64
C LEU C 893 41.59 7.32 11.11
N ALA C 894 40.86 8.07 11.94
CA ALA C 894 41.17 8.06 13.36
C ALA C 894 41.00 6.67 13.94
N ALA C 895 39.90 6.00 13.61
CA ALA C 895 39.66 4.68 14.17
C ALA C 895 40.70 3.66 13.72
N LEU C 896 41.05 3.67 12.43
CA LEU C 896 41.92 2.64 11.90
C LEU C 896 43.35 2.76 12.41
N TYR C 897 43.86 3.98 12.55
CA TYR C 897 45.25 4.18 12.90
C TYR C 897 45.45 4.65 14.33
N GLU C 898 44.39 4.64 15.13
CA GLU C 898 44.53 4.90 16.56
C GLU C 898 45.32 6.17 16.83
N SER C 899 44.93 7.23 16.14
CA SER C 899 45.63 8.51 16.22
C SER C 899 44.63 9.64 15.99
N TRP C 900 45.06 10.85 16.31
CA TRP C 900 44.41 12.05 15.81
C TRP C 900 45.28 12.83 14.85
N SER C 901 46.60 12.67 14.93
CA SER C 901 47.51 13.41 14.06
C SER C 901 47.42 12.92 12.62
N ILE C 902 47.32 11.61 12.41
CA ILE C 902 47.25 11.08 11.05
C ILE C 902 46.03 11.62 10.32
N PRO C 903 44.82 11.56 10.86
CA PRO C 903 43.67 12.13 10.14
C PRO C 903 43.83 13.59 9.81
N PHE C 904 44.35 14.41 10.71
CA PHE C 904 44.55 15.82 10.41
C PHE C 904 45.56 16.00 9.29
N SER C 905 46.65 15.23 9.33
CA SER C 905 47.60 15.26 8.24
C SER C 905 46.91 14.98 6.91
N VAL C 906 46.11 13.93 6.87
CA VAL C 906 45.55 13.50 5.61
C VAL C 906 44.56 14.52 5.08
N LEU C 907 43.75 15.10 5.96
CA LEU C 907 42.76 16.06 5.48
C LEU C 907 43.42 17.39 5.12
N LEU C 908 44.62 17.62 5.62
CA LEU C 908 45.29 18.83 5.26
C LEU C 908 45.72 18.87 3.81
N VAL C 909 45.88 17.72 3.17
CA VAL C 909 46.26 17.75 1.77
C VAL C 909 45.13 17.71 0.78
N VAL C 910 43.90 17.59 1.24
CA VAL C 910 42.76 17.60 0.35
C VAL C 910 42.69 18.84 -0.56
N PRO C 911 42.98 20.08 -0.07
CA PRO C 911 42.87 21.16 -1.07
C PRO C 911 43.74 21.08 -2.31
N LEU C 912 44.89 20.44 -2.25
CA LEU C 912 45.76 20.28 -3.40
C LEU C 912 45.09 19.41 -4.46
N GLY C 913 44.38 18.37 -4.03
CA GLY C 913 43.68 17.56 -4.98
C GLY C 913 42.53 18.34 -5.56
N VAL C 914 41.77 19.02 -4.72
CA VAL C 914 40.60 19.76 -5.15
C VAL C 914 40.91 20.91 -6.05
N ILE C 915 42.02 21.59 -5.82
CA ILE C 915 42.34 22.75 -6.63
C ILE C 915 42.49 22.37 -8.09
N GLY C 916 43.03 21.23 -8.49
CA GLY C 916 43.09 20.93 -9.90
C GLY C 916 41.76 20.80 -10.57
N ALA C 917 40.83 20.12 -9.94
CA ALA C 917 39.50 19.93 -10.50
C ALA C 917 38.86 21.27 -10.85
N ILE C 918 38.88 22.21 -9.90
CA ILE C 918 38.23 23.49 -10.16
C ILE C 918 38.94 24.22 -11.29
N VAL C 919 40.27 24.21 -11.28
CA VAL C 919 41.04 24.94 -12.29
C VAL C 919 40.76 24.40 -13.67
N LEU C 920 40.80 23.08 -13.82
CA LEU C 920 40.63 22.52 -15.16
C LEU C 920 39.21 22.72 -15.66
N THR C 921 38.21 22.55 -14.79
CA THR C 921 36.84 22.78 -15.25
C THR C 921 36.66 24.22 -15.70
N TYR C 922 37.18 25.18 -14.92
CA TYR C 922 37.04 26.59 -15.31
C TYR C 922 37.75 26.87 -16.63
N LEU C 923 38.99 26.42 -16.77
CA LEU C 923 39.75 26.68 -17.99
C LEU C 923 39.09 26.04 -19.20
N GLY C 924 38.63 24.80 -19.05
CA GLY C 924 37.95 24.16 -20.16
C GLY C 924 36.71 24.91 -20.56
N MET C 925 35.95 25.41 -19.58
CA MET C 925 34.79 26.22 -19.90
C MET C 925 35.18 27.44 -20.72
N ILE C 926 36.19 28.18 -20.27
CA ILE C 926 36.49 29.45 -20.90
C ILE C 926 37.06 29.25 -22.30
N ILE C 927 37.96 28.27 -22.48
CA ILE C 927 38.56 28.09 -23.79
C ILE C 927 37.59 27.41 -24.75
N LYS C 928 36.87 26.39 -24.27
CA LYS C 928 35.93 25.70 -25.14
C LYS C 928 34.73 26.57 -25.48
N GLY C 929 34.35 27.49 -24.61
CA GLY C 929 33.12 28.21 -24.79
C GLY C 929 31.90 27.41 -24.43
N ASP C 930 32.05 26.37 -23.62
CA ASP C 930 30.95 25.47 -23.29
C ASP C 930 30.40 25.86 -21.93
N PRO C 931 29.13 26.27 -21.83
CA PRO C 931 28.54 26.52 -20.51
C PRO C 931 28.09 25.26 -19.79
N ASN C 932 28.20 24.09 -20.41
CA ASN C 932 27.90 22.85 -19.72
C ASN C 932 28.98 22.44 -18.75
N LEU C 933 30.22 22.92 -18.96
CA LEU C 933 31.27 22.75 -17.97
C LEU C 933 31.00 23.77 -16.90
N SER C 934 30.25 23.38 -15.87
CA SER C 934 29.84 24.31 -14.85
C SER C 934 29.85 23.62 -13.50
N ASN C 935 29.35 24.32 -12.49
CA ASN C 935 29.16 23.77 -11.15
C ASN C 935 27.80 23.06 -11.11
N ASN C 936 27.74 21.93 -11.80
CA ASN C 936 26.56 21.09 -11.85
C ASN C 936 26.74 19.91 -10.90
N ILE C 937 25.82 18.95 -10.97
CA ILE C 937 25.82 17.86 -10.01
C ILE C 937 26.86 16.80 -10.33
N TYR C 938 27.26 16.67 -11.58
CA TYR C 938 28.35 15.78 -11.94
C TYR C 938 29.70 16.30 -11.46
N PHE C 939 29.85 17.62 -11.44
CA PHE C 939 31.03 18.22 -10.82
C PHE C 939 31.12 17.88 -9.35
N GLN C 940 29.99 17.78 -8.65
CA GLN C 940 30.02 17.46 -7.23
C GLN C 940 30.53 16.04 -6.98
N VAL C 941 30.10 15.08 -7.79
CA VAL C 941 30.61 13.72 -7.62
C VAL C 941 32.08 13.67 -8.00
N ALA C 942 32.49 14.41 -9.02
CA ALA C 942 33.91 14.45 -9.35
C ALA C 942 34.72 15.01 -8.19
N ILE C 943 34.21 16.02 -7.51
CA ILE C 943 34.91 16.59 -6.36
C ILE C 943 35.04 15.56 -5.25
N ILE C 944 33.96 14.83 -4.98
CA ILE C 944 34.03 13.79 -3.96
C ILE C 944 35.08 12.74 -4.33
N ALA C 945 35.11 12.35 -5.60
CA ALA C 945 36.10 11.38 -6.06
C ALA C 945 37.52 11.90 -5.87
N VAL C 946 37.73 13.19 -6.13
CA VAL C 946 39.05 13.77 -5.98
C VAL C 946 39.46 13.83 -4.51
N ILE C 947 38.49 14.11 -3.62
CA ILE C 947 38.79 14.07 -2.19
C ILE C 947 39.26 12.68 -1.79
N GLY C 948 38.57 11.66 -2.29
CA GLY C 948 38.99 10.30 -2.01
C GLY C 948 40.39 10.00 -2.52
N LEU C 949 40.71 10.43 -3.72
CA LEU C 949 42.03 10.17 -4.30
C LEU C 949 43.12 10.84 -3.47
N SER C 950 42.82 12.03 -2.99
CA SER C 950 43.76 12.76 -2.19
C SER C 950 44.03 12.06 -0.89
N ALA C 951 42.98 11.57 -0.27
CA ALA C 951 43.18 10.88 1.00
C ALA C 951 43.95 9.57 0.81
N LYS C 952 43.64 8.84 -0.26
CA LYS C 952 44.31 7.58 -0.56
C LYS C 952 45.82 7.77 -0.72
N ASN C 953 46.21 8.75 -1.53
CA ASN C 953 47.63 9.00 -1.75
C ASN C 953 48.35 9.26 -0.44
N ALA C 954 47.70 9.99 0.46
CA ALA C 954 48.34 10.37 1.72
C ALA C 954 48.45 9.18 2.66
N ILE C 955 47.40 8.37 2.79
CA ILE C 955 47.48 7.23 3.68
C ILE C 955 48.64 6.36 3.26
N LEU C 956 48.81 6.16 1.95
CA LEU C 956 49.84 5.25 1.48
C LEU C 956 51.20 5.56 2.07
N ILE C 957 51.58 6.82 2.15
CA ILE C 957 52.86 7.16 2.71
C ILE C 957 52.88 7.32 4.20
N VAL C 958 51.81 7.83 4.80
CA VAL C 958 51.88 8.11 6.23
C VAL C 958 51.81 6.83 7.04
N GLU C 959 51.01 5.85 6.60
CA GLU C 959 50.92 4.65 7.42
C GLU C 959 52.26 3.90 7.44
N PHE C 960 52.95 3.87 6.31
CA PHE C 960 54.27 3.27 6.24
C PHE C 960 55.27 4.05 7.10
N ALA C 961 55.19 5.38 7.08
CA ALA C 961 56.06 6.19 7.90
C ALA C 961 55.80 5.94 9.38
N LYS C 962 54.54 5.80 9.75
CA LYS C 962 54.20 5.54 11.15
C LYS C 962 54.75 4.20 11.60
N GLU C 963 54.60 3.17 10.78
CA GLU C 963 55.20 1.89 11.11
C GLU C 963 56.71 2.03 11.30
N LEU C 964 57.38 2.66 10.34
CA LEU C 964 58.82 2.84 10.44
C LEU C 964 59.21 3.57 11.72
N GLN C 965 58.38 4.52 12.16
CA GLN C 965 58.66 5.21 13.41
C GLN C 965 58.45 4.31 14.61
N GLU C 966 57.43 3.45 14.57
CA GLU C 966 57.26 2.44 15.60
C GLU C 966 58.50 1.57 15.69
N LYS C 967 59.12 1.26 14.56
CA LYS C 967 60.33 0.45 14.53
C LYS C 967 61.50 1.14 15.22
N GLY C 968 61.42 2.44 15.46
CA GLY C 968 62.52 3.16 16.07
C GLY C 968 63.38 3.91 15.08
N GLU C 969 62.74 4.65 14.19
CA GLU C 969 63.41 5.55 13.26
C GLU C 969 62.92 6.97 13.50
N ASP C 970 63.78 7.94 13.22
CA ASP C 970 63.39 9.33 13.44
C ASP C 970 62.24 9.73 12.53
N LEU C 971 61.43 10.68 13.01
CA LEU C 971 60.30 11.15 12.23
C LEU C 971 60.75 11.54 10.82
N LEU C 972 61.76 12.38 10.73
CA LEU C 972 62.24 12.85 9.45
C LEU C 972 62.76 11.69 8.61
N ASP C 973 63.63 10.86 9.20
CA ASP C 973 64.22 9.78 8.43
C ASP C 973 63.15 8.79 7.98
N ALA C 974 62.27 8.40 8.90
CA ALA C 974 61.25 7.41 8.56
C ALA C 974 60.31 7.92 7.48
N THR C 975 59.88 9.17 7.57
CA THR C 975 58.93 9.68 6.59
C THR C 975 59.60 9.87 5.23
N LEU C 976 60.86 10.31 5.20
CA LEU C 976 61.56 10.36 3.93
C LEU C 976 61.71 8.98 3.31
N HIS C 977 62.03 7.98 4.13
CA HIS C 977 62.17 6.62 3.61
C HIS C 977 60.85 6.13 3.03
N ALA C 978 59.75 6.36 3.76
CA ALA C 978 58.45 5.89 3.29
C ALA C 978 58.04 6.60 2.01
N ALA C 979 58.39 7.87 1.90
CA ALA C 979 58.10 8.62 0.72
C ALA C 979 58.83 7.98 -0.45
N LYS C 980 60.09 7.66 -0.25
CA LYS C 980 60.89 7.05 -1.30
C LYS C 980 60.36 5.73 -1.76
N MET C 981 59.93 4.91 -0.82
CA MET C 981 59.52 3.55 -1.14
C MET C 981 58.14 3.52 -1.78
N ARG C 982 57.26 4.42 -1.40
CA ARG C 982 55.90 4.40 -1.90
C ARG C 982 55.64 5.38 -3.01
N LEU C 983 56.66 6.03 -3.52
CA LEU C 983 56.45 6.99 -4.58
C LEU C 983 56.06 6.34 -5.90
N ARG C 984 56.52 5.10 -6.12
CA ARG C 984 56.19 4.35 -7.33
C ARG C 984 54.77 3.79 -7.49
N PRO C 985 54.22 3.05 -6.49
CA PRO C 985 52.82 2.64 -6.50
C PRO C 985 51.83 3.78 -6.49
N ILE C 986 52.10 4.85 -5.74
CA ILE C 986 51.20 6.01 -5.73
C ILE C 986 51.05 6.57 -7.13
N ILE C 987 52.17 6.81 -7.80
CA ILE C 987 52.10 7.46 -9.11
C ILE C 987 51.39 6.57 -10.11
N MET C 988 51.64 5.26 -10.06
CA MET C 988 50.99 4.40 -11.04
C MET C 988 49.49 4.25 -10.75
N THR C 989 49.09 4.16 -9.48
CA THR C 989 47.65 4.11 -9.18
C THR C 989 46.96 5.41 -9.59
N THR C 990 47.59 6.54 -9.35
CA THR C 990 47.00 7.80 -9.74
C THR C 990 46.86 7.90 -11.26
N LEU C 991 47.89 7.51 -12.01
CA LEU C 991 47.77 7.58 -13.47
C LEU C 991 46.80 6.53 -14.00
N ALA C 992 46.63 5.42 -13.28
CA ALA C 992 45.57 4.49 -13.63
C ALA C 992 44.21 5.17 -13.53
N PHE C 993 43.95 5.82 -12.39
CA PHE C 993 42.69 6.54 -12.23
C PHE C 993 42.55 7.63 -13.29
N GLY C 994 43.67 8.24 -13.69
CA GLY C 994 43.62 9.34 -14.63
C GLY C 994 43.32 8.93 -16.05
N PHE C 995 43.81 7.77 -16.47
CA PHE C 995 43.40 7.25 -17.77
C PHE C 995 42.05 6.54 -17.71
N GLY C 996 41.58 6.20 -16.53
CA GLY C 996 40.30 5.57 -16.38
C GLY C 996 39.19 6.55 -16.68
N VAL C 997 39.42 7.83 -16.48
CA VAL C 997 38.43 8.83 -16.77
C VAL C 997 38.71 9.60 -18.05
N LEU C 998 39.86 9.41 -18.66
CA LEU C 998 40.18 10.15 -19.86
C LEU C 998 39.19 9.94 -21.03
N PRO C 999 38.68 8.72 -21.21
CA PRO C 999 37.67 8.58 -22.26
C PRO C 999 36.39 9.40 -22.05
N LEU C 1000 35.97 9.66 -20.80
CA LEU C 1000 34.80 10.46 -20.51
C LEU C 1000 34.99 11.88 -20.92
N ALA C 1001 36.17 12.42 -20.64
CA ALA C 1001 36.56 13.79 -20.95
C ALA C 1001 36.72 14.03 -22.43
N LEU C 1002 37.05 12.99 -23.16
CA LEU C 1002 37.25 13.05 -24.58
C LEU C 1002 36.12 12.44 -25.36
N SER C 1003 34.97 12.24 -24.73
CA SER C 1003 33.77 11.72 -25.37
C SER C 1003 33.18 12.70 -26.36
N THR C 1004 32.34 12.22 -27.27
CA THR C 1004 31.75 13.08 -28.27
C THR C 1004 30.38 12.53 -28.66
N GLY C 1005 29.33 13.31 -28.37
CA GLY C 1005 27.97 12.98 -28.76
C GLY C 1005 27.29 11.97 -27.86
N ALA C 1006 25.95 12.09 -27.76
CA ALA C 1006 25.11 11.18 -26.98
C ALA C 1006 25.51 11.17 -25.51
N GLY C 1007 25.24 12.29 -24.86
CA GLY C 1007 25.52 12.43 -23.43
C GLY C 1007 26.91 12.91 -23.11
N ALA C 1008 27.59 13.56 -24.05
CA ALA C 1008 28.95 14.02 -23.82
C ALA C 1008 29.04 15.12 -22.77
N GLY C 1009 27.96 15.85 -22.52
CA GLY C 1009 28.05 16.94 -21.55
C GLY C 1009 28.35 16.47 -20.15
N SER C 1010 27.55 15.52 -19.66
CA SER C 1010 27.76 14.97 -18.32
C SER C 1010 29.08 14.23 -18.24
N GLN C 1011 29.42 13.57 -19.32
CA GLN C 1011 30.64 12.85 -19.38
C GLN C 1011 31.80 13.79 -19.25
N HIS C 1012 31.72 14.96 -19.87
CA HIS C 1012 32.82 15.91 -19.77
C HIS C 1012 32.85 16.51 -18.40
N SER C 1013 31.71 16.71 -17.77
CA SER C 1013 31.75 17.25 -16.41
C SER C 1013 32.57 16.33 -15.52
N VAL C 1014 32.19 15.08 -15.41
CA VAL C 1014 32.90 14.12 -14.59
C VAL C 1014 34.35 13.99 -14.99
N GLY C 1015 34.60 13.84 -16.28
CA GLY C 1015 35.92 13.70 -16.82
C GLY C 1015 36.89 14.80 -16.54
N PHE C 1016 36.48 16.03 -16.81
CA PHE C 1016 37.29 17.21 -16.57
C PHE C 1016 37.58 17.37 -15.09
N GLY C 1017 36.56 17.19 -14.24
CA GLY C 1017 36.80 17.30 -12.82
C GLY C 1017 37.84 16.32 -12.33
N VAL C 1018 37.67 15.04 -12.67
CA VAL C 1018 38.59 14.03 -12.15
C VAL C 1018 39.98 14.21 -12.74
N LEU C 1019 40.10 14.64 -13.99
CA LEU C 1019 41.41 14.76 -14.61
C LEU C 1019 42.19 15.93 -14.01
N GLY C 1020 41.53 17.07 -13.82
CA GLY C 1020 42.17 18.16 -13.12
C GLY C 1020 42.60 17.76 -11.73
N GLY C 1021 41.73 17.06 -11.00
CA GLY C 1021 42.11 16.64 -9.66
C GLY C 1021 43.34 15.75 -9.68
N VAL C 1022 43.36 14.78 -10.59
CA VAL C 1022 44.48 13.87 -10.69
C VAL C 1022 45.76 14.64 -10.91
N LEU C 1023 45.76 15.58 -11.85
CA LEU C 1023 46.98 16.34 -12.13
C LEU C 1023 47.44 17.12 -10.91
N SER C 1024 46.60 17.92 -10.27
CA SER C 1024 47.10 18.73 -9.16
C SER C 1024 47.54 17.92 -7.97
N ALA C 1025 46.97 16.74 -7.81
CA ALA C 1025 47.34 15.87 -6.71
C ALA C 1025 48.67 15.20 -7.04
N THR C 1026 48.90 14.92 -8.33
CA THR C 1026 50.11 14.28 -8.79
C THR C 1026 51.29 15.22 -8.84
N PHE C 1027 51.05 16.53 -8.77
CA PHE C 1027 52.15 17.49 -8.82
C PHE C 1027 52.30 18.32 -7.56
N LEU C 1028 51.23 18.71 -6.88
CA LEU C 1028 51.34 19.45 -5.67
C LEU C 1028 51.20 18.56 -4.43
N GLY C 1029 50.23 17.66 -4.43
CA GLY C 1029 49.94 16.79 -3.30
C GLY C 1029 51.03 15.88 -2.78
N ILE C 1030 51.78 15.30 -3.71
CA ILE C 1030 52.86 14.41 -3.40
C ILE C 1030 53.95 15.17 -2.66
N PHE C 1031 54.06 16.47 -2.88
CA PHE C 1031 55.02 17.25 -2.16
C PHE C 1031 54.49 17.65 -0.80
N PHE C 1032 53.21 17.85 -0.68
CA PHE C 1032 52.67 18.29 0.60
C PHE C 1032 52.35 17.23 1.62
N ILE C 1033 52.26 15.98 1.17
CA ILE C 1033 52.00 14.87 2.07
C ILE C 1033 53.12 14.72 3.10
N PRO C 1034 54.40 14.66 2.67
CA PRO C 1034 55.41 14.46 3.72
C PRO C 1034 55.65 15.64 4.63
N VAL C 1035 55.47 16.86 4.15
CA VAL C 1035 55.75 18.06 4.94
C VAL C 1035 54.71 18.21 6.04
N PHE C 1036 53.45 17.81 5.82
CA PHE C 1036 52.41 18.02 6.76
C PHE C 1036 52.57 16.99 7.75
N TYR C 1037 52.90 15.79 7.31
CA TYR C 1037 53.12 14.72 8.28
C TYR C 1037 54.20 15.10 9.29
N VAL C 1038 55.33 15.62 8.81
CA VAL C 1038 56.41 15.92 9.74
C VAL C 1038 56.04 17.08 10.64
N TRP C 1039 55.36 18.10 10.11
CA TRP C 1039 54.96 19.21 10.96
C TRP C 1039 54.07 18.72 12.09
N ILE C 1040 53.01 18.00 11.75
CA ILE C 1040 52.06 17.57 12.77
C ILE C 1040 52.75 16.68 13.79
N ARG C 1041 53.56 15.73 13.32
CA ARG C 1041 54.18 14.82 14.25
C ARG C 1041 55.32 15.46 15.01
N SER C 1042 55.80 16.61 14.58
CA SER C 1042 56.82 17.32 15.35
C SER C 1042 56.17 18.14 16.45
N ILE C 1043 55.04 18.77 16.15
CA ILE C 1043 54.31 19.52 17.17
C ILE C 1043 53.74 18.58 18.22
N PHE C 1044 53.22 17.43 17.80
CA PHE C 1044 52.74 16.39 18.70
C PHE C 1044 53.65 15.20 18.48
N LYS C 1045 54.62 15.03 19.38
CA LYS C 1045 55.68 14.06 19.20
C LYS C 1045 55.22 12.64 19.54
N TYR C 1046 56.18 11.72 19.50
CA TYR C 1046 56.03 10.32 19.93
C TYR C 1046 55.32 9.49 18.88
#